data_2LG1
#
_entry.id   2LG1
#
_entity_poly.entity_id   1
_entity_poly.type   'polypeptide(L)'
_entity_poly.pdbx_seq_one_letter_code
;SMTKDNEVEQEDLAQSLSLVKDVIGAVDSKVASYEKKVRLNEIYTKTDSKSIMRMKSGQMFAKEDLKRKKLVRDGSVFLK
NAAGRLKEVQAVLLTDILVFLQEKDQKYIFASLDQKSTVISLKKLIVREVAHEEKGLFLISMGMTDPEMVEVHASSKEER
NSWIQIIQDTINTLNRDEDEGIPSE
;
_entity_poly.pdbx_strand_id   A
#
# COMPACT_ATOMS: atom_id res chain seq x y z
N SER A 1 -6.77 9.13 -16.70
CA SER A 1 -8.05 8.44 -16.94
C SER A 1 -7.87 7.36 -18.02
N MET A 2 -8.29 6.15 -17.70
CA MET A 2 -8.08 5.01 -18.59
C MET A 2 -9.41 4.31 -18.89
N THR A 3 -10.51 5.01 -18.59
CA THR A 3 -11.85 4.47 -18.79
C THR A 3 -12.00 3.15 -18.02
N LYS A 4 -11.49 3.14 -16.81
CA LYS A 4 -11.44 1.95 -15.98
C LYS A 4 -11.69 2.34 -14.53
N ASP A 5 -12.70 3.18 -14.33
CA ASP A 5 -13.01 3.73 -13.02
C ASP A 5 -11.78 4.47 -12.49
N ASN A 6 -11.77 4.80 -11.22
CA ASN A 6 -10.59 5.39 -10.59
C ASN A 6 -9.73 4.29 -9.99
N GLU A 7 -10.36 3.17 -9.72
CA GLU A 7 -9.71 2.06 -9.02
C GLU A 7 -8.98 1.12 -9.98
N VAL A 8 -9.42 1.09 -11.23
CA VAL A 8 -8.89 0.16 -12.22
C VAL A 8 -8.10 0.88 -13.32
N GLU A 9 -7.93 2.17 -13.18
CA GLU A 9 -7.36 2.96 -14.27
C GLU A 9 -5.82 3.02 -14.25
N GLN A 10 -5.17 2.08 -13.57
CA GLN A 10 -3.71 2.09 -13.50
C GLN A 10 -3.10 0.91 -14.28
N GLU A 11 -2.13 1.25 -15.15
CA GLU A 11 -1.45 0.28 -16.04
C GLU A 11 -0.77 -0.83 -15.27
N ASP A 12 -0.48 -0.57 -13.99
CA ASP A 12 0.11 -1.59 -13.12
C ASP A 12 -0.45 -3.00 -13.42
N LEU A 13 -1.77 -3.09 -13.62
CA LEU A 13 -2.43 -4.30 -14.08
C LEU A 13 -3.88 -4.01 -14.40
N ALA A 14 -4.12 -3.03 -15.28
CA ALA A 14 -5.48 -2.63 -15.64
C ALA A 14 -5.52 -1.49 -16.64
N GLN A 15 -6.07 -1.75 -17.82
CA GLN A 15 -6.29 -0.70 -18.81
C GLN A 15 -7.53 -0.97 -19.63
N SER A 16 -7.92 0.04 -20.40
CA SER A 16 -8.92 -0.13 -21.44
C SER A 16 -8.20 -0.15 -22.78
N LEU A 17 -7.03 -0.77 -22.76
CA LEU A 17 -6.14 -0.83 -23.92
C LEU A 17 -5.24 -2.05 -23.81
N SER A 18 -4.80 -2.34 -22.59
CA SER A 18 -3.96 -3.50 -22.33
C SER A 18 -4.05 -3.88 -20.84
N LEU A 19 -3.06 -4.65 -20.39
CA LEU A 19 -2.88 -4.99 -18.98
C LEU A 19 -4.04 -5.80 -18.42
N VAL A 20 -3.88 -7.13 -18.49
CA VAL A 20 -4.81 -8.12 -17.95
C VAL A 20 -6.28 -7.81 -18.26
N LYS A 21 -6.90 -6.97 -17.45
CA LYS A 21 -8.33 -6.74 -17.53
C LYS A 21 -8.66 -5.68 -18.57
N ASP A 22 -7.99 -5.81 -19.71
CA ASP A 22 -8.22 -4.95 -20.86
C ASP A 22 -9.63 -5.16 -21.43
N VAL A 23 -9.84 -6.35 -22.02
CA VAL A 23 -11.11 -6.72 -22.64
C VAL A 23 -10.95 -8.03 -23.45
N ILE A 24 -9.95 -8.82 -23.06
CA ILE A 24 -9.59 -10.02 -23.83
C ILE A 24 -9.90 -11.27 -23.03
N GLY A 25 -9.19 -12.36 -23.29
CA GLY A 25 -9.31 -13.55 -22.48
C GLY A 25 -8.77 -13.30 -21.09
N ALA A 26 -7.78 -12.43 -21.04
CA ALA A 26 -7.17 -12.01 -19.80
C ALA A 26 -8.13 -11.15 -18.98
N VAL A 27 -9.23 -10.73 -19.60
CA VAL A 27 -10.19 -9.88 -18.91
C VAL A 27 -10.95 -10.72 -17.89
N ASP A 28 -10.89 -12.03 -18.09
CA ASP A 28 -11.45 -12.99 -17.15
C ASP A 28 -10.70 -12.91 -15.81
N SER A 29 -9.51 -12.34 -15.83
CA SER A 29 -8.74 -12.14 -14.62
C SER A 29 -9.21 -10.92 -13.86
N LYS A 30 -10.21 -10.23 -14.40
CA LYS A 30 -10.78 -9.08 -13.70
C LYS A 30 -11.56 -9.52 -12.49
N VAL A 31 -12.29 -10.62 -12.61
CA VAL A 31 -13.05 -11.12 -11.49
C VAL A 31 -12.09 -11.57 -10.41
N ALA A 32 -10.90 -11.96 -10.83
CA ALA A 32 -9.88 -12.32 -9.88
C ALA A 32 -9.17 -11.08 -9.38
N SER A 33 -9.39 -9.97 -10.08
CA SER A 33 -9.04 -8.65 -9.57
C SER A 33 -10.11 -8.20 -8.61
N TYR A 34 -11.33 -8.67 -8.85
CA TYR A 34 -12.38 -8.56 -7.88
C TYR A 34 -12.06 -9.48 -6.71
N GLU A 35 -11.56 -10.68 -7.01
CA GLU A 35 -11.13 -11.60 -5.97
C GLU A 35 -9.93 -11.00 -5.23
N LYS A 36 -9.07 -10.31 -5.98
CA LYS A 36 -7.93 -9.60 -5.42
C LYS A 36 -8.43 -8.44 -4.56
N LYS A 37 -9.54 -7.88 -4.99
CA LYS A 37 -10.26 -6.85 -4.25
C LYS A 37 -11.09 -7.49 -3.16
N VAL A 38 -11.13 -8.82 -3.19
CA VAL A 38 -11.97 -9.60 -2.31
C VAL A 38 -11.20 -10.07 -1.07
N ARG A 39 -9.93 -10.46 -1.21
CA ARG A 39 -9.10 -10.60 -0.01
C ARG A 39 -8.85 -9.22 0.54
N LEU A 40 -8.95 -8.25 -0.33
CA LEU A 40 -8.89 -6.87 0.07
C LEU A 40 -10.22 -6.44 0.65
N ASN A 41 -11.32 -7.05 0.18
CA ASN A 41 -12.64 -6.85 0.79
C ASN A 41 -12.64 -7.42 2.19
N GLU A 42 -11.99 -8.56 2.36
CA GLU A 42 -11.83 -9.18 3.66
C GLU A 42 -10.98 -8.31 4.53
N ILE A 43 -9.90 -7.85 3.94
CA ILE A 43 -8.96 -7.01 4.60
C ILE A 43 -9.48 -5.57 4.72
N TYR A 44 -10.50 -5.30 3.96
CA TYR A 44 -11.35 -4.15 4.15
C TYR A 44 -12.30 -4.43 5.33
N THR A 45 -12.68 -5.69 5.47
CA THR A 45 -13.77 -6.11 6.35
C THR A 45 -13.34 -6.22 7.83
N LYS A 46 -12.15 -6.76 8.09
CA LYS A 46 -11.67 -6.89 9.48
C LYS A 46 -11.20 -5.54 9.96
N THR A 47 -10.63 -4.79 9.04
CA THR A 47 -10.02 -3.53 9.34
C THR A 47 -11.02 -2.56 9.99
N ASP A 48 -10.61 -2.01 11.14
CA ASP A 48 -11.44 -1.07 11.89
C ASP A 48 -11.71 0.16 11.05
N SER A 49 -12.97 0.57 11.00
CA SER A 49 -13.42 1.63 10.11
C SER A 49 -12.89 3.00 10.53
N LYS A 50 -12.86 3.27 11.84
CA LYS A 50 -12.50 4.58 12.33
C LYS A 50 -11.13 4.65 13.00
N SER A 51 -10.50 3.51 13.21
CA SER A 51 -9.14 3.48 13.75
C SER A 51 -8.16 3.88 12.65
N ILE A 52 -8.28 5.11 12.19
CA ILE A 52 -7.55 5.60 11.05
C ILE A 52 -6.39 6.51 11.45
N MET A 53 -5.81 7.18 10.47
CA MET A 53 -4.62 8.00 10.66
C MET A 53 -4.70 9.23 9.78
N ARG A 54 -3.61 9.98 9.71
CA ARG A 54 -3.47 11.03 8.74
C ARG A 54 -2.25 10.75 7.89
N MET A 55 -2.50 10.34 6.65
CA MET A 55 -1.44 9.89 5.76
C MET A 55 -0.70 11.08 5.13
N LYS A 56 -0.21 10.90 3.89
CA LYS A 56 0.70 11.88 3.25
C LYS A 56 0.23 13.33 3.38
N SER A 57 -1.03 13.59 3.06
CA SER A 57 -1.52 14.97 3.02
C SER A 57 -2.09 15.40 4.37
N GLY A 58 -2.42 14.44 5.23
CA GLY A 58 -2.97 14.76 6.53
C GLY A 58 -4.45 14.44 6.57
N GLN A 59 -4.89 13.71 5.57
CA GLN A 59 -6.27 13.34 5.42
C GLN A 59 -6.64 12.21 6.36
N MET A 60 -7.92 11.92 6.45
CA MET A 60 -8.39 10.72 7.11
C MET A 60 -8.53 9.62 6.09
N PHE A 61 -7.62 8.68 6.16
CA PHE A 61 -7.65 7.54 5.27
C PHE A 61 -8.32 6.39 5.99
N ALA A 62 -9.31 5.79 5.38
CA ALA A 62 -10.11 4.82 6.10
C ALA A 62 -10.32 3.52 5.34
N LYS A 63 -11.19 2.74 5.93
CA LYS A 63 -11.60 1.45 5.43
C LYS A 63 -12.18 1.52 4.01
N GLU A 64 -13.10 2.47 3.79
CA GLU A 64 -13.77 2.65 2.49
C GLU A 64 -12.78 2.77 1.33
N ASP A 65 -11.65 3.35 1.61
CA ASP A 65 -10.61 3.57 0.64
C ASP A 65 -10.01 2.27 0.14
N LEU A 66 -9.49 1.50 1.09
CA LEU A 66 -8.84 0.22 0.83
C LEU A 66 -9.67 -0.64 -0.10
N LYS A 67 -10.95 -0.65 0.19
CA LYS A 67 -11.97 -1.37 -0.54
C LYS A 67 -11.74 -1.47 -2.05
N ARG A 68 -11.36 -0.35 -2.62
CA ARG A 68 -11.44 -0.15 -4.05
C ARG A 68 -10.18 -0.52 -4.82
N LYS A 69 -9.02 -0.39 -4.19
CA LYS A 69 -7.77 -0.51 -4.94
C LYS A 69 -7.29 -1.97 -5.02
N LYS A 70 -6.09 -2.19 -5.56
CA LYS A 70 -5.62 -3.55 -5.86
C LYS A 70 -4.70 -4.13 -4.77
N LEU A 71 -5.10 -5.27 -4.26
CA LEU A 71 -4.24 -6.13 -3.44
C LEU A 71 -3.02 -6.54 -4.28
N VAL A 72 -1.88 -5.88 -4.12
CA VAL A 72 -0.71 -6.27 -4.88
C VAL A 72 0.33 -6.99 -4.02
N ARG A 73 0.37 -6.68 -2.73
CA ARG A 73 1.20 -7.42 -1.80
C ARG A 73 0.61 -7.39 -0.39
N ASP A 74 0.86 -8.43 0.38
CA ASP A 74 0.44 -8.50 1.77
C ASP A 74 1.47 -9.28 2.59
N GLY A 75 1.94 -8.67 3.68
CA GLY A 75 2.89 -9.33 4.56
C GLY A 75 3.09 -8.56 5.84
N SER A 76 3.40 -9.25 6.92
CA SER A 76 3.55 -8.61 8.21
C SER A 76 4.97 -8.13 8.44
N VAL A 77 5.05 -6.89 8.87
CA VAL A 77 6.32 -6.23 9.14
C VAL A 77 6.22 -5.41 10.41
N PHE A 78 7.31 -5.37 11.15
CA PHE A 78 7.34 -4.61 12.41
C PHE A 78 7.37 -3.12 12.14
N LEU A 79 6.86 -2.35 13.10
CA LEU A 79 6.77 -0.90 12.97
C LEU A 79 7.36 -0.21 14.20
N LYS A 80 8.49 0.47 14.04
CA LYS A 80 9.07 1.19 15.16
C LYS A 80 8.35 2.51 15.33
N ASN A 81 7.61 2.64 16.42
CA ASN A 81 6.93 3.90 16.71
C ASN A 81 7.91 4.88 17.33
N ALA A 82 7.41 6.04 17.76
CA ALA A 82 8.26 7.06 18.36
C ALA A 82 9.04 6.50 19.55
N ALA A 83 8.54 5.39 20.10
CA ALA A 83 9.10 4.81 21.31
C ALA A 83 10.02 3.65 20.98
N GLY A 84 10.01 3.26 19.72
CA GLY A 84 10.81 2.13 19.27
C GLY A 84 10.27 0.81 19.74
N ARG A 85 8.96 0.69 19.74
CA ARG A 85 8.30 -0.52 20.17
C ARG A 85 7.55 -1.11 19.00
N LEU A 86 7.90 -2.33 18.67
CA LEU A 86 7.48 -2.91 17.40
C LEU A 86 6.15 -3.61 17.44
N LYS A 87 5.43 -3.39 16.36
CA LYS A 87 4.18 -4.05 16.05
C LYS A 87 4.35 -4.78 14.75
N GLU A 88 4.20 -6.09 14.74
CA GLU A 88 4.23 -6.80 13.49
C GLU A 88 2.89 -6.62 12.81
N VAL A 89 2.85 -5.70 11.87
CA VAL A 89 1.61 -5.28 11.27
C VAL A 89 1.41 -5.99 9.95
N GLN A 90 0.17 -6.21 9.59
CA GLN A 90 -0.12 -6.81 8.30
C GLN A 90 -0.09 -5.70 7.26
N ALA A 91 1.05 -5.57 6.59
CA ALA A 91 1.21 -4.55 5.58
C ALA A 91 0.55 -4.98 4.30
N VAL A 92 -0.32 -4.15 3.80
CA VAL A 92 -0.95 -4.42 2.55
C VAL A 92 -0.48 -3.38 1.56
N LEU A 93 0.30 -3.80 0.60
CA LEU A 93 0.65 -2.94 -0.51
C LEU A 93 -0.47 -3.04 -1.53
N LEU A 94 -1.11 -1.92 -1.79
CA LEU A 94 -2.17 -1.81 -2.76
C LEU A 94 -1.72 -0.83 -3.81
N THR A 95 -2.22 -0.95 -5.02
CA THR A 95 -1.78 -0.12 -6.14
C THR A 95 -2.01 1.36 -5.90
N ASP A 96 -2.74 1.69 -4.86
CA ASP A 96 -3.12 3.05 -4.59
C ASP A 96 -2.64 3.50 -3.22
N ILE A 97 -2.40 2.53 -2.32
CA ILE A 97 -1.85 2.84 -0.99
C ILE A 97 -0.94 1.73 -0.47
N LEU A 98 -0.05 2.11 0.41
CA LEU A 98 0.80 1.18 1.14
C LEU A 98 0.40 1.24 2.60
N VAL A 99 -0.44 0.31 3.03
CA VAL A 99 -1.09 0.42 4.33
C VAL A 99 -0.61 -0.61 5.34
N PHE A 100 -0.43 -0.19 6.58
CA PHE A 100 -0.06 -1.08 7.66
C PHE A 100 -1.27 -1.33 8.54
N LEU A 101 -1.40 -2.56 9.00
CA LEU A 101 -2.57 -2.94 9.77
C LEU A 101 -2.17 -3.70 11.03
N GLN A 102 -2.50 -3.12 12.16
CA GLN A 102 -2.20 -3.70 13.45
C GLN A 102 -3.34 -4.60 13.87
N GLU A 103 -3.06 -5.82 14.28
CA GLU A 103 -4.11 -6.76 14.65
C GLU A 103 -4.64 -6.44 16.04
N LYS A 104 -5.83 -5.88 16.04
CA LYS A 104 -6.52 -5.48 17.25
C LYS A 104 -7.90 -6.06 17.23
N ASP A 105 -8.30 -6.68 18.33
CA ASP A 105 -9.69 -6.98 18.52
C ASP A 105 -10.18 -7.87 17.38
N GLN A 106 -9.49 -9.03 17.27
CA GLN A 106 -9.78 -10.06 16.29
C GLN A 106 -10.00 -9.49 14.89
N LYS A 107 -9.34 -8.38 14.64
CA LYS A 107 -9.38 -7.71 13.34
C LYS A 107 -8.13 -6.84 13.21
N TYR A 108 -8.13 -5.90 12.29
CA TYR A 108 -6.99 -4.99 12.19
C TYR A 108 -7.42 -3.55 12.38
N ILE A 109 -6.42 -2.70 12.46
CA ILE A 109 -6.57 -1.27 12.58
C ILE A 109 -5.41 -0.66 11.80
N PHE A 110 -5.44 0.64 11.55
CA PHE A 110 -4.48 1.24 10.63
C PHE A 110 -3.08 1.37 11.22
N ALA A 111 -2.84 0.71 12.34
CA ALA A 111 -1.53 0.71 12.99
C ALA A 111 -1.01 2.12 13.20
N SER A 112 -1.95 3.06 13.30
CA SER A 112 -1.64 4.47 13.34
C SER A 112 -0.53 4.76 14.33
N LEU A 113 0.49 5.44 13.86
CA LEU A 113 1.66 5.72 14.67
C LEU A 113 1.64 7.17 15.14
N ASP A 114 0.58 7.88 14.77
CA ASP A 114 0.30 9.22 15.28
C ASP A 114 1.42 10.21 15.00
N GLN A 115 2.19 9.95 13.95
CA GLN A 115 3.25 10.87 13.54
C GLN A 115 3.84 10.45 12.19
N LYS A 116 4.24 9.18 12.06
CA LYS A 116 4.74 8.67 10.81
C LYS A 116 3.59 8.32 9.87
N SER A 117 3.93 7.75 8.73
CA SER A 117 2.94 7.39 7.72
C SER A 117 2.66 5.91 7.80
N THR A 118 1.51 5.57 8.34
CA THR A 118 1.14 4.17 8.53
C THR A 118 0.29 3.68 7.35
N VAL A 119 0.14 4.57 6.38
CA VAL A 119 -0.55 4.29 5.14
C VAL A 119 0.02 5.23 4.08
N ILE A 120 0.90 4.72 3.27
CA ILE A 120 1.62 5.52 2.30
C ILE A 120 0.92 5.44 0.96
N SER A 121 0.13 6.45 0.64
CA SER A 121 -0.56 6.51 -0.65
C SER A 121 0.45 6.25 -1.76
N LEU A 122 0.17 5.22 -2.54
CA LEU A 122 1.07 4.79 -3.60
C LEU A 122 1.32 5.85 -4.64
N LYS A 123 1.99 5.41 -5.70
CA LYS A 123 2.49 6.24 -6.74
C LYS A 123 3.40 7.33 -6.25
N LYS A 124 4.66 7.09 -6.49
CA LYS A 124 5.73 8.04 -6.23
C LYS A 124 5.99 8.12 -4.74
N LEU A 125 5.99 6.96 -4.13
CA LEU A 125 6.46 6.79 -2.78
C LEU A 125 7.99 6.70 -2.78
N ILE A 126 8.59 6.96 -1.64
CA ILE A 126 10.03 6.85 -1.51
C ILE A 126 10.34 5.69 -0.59
N VAL A 127 11.13 4.77 -1.07
CA VAL A 127 11.43 3.56 -0.35
C VAL A 127 12.94 3.40 -0.23
N ARG A 128 13.42 3.36 0.99
CA ARG A 128 14.85 3.36 1.23
C ARG A 128 15.28 2.23 2.14
N GLU A 129 16.54 1.89 2.01
CA GLU A 129 17.12 0.76 2.70
C GLU A 129 17.89 1.25 3.93
N VAL A 130 17.24 1.10 5.08
CA VAL A 130 17.79 1.55 6.37
C VAL A 130 19.22 1.06 6.59
N ALA A 131 20.06 1.95 7.12
CA ALA A 131 21.44 1.63 7.41
C ALA A 131 21.58 1.07 8.82
N HIS A 132 20.73 1.54 9.72
CA HIS A 132 20.82 1.12 11.13
C HIS A 132 20.00 -0.13 11.41
N GLU A 133 19.68 -0.88 10.36
CA GLU A 133 18.95 -2.14 10.49
C GLU A 133 19.23 -3.02 9.27
N GLU A 134 19.39 -4.31 9.50
CA GLU A 134 19.68 -5.26 8.47
C GLU A 134 18.43 -5.69 7.73
N LYS A 135 17.33 -5.75 8.48
CA LYS A 135 16.08 -6.24 7.95
C LYS A 135 15.07 -5.12 7.83
N GLY A 136 15.48 -3.92 8.20
CA GLY A 136 14.58 -2.80 8.20
C GLY A 136 14.42 -2.16 6.84
N LEU A 137 13.35 -1.41 6.68
CA LEU A 137 13.08 -0.70 5.45
C LEU A 137 12.23 0.53 5.78
N PHE A 138 12.53 1.64 5.16
CA PHE A 138 11.69 2.81 5.30
C PHE A 138 10.71 2.90 4.15
N LEU A 139 9.43 2.82 4.45
CA LEU A 139 8.42 3.11 3.45
C LEU A 139 7.96 4.55 3.65
N ILE A 140 8.50 5.44 2.82
CA ILE A 140 8.47 6.87 3.09
C ILE A 140 7.52 7.61 2.15
N SER A 141 7.09 8.78 2.60
CA SER A 141 6.18 9.63 1.85
C SER A 141 6.82 10.99 1.48
N MET A 142 8.15 11.03 1.38
CA MET A 142 8.89 12.27 1.11
C MET A 142 8.38 13.02 -0.11
N GLY A 143 7.78 12.29 -1.05
CA GLY A 143 7.24 12.92 -2.25
C GLY A 143 6.05 13.81 -1.96
N MET A 144 6.35 15.05 -1.56
CA MET A 144 5.34 16.09 -1.30
C MET A 144 6.00 17.28 -0.62
N THR A 145 6.56 17.02 0.55
CA THR A 145 7.02 18.09 1.41
C THR A 145 7.84 17.53 2.58
N ASP A 146 7.22 16.70 3.39
CA ASP A 146 7.85 16.10 4.55
C ASP A 146 7.07 14.88 4.99
N PRO A 147 7.75 13.73 5.02
CA PRO A 147 7.11 12.44 5.27
C PRO A 147 7.03 12.02 6.73
N GLU A 148 8.16 12.10 7.45
CA GLU A 148 8.29 11.44 8.74
C GLU A 148 8.06 9.95 8.56
N MET A 149 9.05 9.28 7.99
CA MET A 149 8.93 7.90 7.54
C MET A 149 8.71 6.96 8.70
N VAL A 150 8.20 5.77 8.41
CA VAL A 150 8.02 4.76 9.41
C VAL A 150 8.95 3.59 9.17
N GLU A 151 9.32 2.96 10.27
CA GLU A 151 10.27 1.88 10.27
C GLU A 151 9.60 0.54 10.01
N VAL A 152 9.76 0.06 8.80
CA VAL A 152 9.18 -1.19 8.37
C VAL A 152 10.24 -2.29 8.44
N HIS A 153 10.21 -3.08 9.51
CA HIS A 153 11.20 -4.13 9.68
C HIS A 153 10.71 -5.44 9.08
N ALA A 154 11.33 -5.83 7.97
CA ALA A 154 10.97 -7.03 7.26
C ALA A 154 11.38 -8.27 8.04
N SER A 155 10.72 -9.36 7.72
CA SER A 155 10.89 -10.64 8.41
C SER A 155 12.26 -11.25 8.12
N SER A 156 13.01 -10.66 7.21
CA SER A 156 14.32 -11.17 6.84
C SER A 156 15.20 -10.05 6.30
N LYS A 157 16.52 -10.25 6.34
CA LYS A 157 17.46 -9.28 5.80
C LYS A 157 17.15 -9.00 4.33
N GLU A 158 16.83 -10.08 3.62
CA GLU A 158 16.47 -9.98 2.21
C GLU A 158 15.09 -9.35 2.03
N GLU A 159 14.17 -9.70 2.92
CA GLU A 159 12.76 -9.31 2.77
C GLU A 159 12.58 -7.80 2.67
N ARG A 160 13.49 -7.04 3.28
CA ARG A 160 13.39 -5.59 3.19
C ARG A 160 13.51 -5.16 1.73
N ASN A 161 14.49 -5.71 1.03
CA ASN A 161 14.66 -5.44 -0.40
C ASN A 161 13.56 -6.13 -1.18
N SER A 162 13.06 -7.21 -0.60
CA SER A 162 11.94 -7.92 -1.16
C SER A 162 10.70 -7.04 -1.14
N TRP A 163 10.66 -6.09 -0.20
CA TRP A 163 9.53 -5.19 -0.08
C TRP A 163 9.80 -3.93 -0.88
N ILE A 164 11.04 -3.46 -0.80
CA ILE A 164 11.53 -2.36 -1.60
C ILE A 164 11.24 -2.58 -3.07
N GLN A 165 11.55 -3.76 -3.53
CA GLN A 165 11.36 -4.10 -4.92
C GLN A 165 9.91 -4.01 -5.31
N ILE A 166 9.01 -4.11 -4.34
CA ILE A 166 7.59 -4.20 -4.63
C ILE A 166 7.01 -2.83 -4.95
N ILE A 167 7.51 -1.80 -4.31
CA ILE A 167 7.17 -0.45 -4.74
C ILE A 167 7.88 -0.18 -6.06
N GLN A 168 9.11 -0.66 -6.15
CA GLN A 168 9.84 -0.65 -7.40
C GLN A 168 9.14 -1.56 -8.42
N ASP A 169 8.25 -2.42 -7.94
CA ASP A 169 7.47 -3.28 -8.81
C ASP A 169 6.18 -2.56 -9.24
N THR A 170 5.36 -2.23 -8.25
CA THR A 170 4.06 -1.62 -8.46
C THR A 170 4.17 -0.20 -9.03
N ILE A 171 4.78 0.72 -8.27
CA ILE A 171 4.77 2.14 -8.67
C ILE A 171 5.43 2.36 -10.02
N ASN A 172 6.41 1.54 -10.34
CA ASN A 172 7.15 1.69 -11.58
C ASN A 172 6.25 1.39 -12.76
N THR A 173 5.26 0.53 -12.54
CA THR A 173 4.28 0.22 -13.57
C THR A 173 3.08 1.17 -13.46
N LEU A 174 2.87 1.73 -12.28
CA LEU A 174 1.90 2.81 -12.10
C LEU A 174 2.32 4.02 -12.91
N ASN A 175 3.54 4.48 -12.62
CA ASN A 175 4.15 5.65 -13.29
C ASN A 175 4.13 5.49 -14.79
N ARG A 176 4.30 4.25 -15.21
CA ARG A 176 4.35 3.86 -16.57
C ARG A 176 3.30 4.56 -17.43
N ASP A 177 2.05 4.44 -17.05
CA ASP A 177 0.97 5.14 -17.75
C ASP A 177 0.66 6.47 -17.09
N GLU A 178 0.18 6.35 -15.85
CA GLU A 178 -0.38 7.46 -15.10
C GLU A 178 0.57 8.64 -14.90
N ASP A 179 0.06 9.60 -14.16
CA ASP A 179 0.79 10.80 -13.76
C ASP A 179 1.92 10.45 -12.78
N GLU A 180 2.44 11.46 -12.12
CA GLU A 180 3.47 11.24 -11.12
C GLU A 180 3.20 12.06 -9.86
N GLY A 181 2.78 11.37 -8.81
CA GLY A 181 2.64 12.00 -7.50
C GLY A 181 1.21 12.24 -7.12
N ILE A 182 0.70 11.42 -6.20
CA ILE A 182 -0.68 11.54 -5.77
C ILE A 182 -0.82 11.48 -4.25
N PRO A 183 -1.35 12.57 -3.67
CA PRO A 183 -1.64 12.66 -2.24
C PRO A 183 -3.04 12.17 -1.88
N SER A 184 -3.19 11.55 -0.71
CA SER A 184 -4.48 11.10 -0.22
C SER A 184 -5.21 10.23 -1.26
N GLU A 185 -4.43 9.44 -1.98
CA GLU A 185 -4.94 8.55 -2.99
C GLU A 185 -5.45 9.33 -4.21
N SER A 1 -12.13 -1.16 -27.91
CA SER A 1 -12.80 -2.25 -27.16
C SER A 1 -12.59 -2.10 -25.66
N MET A 2 -11.34 -1.92 -25.25
CA MET A 2 -11.01 -1.84 -23.83
C MET A 2 -10.73 -0.40 -23.40
N THR A 3 -11.08 -0.10 -22.17
CA THR A 3 -10.79 1.19 -21.56
C THR A 3 -10.80 1.03 -20.04
N LYS A 4 -10.15 1.94 -19.34
CA LYS A 4 -9.87 1.76 -17.93
C LYS A 4 -11.11 2.00 -17.07
N ASP A 5 -11.45 1.04 -16.23
CA ASP A 5 -12.32 1.31 -15.11
C ASP A 5 -11.58 2.25 -14.19
N ASN A 6 -12.28 3.10 -13.47
CA ASN A 6 -11.65 4.18 -12.74
C ASN A 6 -10.97 3.68 -11.46
N GLU A 7 -10.97 2.37 -11.26
CA GLU A 7 -10.19 1.76 -10.19
C GLU A 7 -8.90 1.16 -10.77
N VAL A 8 -8.92 0.85 -12.06
CA VAL A 8 -7.78 0.23 -12.71
C VAL A 8 -7.12 1.18 -13.70
N GLU A 9 -7.38 2.47 -13.55
CA GLU A 9 -6.92 3.47 -14.53
C GLU A 9 -5.40 3.57 -14.64
N GLN A 10 -4.69 2.74 -13.88
CA GLN A 10 -3.23 2.66 -13.98
C GLN A 10 -2.81 1.44 -14.80
N GLU A 11 -1.68 1.58 -15.50
CA GLU A 11 -1.09 0.49 -16.30
C GLU A 11 -0.60 -0.63 -15.39
N ASP A 12 -0.47 -0.36 -14.10
CA ASP A 12 -0.11 -1.42 -13.16
C ASP A 12 -1.30 -2.33 -12.85
N LEU A 13 -2.29 -2.40 -13.75
CA LEU A 13 -3.45 -3.25 -13.52
C LEU A 13 -4.30 -3.42 -14.79
N ALA A 14 -4.49 -2.36 -15.54
CA ALA A 14 -5.39 -2.38 -16.66
C ALA A 14 -4.81 -1.65 -17.85
N GLN A 15 -5.47 -1.77 -18.98
CA GLN A 15 -5.09 -1.03 -20.16
C GLN A 15 -6.28 -0.73 -21.04
N SER A 16 -5.96 -0.31 -22.25
CA SER A 16 -6.91 -0.23 -23.33
C SER A 16 -6.29 -0.89 -24.55
N LEU A 17 -5.48 -1.94 -24.27
CA LEU A 17 -4.69 -2.62 -25.29
C LEU A 17 -3.90 -3.81 -24.69
N SER A 18 -3.69 -3.79 -23.37
CA SER A 18 -2.92 -4.84 -22.68
C SER A 18 -3.33 -4.96 -21.22
N LEU A 19 -2.40 -5.45 -20.41
CA LEU A 19 -2.54 -5.51 -18.96
C LEU A 19 -3.73 -6.34 -18.50
N VAL A 20 -3.47 -7.66 -18.35
CA VAL A 20 -4.44 -8.67 -17.89
C VAL A 20 -5.85 -8.49 -18.45
N LYS A 21 -6.57 -7.54 -17.89
CA LYS A 21 -7.98 -7.37 -18.18
C LYS A 21 -8.20 -6.56 -19.46
N ASP A 22 -7.34 -6.80 -20.44
CA ASP A 22 -7.44 -6.16 -21.74
C ASP A 22 -8.74 -6.54 -22.46
N VAL A 23 -8.80 -7.81 -22.88
CA VAL A 23 -9.94 -8.33 -23.64
C VAL A 23 -9.60 -9.75 -24.11
N ILE A 24 -8.73 -10.41 -23.35
CA ILE A 24 -8.19 -11.71 -23.73
C ILE A 24 -8.74 -12.78 -22.81
N GLY A 25 -8.05 -13.90 -22.71
CA GLY A 25 -8.39 -14.91 -21.74
C GLY A 25 -8.15 -14.39 -20.34
N ALA A 26 -7.16 -13.51 -20.26
CA ALA A 26 -6.80 -12.85 -19.03
C ALA A 26 -7.84 -11.81 -18.63
N VAL A 27 -8.78 -11.52 -19.52
CA VAL A 27 -9.80 -10.52 -19.23
C VAL A 27 -10.75 -11.05 -18.15
N ASP A 28 -10.80 -12.37 -18.07
CA ASP A 28 -11.57 -13.08 -17.07
C ASP A 28 -10.89 -12.97 -15.70
N SER A 29 -9.77 -12.26 -15.65
CA SER A 29 -9.07 -12.04 -14.39
C SER A 29 -9.49 -10.72 -13.75
N LYS A 30 -10.41 -10.00 -14.38
CA LYS A 30 -10.96 -8.82 -13.74
C LYS A 30 -11.73 -9.21 -12.50
N VAL A 31 -12.50 -10.27 -12.61
CA VAL A 31 -13.25 -10.77 -11.48
C VAL A 31 -12.30 -11.24 -10.42
N ALA A 32 -11.12 -11.65 -10.85
CA ALA A 32 -10.09 -12.06 -9.94
C ALA A 32 -9.37 -10.82 -9.40
N SER A 33 -9.45 -9.73 -10.15
CA SER A 33 -9.06 -8.41 -9.65
C SER A 33 -10.11 -7.94 -8.65
N TYR A 34 -11.35 -8.35 -8.88
CA TYR A 34 -12.40 -8.19 -7.91
C TYR A 34 -12.16 -9.12 -6.73
N GLU A 35 -11.73 -10.35 -7.01
CA GLU A 35 -11.42 -11.29 -5.96
C GLU A 35 -10.18 -10.83 -5.19
N LYS A 36 -9.32 -10.09 -5.90
CA LYS A 36 -8.15 -9.46 -5.32
C LYS A 36 -8.59 -8.28 -4.45
N LYS A 37 -9.75 -7.79 -4.78
CA LYS A 37 -10.42 -6.73 -4.05
C LYS A 37 -11.28 -7.39 -2.96
N VAL A 38 -11.33 -8.69 -3.04
CA VAL A 38 -12.13 -9.52 -2.16
C VAL A 38 -11.34 -9.95 -0.92
N ARG A 39 -10.08 -10.37 -1.07
CA ARG A 39 -9.26 -10.54 0.12
C ARG A 39 -9.00 -9.18 0.70
N LEU A 40 -9.08 -8.17 -0.15
CA LEU A 40 -8.98 -6.81 0.29
C LEU A 40 -10.31 -6.34 0.85
N ASN A 41 -11.41 -6.95 0.40
CA ASN A 41 -12.74 -6.71 0.99
C ASN A 41 -12.79 -7.32 2.38
N GLU A 42 -12.15 -8.45 2.52
CA GLU A 42 -12.01 -9.11 3.81
C GLU A 42 -11.13 -8.26 4.70
N ILE A 43 -10.05 -7.82 4.11
CA ILE A 43 -9.09 -6.99 4.77
C ILE A 43 -9.60 -5.55 4.89
N TYR A 44 -10.62 -5.26 4.14
CA TYR A 44 -11.43 -4.09 4.31
C TYR A 44 -12.38 -4.33 5.49
N THR A 45 -12.79 -5.58 5.65
CA THR A 45 -13.86 -5.98 6.54
C THR A 45 -13.40 -6.14 8.01
N LYS A 46 -12.24 -6.76 8.25
CA LYS A 46 -11.74 -6.92 9.63
C LYS A 46 -11.22 -5.58 10.12
N THR A 47 -10.70 -4.81 9.19
CA THR A 47 -10.05 -3.57 9.51
C THR A 47 -11.01 -2.59 10.19
N ASP A 48 -10.58 -2.07 11.33
CA ASP A 48 -11.35 -1.10 12.08
C ASP A 48 -11.53 0.16 11.25
N SER A 49 -12.77 0.64 11.19
CA SER A 49 -13.13 1.72 10.29
C SER A 49 -12.53 3.06 10.72
N LYS A 50 -12.72 3.44 11.99
CA LYS A 50 -12.32 4.72 12.48
C LYS A 50 -10.91 4.78 13.03
N SER A 51 -10.25 3.65 13.16
CA SER A 51 -8.87 3.63 13.65
C SER A 51 -7.91 4.02 12.52
N ILE A 52 -8.02 5.27 12.09
CA ILE A 52 -7.33 5.75 10.91
C ILE A 52 -6.13 6.63 11.23
N MET A 53 -5.56 7.21 10.18
CA MET A 53 -4.37 8.02 10.28
C MET A 53 -4.29 8.99 9.11
N ARG A 54 -3.33 9.89 9.17
CA ARG A 54 -3.08 10.83 8.10
C ARG A 54 -1.89 10.38 7.27
N MET A 55 -2.02 10.53 5.97
CA MET A 55 -0.98 10.11 5.05
C MET A 55 -0.29 11.32 4.39
N LYS A 56 0.21 11.16 3.15
CA LYS A 56 1.10 12.14 2.52
C LYS A 56 0.60 13.57 2.64
N SER A 57 -0.70 13.76 2.51
CA SER A 57 -1.29 15.09 2.49
C SER A 57 -1.74 15.55 3.88
N GLY A 58 -2.14 14.61 4.72
CA GLY A 58 -2.62 14.95 6.05
C GLY A 58 -4.09 14.62 6.21
N GLN A 59 -4.61 13.94 5.21
CA GLN A 59 -6.02 13.58 5.16
C GLN A 59 -6.33 12.42 6.10
N MET A 60 -7.61 12.15 6.27
CA MET A 60 -8.05 10.96 6.98
C MET A 60 -8.28 9.85 6.00
N PHE A 61 -7.41 8.87 6.05
CA PHE A 61 -7.53 7.72 5.18
C PHE A 61 -8.20 6.61 5.97
N ALA A 62 -9.26 6.04 5.42
CA ALA A 62 -10.01 5.06 6.18
C ALA A 62 -10.28 3.77 5.43
N LYS A 63 -10.89 2.87 6.16
CA LYS A 63 -11.35 1.57 5.69
C LYS A 63 -12.03 1.65 4.32
N GLU A 64 -12.98 2.57 4.18
CA GLU A 64 -13.75 2.75 2.96
C GLU A 64 -12.88 2.81 1.70
N ASP A 65 -11.67 3.30 1.85
CA ASP A 65 -10.80 3.57 0.70
C ASP A 65 -10.12 2.31 0.14
N LEU A 66 -9.64 1.42 1.02
CA LEU A 66 -8.94 0.20 0.57
C LEU A 66 -9.82 -0.63 -0.36
N LYS A 67 -11.12 -0.46 -0.15
CA LYS A 67 -12.18 -1.17 -0.83
C LYS A 67 -11.96 -1.39 -2.33
N ARG A 68 -11.58 -0.32 -3.02
CA ARG A 68 -11.54 -0.33 -4.48
C ARG A 68 -10.13 -0.55 -5.01
N LYS A 69 -9.22 -0.68 -4.08
CA LYS A 69 -7.80 -0.83 -4.39
C LYS A 69 -7.47 -2.24 -4.91
N LYS A 70 -6.18 -2.49 -5.13
CA LYS A 70 -5.72 -3.79 -5.61
C LYS A 70 -4.70 -4.41 -4.67
N LEU A 71 -5.02 -5.60 -4.20
CA LEU A 71 -4.10 -6.44 -3.45
C LEU A 71 -2.90 -6.79 -4.35
N VAL A 72 -1.80 -6.04 -4.26
CA VAL A 72 -0.62 -6.40 -5.05
C VAL A 72 0.44 -7.08 -4.18
N ARG A 73 0.47 -6.75 -2.89
CA ARG A 73 1.28 -7.49 -1.93
C ARG A 73 0.67 -7.43 -0.53
N ASP A 74 0.90 -8.47 0.24
CA ASP A 74 0.47 -8.53 1.63
C ASP A 74 1.52 -9.28 2.46
N GLY A 75 1.87 -8.72 3.61
CA GLY A 75 2.81 -9.38 4.49
C GLY A 75 2.99 -8.63 5.78
N SER A 76 3.33 -9.33 6.84
CA SER A 76 3.47 -8.71 8.14
C SER A 76 4.88 -8.18 8.35
N VAL A 77 4.94 -6.96 8.84
CA VAL A 77 6.20 -6.28 9.10
C VAL A 77 6.15 -5.52 10.41
N PHE A 78 7.24 -5.56 11.15
CA PHE A 78 7.35 -4.85 12.42
C PHE A 78 7.43 -3.33 12.20
N LEU A 79 6.83 -2.58 13.12
CA LEU A 79 6.69 -1.13 12.98
C LEU A 79 7.23 -0.42 14.20
N LYS A 80 8.31 0.34 14.06
CA LYS A 80 8.87 1.07 15.19
C LYS A 80 8.10 2.36 15.41
N ASN A 81 7.40 2.44 16.54
CA ASN A 81 6.69 3.67 16.90
C ASN A 81 7.68 4.67 17.48
N ALA A 82 7.20 5.80 17.98
CA ALA A 82 8.09 6.83 18.52
C ALA A 82 8.80 6.33 19.77
N ALA A 83 8.35 5.18 20.26
CA ALA A 83 8.89 4.63 21.50
C ALA A 83 9.81 3.45 21.21
N GLY A 84 9.87 3.06 19.95
CA GLY A 84 10.71 1.95 19.54
C GLY A 84 10.13 0.61 19.92
N ARG A 85 8.81 0.52 19.90
CA ARG A 85 8.11 -0.68 20.26
C ARG A 85 7.41 -1.24 19.03
N LEU A 86 7.76 -2.45 18.68
CA LEU A 86 7.38 -3.01 17.40
C LEU A 86 6.06 -3.74 17.40
N LYS A 87 5.36 -3.54 16.30
CA LYS A 87 4.14 -4.25 15.99
C LYS A 87 4.33 -4.98 14.67
N GLU A 88 4.19 -6.30 14.67
CA GLU A 88 4.17 -7.01 13.42
C GLU A 88 2.82 -6.78 12.76
N VAL A 89 2.80 -5.87 11.81
CA VAL A 89 1.57 -5.42 11.21
C VAL A 89 1.35 -6.12 9.89
N GLN A 90 0.10 -6.32 9.54
CA GLN A 90 -0.21 -6.90 8.25
C GLN A 90 -0.21 -5.78 7.22
N ALA A 91 0.91 -5.64 6.52
CA ALA A 91 1.05 -4.58 5.54
C ALA A 91 0.42 -4.98 4.24
N VAL A 92 -0.42 -4.12 3.72
CA VAL A 92 -1.11 -4.41 2.49
C VAL A 92 -0.70 -3.39 1.45
N LEU A 93 0.23 -3.77 0.62
CA LEU A 93 0.62 -2.94 -0.48
C LEU A 93 -0.40 -3.07 -1.59
N LEU A 94 -1.11 -1.99 -1.81
CA LEU A 94 -2.09 -1.90 -2.88
C LEU A 94 -1.49 -1.14 -4.02
N THR A 95 -2.23 -0.96 -5.10
CA THR A 95 -1.74 -0.19 -6.23
C THR A 95 -1.92 1.31 -5.97
N ASP A 96 -2.63 1.64 -4.90
CA ASP A 96 -2.98 3.01 -4.61
C ASP A 96 -2.40 3.46 -3.28
N ILE A 97 -2.26 2.52 -2.34
CA ILE A 97 -1.67 2.82 -1.04
C ILE A 97 -0.81 1.68 -0.52
N LEU A 98 0.07 2.03 0.40
CA LEU A 98 0.87 1.08 1.15
C LEU A 98 0.41 1.13 2.61
N VAL A 99 -0.50 0.26 3.00
CA VAL A 99 -1.16 0.40 4.29
C VAL A 99 -0.69 -0.66 5.29
N PHE A 100 -0.54 -0.25 6.54
CA PHE A 100 -0.19 -1.17 7.59
C PHE A 100 -1.40 -1.44 8.44
N LEU A 101 -1.49 -2.65 8.95
CA LEU A 101 -2.64 -3.04 9.73
C LEU A 101 -2.22 -3.81 10.99
N GLN A 102 -2.50 -3.20 12.12
CA GLN A 102 -2.15 -3.76 13.41
C GLN A 102 -3.29 -4.65 13.87
N GLU A 103 -2.97 -5.87 14.29
CA GLU A 103 -4.00 -6.81 14.69
C GLU A 103 -4.51 -6.49 16.09
N LYS A 104 -5.71 -5.93 16.12
CA LYS A 104 -6.32 -5.47 17.35
C LYS A 104 -7.71 -6.06 17.47
N ASP A 105 -7.98 -6.75 18.58
CA ASP A 105 -9.30 -7.33 18.82
C ASP A 105 -9.72 -8.17 17.63
N GLN A 106 -8.94 -9.23 17.38
CA GLN A 106 -9.21 -10.25 16.36
C GLN A 106 -9.41 -9.68 14.96
N LYS A 107 -9.07 -8.42 14.78
CA LYS A 107 -9.18 -7.78 13.49
C LYS A 107 -7.97 -6.88 13.32
N TYR A 108 -8.02 -5.93 12.41
CA TYR A 108 -6.90 -5.01 12.27
C TYR A 108 -7.34 -3.58 12.41
N ILE A 109 -6.35 -2.72 12.48
CA ILE A 109 -6.51 -1.29 12.56
C ILE A 109 -5.37 -0.70 11.75
N PHE A 110 -5.39 0.59 11.48
CA PHE A 110 -4.46 1.17 10.51
C PHE A 110 -3.03 1.26 11.01
N ALA A 111 -2.75 0.66 12.17
CA ALA A 111 -1.41 0.68 12.76
C ALA A 111 -0.88 2.09 12.83
N SER A 112 -1.81 3.02 12.95
CA SER A 112 -1.59 4.43 12.68
C SER A 112 -0.34 5.01 13.32
N LEU A 113 0.03 4.47 14.49
CA LEU A 113 1.20 4.92 15.24
C LEU A 113 1.00 6.32 15.83
N ASP A 114 0.22 7.15 15.12
CA ASP A 114 -0.10 8.53 15.51
C ASP A 114 1.16 9.39 15.45
N GLN A 115 2.15 8.91 14.71
CA GLN A 115 3.43 9.58 14.62
C GLN A 115 3.82 9.79 13.15
N LYS A 116 4.17 8.70 12.50
CA LYS A 116 4.65 8.75 11.13
C LYS A 116 3.58 8.29 10.15
N SER A 117 3.99 8.01 8.91
CA SER A 117 3.08 7.51 7.89
C SER A 117 2.79 6.05 8.13
N THR A 118 1.53 5.67 8.11
CA THR A 118 1.13 4.30 8.38
C THR A 118 0.17 3.78 7.30
N VAL A 119 -0.08 4.64 6.33
CA VAL A 119 -0.75 4.29 5.09
C VAL A 119 -0.17 5.17 4.00
N ILE A 120 0.65 4.58 3.16
CA ILE A 120 1.42 5.34 2.21
C ILE A 120 0.72 5.39 0.87
N SER A 121 0.02 6.48 0.57
CA SER A 121 -0.57 6.63 -0.75
C SER A 121 0.51 6.41 -1.80
N LEU A 122 0.38 5.28 -2.49
CA LEU A 122 1.43 4.71 -3.32
C LEU A 122 2.20 5.67 -4.18
N LYS A 123 1.60 5.99 -5.32
CA LYS A 123 2.32 6.47 -6.49
C LYS A 123 3.48 7.38 -6.19
N LYS A 124 4.59 7.05 -6.85
CA LYS A 124 5.90 7.64 -6.66
C LYS A 124 6.21 7.85 -5.18
N LEU A 125 6.15 6.74 -4.46
CA LEU A 125 6.56 6.71 -3.07
C LEU A 125 8.08 6.60 -2.98
N ILE A 126 8.61 6.96 -1.84
CA ILE A 126 10.02 6.86 -1.61
C ILE A 126 10.30 5.72 -0.63
N VAL A 127 11.05 4.76 -1.08
CA VAL A 127 11.36 3.59 -0.30
C VAL A 127 12.86 3.44 -0.18
N ARG A 128 13.36 3.46 1.04
CA ARG A 128 14.79 3.49 1.25
C ARG A 128 15.24 2.38 2.19
N GLU A 129 16.50 2.04 2.07
CA GLU A 129 17.10 0.99 2.86
C GLU A 129 17.75 1.59 4.11
N VAL A 130 17.12 1.32 5.24
CA VAL A 130 17.63 1.75 6.55
C VAL A 130 19.10 1.32 6.73
N ALA A 131 19.88 2.20 7.35
CA ALA A 131 21.30 1.94 7.56
C ALA A 131 21.54 1.16 8.85
N HIS A 132 20.82 1.51 9.90
CA HIS A 132 21.06 0.93 11.22
C HIS A 132 20.42 -0.45 11.37
N GLU A 133 19.58 -0.83 10.41
CA GLU A 133 18.96 -2.15 10.42
C GLU A 133 19.24 -2.88 9.12
N GLU A 134 19.36 -4.19 9.19
CA GLU A 134 19.62 -5.00 8.00
C GLU A 134 18.30 -5.46 7.38
N LYS A 135 17.30 -5.71 8.23
CA LYS A 135 16.01 -6.16 7.74
C LYS A 135 14.99 -5.02 7.79
N GLY A 136 15.42 -3.88 8.30
CA GLY A 136 14.54 -2.74 8.36
C GLY A 136 14.37 -2.07 7.01
N LEU A 137 13.38 -1.23 6.89
CA LEU A 137 13.11 -0.52 5.67
C LEU A 137 12.24 0.70 5.96
N PHE A 138 12.52 1.80 5.29
CA PHE A 138 11.68 2.98 5.40
C PHE A 138 10.69 3.03 4.25
N LEU A 139 9.41 2.95 4.56
CA LEU A 139 8.40 3.20 3.56
C LEU A 139 7.93 4.64 3.71
N ILE A 140 8.45 5.50 2.84
CA ILE A 140 8.35 6.94 3.04
C ILE A 140 7.39 7.59 2.04
N SER A 141 6.88 8.75 2.42
CA SER A 141 5.97 9.50 1.58
C SER A 141 6.57 10.83 1.12
N MET A 142 7.90 10.93 1.15
CA MET A 142 8.61 12.14 0.69
C MET A 142 8.21 12.46 -0.75
N GLY A 143 7.73 13.68 -0.96
CA GLY A 143 7.30 14.07 -2.29
C GLY A 143 6.49 15.35 -2.29
N MET A 144 6.25 15.91 -1.11
CA MET A 144 5.48 17.14 -0.99
C MET A 144 6.18 18.12 -0.06
N THR A 145 6.07 17.89 1.24
CA THR A 145 6.66 18.79 2.21
C THR A 145 7.26 18.02 3.39
N ASP A 146 6.49 17.14 4.02
CA ASP A 146 7.00 16.34 5.14
C ASP A 146 6.28 15.01 5.27
N PRO A 147 7.03 13.94 5.08
CA PRO A 147 6.51 12.57 5.15
C PRO A 147 6.51 11.99 6.56
N GLU A 148 7.67 12.01 7.22
CA GLU A 148 7.87 11.28 8.47
C GLU A 148 7.67 9.79 8.22
N MET A 149 8.76 9.15 7.80
CA MET A 149 8.72 7.77 7.37
C MET A 149 8.52 6.83 8.55
N VAL A 150 7.87 5.71 8.28
CA VAL A 150 7.67 4.69 9.28
C VAL A 150 8.70 3.59 9.16
N GLU A 151 9.00 2.96 10.28
CA GLU A 151 10.04 1.97 10.35
C GLU A 151 9.48 0.58 10.10
N VAL A 152 9.66 0.12 8.88
CA VAL A 152 9.13 -1.15 8.43
C VAL A 152 10.19 -2.25 8.49
N HIS A 153 10.15 -3.05 9.52
CA HIS A 153 11.12 -4.11 9.69
C HIS A 153 10.63 -5.41 9.06
N ALA A 154 11.29 -5.83 7.99
CA ALA A 154 10.94 -7.05 7.28
C ALA A 154 11.34 -8.28 8.10
N SER A 155 10.73 -9.41 7.78
CA SER A 155 11.03 -10.64 8.46
C SER A 155 12.52 -10.97 8.42
N SER A 156 13.16 -10.65 7.31
CA SER A 156 14.57 -10.98 7.11
C SER A 156 15.27 -9.88 6.34
N LYS A 157 16.60 -9.90 6.32
CA LYS A 157 17.37 -8.90 5.60
C LYS A 157 16.93 -8.85 4.13
N GLU A 158 16.78 -10.02 3.53
CA GLU A 158 16.36 -10.11 2.14
C GLU A 158 14.97 -9.50 1.94
N GLU A 159 14.10 -9.72 2.91
CA GLU A 159 12.71 -9.30 2.79
C GLU A 159 12.60 -7.78 2.72
N ARG A 160 13.58 -7.06 3.27
CA ARG A 160 13.55 -5.61 3.16
C ARG A 160 13.70 -5.21 1.70
N ASN A 161 14.66 -5.83 1.02
CA ASN A 161 14.88 -5.57 -0.40
C ASN A 161 13.70 -6.08 -1.18
N SER A 162 13.14 -7.13 -0.63
CA SER A 162 11.95 -7.75 -1.16
C SER A 162 10.80 -6.77 -1.14
N TRP A 163 10.74 -5.92 -0.12
CA TRP A 163 9.62 -5.03 0.05
C TRP A 163 9.88 -3.75 -0.70
N ILE A 164 11.13 -3.34 -0.67
CA ILE A 164 11.62 -2.25 -1.46
C ILE A 164 11.32 -2.47 -2.93
N GLN A 165 11.63 -3.66 -3.39
CA GLN A 165 11.44 -4.01 -4.78
C GLN A 165 9.99 -3.91 -5.19
N ILE A 166 9.07 -4.03 -4.24
CA ILE A 166 7.67 -4.14 -4.58
C ILE A 166 7.08 -2.78 -4.92
N ILE A 167 7.56 -1.74 -4.27
CA ILE A 167 7.22 -0.41 -4.70
C ILE A 167 7.95 -0.12 -6.00
N GLN A 168 9.19 -0.60 -6.08
CA GLN A 168 9.94 -0.60 -7.32
C GLN A 168 9.25 -1.48 -8.36
N ASP A 169 8.37 -2.36 -7.90
CA ASP A 169 7.61 -3.22 -8.78
C ASP A 169 6.31 -2.53 -9.21
N THR A 170 5.45 -2.29 -8.23
CA THR A 170 4.12 -1.71 -8.45
C THR A 170 4.19 -0.27 -8.98
N ILE A 171 4.81 0.64 -8.24
CA ILE A 171 4.77 2.05 -8.59
C ILE A 171 5.49 2.34 -9.91
N ASN A 172 6.48 1.54 -10.22
CA ASN A 172 7.23 1.73 -11.44
C ASN A 172 6.36 1.43 -12.66
N THR A 173 5.37 0.57 -12.47
CA THR A 173 4.42 0.29 -13.53
C THR A 173 3.22 1.23 -13.44
N LEU A 174 2.98 1.78 -12.25
CA LEU A 174 1.98 2.83 -12.07
C LEU A 174 2.39 4.09 -12.83
N ASN A 175 3.68 4.39 -12.74
CA ASN A 175 4.25 5.58 -13.36
C ASN A 175 4.22 5.53 -14.89
N ARG A 176 4.16 4.32 -15.43
CA ARG A 176 4.18 4.11 -16.87
C ARG A 176 3.23 5.03 -17.61
N ASP A 177 1.93 4.86 -17.38
CA ASP A 177 0.92 5.63 -18.11
C ASP A 177 0.58 6.92 -17.40
N GLU A 178 0.04 6.77 -16.21
CA GLU A 178 -0.51 7.88 -15.47
C GLU A 178 0.51 8.98 -15.18
N ASP A 179 0.02 10.02 -14.53
CA ASP A 179 0.85 11.13 -14.09
C ASP A 179 1.40 10.83 -12.71
N GLU A 180 2.66 11.16 -12.46
CA GLU A 180 3.30 10.82 -11.20
C GLU A 180 2.93 11.81 -10.10
N GLY A 181 2.11 11.36 -9.16
CA GLY A 181 1.82 12.18 -8.01
C GLY A 181 0.36 12.21 -7.67
N ILE A 182 0.00 11.53 -6.60
CA ILE A 182 -1.39 11.49 -6.17
C ILE A 182 -1.54 11.54 -4.66
N PRO A 183 -1.43 12.75 -4.07
CA PRO A 183 -1.70 12.98 -2.66
C PRO A 183 -3.20 12.81 -2.37
N SER A 184 -3.52 12.29 -1.18
CA SER A 184 -4.92 12.06 -0.78
C SER A 184 -5.61 11.04 -1.65
N GLU A 185 -4.81 10.17 -2.26
CA GLU A 185 -5.31 9.13 -3.15
C GLU A 185 -5.88 9.74 -4.43
N SER A 1 -5.38 8.08 -23.93
CA SER A 1 -6.38 7.56 -24.89
C SER A 1 -7.50 6.82 -24.17
N MET A 2 -7.16 5.68 -23.56
CA MET A 2 -8.14 4.91 -22.81
C MET A 2 -8.04 5.22 -21.33
N THR A 3 -9.17 5.33 -20.67
CA THR A 3 -9.19 5.45 -19.22
C THR A 3 -10.43 4.76 -18.69
N LYS A 4 -10.34 4.32 -17.45
CA LYS A 4 -11.30 3.37 -16.90
C LYS A 4 -11.73 3.74 -15.49
N ASP A 5 -12.42 2.81 -14.83
CA ASP A 5 -12.83 2.96 -13.44
C ASP A 5 -11.64 3.40 -12.59
N ASN A 6 -11.89 4.14 -11.52
CA ASN A 6 -10.81 4.69 -10.69
C ASN A 6 -10.05 3.60 -9.94
N GLU A 7 -10.42 2.35 -10.16
CA GLU A 7 -9.66 1.21 -9.68
C GLU A 7 -8.79 0.64 -10.80
N VAL A 8 -9.19 0.93 -12.03
CA VAL A 8 -8.68 0.26 -13.21
C VAL A 8 -7.87 1.17 -14.15
N GLU A 9 -8.01 2.48 -13.99
CA GLU A 9 -7.45 3.45 -14.95
C GLU A 9 -5.91 3.57 -14.89
N GLN A 10 -5.24 2.57 -14.33
CA GLN A 10 -3.79 2.60 -14.15
C GLN A 10 -3.12 1.43 -14.89
N GLU A 11 -2.03 1.73 -15.63
CA GLU A 11 -1.33 0.72 -16.44
C GLU A 11 -0.74 -0.38 -15.59
N ASP A 12 -0.48 -0.03 -14.33
CA ASP A 12 0.06 -0.95 -13.35
C ASP A 12 -0.46 -2.38 -13.50
N LEU A 13 -1.76 -2.54 -13.71
CA LEU A 13 -2.37 -3.86 -13.76
C LEU A 13 -3.87 -3.75 -14.04
N ALA A 14 -4.20 -2.94 -15.04
CA ALA A 14 -5.58 -2.74 -15.42
C ALA A 14 -5.66 -1.88 -16.68
N GLN A 15 -6.83 -1.87 -17.30
CA GLN A 15 -7.01 -1.23 -18.59
C GLN A 15 -7.04 0.29 -18.52
N SER A 16 -6.10 0.86 -19.24
CA SER A 16 -6.15 2.25 -19.63
C SER A 16 -5.41 2.35 -20.96
N LEU A 17 -5.32 1.17 -21.57
CA LEU A 17 -4.62 0.93 -22.82
C LEU A 17 -4.52 -0.58 -23.03
N SER A 18 -4.21 -1.27 -21.94
CA SER A 18 -4.09 -2.73 -21.93
C SER A 18 -4.16 -3.26 -20.51
N LEU A 19 -3.54 -4.42 -20.30
CA LEU A 19 -3.28 -4.99 -18.97
C LEU A 19 -4.41 -5.84 -18.45
N VAL A 20 -4.14 -7.14 -18.35
CA VAL A 20 -5.00 -8.15 -17.71
C VAL A 20 -6.49 -7.96 -17.99
N LYS A 21 -7.15 -7.13 -17.19
CA LYS A 21 -8.59 -7.06 -17.17
C LYS A 21 -9.11 -6.11 -18.25
N ASP A 22 -8.56 -6.25 -19.44
CA ASP A 22 -8.92 -5.41 -20.58
C ASP A 22 -10.09 -6.03 -21.37
N VAL A 23 -9.79 -7.05 -22.18
CA VAL A 23 -10.80 -7.75 -23.00
C VAL A 23 -10.19 -9.05 -23.52
N ILE A 24 -9.14 -9.52 -22.88
CA ILE A 24 -8.34 -10.62 -23.41
C ILE A 24 -8.68 -11.92 -22.68
N GLY A 25 -7.75 -12.84 -22.63
CA GLY A 25 -7.93 -14.03 -21.83
C GLY A 25 -7.75 -13.70 -20.38
N ALA A 26 -6.85 -12.77 -20.15
CA ALA A 26 -6.55 -12.29 -18.82
C ALA A 26 -7.68 -11.41 -18.30
N VAL A 27 -8.64 -11.09 -19.16
CA VAL A 27 -9.79 -10.29 -18.75
C VAL A 27 -10.60 -11.07 -17.73
N ASP A 28 -10.48 -12.38 -17.84
CA ASP A 28 -11.09 -13.32 -16.91
C ASP A 28 -10.44 -13.22 -15.52
N SER A 29 -9.39 -12.43 -15.42
CA SER A 29 -8.75 -12.16 -14.13
C SER A 29 -9.34 -10.90 -13.50
N LYS A 30 -10.30 -10.28 -14.15
CA LYS A 30 -10.99 -9.16 -13.54
C LYS A 30 -11.77 -9.63 -12.34
N VAL A 31 -12.43 -10.77 -12.48
CA VAL A 31 -13.17 -11.30 -11.36
C VAL A 31 -12.21 -11.66 -10.26
N ALA A 32 -11.01 -12.02 -10.64
CA ALA A 32 -9.98 -12.29 -9.67
C ALA A 32 -9.38 -10.99 -9.16
N SER A 33 -9.66 -9.91 -9.88
CA SER A 33 -9.41 -8.57 -9.37
C SER A 33 -10.52 -8.20 -8.42
N TYR A 34 -11.71 -8.70 -8.70
CA TYR A 34 -12.79 -8.66 -7.73
C TYR A 34 -12.40 -9.50 -6.54
N GLU A 35 -11.78 -10.65 -6.81
CA GLU A 35 -11.31 -11.53 -5.76
C GLU A 35 -10.16 -10.84 -5.00
N LYS A 36 -9.39 -10.04 -5.72
CA LYS A 36 -8.30 -9.26 -5.14
C LYS A 36 -8.88 -8.07 -4.36
N LYS A 37 -10.06 -7.65 -4.79
CA LYS A 37 -10.88 -6.67 -4.11
C LYS A 37 -11.66 -7.35 -2.99
N VAL A 38 -11.60 -8.67 -3.03
CA VAL A 38 -12.35 -9.52 -2.14
C VAL A 38 -11.52 -9.93 -0.92
N ARG A 39 -10.25 -10.31 -1.12
CA ARG A 39 -9.39 -10.48 0.04
C ARG A 39 -9.12 -9.13 0.64
N LEU A 40 -9.23 -8.12 -0.20
CA LEU A 40 -9.13 -6.76 0.25
C LEU A 40 -10.44 -6.32 0.87
N ASN A 41 -11.55 -6.92 0.44
CA ASN A 41 -12.84 -6.73 1.13
C ASN A 41 -12.78 -7.32 2.53
N GLU A 42 -12.13 -8.45 2.63
CA GLU A 42 -11.92 -9.10 3.91
C GLU A 42 -11.03 -8.25 4.77
N ILE A 43 -9.98 -7.77 4.14
CA ILE A 43 -9.01 -6.93 4.78
C ILE A 43 -9.53 -5.50 4.92
N TYR A 44 -10.56 -5.23 4.18
CA TYR A 44 -11.40 -4.07 4.39
C TYR A 44 -12.29 -4.32 5.61
N THR A 45 -12.63 -5.59 5.81
CA THR A 45 -13.68 -6.00 6.74
C THR A 45 -13.19 -6.15 8.20
N LYS A 46 -12.03 -6.76 8.42
CA LYS A 46 -11.49 -6.92 9.79
C LYS A 46 -11.03 -5.57 10.28
N THR A 47 -10.53 -4.79 9.34
CA THR A 47 -9.94 -3.52 9.63
C THR A 47 -10.94 -2.59 10.34
N ASP A 48 -10.52 -2.08 11.49
CA ASP A 48 -11.34 -1.17 12.28
C ASP A 48 -11.64 0.08 11.47
N SER A 49 -12.92 0.39 11.35
CA SER A 49 -13.40 1.41 10.44
C SER A 49 -12.89 2.82 10.78
N LYS A 50 -12.84 3.15 12.06
CA LYS A 50 -12.48 4.50 12.47
C LYS A 50 -11.07 4.63 13.01
N SER A 51 -10.37 3.51 13.15
CA SER A 51 -8.98 3.54 13.59
C SER A 51 -8.06 4.01 12.47
N ILE A 52 -8.23 5.24 12.05
CA ILE A 52 -7.56 5.75 10.88
C ILE A 52 -6.37 6.65 11.23
N MET A 53 -5.85 7.32 10.22
CA MET A 53 -4.66 8.13 10.34
C MET A 53 -4.78 9.35 9.43
N ARG A 54 -3.69 10.11 9.31
CA ARG A 54 -3.64 11.20 8.35
C ARG A 54 -2.40 11.06 7.50
N MET A 55 -2.58 10.48 6.32
CA MET A 55 -1.48 10.18 5.41
C MET A 55 -0.95 11.42 4.69
N LYS A 56 -0.51 11.24 3.43
CA LYS A 56 0.28 12.26 2.72
C LYS A 56 -0.33 13.66 2.82
N SER A 57 -1.61 13.78 2.50
CA SER A 57 -2.27 15.08 2.44
C SER A 57 -2.74 15.53 3.83
N GLY A 58 -2.79 14.60 4.76
CA GLY A 58 -3.30 14.90 6.08
C GLY A 58 -4.77 14.57 6.16
N GLN A 59 -5.16 13.66 5.27
CA GLN A 59 -6.55 13.28 5.11
C GLN A 59 -6.92 12.20 6.10
N MET A 60 -8.21 11.94 6.23
CA MET A 60 -8.67 10.78 6.96
C MET A 60 -8.84 9.64 6.00
N PHE A 61 -7.90 8.74 6.05
CA PHE A 61 -7.91 7.58 5.19
C PHE A 61 -8.52 6.42 5.94
N ALA A 62 -9.58 5.84 5.41
CA ALA A 62 -10.28 4.82 6.15
C ALA A 62 -10.53 3.55 5.37
N LYS A 63 -11.21 2.67 6.07
CA LYS A 63 -11.73 1.41 5.57
C LYS A 63 -12.25 1.51 4.14
N GLU A 64 -13.13 2.46 3.90
CA GLU A 64 -13.80 2.65 2.61
C GLU A 64 -12.83 2.74 1.44
N ASP A 65 -11.64 3.24 1.70
CA ASP A 65 -10.67 3.53 0.65
C ASP A 65 -9.97 2.27 0.13
N LEU A 66 -9.58 1.36 1.02
CA LEU A 66 -8.87 0.14 0.64
C LEU A 66 -9.71 -0.72 -0.30
N LYS A 67 -11.01 -0.61 -0.11
CA LYS A 67 -12.02 -1.39 -0.81
C LYS A 67 -11.70 -1.75 -2.26
N ARG A 68 -11.52 -0.75 -3.10
CA ARG A 68 -11.48 -0.95 -4.54
C ARG A 68 -10.07 -0.91 -5.09
N LYS A 69 -9.13 -0.73 -4.21
CA LYS A 69 -7.72 -0.72 -4.56
C LYS A 69 -7.23 -2.10 -4.99
N LYS A 70 -6.06 -2.17 -5.62
CA LYS A 70 -5.53 -3.45 -6.07
C LYS A 70 -4.65 -4.09 -5.02
N LEU A 71 -5.10 -5.20 -4.47
CA LEU A 71 -4.27 -6.10 -3.68
C LEU A 71 -3.06 -6.52 -4.54
N VAL A 72 -1.92 -5.84 -4.41
CA VAL A 72 -0.75 -6.24 -5.18
C VAL A 72 0.28 -6.95 -4.30
N ARG A 73 0.33 -6.60 -3.02
CA ARG A 73 1.13 -7.35 -2.06
C ARG A 73 0.48 -7.32 -0.68
N ASP A 74 0.71 -8.40 0.07
CA ASP A 74 0.23 -8.52 1.43
C ASP A 74 1.26 -9.26 2.28
N GLY A 75 1.78 -8.60 3.30
CA GLY A 75 2.77 -9.22 4.16
C GLY A 75 2.93 -8.48 5.47
N SER A 76 3.29 -9.21 6.52
CA SER A 76 3.40 -8.63 7.83
C SER A 76 4.81 -8.11 8.08
N VAL A 77 4.86 -6.89 8.57
CA VAL A 77 6.12 -6.22 8.86
C VAL A 77 6.06 -5.48 10.19
N PHE A 78 7.16 -5.52 10.90
CA PHE A 78 7.28 -4.86 12.19
C PHE A 78 7.35 -3.33 12.04
N LEU A 79 6.75 -2.62 12.99
CA LEU A 79 6.64 -1.15 12.93
C LEU A 79 7.12 -0.53 14.24
N LYS A 80 8.14 0.31 14.18
CA LYS A 80 8.66 0.94 15.39
C LYS A 80 7.84 2.18 15.73
N ASN A 81 7.31 2.24 16.94
CA ASN A 81 6.65 3.45 17.41
C ASN A 81 7.67 4.39 18.03
N ALA A 82 7.20 5.46 18.64
CA ALA A 82 8.08 6.44 19.24
C ALA A 82 8.74 5.89 20.51
N ALA A 83 8.43 4.64 20.83
CA ALA A 83 8.98 3.99 22.01
C ALA A 83 9.91 2.86 21.61
N GLY A 84 9.95 2.57 20.32
CA GLY A 84 10.77 1.49 19.80
C GLY A 84 10.16 0.14 20.04
N ARG A 85 8.85 0.08 19.99
CA ARG A 85 8.12 -1.14 20.20
C ARG A 85 7.49 -1.56 18.89
N LEU A 86 7.66 -2.82 18.56
CA LEU A 86 7.31 -3.30 17.24
C LEU A 86 5.99 -4.05 17.19
N LYS A 87 5.22 -3.69 16.18
CA LYS A 87 4.02 -4.39 15.81
C LYS A 87 4.24 -5.07 14.48
N GLU A 88 4.12 -6.39 14.44
CA GLU A 88 4.11 -7.07 13.16
C GLU A 88 2.76 -6.84 12.50
N VAL A 89 2.73 -5.90 11.58
CA VAL A 89 1.49 -5.45 11.00
C VAL A 89 1.26 -6.12 9.67
N GLN A 90 0.02 -6.36 9.32
CA GLN A 90 -0.29 -6.92 8.03
C GLN A 90 -0.32 -5.79 7.02
N ALA A 91 0.80 -5.62 6.32
CA ALA A 91 0.93 -4.54 5.35
C ALA A 91 0.29 -4.94 4.05
N VAL A 92 -0.52 -4.05 3.52
CA VAL A 92 -1.20 -4.31 2.28
C VAL A 92 -0.79 -3.28 1.27
N LEU A 93 0.14 -3.63 0.43
CA LEU A 93 0.51 -2.76 -0.66
C LEU A 93 -0.54 -2.86 -1.75
N LEU A 94 -1.26 -1.78 -1.92
CA LEU A 94 -2.25 -1.65 -2.98
C LEU A 94 -1.65 -0.85 -4.10
N THR A 95 -2.40 -0.62 -5.16
CA THR A 95 -1.91 0.17 -6.26
C THR A 95 -2.26 1.64 -6.10
N ASP A 96 -2.82 1.98 -4.94
CA ASP A 96 -3.06 3.37 -4.59
C ASP A 96 -2.33 3.73 -3.31
N ILE A 97 -2.31 2.80 -2.37
CA ILE A 97 -1.64 3.04 -1.11
C ILE A 97 -0.75 1.88 -0.69
N LEU A 98 0.05 2.16 0.32
CA LEU A 98 0.83 1.17 1.02
C LEU A 98 0.43 1.24 2.50
N VAL A 99 -0.47 0.37 2.92
CA VAL A 99 -1.09 0.48 4.24
C VAL A 99 -0.61 -0.59 5.22
N PHE A 100 -0.42 -0.19 6.46
CA PHE A 100 -0.07 -1.12 7.53
C PHE A 100 -1.26 -1.35 8.42
N LEU A 101 -1.37 -2.57 8.92
CA LEU A 101 -2.52 -2.93 9.72
C LEU A 101 -2.09 -3.66 10.99
N GLN A 102 -2.39 -3.04 12.11
CA GLN A 102 -1.99 -3.56 13.41
C GLN A 102 -3.09 -4.50 13.90
N GLU A 103 -2.70 -5.71 14.26
CA GLU A 103 -3.67 -6.71 14.68
C GLU A 103 -4.13 -6.45 16.11
N LYS A 104 -5.35 -5.94 16.20
CA LYS A 104 -5.92 -5.49 17.46
C LYS A 104 -7.34 -5.98 17.57
N ASP A 105 -7.66 -6.68 18.66
CA ASP A 105 -9.02 -7.13 18.89
C ASP A 105 -9.49 -7.99 17.73
N GLN A 106 -8.76 -9.12 17.55
CA GLN A 106 -9.04 -10.15 16.53
C GLN A 106 -9.25 -9.57 15.13
N LYS A 107 -8.74 -8.38 14.89
CA LYS A 107 -8.85 -7.77 13.59
C LYS A 107 -7.67 -6.82 13.43
N TYR A 108 -7.75 -5.89 12.49
CA TYR A 108 -6.67 -4.94 12.32
C TYR A 108 -7.17 -3.52 12.47
N ILE A 109 -6.19 -2.63 12.49
CA ILE A 109 -6.39 -1.19 12.57
C ILE A 109 -5.28 -0.56 11.75
N PHE A 110 -5.36 0.74 11.49
CA PHE A 110 -4.43 1.37 10.54
C PHE A 110 -3.02 1.54 11.08
N ALA A 111 -2.75 0.93 12.24
CA ALA A 111 -1.41 0.93 12.85
C ALA A 111 -0.84 2.34 12.95
N SER A 112 -1.74 3.31 13.04
CA SER A 112 -1.45 4.73 12.78
C SER A 112 -0.15 5.26 13.40
N LEU A 113 0.26 4.68 14.53
CA LEU A 113 1.54 5.01 15.16
C LEU A 113 1.57 6.45 15.69
N ASP A 114 0.48 7.18 15.48
CA ASP A 114 0.31 8.54 16.03
C ASP A 114 1.34 9.54 15.49
N GLN A 115 1.98 9.19 14.37
CA GLN A 115 2.95 10.07 13.71
C GLN A 115 3.45 9.46 12.41
N LYS A 116 4.22 8.38 12.53
CA LYS A 116 4.68 7.61 11.39
C LYS A 116 3.54 7.39 10.40
N SER A 117 3.73 7.78 9.14
CA SER A 117 2.74 7.50 8.10
C SER A 117 2.60 5.99 7.93
N THR A 118 1.43 5.51 8.29
CA THR A 118 1.18 4.08 8.35
C THR A 118 0.32 3.63 7.17
N VAL A 119 0.08 4.56 6.27
CA VAL A 119 -0.59 4.28 5.02
C VAL A 119 -0.07 5.26 3.99
N ILE A 120 0.82 4.79 3.14
CA ILE A 120 1.50 5.66 2.22
C ILE A 120 0.80 5.63 0.87
N SER A 121 0.06 6.69 0.54
CA SER A 121 -0.54 6.77 -0.78
C SER A 121 0.59 6.74 -1.79
N LEU A 122 0.68 5.63 -2.50
CA LEU A 122 1.86 5.35 -3.30
C LEU A 122 1.96 6.21 -4.57
N LYS A 123 2.48 5.58 -5.63
CA LYS A 123 2.92 6.25 -6.81
C LYS A 123 3.92 7.30 -6.53
N LYS A 124 5.15 6.90 -6.77
CA LYS A 124 6.30 7.74 -6.63
C LYS A 124 6.60 7.93 -5.15
N LEU A 125 6.47 6.82 -4.44
CA LEU A 125 6.85 6.76 -3.05
C LEU A 125 8.36 6.60 -2.94
N ILE A 126 8.89 6.99 -1.80
CA ILE A 126 10.31 6.90 -1.57
C ILE A 126 10.59 5.75 -0.63
N VAL A 127 11.33 4.80 -1.13
CA VAL A 127 11.61 3.58 -0.40
C VAL A 127 13.11 3.42 -0.23
N ARG A 128 13.55 3.43 1.01
CA ARG A 128 14.99 3.44 1.29
C ARG A 128 15.38 2.32 2.23
N GLU A 129 16.65 1.97 2.17
CA GLU A 129 17.19 0.92 2.99
C GLU A 129 17.85 1.52 4.22
N VAL A 130 17.20 1.31 5.36
CA VAL A 130 17.69 1.78 6.65
C VAL A 130 19.12 1.31 6.92
N ALA A 131 19.92 2.19 7.51
CA ALA A 131 21.30 1.88 7.82
C ALA A 131 21.42 1.24 9.20
N HIS A 132 20.56 1.64 10.13
CA HIS A 132 20.66 1.17 11.50
C HIS A 132 19.88 -0.12 11.74
N GLU A 133 19.46 -0.77 10.65
CA GLU A 133 18.75 -2.05 10.73
C GLU A 133 19.01 -2.88 9.48
N GLU A 134 19.08 -4.19 9.62
CA GLU A 134 19.39 -5.08 8.52
C GLU A 134 18.13 -5.54 7.81
N LYS A 135 17.04 -5.68 8.56
CA LYS A 135 15.77 -6.08 7.98
C LYS A 135 14.80 -4.90 7.96
N GLY A 136 15.24 -3.79 8.49
CA GLY A 136 14.43 -2.60 8.48
C GLY A 136 14.34 -1.98 7.11
N LEU A 137 13.31 -1.20 6.90
CA LEU A 137 13.09 -0.51 5.64
C LEU A 137 12.23 0.71 5.90
N PHE A 138 12.56 1.81 5.25
CA PHE A 138 11.72 2.99 5.32
C PHE A 138 10.78 3.04 4.13
N LEU A 139 9.49 2.93 4.39
CA LEU A 139 8.51 3.17 3.37
C LEU A 139 8.02 4.60 3.54
N ILE A 140 8.57 5.50 2.72
CA ILE A 140 8.48 6.92 2.98
C ILE A 140 7.55 7.62 1.99
N SER A 141 7.06 8.78 2.42
CA SER A 141 6.16 9.58 1.62
C SER A 141 6.79 10.93 1.22
N MET A 142 8.13 10.99 1.22
CA MET A 142 8.85 12.20 0.83
C MET A 142 8.49 12.61 -0.59
N GLY A 143 7.93 13.80 -0.73
CA GLY A 143 7.53 14.28 -2.04
C GLY A 143 6.77 15.60 -1.98
N MET A 144 6.63 16.16 -0.78
CA MET A 144 5.92 17.42 -0.60
C MET A 144 6.72 18.35 0.30
N THR A 145 6.87 17.96 1.57
CA THR A 145 7.62 18.75 2.52
C THR A 145 8.23 17.84 3.61
N ASP A 146 7.39 17.08 4.30
CA ASP A 146 7.88 16.14 5.31
C ASP A 146 6.95 14.95 5.41
N PRO A 147 7.52 13.77 5.24
CA PRO A 147 6.79 12.51 5.19
C PRO A 147 6.57 11.85 6.56
N GLU A 148 7.52 12.00 7.47
CA GLU A 148 7.54 11.22 8.71
C GLU A 148 7.42 9.73 8.37
N MET A 149 8.55 9.17 7.92
CA MET A 149 8.58 7.80 7.44
C MET A 149 8.39 6.83 8.60
N VAL A 150 7.91 5.64 8.29
CA VAL A 150 7.74 4.64 9.30
C VAL A 150 8.78 3.54 9.13
N GLU A 151 9.11 2.93 10.25
CA GLU A 151 10.10 1.88 10.32
C GLU A 151 9.47 0.54 10.00
N VAL A 152 9.67 0.10 8.77
CA VAL A 152 9.12 -1.15 8.30
C VAL A 152 10.16 -2.25 8.41
N HIS A 153 10.08 -3.04 9.46
CA HIS A 153 11.05 -4.08 9.71
C HIS A 153 10.56 -5.41 9.16
N ALA A 154 11.19 -5.84 8.08
CA ALA A 154 10.80 -7.06 7.39
C ALA A 154 11.18 -8.29 8.19
N SER A 155 10.59 -9.42 7.81
CA SER A 155 10.81 -10.68 8.49
C SER A 155 12.26 -11.16 8.35
N SER A 156 12.93 -10.65 7.33
CA SER A 156 14.30 -11.05 7.07
C SER A 156 15.11 -9.89 6.54
N LYS A 157 16.44 -9.98 6.67
CA LYS A 157 17.34 -8.99 6.12
C LYS A 157 17.09 -8.81 4.62
N GLU A 158 16.81 -9.92 3.95
CA GLU A 158 16.54 -9.92 2.55
C GLU A 158 15.15 -9.35 2.26
N GLU A 159 14.21 -9.59 3.17
CA GLU A 159 12.81 -9.23 2.95
C GLU A 159 12.64 -7.73 2.85
N ARG A 160 13.55 -6.99 3.46
CA ARG A 160 13.49 -5.55 3.36
C ARG A 160 13.61 -5.15 1.89
N ASN A 161 14.62 -5.71 1.21
CA ASN A 161 14.79 -5.50 -0.22
C ASN A 161 13.65 -6.14 -0.98
N SER A 162 13.11 -7.19 -0.40
CA SER A 162 11.96 -7.87 -0.97
C SER A 162 10.76 -6.95 -0.97
N TRP A 163 10.70 -6.04 -0.02
CA TRP A 163 9.58 -5.14 0.09
C TRP A 163 9.87 -3.87 -0.67
N ILE A 164 11.12 -3.43 -0.58
CA ILE A 164 11.63 -2.33 -1.37
C ILE A 164 11.31 -2.55 -2.84
N GLN A 165 11.68 -3.71 -3.35
CA GLN A 165 11.48 -4.04 -4.74
C GLN A 165 10.01 -4.00 -5.13
N ILE A 166 9.11 -4.10 -4.16
CA ILE A 166 7.70 -4.22 -4.49
C ILE A 166 7.10 -2.87 -4.83
N ILE A 167 7.57 -1.80 -4.20
CA ILE A 167 7.22 -0.48 -4.69
C ILE A 167 7.94 -0.26 -6.00
N GLN A 168 9.16 -0.80 -6.04
CA GLN A 168 9.95 -0.83 -7.25
C GLN A 168 9.28 -1.73 -8.30
N ASP A 169 8.34 -2.55 -7.84
CA ASP A 169 7.55 -3.41 -8.70
C ASP A 169 6.27 -2.69 -9.13
N THR A 170 5.41 -2.42 -8.15
CA THR A 170 4.11 -1.81 -8.36
C THR A 170 4.22 -0.40 -8.94
N ILE A 171 4.84 0.53 -8.21
CA ILE A 171 4.88 1.93 -8.63
C ILE A 171 5.60 2.08 -9.97
N ASN A 172 6.53 1.18 -10.23
CA ASN A 172 7.32 1.24 -11.44
C ASN A 172 6.41 1.03 -12.65
N THR A 173 5.36 0.27 -12.44
CA THR A 173 4.36 0.02 -13.46
C THR A 173 3.22 1.05 -13.38
N LEU A 174 3.02 1.61 -12.20
CA LEU A 174 2.06 2.70 -12.00
C LEU A 174 2.48 3.95 -12.76
N ASN A 175 3.68 4.42 -12.46
CA ASN A 175 4.19 5.68 -13.02
C ASN A 175 4.41 5.57 -14.52
N ARG A 176 4.54 4.35 -14.91
CA ARG A 176 4.77 3.92 -16.24
C ARG A 176 3.94 4.71 -17.27
N ASP A 177 2.63 4.75 -17.09
CA ASP A 177 1.78 5.48 -18.02
C ASP A 177 1.53 6.91 -17.59
N GLU A 178 0.73 7.06 -16.55
CA GLU A 178 0.24 8.35 -16.12
C GLU A 178 1.31 9.27 -15.57
N ASP A 179 0.83 10.38 -15.01
CA ASP A 179 1.67 11.39 -14.37
C ASP A 179 2.34 10.81 -13.11
N GLU A 180 2.89 11.68 -12.26
CA GLU A 180 3.69 11.22 -11.15
C GLU A 180 3.25 11.88 -9.83
N GLY A 181 2.77 11.07 -8.90
CA GLY A 181 2.49 11.56 -7.58
C GLY A 181 1.02 11.70 -7.29
N ILE A 182 0.52 10.85 -6.41
CA ILE A 182 -0.89 10.88 -6.06
C ILE A 182 -1.13 10.73 -4.55
N PRO A 183 -1.12 11.86 -3.82
CA PRO A 183 -1.48 11.89 -2.41
C PRO A 183 -3.00 11.91 -2.22
N SER A 184 -3.51 11.21 -1.20
CA SER A 184 -4.94 11.14 -0.95
C SER A 184 -5.66 10.48 -2.14
N GLU A 185 -4.90 9.66 -2.86
CA GLU A 185 -5.36 9.01 -4.08
C GLU A 185 -5.78 10.05 -5.13
N SER A 1 -15.91 4.41 -24.96
CA SER A 1 -14.54 4.56 -24.42
C SER A 1 -14.32 3.58 -23.28
N MET A 2 -13.14 2.97 -23.24
CA MET A 2 -12.77 2.08 -22.15
C MET A 2 -12.10 2.86 -21.04
N THR A 3 -10.93 3.44 -21.38
CA THR A 3 -10.06 4.16 -20.42
C THR A 3 -9.87 3.39 -19.10
N LYS A 4 -9.27 4.04 -18.12
CA LYS A 4 -8.75 3.36 -16.96
C LYS A 4 -9.66 3.57 -15.77
N ASP A 5 -10.93 3.83 -16.02
CA ASP A 5 -11.89 4.10 -14.94
C ASP A 5 -11.28 5.13 -13.98
N ASN A 6 -11.78 5.19 -12.76
CA ASN A 6 -11.06 5.90 -11.71
C ASN A 6 -10.29 4.95 -10.80
N GLU A 7 -10.81 3.74 -10.61
CA GLU A 7 -10.20 2.78 -9.70
C GLU A 7 -8.97 2.11 -10.33
N VAL A 8 -8.97 2.01 -11.66
CA VAL A 8 -7.92 1.30 -12.37
C VAL A 8 -7.03 2.25 -13.17
N GLU A 9 -6.97 3.53 -12.77
CA GLU A 9 -6.27 4.57 -13.53
C GLU A 9 -4.76 4.28 -13.76
N GLN A 10 -4.28 3.16 -13.26
CA GLN A 10 -2.88 2.76 -13.43
C GLN A 10 -2.67 1.82 -14.61
N GLU A 11 -1.41 1.46 -14.86
CA GLU A 11 -1.07 0.46 -15.88
C GLU A 11 -0.58 -0.83 -15.24
N ASP A 12 -0.19 -0.74 -13.98
CA ASP A 12 0.31 -1.88 -13.23
C ASP A 12 -0.55 -3.13 -13.48
N LEU A 13 -1.85 -2.93 -13.66
CA LEU A 13 -2.75 -3.98 -14.10
C LEU A 13 -4.13 -3.39 -14.37
N ALA A 14 -4.28 -2.69 -15.48
CA ALA A 14 -5.52 -2.04 -15.80
C ALA A 14 -5.60 -1.59 -17.25
N GLN A 15 -6.78 -1.75 -17.84
CA GLN A 15 -6.98 -1.57 -19.25
C GLN A 15 -7.55 -0.22 -19.64
N SER A 16 -7.08 0.25 -20.78
CA SER A 16 -7.80 1.25 -21.55
C SER A 16 -7.82 0.74 -22.99
N LEU A 17 -7.46 -0.53 -23.13
CA LEU A 17 -7.26 -1.17 -24.42
C LEU A 17 -6.75 -2.61 -24.23
N SER A 18 -5.87 -2.80 -23.24
CA SER A 18 -5.16 -4.07 -23.06
C SER A 18 -5.10 -4.48 -21.60
N LEU A 19 -3.95 -5.01 -21.23
CA LEU A 19 -3.51 -5.14 -19.85
C LEU A 19 -4.03 -6.42 -19.20
N VAL A 20 -5.35 -6.65 -19.28
CA VAL A 20 -5.94 -7.92 -18.87
C VAL A 20 -7.47 -7.89 -18.92
N LYS A 21 -8.07 -6.95 -18.18
CA LYS A 21 -9.50 -6.98 -17.90
C LYS A 21 -10.28 -6.08 -18.84
N ASP A 22 -9.95 -6.16 -20.12
CA ASP A 22 -10.57 -5.31 -21.12
C ASP A 22 -11.80 -5.97 -21.74
N VAL A 23 -11.59 -7.10 -22.42
CA VAL A 23 -12.68 -7.83 -23.07
C VAL A 23 -12.14 -9.07 -23.80
N ILE A 24 -11.04 -9.61 -23.28
CA ILE A 24 -10.39 -10.75 -23.94
C ILE A 24 -10.68 -12.04 -23.17
N GLY A 25 -9.76 -12.99 -23.20
CA GLY A 25 -9.87 -14.17 -22.37
C GLY A 25 -9.29 -13.91 -21.02
N ALA A 26 -8.29 -13.05 -21.01
CA ALA A 26 -7.65 -12.60 -19.80
C ALA A 26 -8.56 -11.64 -19.04
N VAL A 27 -9.68 -11.27 -19.65
CA VAL A 27 -10.64 -10.39 -19.01
C VAL A 27 -11.25 -11.11 -17.82
N ASP A 28 -11.22 -12.43 -17.91
CA ASP A 28 -11.65 -13.31 -16.84
C ASP A 28 -10.87 -13.04 -15.56
N SER A 29 -9.70 -12.41 -15.69
CA SER A 29 -8.89 -12.07 -14.54
C SER A 29 -9.44 -10.85 -13.81
N LYS A 30 -10.56 -10.30 -14.28
CA LYS A 30 -11.21 -9.21 -13.59
C LYS A 30 -11.89 -9.69 -12.34
N VAL A 31 -12.56 -10.83 -12.40
CA VAL A 31 -13.24 -11.34 -11.23
C VAL A 31 -12.21 -11.71 -10.19
N ALA A 32 -11.02 -12.03 -10.65
CA ALA A 32 -9.94 -12.31 -9.74
C ALA A 32 -9.29 -11.01 -9.28
N SER A 33 -9.48 -9.96 -10.07
CA SER A 33 -9.19 -8.61 -9.61
C SER A 33 -10.24 -8.19 -8.59
N TYR A 34 -11.43 -8.77 -8.72
CA TYR A 34 -12.45 -8.68 -7.71
C TYR A 34 -12.05 -9.55 -6.53
N GLU A 35 -11.53 -10.75 -6.80
CA GLU A 35 -11.06 -11.64 -5.75
C GLU A 35 -9.87 -10.98 -5.04
N LYS A 36 -9.09 -10.24 -5.80
CA LYS A 36 -7.99 -9.44 -5.28
C LYS A 36 -8.53 -8.32 -4.41
N LYS A 37 -9.65 -7.79 -4.84
CA LYS A 37 -10.41 -6.78 -4.11
C LYS A 37 -11.18 -7.43 -2.97
N VAL A 38 -11.17 -8.76 -2.99
CA VAL A 38 -11.99 -9.55 -2.10
C VAL A 38 -11.23 -9.95 -0.83
N ARG A 39 -9.95 -10.33 -0.94
CA ARG A 39 -9.13 -10.47 0.26
C ARG A 39 -8.89 -9.09 0.80
N LEU A 40 -8.97 -8.12 -0.08
CA LEU A 40 -8.89 -6.74 0.31
C LEU A 40 -10.22 -6.32 0.92
N ASN A 41 -11.32 -6.90 0.45
CA ASN A 41 -12.64 -6.73 1.07
C ASN A 41 -12.63 -7.33 2.47
N GLU A 42 -11.96 -8.47 2.61
CA GLU A 42 -11.78 -9.11 3.90
C GLU A 42 -10.94 -8.23 4.78
N ILE A 43 -9.88 -7.76 4.19
CA ILE A 43 -8.95 -6.88 4.85
C ILE A 43 -9.50 -5.47 4.97
N TYR A 44 -10.55 -5.24 4.24
CA TYR A 44 -11.39 -4.08 4.40
C TYR A 44 -12.36 -4.32 5.57
N THR A 45 -12.62 -5.60 5.83
CA THR A 45 -13.70 -6.04 6.72
C THR A 45 -13.24 -6.18 8.19
N LYS A 46 -12.02 -6.69 8.42
CA LYS A 46 -11.50 -6.83 9.80
C LYS A 46 -10.94 -5.51 10.25
N THR A 47 -10.63 -4.68 9.31
CA THR A 47 -10.00 -3.42 9.60
C THR A 47 -10.95 -2.48 10.36
N ASP A 48 -10.50 -2.05 11.54
CA ASP A 48 -11.27 -1.16 12.39
C ASP A 48 -11.52 0.16 11.67
N SER A 49 -12.79 0.43 11.40
CA SER A 49 -13.18 1.47 10.47
C SER A 49 -12.56 2.85 10.79
N LYS A 50 -12.72 3.30 12.04
CA LYS A 50 -12.31 4.61 12.45
C LYS A 50 -10.88 4.70 12.97
N SER A 51 -10.21 3.57 13.05
CA SER A 51 -8.83 3.54 13.54
C SER A 51 -7.86 4.00 12.45
N ILE A 52 -7.96 5.27 12.08
CA ILE A 52 -7.29 5.79 10.90
C ILE A 52 -6.06 6.65 11.24
N MET A 53 -5.57 7.35 10.22
CA MET A 53 -4.38 8.17 10.33
C MET A 53 -4.28 9.12 9.15
N ARG A 54 -3.41 10.12 9.26
CA ARG A 54 -3.18 11.08 8.20
C ARG A 54 -1.96 10.70 7.38
N MET A 55 -2.16 10.59 6.07
CA MET A 55 -1.12 10.13 5.16
C MET A 55 -0.42 11.28 4.45
N LYS A 56 0.11 11.01 3.24
CA LYS A 56 0.97 11.98 2.52
C LYS A 56 0.38 13.39 2.47
N SER A 57 -0.93 13.48 2.26
CA SER A 57 -1.59 14.76 2.11
C SER A 57 -1.98 15.36 3.46
N GLY A 58 -2.27 14.49 4.42
CA GLY A 58 -2.66 14.95 5.74
C GLY A 58 -4.12 14.69 5.99
N GLN A 59 -4.70 13.91 5.09
CA GLN A 59 -6.11 13.57 5.11
C GLN A 59 -6.36 12.43 6.09
N MET A 60 -7.63 12.17 6.35
CA MET A 60 -8.02 10.97 7.09
C MET A 60 -8.30 9.86 6.10
N PHE A 61 -7.44 8.88 6.12
CA PHE A 61 -7.57 7.72 5.25
C PHE A 61 -8.24 6.61 6.02
N ALA A 62 -9.31 6.04 5.49
CA ALA A 62 -10.05 5.05 6.25
C ALA A 62 -10.34 3.77 5.49
N LYS A 63 -11.00 2.90 6.21
CA LYS A 63 -11.47 1.61 5.75
C LYS A 63 -12.09 1.65 4.36
N GLU A 64 -13.12 2.49 4.19
CA GLU A 64 -13.87 2.60 2.93
C GLU A 64 -12.97 2.73 1.70
N ASP A 65 -11.80 3.33 1.90
CA ASP A 65 -10.88 3.63 0.81
C ASP A 65 -10.23 2.38 0.23
N LEU A 66 -9.67 1.56 1.12
CA LEU A 66 -8.90 0.38 0.73
C LEU A 66 -9.68 -0.48 -0.27
N LYS A 67 -10.97 -0.48 -0.07
CA LYS A 67 -11.94 -1.29 -0.80
C LYS A 67 -11.65 -1.50 -2.29
N ARG A 68 -11.50 -0.40 -3.01
CA ARG A 68 -11.55 -0.43 -4.47
C ARG A 68 -10.19 -0.73 -5.09
N LYS A 69 -9.20 -0.72 -4.26
CA LYS A 69 -7.81 -0.83 -4.68
C LYS A 69 -7.42 -2.25 -5.14
N LYS A 70 -6.15 -2.42 -5.52
CA LYS A 70 -5.67 -3.72 -5.97
C LYS A 70 -4.67 -4.33 -5.00
N LEU A 71 -5.04 -5.48 -4.47
CA LEU A 71 -4.15 -6.34 -3.69
C LEU A 71 -2.94 -6.76 -4.54
N VAL A 72 -1.81 -6.06 -4.45
CA VAL A 72 -0.64 -6.47 -5.21
C VAL A 72 0.36 -7.23 -4.33
N ARG A 73 0.50 -6.81 -3.09
CA ARG A 73 1.24 -7.59 -2.11
C ARG A 73 0.65 -7.39 -0.71
N ASP A 74 0.72 -8.44 0.09
CA ASP A 74 0.28 -8.39 1.48
C ASP A 74 1.24 -9.20 2.34
N GLY A 75 1.79 -8.56 3.36
CA GLY A 75 2.71 -9.23 4.25
C GLY A 75 2.89 -8.50 5.55
N SER A 76 3.19 -9.23 6.60
CA SER A 76 3.33 -8.63 7.91
C SER A 76 4.75 -8.12 8.13
N VAL A 77 4.82 -6.93 8.68
CA VAL A 77 6.07 -6.27 8.94
C VAL A 77 6.04 -5.54 10.26
N PHE A 78 7.15 -5.57 10.95
CA PHE A 78 7.28 -4.89 12.24
C PHE A 78 7.39 -3.37 12.05
N LEU A 79 6.82 -2.62 12.99
CA LEU A 79 6.73 -1.15 12.86
C LEU A 79 7.30 -0.47 14.09
N LYS A 80 8.38 0.30 13.93
CA LYS A 80 8.94 1.03 15.05
C LYS A 80 8.16 2.32 15.29
N ASN A 81 7.54 2.44 16.46
CA ASN A 81 6.93 3.70 16.85
C ASN A 81 8.01 4.68 17.29
N ALA A 82 7.62 5.83 17.82
CA ALA A 82 8.58 6.81 18.29
C ALA A 82 9.36 6.28 19.49
N ALA A 83 8.92 5.15 20.01
CA ALA A 83 9.54 4.54 21.17
C ALA A 83 10.26 3.29 20.73
N GLY A 84 10.08 2.99 19.45
CA GLY A 84 10.67 1.81 18.88
C GLY A 84 10.03 0.54 19.38
N ARG A 85 8.72 0.58 19.55
CA ARG A 85 7.97 -0.56 19.99
C ARG A 85 7.28 -1.18 18.80
N LEU A 86 7.66 -2.39 18.49
CA LEU A 86 7.29 -3.01 17.23
C LEU A 86 5.97 -3.73 17.26
N LYS A 87 5.37 -3.76 16.09
CA LYS A 87 4.14 -4.45 15.81
C LYS A 87 4.29 -5.17 14.50
N GLU A 88 4.09 -6.48 14.46
CA GLU A 88 4.07 -7.16 13.18
C GLU A 88 2.73 -6.91 12.54
N VAL A 89 2.70 -5.95 11.65
CA VAL A 89 1.46 -5.47 11.07
C VAL A 89 1.25 -6.06 9.71
N GLN A 90 0.00 -6.22 9.31
CA GLN A 90 -0.29 -6.73 7.99
C GLN A 90 -0.23 -5.57 7.00
N ALA A 91 0.91 -5.46 6.33
CA ALA A 91 1.10 -4.42 5.33
C ALA A 91 0.45 -4.84 4.04
N VAL A 92 -0.40 -3.98 3.53
CA VAL A 92 -1.11 -4.28 2.31
C VAL A 92 -0.71 -3.29 1.25
N LEU A 93 0.21 -3.71 0.40
CA LEU A 93 0.58 -2.88 -0.71
C LEU A 93 -0.49 -2.98 -1.79
N LEU A 94 -1.15 -1.87 -2.01
CA LEU A 94 -2.16 -1.75 -3.04
C LEU A 94 -1.62 -0.89 -4.15
N THR A 95 -2.20 -1.00 -5.34
CA THR A 95 -1.76 -0.21 -6.49
C THR A 95 -2.10 1.26 -6.33
N ASP A 96 -2.55 1.64 -5.13
CA ASP A 96 -3.04 2.96 -4.87
C ASP A 96 -2.46 3.46 -3.54
N ILE A 97 -2.39 2.57 -2.55
CA ILE A 97 -1.77 2.90 -1.28
C ILE A 97 -0.87 1.79 -0.76
N LEU A 98 -0.07 2.14 0.21
CA LEU A 98 0.76 1.23 0.95
C LEU A 98 0.35 1.33 2.43
N VAL A 99 -0.51 0.43 2.87
CA VAL A 99 -1.13 0.55 4.19
C VAL A 99 -0.66 -0.53 5.15
N PHE A 100 -0.57 -0.19 6.42
CA PHE A 100 -0.24 -1.15 7.46
C PHE A 100 -1.44 -1.41 8.33
N LEU A 101 -1.51 -2.60 8.86
CA LEU A 101 -2.66 -2.98 9.65
C LEU A 101 -2.23 -3.77 10.88
N GLN A 102 -2.46 -3.18 12.03
CA GLN A 102 -2.05 -3.75 13.30
C GLN A 102 -3.16 -4.65 13.82
N GLU A 103 -2.81 -5.85 14.22
CA GLU A 103 -3.82 -6.82 14.65
C GLU A 103 -4.30 -6.51 16.06
N LYS A 104 -5.47 -5.92 16.13
CA LYS A 104 -6.07 -5.51 17.37
C LYS A 104 -7.46 -6.10 17.52
N ASP A 105 -7.70 -6.78 18.63
CA ASP A 105 -9.01 -7.32 18.92
C ASP A 105 -9.49 -8.16 17.75
N GLN A 106 -8.72 -9.23 17.48
CA GLN A 106 -9.00 -10.25 16.46
C GLN A 106 -9.21 -9.67 15.07
N LYS A 107 -8.87 -8.40 14.89
CA LYS A 107 -9.01 -7.75 13.61
C LYS A 107 -7.82 -6.83 13.42
N TYR A 108 -7.90 -5.88 12.51
CA TYR A 108 -6.79 -4.95 12.34
C TYR A 108 -7.24 -3.53 12.53
N ILE A 109 -6.24 -2.66 12.51
CA ILE A 109 -6.38 -1.22 12.61
C ILE A 109 -5.27 -0.64 11.77
N PHE A 110 -5.29 0.65 11.51
CA PHE A 110 -4.37 1.23 10.53
C PHE A 110 -2.92 1.29 11.01
N ALA A 111 -2.63 0.69 12.17
CA ALA A 111 -1.28 0.69 12.73
C ALA A 111 -0.73 2.10 12.82
N SER A 112 -1.66 3.05 12.91
CA SER A 112 -1.43 4.47 12.66
C SER A 112 -0.12 5.01 13.22
N LEU A 113 0.28 4.53 14.38
CA LEU A 113 1.51 4.96 15.04
C LEU A 113 1.44 6.42 15.49
N ASP A 114 0.35 7.10 15.08
CA ASP A 114 0.05 8.48 15.48
C ASP A 114 1.05 9.48 14.94
N GLN A 115 1.79 9.11 13.89
CA GLN A 115 2.78 9.99 13.30
C GLN A 115 3.34 9.42 12.00
N LYS A 116 4.03 8.28 12.11
CA LYS A 116 4.59 7.58 10.97
C LYS A 116 3.54 7.40 9.88
N SER A 117 3.95 7.57 8.63
CA SER A 117 3.08 7.28 7.48
C SER A 117 2.73 5.81 7.48
N THR A 118 1.58 5.52 8.02
CA THR A 118 1.13 4.15 8.21
C THR A 118 0.17 3.76 7.08
N VAL A 119 -0.07 4.71 6.19
CA VAL A 119 -0.76 4.48 4.94
C VAL A 119 -0.16 5.44 3.91
N ILE A 120 0.73 4.94 3.09
CA ILE A 120 1.41 5.77 2.12
C ILE A 120 0.72 5.61 0.77
N SER A 121 0.08 6.66 0.25
CA SER A 121 -0.44 6.56 -1.11
C SER A 121 0.72 6.20 -2.00
N LEU A 122 0.73 4.95 -2.47
CA LEU A 122 1.96 4.32 -2.92
C LEU A 122 2.55 4.99 -4.14
N LYS A 123 1.73 5.54 -5.02
CA LYS A 123 2.25 6.10 -6.23
C LYS A 123 3.17 7.25 -5.93
N LYS A 124 4.44 6.99 -6.19
CA LYS A 124 5.50 7.95 -5.98
C LYS A 124 5.84 8.02 -4.50
N LEU A 125 5.93 6.84 -3.91
CA LEU A 125 6.41 6.68 -2.56
C LEU A 125 7.93 6.71 -2.56
N ILE A 126 8.51 6.98 -1.43
CA ILE A 126 9.95 6.93 -1.30
C ILE A 126 10.33 5.76 -0.39
N VAL A 127 11.04 4.82 -0.96
CA VAL A 127 11.39 3.61 -0.25
C VAL A 127 12.89 3.51 -0.09
N ARG A 128 13.34 3.50 1.15
CA ARG A 128 14.76 3.53 1.42
C ARG A 128 15.17 2.43 2.37
N GLU A 129 16.43 2.07 2.29
CA GLU A 129 16.95 0.96 3.06
C GLU A 129 17.68 1.49 4.28
N VAL A 130 17.02 1.35 5.43
CA VAL A 130 17.53 1.83 6.71
C VAL A 130 18.99 1.47 6.93
N ALA A 131 19.75 2.43 7.48
CA ALA A 131 21.17 2.25 7.68
C ALA A 131 21.49 1.57 9.01
N HIS A 132 20.64 1.80 10.01
CA HIS A 132 20.91 1.28 11.35
C HIS A 132 20.23 -0.07 11.57
N GLU A 133 19.65 -0.63 10.52
CA GLU A 133 18.99 -1.93 10.60
C GLU A 133 19.25 -2.72 9.31
N GLU A 134 19.21 -4.03 9.39
CA GLU A 134 19.40 -4.87 8.22
C GLU A 134 18.06 -5.48 7.80
N LYS A 135 17.18 -5.67 8.78
CA LYS A 135 15.85 -6.19 8.52
C LYS A 135 14.90 -5.04 8.18
N GLY A 136 15.32 -3.84 8.51
CA GLY A 136 14.45 -2.70 8.43
C GLY A 136 14.37 -2.07 7.06
N LEU A 137 13.32 -1.31 6.84
CA LEU A 137 13.09 -0.59 5.61
C LEU A 137 12.21 0.62 5.92
N PHE A 138 12.48 1.74 5.30
CA PHE A 138 11.61 2.90 5.44
C PHE A 138 10.62 2.97 4.27
N LEU A 139 9.35 2.96 4.59
CA LEU A 139 8.34 3.23 3.57
C LEU A 139 7.85 4.65 3.78
N ILE A 140 8.38 5.57 2.97
CA ILE A 140 8.26 6.99 3.25
C ILE A 140 7.30 7.68 2.28
N SER A 141 6.77 8.82 2.71
CA SER A 141 5.87 9.62 1.90
C SER A 141 6.50 10.97 1.52
N MET A 142 7.85 11.03 1.52
CA MET A 142 8.56 12.25 1.18
C MET A 142 8.17 12.72 -0.22
N GLY A 143 7.72 13.96 -0.32
CA GLY A 143 7.33 14.48 -1.62
C GLY A 143 6.54 15.78 -1.52
N MET A 144 5.64 15.85 -0.54
CA MET A 144 4.79 17.02 -0.39
C MET A 144 5.40 18.04 0.56
N THR A 145 5.68 17.63 1.79
CA THR A 145 6.19 18.56 2.79
C THR A 145 6.92 17.82 3.91
N ASP A 146 6.23 16.87 4.55
CA ASP A 146 6.82 16.14 5.66
C ASP A 146 6.10 14.82 5.87
N PRO A 147 6.83 13.74 5.61
CA PRO A 147 6.28 12.39 5.62
C PRO A 147 6.28 11.74 7.00
N GLU A 148 7.38 11.89 7.76
CA GLU A 148 7.54 11.15 9.01
C GLU A 148 7.45 9.65 8.69
N MET A 149 8.52 9.16 8.08
CA MET A 149 8.55 7.81 7.53
C MET A 149 8.31 6.77 8.61
N VAL A 150 7.61 5.70 8.25
CA VAL A 150 7.40 4.63 9.18
C VAL A 150 8.51 3.61 9.06
N GLU A 151 8.84 3.01 10.17
CA GLU A 151 9.96 2.11 10.25
C GLU A 151 9.51 0.68 10.08
N VAL A 152 9.67 0.18 8.88
CA VAL A 152 9.13 -1.10 8.47
C VAL A 152 10.19 -2.20 8.54
N HIS A 153 10.11 -3.03 9.56
CA HIS A 153 11.09 -4.09 9.73
C HIS A 153 10.58 -5.40 9.13
N ALA A 154 11.20 -5.79 8.02
CA ALA A 154 10.81 -6.98 7.30
C ALA A 154 11.26 -8.23 8.02
N SER A 155 10.59 -9.33 7.69
CA SER A 155 10.79 -10.61 8.32
C SER A 155 12.24 -11.10 8.23
N SER A 156 12.99 -10.57 7.29
CA SER A 156 14.39 -10.94 7.13
C SER A 156 15.19 -9.78 6.57
N LYS A 157 16.51 -9.90 6.61
CA LYS A 157 17.39 -8.88 6.07
C LYS A 157 17.12 -8.73 4.58
N GLU A 158 16.95 -9.86 3.90
CA GLU A 158 16.61 -9.85 2.48
C GLU A 158 15.24 -9.23 2.24
N GLU A 159 14.29 -9.55 3.13
CA GLU A 159 12.90 -9.18 2.90
C GLU A 159 12.72 -7.67 2.85
N ARG A 160 13.62 -6.91 3.46
CA ARG A 160 13.51 -5.46 3.38
C ARG A 160 13.57 -5.07 1.91
N ASN A 161 14.55 -5.65 1.21
CA ASN A 161 14.70 -5.46 -0.23
C ASN A 161 13.54 -6.08 -0.95
N SER A 162 13.08 -7.20 -0.42
CA SER A 162 11.93 -7.89 -0.95
C SER A 162 10.70 -6.99 -0.96
N TRP A 163 10.64 -6.07 -0.01
CA TRP A 163 9.51 -5.17 0.09
C TRP A 163 9.80 -3.91 -0.71
N ILE A 164 11.05 -3.47 -0.64
CA ILE A 164 11.55 -2.38 -1.46
C ILE A 164 11.28 -2.63 -2.93
N GLN A 165 11.62 -3.82 -3.37
CA GLN A 165 11.45 -4.20 -4.75
C GLN A 165 10.00 -4.13 -5.17
N ILE A 166 9.09 -4.28 -4.21
CA ILE A 166 7.68 -4.33 -4.53
C ILE A 166 7.15 -2.96 -4.89
N ILE A 167 7.67 -1.91 -4.26
CA ILE A 167 7.34 -0.59 -4.70
C ILE A 167 8.04 -0.31 -6.02
N GLN A 168 9.27 -0.77 -6.10
CA GLN A 168 9.99 -0.79 -7.36
C GLN A 168 9.27 -1.69 -8.38
N ASP A 169 8.41 -2.58 -7.87
CA ASP A 169 7.63 -3.43 -8.74
C ASP A 169 6.36 -2.71 -9.18
N THR A 170 5.52 -2.38 -8.22
CA THR A 170 4.22 -1.77 -8.45
C THR A 170 4.35 -0.35 -9.00
N ILE A 171 4.97 0.56 -8.25
CA ILE A 171 4.99 1.98 -8.63
C ILE A 171 5.70 2.22 -9.94
N ASN A 172 6.71 1.41 -10.23
CA ASN A 172 7.47 1.58 -11.45
C ASN A 172 6.62 1.28 -12.67
N THR A 173 5.62 0.42 -12.49
CA THR A 173 4.67 0.12 -13.53
C THR A 173 3.46 1.06 -13.45
N LEU A 174 3.21 1.58 -12.25
CA LEU A 174 2.20 2.63 -12.06
C LEU A 174 2.64 3.89 -12.81
N ASN A 175 3.86 4.32 -12.53
CA ASN A 175 4.46 5.52 -13.12
C ASN A 175 4.56 5.42 -14.62
N ARG A 176 4.70 4.19 -15.08
CA ARG A 176 4.88 3.84 -16.44
C ARG A 176 3.95 4.61 -17.38
N ASP A 177 2.64 4.55 -17.11
CA ASP A 177 1.66 5.18 -17.98
C ASP A 177 1.32 6.59 -17.57
N GLU A 178 0.58 6.68 -16.47
CA GLU A 178 -0.07 7.90 -16.04
C GLU A 178 0.90 9.03 -15.65
N ASP A 179 0.29 10.15 -15.31
CA ASP A 179 1.00 11.41 -15.06
C ASP A 179 1.78 11.40 -13.75
N GLU A 180 1.47 10.43 -12.88
CA GLU A 180 2.17 10.24 -11.60
C GLU A 180 1.71 11.25 -10.56
N GLY A 181 2.01 10.94 -9.28
CA GLY A 181 1.75 11.88 -8.21
C GLY A 181 0.31 11.88 -7.76
N ILE A 182 0.03 11.20 -6.65
CA ILE A 182 -1.34 11.16 -6.14
C ILE A 182 -1.41 11.25 -4.60
N PRO A 183 -1.61 12.48 -4.07
CA PRO A 183 -1.93 12.70 -2.67
C PRO A 183 -3.43 12.49 -2.42
N SER A 184 -3.79 11.91 -1.26
CA SER A 184 -5.18 11.56 -0.97
C SER A 184 -5.70 10.55 -1.98
N GLU A 185 -4.77 9.83 -2.57
CA GLU A 185 -5.03 8.94 -3.69
C GLU A 185 -5.61 9.73 -4.86
N SER A 1 -8.62 8.62 -17.67
CA SER A 1 -7.17 8.42 -17.80
C SER A 1 -6.85 7.36 -18.85
N MET A 2 -7.63 6.28 -18.84
CA MET A 2 -7.42 5.19 -19.80
C MET A 2 -8.75 4.51 -20.14
N THR A 3 -9.84 5.29 -20.06
CA THR A 3 -11.18 4.79 -20.37
C THR A 3 -11.49 3.51 -19.61
N LYS A 4 -11.14 3.49 -18.33
CA LYS A 4 -11.31 2.31 -17.49
C LYS A 4 -11.92 2.72 -16.16
N ASP A 5 -12.21 1.73 -15.32
CA ASP A 5 -12.56 1.98 -13.93
C ASP A 5 -11.55 2.93 -13.33
N ASN A 6 -12.01 4.00 -12.68
CA ASN A 6 -11.11 5.03 -12.17
C ASN A 6 -10.24 4.47 -11.04
N GLU A 7 -10.57 3.28 -10.62
CA GLU A 7 -9.78 2.54 -9.64
C GLU A 7 -8.74 1.68 -10.36
N VAL A 8 -9.00 1.38 -11.62
CA VAL A 8 -8.22 0.38 -12.35
C VAL A 8 -7.39 0.98 -13.48
N GLU A 9 -7.60 2.26 -13.80
CA GLU A 9 -7.06 2.84 -15.04
C GLU A 9 -5.55 2.69 -15.20
N GLN A 10 -4.86 2.45 -14.09
CA GLN A 10 -3.41 2.30 -14.09
C GLN A 10 -2.94 1.03 -14.81
N GLU A 11 -1.82 1.18 -15.53
CA GLU A 11 -1.20 0.11 -16.33
C GLU A 11 -0.84 -1.06 -15.45
N ASP A 12 -0.62 -0.79 -14.17
CA ASP A 12 -0.33 -1.86 -13.23
C ASP A 12 -1.42 -2.95 -13.26
N LEU A 13 -2.62 -2.64 -13.75
CA LEU A 13 -3.66 -3.67 -13.85
C LEU A 13 -4.62 -3.50 -15.06
N ALA A 14 -4.65 -2.35 -15.71
CA ALA A 14 -5.67 -2.12 -16.73
C ALA A 14 -5.23 -1.12 -17.80
N GLN A 15 -5.65 -1.36 -19.03
CA GLN A 15 -5.48 -0.39 -20.11
C GLN A 15 -6.62 -0.49 -21.11
N SER A 16 -6.80 0.57 -21.89
CA SER A 16 -7.65 0.52 -23.05
C SER A 16 -6.75 0.37 -24.27
N LEU A 17 -5.96 -0.69 -24.24
CA LEU A 17 -4.89 -0.91 -25.21
C LEU A 17 -4.28 -2.28 -24.98
N SER A 18 -4.00 -2.58 -23.71
CA SER A 18 -3.45 -3.87 -23.29
C SER A 18 -3.64 -4.05 -21.81
N LEU A 19 -2.72 -4.79 -21.21
CA LEU A 19 -2.55 -4.83 -19.76
C LEU A 19 -3.67 -5.62 -19.11
N VAL A 20 -3.51 -6.96 -19.13
CA VAL A 20 -4.51 -7.94 -18.66
C VAL A 20 -5.94 -7.58 -19.09
N LYS A 21 -6.60 -6.72 -18.37
CA LYS A 21 -8.00 -6.46 -18.59
C LYS A 21 -8.21 -5.39 -19.64
N ASP A 22 -7.54 -5.56 -20.76
CA ASP A 22 -7.71 -4.70 -21.91
C ASP A 22 -9.15 -4.79 -22.43
N VAL A 23 -9.53 -6.01 -22.86
CA VAL A 23 -10.83 -6.29 -23.46
C VAL A 23 -10.80 -7.69 -24.09
N ILE A 24 -9.90 -8.53 -23.60
CA ILE A 24 -9.62 -9.81 -24.24
C ILE A 24 -10.04 -10.96 -23.34
N GLY A 25 -9.42 -12.12 -23.50
CA GLY A 25 -9.68 -13.22 -22.60
C GLY A 25 -9.18 -12.90 -21.22
N ALA A 26 -8.11 -12.11 -21.18
CA ALA A 26 -7.53 -11.66 -19.93
C ALA A 26 -8.40 -10.63 -19.25
N VAL A 27 -9.44 -10.17 -19.92
CA VAL A 27 -10.36 -9.20 -19.34
C VAL A 27 -11.19 -9.87 -18.26
N ASP A 28 -11.28 -11.18 -18.37
CA ASP A 28 -11.93 -12.02 -17.37
C ASP A 28 -11.16 -11.98 -16.05
N SER A 29 -9.92 -11.53 -16.10
CA SER A 29 -9.11 -11.42 -14.90
C SER A 29 -9.52 -10.23 -14.05
N LYS A 30 -10.53 -9.50 -14.50
CA LYS A 30 -11.09 -8.41 -13.72
C LYS A 30 -11.80 -8.94 -12.49
N VAL A 31 -12.53 -10.02 -12.64
CA VAL A 31 -13.26 -10.55 -11.53
C VAL A 31 -12.30 -11.09 -10.50
N ALA A 32 -11.13 -11.50 -10.95
CA ALA A 32 -10.11 -11.93 -10.04
C ALA A 32 -9.36 -10.72 -9.49
N SER A 33 -9.49 -9.60 -10.19
CA SER A 33 -9.11 -8.30 -9.65
C SER A 33 -10.13 -7.90 -8.59
N TYR A 34 -11.37 -8.31 -8.80
CA TYR A 34 -12.40 -8.23 -7.79
C TYR A 34 -12.08 -9.21 -6.67
N GLU A 35 -11.64 -10.42 -7.02
CA GLU A 35 -11.25 -11.41 -6.04
C GLU A 35 -10.03 -10.90 -5.27
N LYS A 36 -9.18 -10.16 -5.98
CA LYS A 36 -8.03 -9.49 -5.39
C LYS A 36 -8.49 -8.36 -4.48
N LYS A 37 -9.59 -7.75 -4.87
CA LYS A 37 -10.27 -6.74 -4.09
C LYS A 37 -11.11 -7.41 -3.01
N VAL A 38 -11.19 -8.71 -3.11
CA VAL A 38 -12.03 -9.52 -2.26
C VAL A 38 -11.29 -10.01 -1.02
N ARG A 39 -10.02 -10.42 -1.16
CA ARG A 39 -9.21 -10.62 0.04
C ARG A 39 -8.93 -9.27 0.65
N LEU A 40 -8.98 -8.26 -0.20
CA LEU A 40 -8.88 -6.89 0.26
C LEU A 40 -10.21 -6.45 0.85
N ASN A 41 -11.30 -7.02 0.37
CA ASN A 41 -12.63 -6.81 0.98
C ASN A 41 -12.64 -7.41 2.37
N GLU A 42 -12.02 -8.56 2.52
CA GLU A 42 -11.87 -9.20 3.81
C GLU A 42 -11.02 -8.32 4.69
N ILE A 43 -9.94 -7.87 4.10
CA ILE A 43 -9.00 -7.01 4.77
C ILE A 43 -9.53 -5.59 4.88
N TYR A 44 -10.56 -5.32 4.14
CA TYR A 44 -11.39 -4.14 4.30
C TYR A 44 -12.36 -4.37 5.46
N THR A 45 -12.66 -5.66 5.68
CA THR A 45 -13.75 -6.08 6.56
C THR A 45 -13.33 -6.22 8.03
N LYS A 46 -12.12 -6.74 8.28
CA LYS A 46 -11.63 -6.86 9.68
C LYS A 46 -11.10 -5.53 10.14
N THR A 47 -10.64 -4.76 9.18
CA THR A 47 -10.00 -3.50 9.46
C THR A 47 -10.97 -2.52 10.11
N ASP A 48 -10.56 -1.96 11.25
CA ASP A 48 -11.37 -1.01 11.99
C ASP A 48 -11.68 0.20 11.12
N SER A 49 -12.94 0.61 11.14
CA SER A 49 -13.43 1.62 10.22
C SER A 49 -12.92 3.03 10.56
N LYS A 50 -12.73 3.33 11.84
CA LYS A 50 -12.37 4.66 12.26
C LYS A 50 -10.98 4.79 12.88
N SER A 51 -10.34 3.66 13.18
CA SER A 51 -8.97 3.68 13.69
C SER A 51 -8.00 4.00 12.56
N ILE A 52 -8.05 5.24 12.09
CA ILE A 52 -7.34 5.66 10.90
C ILE A 52 -6.13 6.53 11.22
N MET A 53 -5.60 7.19 10.19
CA MET A 53 -4.42 8.02 10.32
C MET A 53 -4.33 8.98 9.14
N ARG A 54 -3.45 9.95 9.25
CA ARG A 54 -3.20 10.91 8.17
C ARG A 54 -1.99 10.49 7.36
N MET A 55 -2.18 10.43 6.06
CA MET A 55 -1.13 10.00 5.17
C MET A 55 -0.44 11.22 4.52
N LYS A 56 0.17 11.06 3.34
CA LYS A 56 1.02 12.11 2.75
C LYS A 56 0.39 13.50 2.75
N SER A 57 -0.90 13.59 2.46
CA SER A 57 -1.58 14.88 2.38
C SER A 57 -2.04 15.38 3.75
N GLY A 58 -2.35 14.44 4.64
CA GLY A 58 -2.83 14.80 5.96
C GLY A 58 -4.29 14.45 6.13
N GLN A 59 -4.79 13.69 5.16
CA GLN A 59 -6.19 13.33 5.09
C GLN A 59 -6.52 12.22 6.07
N MET A 60 -7.81 11.94 6.21
CA MET A 60 -8.26 10.78 6.95
C MET A 60 -8.44 9.64 6.00
N PHE A 61 -7.51 8.73 6.05
CA PHE A 61 -7.53 7.57 5.19
C PHE A 61 -8.16 6.42 5.93
N ALA A 62 -9.19 5.81 5.36
CA ALA A 62 -9.95 4.83 6.10
C ALA A 62 -10.20 3.55 5.34
N LYS A 63 -10.98 2.71 5.99
CA LYS A 63 -11.45 1.44 5.47
C LYS A 63 -12.01 1.56 4.05
N GLU A 64 -12.93 2.51 3.87
CA GLU A 64 -13.60 2.74 2.59
C GLU A 64 -12.62 2.86 1.42
N ASP A 65 -11.45 3.43 1.69
CA ASP A 65 -10.45 3.68 0.69
C ASP A 65 -9.83 2.40 0.12
N LEU A 66 -9.51 1.43 0.98
CA LEU A 66 -8.86 0.19 0.54
C LEU A 66 -9.77 -0.60 -0.39
N LYS A 67 -11.05 -0.38 -0.23
CA LYS A 67 -12.11 -1.11 -0.89
C LYS A 67 -11.98 -1.20 -2.43
N ARG A 68 -11.46 -0.16 -3.04
CA ARG A 68 -11.42 -0.08 -4.50
C ARG A 68 -10.02 -0.28 -5.04
N LYS A 69 -9.14 -0.59 -4.13
CA LYS A 69 -7.72 -0.73 -4.42
C LYS A 69 -7.34 -2.17 -4.77
N LYS A 70 -6.07 -2.39 -5.15
CA LYS A 70 -5.63 -3.71 -5.59
C LYS A 70 -4.64 -4.36 -4.64
N LEU A 71 -5.01 -5.55 -4.18
CA LEU A 71 -4.12 -6.42 -3.43
C LEU A 71 -2.92 -6.81 -4.30
N VAL A 72 -1.85 -6.05 -4.28
CA VAL A 72 -0.68 -6.42 -5.05
C VAL A 72 0.37 -7.11 -4.16
N ARG A 73 0.38 -6.75 -2.88
CA ARG A 73 1.18 -7.47 -1.90
C ARG A 73 0.54 -7.41 -0.51
N ASP A 74 0.77 -8.44 0.29
CA ASP A 74 0.31 -8.46 1.67
C ASP A 74 1.25 -9.29 2.53
N GLY A 75 1.75 -8.68 3.60
CA GLY A 75 2.62 -9.39 4.52
C GLY A 75 2.86 -8.60 5.78
N SER A 76 3.10 -9.30 6.87
CA SER A 76 3.29 -8.66 8.16
C SER A 76 4.72 -8.19 8.36
N VAL A 77 4.84 -6.96 8.85
CA VAL A 77 6.14 -6.35 9.10
C VAL A 77 6.13 -5.56 10.40
N PHE A 78 7.25 -5.59 11.10
CA PHE A 78 7.40 -4.89 12.38
C PHE A 78 7.56 -3.38 12.20
N LEU A 79 6.75 -2.62 12.93
CA LEU A 79 6.74 -1.16 12.89
C LEU A 79 7.34 -0.56 14.16
N LYS A 80 8.35 0.29 14.04
CA LYS A 80 8.88 1.00 15.20
C LYS A 80 8.08 2.28 15.40
N ASN A 81 7.49 2.45 16.56
CA ASN A 81 6.74 3.67 16.86
C ASN A 81 7.68 4.75 17.38
N ALA A 82 7.12 5.84 17.90
CA ALA A 82 7.93 6.94 18.42
C ALA A 82 8.78 6.48 19.60
N ALA A 83 8.44 5.32 20.13
CA ALA A 83 9.08 4.80 21.34
C ALA A 83 10.03 3.65 21.03
N GLY A 84 10.01 3.20 19.79
CA GLY A 84 10.85 2.10 19.37
C GLY A 84 10.34 0.76 19.83
N ARG A 85 9.03 0.63 19.86
CA ARG A 85 8.38 -0.59 20.29
C ARG A 85 7.65 -1.18 19.11
N LEU A 86 7.96 -2.42 18.82
CA LEU A 86 7.60 -3.03 17.57
C LEU A 86 6.25 -3.72 17.56
N LYS A 87 5.61 -3.60 16.40
CA LYS A 87 4.35 -4.26 16.09
C LYS A 87 4.48 -4.98 14.76
N GLU A 88 4.22 -6.27 14.73
CA GLU A 88 4.12 -6.94 13.45
C GLU A 88 2.76 -6.64 12.85
N VAL A 89 2.76 -5.79 11.86
CA VAL A 89 1.51 -5.31 11.27
C VAL A 89 1.27 -5.96 9.93
N GLN A 90 0.02 -6.05 9.54
CA GLN A 90 -0.34 -6.61 8.26
C GLN A 90 -0.21 -5.52 7.20
N ALA A 91 0.91 -5.54 6.48
CA ALA A 91 1.17 -4.53 5.46
C ALA A 91 0.53 -4.94 4.14
N VAL A 92 -0.40 -4.13 3.67
CA VAL A 92 -1.07 -4.42 2.43
C VAL A 92 -0.62 -3.42 1.39
N LEU A 93 0.33 -3.83 0.57
CA LEU A 93 0.73 -2.99 -0.53
C LEU A 93 -0.34 -3.08 -1.59
N LEU A 94 -1.04 -1.98 -1.78
CA LEU A 94 -2.02 -1.88 -2.84
C LEU A 94 -1.42 -1.14 -4.00
N THR A 95 -2.19 -0.96 -5.05
CA THR A 95 -1.72 -0.20 -6.20
C THR A 95 -1.91 1.28 -5.99
N ASP A 96 -2.53 1.63 -4.88
CA ASP A 96 -2.92 3.00 -4.62
C ASP A 96 -2.38 3.46 -3.27
N ILE A 97 -2.22 2.52 -2.35
CA ILE A 97 -1.62 2.82 -1.05
C ILE A 97 -0.74 1.70 -0.56
N LEU A 98 0.02 2.02 0.47
CA LEU A 98 0.84 1.08 1.19
C LEU A 98 0.41 1.13 2.65
N VAL A 99 -0.47 0.24 3.06
CA VAL A 99 -1.15 0.36 4.35
C VAL A 99 -0.69 -0.70 5.35
N PHE A 100 -0.46 -0.27 6.58
CA PHE A 100 -0.12 -1.18 7.66
C PHE A 100 -1.31 -1.41 8.54
N LEU A 101 -1.39 -2.59 9.12
CA LEU A 101 -2.53 -2.96 9.91
C LEU A 101 -2.12 -3.65 11.20
N GLN A 102 -2.49 -3.05 12.30
CA GLN A 102 -2.20 -3.60 13.61
C GLN A 102 -3.33 -4.54 14.01
N GLU A 103 -2.99 -5.76 14.41
CA GLU A 103 -4.02 -6.70 14.81
C GLU A 103 -4.52 -6.37 16.21
N LYS A 104 -5.75 -5.88 16.24
CA LYS A 104 -6.38 -5.39 17.45
C LYS A 104 -7.81 -5.88 17.51
N ASP A 105 -8.21 -6.47 18.63
CA ASP A 105 -9.58 -6.95 18.79
C ASP A 105 -9.96 -7.87 17.64
N GLN A 106 -9.20 -8.97 17.54
CA GLN A 106 -9.41 -10.05 16.56
C GLN A 106 -9.52 -9.56 15.12
N LYS A 107 -9.13 -8.33 14.89
CA LYS A 107 -9.20 -7.73 13.58
C LYS A 107 -8.00 -6.81 13.42
N TYR A 108 -8.03 -5.90 12.47
CA TYR A 108 -6.93 -4.98 12.32
C TYR A 108 -7.37 -3.54 12.45
N ILE A 109 -6.37 -2.68 12.54
CA ILE A 109 -6.52 -1.24 12.60
C ILE A 109 -5.37 -0.66 11.80
N PHE A 110 -5.39 0.63 11.53
CA PHE A 110 -4.42 1.21 10.60
C PHE A 110 -3.01 1.35 11.17
N ALA A 111 -2.77 0.72 12.32
CA ALA A 111 -1.46 0.76 12.98
C ALA A 111 -0.91 2.17 13.04
N SER A 112 -1.82 3.12 13.19
CA SER A 112 -1.58 4.55 12.93
C SER A 112 -0.25 5.09 13.46
N LEU A 113 0.24 4.52 14.56
CA LEU A 113 1.51 4.93 15.17
C LEU A 113 1.43 6.34 15.76
N ASP A 114 0.34 7.05 15.44
CA ASP A 114 0.02 8.35 16.04
C ASP A 114 0.94 9.45 15.51
N GLN A 115 1.59 9.21 14.38
CA GLN A 115 2.51 10.19 13.83
C GLN A 115 2.93 9.87 12.40
N LYS A 116 3.67 8.78 12.22
CA LYS A 116 4.26 8.45 10.93
C LYS A 116 3.21 8.06 9.90
N SER A 117 3.69 7.69 8.72
CA SER A 117 2.83 7.29 7.63
C SER A 117 2.60 5.79 7.69
N THR A 118 1.49 5.43 8.26
CA THR A 118 1.12 4.03 8.41
C THR A 118 0.24 3.59 7.24
N VAL A 119 0.01 4.53 6.32
CA VAL A 119 -0.65 4.28 5.05
C VAL A 119 -0.01 5.20 4.01
N ILE A 120 0.87 4.64 3.22
CA ILE A 120 1.64 5.43 2.27
C ILE A 120 0.98 5.37 0.91
N SER A 121 0.26 6.42 0.54
CA SER A 121 -0.35 6.49 -0.77
C SER A 121 0.69 6.22 -1.85
N LEU A 122 0.40 5.21 -2.66
CA LEU A 122 1.30 4.76 -3.72
C LEU A 122 1.60 5.83 -4.75
N LYS A 123 2.19 5.37 -5.83
CA LYS A 123 2.71 6.21 -6.89
C LYS A 123 3.64 7.27 -6.39
N LYS A 124 4.91 6.97 -6.60
CA LYS A 124 5.98 7.90 -6.36
C LYS A 124 6.22 8.04 -4.88
N LEU A 125 6.11 6.91 -4.23
CA LEU A 125 6.51 6.78 -2.85
C LEU A 125 8.02 6.66 -2.76
N ILE A 126 8.55 6.97 -1.61
CA ILE A 126 9.99 6.87 -1.42
C ILE A 126 10.29 5.70 -0.51
N VAL A 127 11.02 4.76 -1.03
CA VAL A 127 11.30 3.54 -0.32
C VAL A 127 12.80 3.39 -0.17
N ARG A 128 13.25 3.42 1.06
CA ARG A 128 14.67 3.51 1.36
C ARG A 128 15.12 2.40 2.26
N GLU A 129 16.42 2.23 2.30
CA GLU A 129 17.05 1.12 2.97
C GLU A 129 17.75 1.60 4.22
N VAL A 130 17.15 1.31 5.36
CA VAL A 130 17.65 1.74 6.66
C VAL A 130 19.10 1.30 6.89
N ALA A 131 19.88 2.17 7.49
CA ALA A 131 21.29 1.89 7.78
C ALA A 131 21.44 1.26 9.16
N HIS A 132 20.52 1.58 10.06
CA HIS A 132 20.63 1.12 11.44
C HIS A 132 19.84 -0.16 11.69
N GLU A 133 19.50 -0.86 10.62
CA GLU A 133 18.79 -2.16 10.68
C GLU A 133 19.08 -2.95 9.42
N GLU A 134 19.21 -4.27 9.54
CA GLU A 134 19.56 -5.11 8.41
C GLU A 134 18.31 -5.56 7.66
N LYS A 135 17.22 -5.74 8.39
CA LYS A 135 15.97 -6.16 7.79
C LYS A 135 14.97 -5.03 7.78
N GLY A 136 15.39 -3.88 8.26
CA GLY A 136 14.51 -2.74 8.30
C GLY A 136 14.38 -2.07 6.96
N LEU A 137 13.31 -1.32 6.78
CA LEU A 137 13.06 -0.61 5.56
C LEU A 137 12.19 0.60 5.88
N PHE A 138 12.50 1.73 5.26
CA PHE A 138 11.65 2.89 5.38
C PHE A 138 10.66 2.95 4.23
N LEU A 139 9.39 2.82 4.54
CA LEU A 139 8.37 3.07 3.54
C LEU A 139 7.88 4.49 3.74
N ILE A 140 8.40 5.39 2.92
CA ILE A 140 8.30 6.82 3.18
C ILE A 140 7.35 7.51 2.21
N SER A 141 6.84 8.65 2.64
CA SER A 141 5.91 9.44 1.85
C SER A 141 6.51 10.78 1.42
N MET A 142 7.84 10.87 1.42
CA MET A 142 8.54 12.08 0.98
C MET A 142 8.13 12.45 -0.43
N GLY A 143 7.70 13.68 -0.62
CA GLY A 143 7.25 14.12 -1.92
C GLY A 143 6.57 15.47 -1.87
N MET A 144 5.97 15.77 -0.74
CA MET A 144 5.27 17.04 -0.56
C MET A 144 6.12 18.01 0.23
N THR A 145 6.41 17.66 1.48
CA THR A 145 7.21 18.53 2.33
C THR A 145 7.84 17.73 3.47
N ASP A 146 7.05 16.99 4.22
CA ASP A 146 7.58 16.11 5.26
C ASP A 146 6.67 14.90 5.45
N PRO A 147 7.27 13.72 5.30
CA PRO A 147 6.54 12.46 5.33
C PRO A 147 6.35 11.85 6.73
N GLU A 148 7.38 11.94 7.57
CA GLU A 148 7.41 11.16 8.81
C GLU A 148 7.38 9.67 8.47
N MET A 149 8.52 9.17 8.01
CA MET A 149 8.60 7.80 7.53
C MET A 149 8.46 6.83 8.68
N VAL A 150 8.01 5.63 8.36
CA VAL A 150 7.85 4.61 9.37
C VAL A 150 8.86 3.48 9.16
N GLU A 151 9.20 2.86 10.27
CA GLU A 151 10.17 1.81 10.30
C GLU A 151 9.53 0.46 10.02
N VAL A 152 9.71 0.00 8.80
CA VAL A 152 9.17 -1.26 8.36
C VAL A 152 10.23 -2.35 8.44
N HIS A 153 10.20 -3.12 9.51
CA HIS A 153 11.17 -4.17 9.72
C HIS A 153 10.67 -5.47 9.09
N ALA A 154 11.27 -5.82 7.97
CA ALA A 154 10.90 -7.01 7.23
C ALA A 154 11.23 -8.27 8.02
N SER A 155 10.59 -9.37 7.65
CA SER A 155 10.79 -10.64 8.33
C SER A 155 12.27 -11.06 8.28
N SER A 156 12.95 -10.70 7.21
CA SER A 156 14.35 -11.09 7.04
C SER A 156 15.15 -9.97 6.42
N LYS A 157 16.48 -10.05 6.53
CA LYS A 157 17.36 -9.04 5.97
C LYS A 157 17.02 -8.76 4.50
N GLU A 158 16.90 -9.82 3.71
CA GLU A 158 16.61 -9.68 2.29
C GLU A 158 15.22 -9.11 2.04
N GLU A 159 14.28 -9.50 2.90
CA GLU A 159 12.87 -9.14 2.71
C GLU A 159 12.68 -7.63 2.65
N ARG A 160 13.57 -6.87 3.28
CA ARG A 160 13.49 -5.42 3.19
C ARG A 160 13.59 -4.99 1.72
N ASN A 161 14.60 -5.50 1.01
CA ASN A 161 14.74 -5.28 -0.42
C ASN A 161 13.61 -5.95 -1.18
N SER A 162 13.10 -7.02 -0.59
CA SER A 162 11.98 -7.75 -1.16
C SER A 162 10.74 -6.88 -1.16
N TRP A 163 10.68 -5.93 -0.24
CA TRP A 163 9.56 -5.03 -0.13
C TRP A 163 9.83 -3.79 -0.94
N ILE A 164 11.08 -3.32 -0.84
CA ILE A 164 11.56 -2.19 -1.62
C ILE A 164 11.31 -2.41 -3.10
N GLN A 165 11.71 -3.57 -3.58
CA GLN A 165 11.61 -3.90 -4.98
C GLN A 165 10.16 -3.84 -5.45
N ILE A 166 9.23 -4.00 -4.52
CA ILE A 166 7.84 -4.13 -4.86
C ILE A 166 7.12 -2.80 -5.00
N ILE A 167 7.60 -1.76 -4.35
CA ILE A 167 7.14 -0.44 -4.73
C ILE A 167 7.77 -0.12 -6.07
N GLN A 168 9.00 -0.57 -6.23
CA GLN A 168 9.66 -0.52 -7.53
C GLN A 168 8.96 -1.48 -8.49
N ASP A 169 8.20 -2.45 -7.95
CA ASP A 169 7.46 -3.38 -8.79
C ASP A 169 6.14 -2.76 -9.22
N THR A 170 5.39 -2.27 -8.25
CA THR A 170 4.06 -1.72 -8.46
C THR A 170 4.12 -0.31 -9.05
N ILE A 171 4.76 0.63 -8.35
CA ILE A 171 4.77 2.03 -8.78
C ILE A 171 5.40 2.20 -10.16
N ASN A 172 6.40 1.38 -10.47
CA ASN A 172 7.09 1.50 -11.74
C ASN A 172 6.16 1.19 -12.90
N THR A 173 5.18 0.35 -12.66
CA THR A 173 4.17 0.02 -13.66
C THR A 173 2.97 0.97 -13.56
N LEU A 174 2.80 1.58 -12.40
CA LEU A 174 1.81 2.63 -12.21
C LEU A 174 2.21 3.88 -12.99
N ASN A 175 3.48 4.23 -12.85
CA ASN A 175 4.06 5.40 -13.52
C ASN A 175 4.09 5.24 -15.02
N ARG A 176 4.03 4.00 -15.45
CA ARG A 176 4.06 3.64 -16.82
C ARG A 176 3.04 4.40 -17.65
N ASP A 177 1.81 4.46 -17.17
CA ASP A 177 0.73 5.15 -17.88
C ASP A 177 0.60 6.61 -17.49
N GLU A 178 0.08 6.83 -16.30
CA GLU A 178 -0.31 8.15 -15.85
C GLU A 178 0.83 8.96 -15.27
N ASP A 179 0.42 10.08 -14.67
CA ASP A 179 1.32 11.06 -14.03
C ASP A 179 2.23 10.44 -12.98
N GLU A 180 3.07 11.27 -12.39
CA GLU A 180 3.99 10.83 -11.36
C GLU A 180 3.87 11.68 -10.10
N GLY A 181 3.19 11.14 -9.10
CA GLY A 181 3.07 11.84 -7.83
C GLY A 181 1.65 12.13 -7.46
N ILE A 182 1.15 11.45 -6.44
CA ILE A 182 -0.22 11.64 -6.01
C ILE A 182 -0.37 11.61 -4.48
N PRO A 183 -0.72 12.76 -3.87
CA PRO A 183 -1.07 12.84 -2.46
C PRO A 183 -2.54 12.55 -2.22
N SER A 184 -2.87 11.99 -1.04
CA SER A 184 -4.25 11.68 -0.66
C SER A 184 -4.85 10.63 -1.59
N GLU A 185 -3.98 9.92 -2.28
CA GLU A 185 -4.36 8.93 -3.31
C GLU A 185 -5.44 9.51 -4.22
N SER A 1 -3.59 9.32 -22.34
CA SER A 1 -4.06 8.34 -21.34
C SER A 1 -5.13 7.44 -21.94
N MET A 2 -5.08 6.15 -21.61
CA MET A 2 -6.07 5.20 -22.12
C MET A 2 -7.27 5.16 -21.17
N THR A 3 -8.40 4.70 -21.68
CA THR A 3 -9.61 4.56 -20.89
C THR A 3 -9.36 3.69 -19.66
N LYS A 4 -9.39 4.30 -18.49
CA LYS A 4 -9.11 3.61 -17.25
C LYS A 4 -10.20 3.89 -16.23
N ASP A 5 -10.89 2.84 -15.79
CA ASP A 5 -11.81 3.00 -14.67
C ASP A 5 -11.02 3.45 -13.45
N ASN A 6 -11.68 4.08 -12.50
CA ASN A 6 -10.98 4.75 -11.42
C ASN A 6 -10.47 3.78 -10.35
N GLU A 7 -10.65 2.49 -10.58
CA GLU A 7 -9.97 1.46 -9.80
C GLU A 7 -8.95 0.76 -10.68
N VAL A 8 -9.00 1.08 -11.97
CA VAL A 8 -8.21 0.43 -12.99
C VAL A 8 -7.15 1.40 -13.54
N GLU A 9 -7.15 2.61 -12.97
CA GLU A 9 -6.34 3.75 -13.43
C GLU A 9 -4.82 3.53 -13.34
N GLN A 10 -4.38 2.29 -13.24
CA GLN A 10 -2.98 1.96 -13.22
C GLN A 10 -2.62 0.99 -14.33
N GLU A 11 -1.46 1.19 -14.95
CA GLU A 11 -0.95 0.23 -15.93
C GLU A 11 -0.33 -0.94 -15.21
N ASP A 12 0.03 -0.72 -13.95
CA ASP A 12 0.59 -1.78 -13.13
C ASP A 12 -0.29 -3.02 -13.17
N LEU A 13 -1.59 -2.81 -13.31
CA LEU A 13 -2.53 -3.90 -13.48
C LEU A 13 -3.90 -3.34 -13.89
N ALA A 14 -4.48 -3.95 -14.93
CA ALA A 14 -5.86 -3.65 -15.37
C ALA A 14 -5.96 -2.46 -16.31
N GLN A 15 -6.54 -2.70 -17.48
CA GLN A 15 -7.00 -1.64 -18.36
C GLN A 15 -8.40 -1.99 -18.85
N SER A 16 -9.19 -1.00 -19.23
CA SER A 16 -10.51 -1.26 -19.76
C SER A 16 -10.40 -1.51 -21.28
N LEU A 17 -9.37 -2.26 -21.66
CA LEU A 17 -9.06 -2.49 -23.07
C LEU A 17 -7.86 -3.45 -23.16
N SER A 18 -6.89 -3.27 -22.27
CA SER A 18 -5.70 -4.12 -22.23
C SER A 18 -5.36 -4.45 -20.79
N LEU A 19 -4.10 -4.79 -20.57
CA LEU A 19 -3.53 -4.86 -19.22
C LEU A 19 -4.23 -5.92 -18.38
N VAL A 20 -3.69 -7.15 -18.44
CA VAL A 20 -4.33 -8.39 -17.91
C VAL A 20 -5.78 -8.53 -18.35
N LYS A 21 -6.67 -7.74 -17.79
CA LYS A 21 -8.07 -7.80 -18.11
C LYS A 21 -8.32 -7.06 -19.43
N ASP A 22 -7.55 -7.47 -20.43
CA ASP A 22 -7.56 -6.86 -21.75
C ASP A 22 -8.93 -7.06 -22.43
N VAL A 23 -9.18 -8.29 -22.88
CA VAL A 23 -10.46 -8.65 -23.49
C VAL A 23 -10.41 -10.11 -23.96
N ILE A 24 -9.46 -10.86 -23.44
CA ILE A 24 -9.16 -12.20 -23.94
C ILE A 24 -9.43 -13.24 -22.85
N GLY A 25 -8.72 -14.36 -22.88
CA GLY A 25 -8.83 -15.34 -21.84
C GLY A 25 -8.37 -14.79 -20.51
N ALA A 26 -7.35 -13.95 -20.59
CA ALA A 26 -6.80 -13.30 -19.42
C ALA A 26 -7.73 -12.23 -18.87
N VAL A 27 -8.81 -11.96 -19.59
CA VAL A 27 -9.76 -10.96 -19.15
C VAL A 27 -10.55 -11.50 -17.97
N ASP A 28 -10.59 -12.82 -17.90
CA ASP A 28 -11.22 -13.52 -16.79
C ASP A 28 -10.48 -13.24 -15.48
N SER A 29 -9.29 -12.67 -15.59
CA SER A 29 -8.52 -12.32 -14.42
C SER A 29 -9.02 -11.03 -13.78
N LYS A 30 -9.99 -10.37 -14.42
CA LYS A 30 -10.59 -9.18 -13.84
C LYS A 30 -11.42 -9.51 -12.62
N VAL A 31 -12.22 -10.57 -12.71
CA VAL A 31 -13.04 -10.95 -11.59
C VAL A 31 -12.15 -11.43 -10.47
N ALA A 32 -10.97 -11.89 -10.82
CA ALA A 32 -10.02 -12.28 -9.82
C ALA A 32 -9.27 -11.06 -9.32
N SER A 33 -9.23 -10.01 -10.14
CA SER A 33 -8.86 -8.68 -9.68
C SER A 33 -9.93 -8.17 -8.72
N TYR A 34 -11.17 -8.55 -8.98
CA TYR A 34 -12.26 -8.34 -8.03
C TYR A 34 -12.04 -9.22 -6.82
N GLU A 35 -11.62 -10.46 -7.04
CA GLU A 35 -11.34 -11.39 -5.96
C GLU A 35 -10.15 -10.88 -5.13
N LYS A 36 -9.28 -10.15 -5.80
CA LYS A 36 -8.13 -9.51 -5.16
C LYS A 36 -8.60 -8.29 -4.38
N LYS A 37 -9.65 -7.68 -4.90
CA LYS A 37 -10.37 -6.60 -4.26
C LYS A 37 -11.28 -7.19 -3.19
N VAL A 38 -11.36 -8.50 -3.21
CA VAL A 38 -12.24 -9.26 -2.37
C VAL A 38 -11.53 -9.76 -1.11
N ARG A 39 -10.26 -10.22 -1.22
CA ARG A 39 -9.49 -10.42 0.00
C ARG A 39 -9.16 -9.06 0.57
N LEU A 40 -9.20 -8.06 -0.28
CA LEU A 40 -9.06 -6.70 0.17
C LEU A 40 -10.39 -6.21 0.73
N ASN A 41 -11.50 -6.78 0.26
CA ASN A 41 -12.80 -6.58 0.91
C ASN A 41 -12.81 -7.22 2.28
N GLU A 42 -12.17 -8.37 2.37
CA GLU A 42 -12.00 -9.07 3.64
C GLU A 42 -11.15 -8.23 4.55
N ILE A 43 -10.07 -7.76 3.98
CA ILE A 43 -9.13 -6.92 4.66
C ILE A 43 -9.66 -5.49 4.79
N TYR A 44 -10.69 -5.21 4.05
CA TYR A 44 -11.50 -4.03 4.24
C TYR A 44 -12.45 -4.28 5.42
N THR A 45 -12.80 -5.56 5.60
CA THR A 45 -13.88 -5.98 6.47
C THR A 45 -13.46 -6.09 7.95
N LYS A 46 -12.25 -6.59 8.22
CA LYS A 46 -11.78 -6.72 9.61
C LYS A 46 -11.25 -5.38 10.08
N THR A 47 -10.73 -4.62 9.15
CA THR A 47 -10.07 -3.38 9.45
C THR A 47 -11.01 -2.39 10.15
N ASP A 48 -10.56 -1.88 11.30
CA ASP A 48 -11.33 -0.93 12.07
C ASP A 48 -11.54 0.35 11.27
N SER A 49 -12.81 0.73 11.11
CA SER A 49 -13.19 1.80 10.20
C SER A 49 -12.57 3.15 10.57
N LYS A 50 -12.46 3.45 11.86
CA LYS A 50 -11.99 4.74 12.30
C LYS A 50 -10.62 4.73 12.96
N SER A 51 -9.99 3.57 12.97
CA SER A 51 -8.62 3.48 13.47
C SER A 51 -7.63 4.05 12.47
N ILE A 52 -7.88 5.27 12.06
CA ILE A 52 -7.20 5.80 10.90
C ILE A 52 -5.96 6.61 11.26
N MET A 53 -5.40 7.27 10.25
CA MET A 53 -4.12 7.94 10.36
C MET A 53 -4.11 9.18 9.45
N ARG A 54 -2.94 9.74 9.22
CA ARG A 54 -2.77 10.78 8.22
C ARG A 54 -1.59 10.46 7.31
N MET A 55 -1.90 10.22 6.04
CA MET A 55 -0.88 9.88 5.05
C MET A 55 -0.26 11.13 4.42
N LYS A 56 0.07 11.06 3.12
CA LYS A 56 0.95 12.04 2.46
C LYS A 56 0.65 13.50 2.81
N SER A 57 -0.59 13.92 2.65
CA SER A 57 -0.93 15.34 2.82
C SER A 57 -1.32 15.65 4.25
N GLY A 58 -1.64 14.62 5.01
CA GLY A 58 -2.15 14.81 6.35
C GLY A 58 -3.63 14.52 6.39
N GLN A 59 -4.08 13.79 5.39
CA GLN A 59 -5.48 13.46 5.23
C GLN A 59 -5.88 12.33 6.17
N MET A 60 -7.18 12.15 6.33
CA MET A 60 -7.70 10.98 7.03
C MET A 60 -7.99 9.90 6.02
N PHE A 61 -7.25 8.83 6.12
CA PHE A 61 -7.43 7.68 5.26
C PHE A 61 -8.16 6.60 6.02
N ALA A 62 -9.22 6.05 5.48
CA ALA A 62 -9.98 5.06 6.23
C ALA A 62 -10.28 3.79 5.46
N LYS A 63 -10.87 2.88 6.21
CA LYS A 63 -11.35 1.58 5.73
C LYS A 63 -11.99 1.67 4.34
N GLU A 64 -12.96 2.57 4.20
CA GLU A 64 -13.71 2.77 2.95
C GLU A 64 -12.82 2.80 1.71
N ASP A 65 -11.61 3.29 1.87
CA ASP A 65 -10.72 3.55 0.74
C ASP A 65 -10.06 2.29 0.17
N LEU A 66 -9.65 1.36 1.03
CA LEU A 66 -8.95 0.15 0.58
C LEU A 66 -9.86 -0.69 -0.33
N LYS A 67 -11.14 -0.47 -0.15
CA LYS A 67 -12.22 -1.20 -0.80
C LYS A 67 -11.94 -1.63 -2.23
N ARG A 68 -11.69 -0.67 -3.10
CA ARG A 68 -11.64 -0.92 -4.54
C ARG A 68 -10.22 -1.10 -5.05
N LYS A 69 -9.28 -0.92 -4.17
CA LYS A 69 -7.86 -1.00 -4.50
C LYS A 69 -7.42 -2.41 -4.92
N LYS A 70 -6.18 -2.53 -5.43
CA LYS A 70 -5.66 -3.82 -5.84
C LYS A 70 -4.73 -4.42 -4.79
N LEU A 71 -5.09 -5.60 -4.31
CA LEU A 71 -4.23 -6.42 -3.47
C LEU A 71 -2.98 -6.84 -4.28
N VAL A 72 -1.90 -6.06 -4.23
CA VAL A 72 -0.72 -6.42 -5.02
C VAL A 72 0.34 -7.15 -4.18
N ARG A 73 0.40 -6.86 -2.89
CA ARG A 73 1.20 -7.65 -1.95
C ARG A 73 0.70 -7.49 -0.52
N ASP A 74 0.88 -8.53 0.28
CA ASP A 74 0.56 -8.48 1.71
C ASP A 74 1.64 -9.24 2.50
N GLY A 75 2.04 -8.67 3.63
CA GLY A 75 3.01 -9.33 4.49
C GLY A 75 3.15 -8.60 5.81
N SER A 76 3.48 -9.33 6.86
CA SER A 76 3.60 -8.74 8.18
C SER A 76 5.01 -8.22 8.43
N VAL A 77 5.06 -6.98 8.85
CA VAL A 77 6.31 -6.30 9.13
C VAL A 77 6.22 -5.51 10.41
N PHE A 78 7.29 -5.53 11.17
CA PHE A 78 7.33 -4.79 12.43
C PHE A 78 7.37 -3.28 12.19
N LEU A 79 6.83 -2.53 13.13
CA LEU A 79 6.72 -1.07 13.01
C LEU A 79 7.26 -0.38 14.25
N LYS A 80 8.33 0.39 14.10
CA LYS A 80 8.88 1.14 15.23
C LYS A 80 8.08 2.42 15.44
N ASN A 81 7.39 2.51 16.57
CA ASN A 81 6.68 3.75 16.92
C ASN A 81 7.67 4.77 17.42
N ALA A 82 7.19 5.88 17.99
CA ALA A 82 8.09 6.93 18.47
C ALA A 82 8.83 6.49 19.73
N ALA A 83 8.63 5.24 20.12
CA ALA A 83 9.27 4.67 21.29
C ALA A 83 10.09 3.47 20.88
N GLY A 84 9.98 3.14 19.60
CA GLY A 84 10.67 2.01 19.04
C GLY A 84 10.18 0.68 19.57
N ARG A 85 8.87 0.59 19.69
CA ARG A 85 8.24 -0.63 20.14
C ARG A 85 7.49 -1.24 18.98
N LEU A 86 7.89 -2.44 18.62
CA LEU A 86 7.49 -3.03 17.36
C LEU A 86 6.16 -3.76 17.41
N LYS A 87 5.43 -3.57 16.34
CA LYS A 87 4.19 -4.26 16.05
C LYS A 87 4.36 -5.02 14.75
N GLU A 88 4.13 -6.31 14.75
CA GLU A 88 4.17 -7.05 13.50
C GLU A 88 2.83 -6.85 12.80
N VAL A 89 2.81 -5.93 11.86
CA VAL A 89 1.58 -5.50 11.24
C VAL A 89 1.40 -6.18 9.90
N GLN A 90 0.17 -6.42 9.53
CA GLN A 90 -0.12 -7.00 8.24
C GLN A 90 -0.12 -5.87 7.21
N ALA A 91 1.00 -5.71 6.53
CA ALA A 91 1.15 -4.64 5.56
C ALA A 91 0.54 -5.04 4.24
N VAL A 92 -0.24 -4.15 3.68
CA VAL A 92 -0.88 -4.42 2.43
C VAL A 92 -0.40 -3.40 1.40
N LEU A 93 0.45 -3.84 0.51
CA LEU A 93 0.79 -3.06 -0.67
C LEU A 93 -0.38 -3.14 -1.65
N LEU A 94 -1.00 -2.00 -1.91
CA LEU A 94 -2.08 -1.89 -2.89
C LEU A 94 -1.54 -1.13 -4.07
N THR A 95 -2.36 -0.91 -5.09
CA THR A 95 -1.92 -0.16 -6.26
C THR A 95 -2.15 1.33 -6.09
N ASP A 96 -2.58 1.72 -4.90
CA ASP A 96 -2.93 3.11 -4.64
C ASP A 96 -2.45 3.53 -3.25
N ILE A 97 -2.25 2.55 -2.37
CA ILE A 97 -1.68 2.82 -1.07
C ILE A 97 -0.83 1.68 -0.57
N LEU A 98 -0.05 1.97 0.46
CA LEU A 98 0.77 1.01 1.14
C LEU A 98 0.38 1.03 2.61
N VAL A 99 -0.52 0.15 3.01
CA VAL A 99 -1.19 0.29 4.29
C VAL A 99 -0.75 -0.76 5.30
N PHE A 100 -0.52 -0.32 6.52
CA PHE A 100 -0.15 -1.22 7.60
C PHE A 100 -1.35 -1.50 8.48
N LEU A 101 -1.46 -2.73 8.94
CA LEU A 101 -2.62 -3.12 9.71
C LEU A 101 -2.21 -3.91 10.95
N GLN A 102 -2.49 -3.33 12.09
CA GLN A 102 -2.16 -3.94 13.37
C GLN A 102 -3.33 -4.81 13.82
N GLU A 103 -3.06 -6.04 14.24
CA GLU A 103 -4.11 -6.95 14.65
C GLU A 103 -4.59 -6.59 16.06
N LYS A 104 -5.79 -6.06 16.10
CA LYS A 104 -6.38 -5.52 17.31
C LYS A 104 -7.84 -5.91 17.39
N ASP A 105 -8.27 -6.43 18.52
CA ASP A 105 -9.68 -6.78 18.72
C ASP A 105 -10.14 -7.69 17.60
N GLN A 106 -9.48 -8.85 17.51
CA GLN A 106 -9.77 -9.92 16.53
C GLN A 106 -9.91 -9.41 15.09
N LYS A 107 -9.34 -8.25 14.82
CA LYS A 107 -9.37 -7.67 13.50
C LYS A 107 -8.13 -6.80 13.33
N TYR A 108 -8.12 -5.90 12.37
CA TYR A 108 -6.97 -5.03 12.21
C TYR A 108 -7.36 -3.58 12.39
N ILE A 109 -6.33 -2.76 12.43
CA ILE A 109 -6.44 -1.32 12.55
C ILE A 109 -5.29 -0.74 11.75
N PHE A 110 -5.32 0.55 11.45
CA PHE A 110 -4.37 1.13 10.50
C PHE A 110 -2.94 1.22 11.03
N ALA A 111 -2.68 0.57 12.18
CA ALA A 111 -1.35 0.58 12.80
C ALA A 111 -0.83 1.99 12.90
N SER A 112 -1.76 2.91 13.05
CA SER A 112 -1.55 4.34 12.81
C SER A 112 -0.32 4.91 13.47
N LEU A 113 0.10 4.29 14.58
CA LEU A 113 1.30 4.72 15.30
C LEU A 113 1.11 6.07 15.98
N ASP A 114 0.18 6.86 15.44
CA ASP A 114 -0.15 8.20 15.94
C ASP A 114 1.03 9.13 15.79
N GLN A 115 1.97 8.75 14.93
CA GLN A 115 3.18 9.52 14.71
C GLN A 115 3.44 9.70 13.22
N LYS A 116 3.89 8.61 12.60
CA LYS A 116 4.32 8.63 11.22
C LYS A 116 3.21 8.20 10.28
N SER A 117 3.58 7.90 9.04
CA SER A 117 2.63 7.45 8.03
C SER A 117 2.53 5.94 8.06
N THR A 118 1.33 5.44 8.26
CA THR A 118 1.10 4.00 8.38
C THR A 118 0.22 3.50 7.25
N VAL A 119 0.11 4.35 6.23
CA VAL A 119 -0.55 4.03 4.99
C VAL A 119 0.02 4.98 3.95
N ILE A 120 0.86 4.44 3.10
CA ILE A 120 1.62 5.24 2.19
C ILE A 120 0.91 5.31 0.86
N SER A 121 0.29 6.44 0.55
CA SER A 121 -0.34 6.60 -0.75
C SER A 121 0.70 6.21 -1.80
N LEU A 122 0.39 5.16 -2.55
CA LEU A 122 1.34 4.49 -3.42
C LEU A 122 2.12 5.40 -4.34
N LYS A 123 1.42 5.93 -5.33
CA LYS A 123 2.07 6.52 -6.48
C LYS A 123 3.11 7.54 -6.12
N LYS A 124 4.33 7.16 -6.46
CA LYS A 124 5.51 7.98 -6.30
C LYS A 124 5.92 8.05 -4.84
N LEU A 125 5.87 6.90 -4.18
CA LEU A 125 6.35 6.77 -2.83
C LEU A 125 7.88 6.66 -2.81
N ILE A 126 8.45 6.94 -1.67
CA ILE A 126 9.87 6.78 -1.49
C ILE A 126 10.11 5.62 -0.55
N VAL A 127 10.83 4.64 -1.03
CA VAL A 127 11.14 3.47 -0.25
C VAL A 127 12.65 3.35 -0.12
N ARG A 128 13.13 3.55 1.10
CA ARG A 128 14.55 3.72 1.35
C ARG A 128 15.11 2.61 2.21
N GLU A 129 16.34 2.25 1.93
CA GLU A 129 17.02 1.17 2.63
C GLU A 129 17.74 1.71 3.86
N VAL A 130 17.19 1.41 5.02
CA VAL A 130 17.71 1.92 6.30
C VAL A 130 19.17 1.54 6.52
N ALA A 131 19.91 2.44 7.14
CA ALA A 131 21.31 2.21 7.47
C ALA A 131 21.48 1.75 8.91
N HIS A 132 20.63 2.26 9.80
CA HIS A 132 20.73 1.96 11.22
C HIS A 132 20.07 0.62 11.54
N GLU A 133 19.56 -0.02 10.50
CA GLU A 133 18.97 -1.36 10.60
C GLU A 133 19.28 -2.13 9.33
N GLU A 134 19.31 -3.44 9.42
CA GLU A 134 19.61 -4.26 8.26
C GLU A 134 18.31 -4.73 7.61
N LYS A 135 17.23 -4.70 8.36
CA LYS A 135 15.92 -5.06 7.84
C LYS A 135 14.86 -4.06 8.27
N GLY A 136 15.26 -2.82 8.53
CA GLY A 136 14.32 -1.81 9.00
C GLY A 136 13.95 -0.81 7.92
N LEU A 137 13.54 -1.32 6.78
CA LEU A 137 13.28 -0.51 5.59
C LEU A 137 12.28 0.63 5.86
N PHE A 138 12.51 1.78 5.22
CA PHE A 138 11.60 2.92 5.35
C PHE A 138 10.61 2.97 4.20
N LEU A 139 9.33 2.84 4.50
CA LEU A 139 8.30 3.13 3.50
C LEU A 139 7.85 4.57 3.72
N ILE A 140 8.32 5.46 2.85
CA ILE A 140 8.27 6.88 3.11
C ILE A 140 7.31 7.60 2.16
N SER A 141 6.85 8.77 2.61
CA SER A 141 5.92 9.58 1.86
C SER A 141 6.59 10.88 1.37
N MET A 142 7.92 10.90 1.40
CA MET A 142 8.70 12.04 0.97
C MET A 142 8.44 12.40 -0.50
N GLY A 143 7.47 13.27 -0.71
CA GLY A 143 7.14 13.70 -2.06
C GLY A 143 6.49 15.07 -2.08
N MET A 144 6.63 15.79 -0.98
CA MET A 144 6.05 17.12 -0.85
C MET A 144 6.98 18.02 -0.05
N THR A 145 7.01 17.82 1.26
CA THR A 145 7.84 18.62 2.13
C THR A 145 8.47 17.75 3.23
N ASP A 146 7.65 17.15 4.09
CA ASP A 146 8.16 16.27 5.14
C ASP A 146 7.20 15.13 5.40
N PRO A 147 7.71 13.92 5.19
CA PRO A 147 6.92 12.69 5.27
C PRO A 147 6.75 12.14 6.69
N GLU A 148 7.85 12.09 7.46
CA GLU A 148 7.87 11.35 8.71
C GLU A 148 7.58 9.87 8.42
N MET A 149 8.63 9.18 7.96
CA MET A 149 8.48 7.81 7.48
C MET A 149 8.24 6.85 8.63
N VAL A 150 7.72 5.69 8.29
CA VAL A 150 7.56 4.64 9.27
C VAL A 150 8.61 3.57 9.08
N GLU A 151 8.98 2.96 10.19
CA GLU A 151 9.99 1.94 10.21
C GLU A 151 9.40 0.58 9.91
N VAL A 152 9.64 0.11 8.71
CA VAL A 152 9.14 -1.17 8.27
C VAL A 152 10.24 -2.22 8.42
N HIS A 153 10.19 -2.95 9.52
CA HIS A 153 11.19 -3.95 9.78
C HIS A 153 10.74 -5.30 9.24
N ALA A 154 11.31 -5.65 8.09
CA ALA A 154 10.96 -6.87 7.39
C ALA A 154 11.35 -8.10 8.20
N SER A 155 10.83 -9.25 7.80
CA SER A 155 11.15 -10.51 8.46
C SER A 155 12.67 -10.69 8.60
N SER A 156 13.41 -10.22 7.60
CA SER A 156 14.84 -10.35 7.60
C SER A 156 15.52 -9.34 6.69
N LYS A 157 16.84 -9.30 6.72
CA LYS A 157 17.64 -8.33 5.97
C LYS A 157 17.23 -8.34 4.49
N GLU A 158 17.06 -9.54 3.94
CA GLU A 158 16.69 -9.69 2.53
C GLU A 158 15.30 -9.13 2.26
N GLU A 159 14.37 -9.41 3.16
CA GLU A 159 12.97 -9.07 2.95
C GLU A 159 12.77 -7.57 2.83
N ARG A 160 13.70 -6.79 3.35
CA ARG A 160 13.60 -5.35 3.23
C ARG A 160 13.64 -4.99 1.74
N ASN A 161 14.60 -5.54 1.01
CA ASN A 161 14.68 -5.36 -0.44
C ASN A 161 13.50 -6.04 -1.11
N SER A 162 13.01 -7.09 -0.47
CA SER A 162 11.87 -7.83 -0.96
C SER A 162 10.63 -6.95 -0.95
N TRP A 163 10.60 -5.98 -0.05
CA TRP A 163 9.47 -5.08 0.04
C TRP A 163 9.73 -3.83 -0.77
N ILE A 164 11.00 -3.41 -0.77
CA ILE A 164 11.45 -2.31 -1.60
C ILE A 164 11.14 -2.55 -3.07
N GLN A 165 11.44 -3.75 -3.52
CA GLN A 165 11.24 -4.11 -4.89
C GLN A 165 9.77 -4.05 -5.28
N ILE A 166 8.89 -4.09 -4.28
CA ILE A 166 7.47 -4.15 -4.53
C ILE A 166 6.90 -2.78 -4.86
N ILE A 167 7.44 -1.75 -4.25
CA ILE A 167 7.08 -0.41 -4.67
C ILE A 167 7.78 -0.12 -5.98
N GLN A 168 9.01 -0.60 -6.09
CA GLN A 168 9.72 -0.61 -7.35
C GLN A 168 9.03 -1.55 -8.33
N ASP A 169 8.16 -2.40 -7.81
CA ASP A 169 7.33 -3.25 -8.64
C ASP A 169 6.11 -2.47 -9.13
N THR A 170 5.23 -2.17 -8.17
CA THR A 170 3.94 -1.57 -8.44
C THR A 170 4.07 -0.14 -8.97
N ILE A 171 4.73 0.74 -8.23
CA ILE A 171 4.77 2.16 -8.60
C ILE A 171 5.51 2.37 -9.91
N ASN A 172 6.47 1.51 -10.22
CA ASN A 172 7.24 1.67 -11.42
C ASN A 172 6.36 1.47 -12.65
N THR A 173 5.39 0.58 -12.53
CA THR A 173 4.45 0.33 -13.60
C THR A 173 3.21 1.22 -13.45
N LEU A 174 2.98 1.74 -12.25
CA LEU A 174 1.99 2.80 -12.04
C LEU A 174 2.42 4.05 -12.80
N ASN A 175 3.66 4.42 -12.59
CA ASN A 175 4.25 5.60 -13.21
C ASN A 175 4.18 5.53 -14.73
N ARG A 176 4.26 4.30 -15.22
CA ARG A 176 4.32 4.00 -16.59
C ARG A 176 3.26 4.72 -17.43
N ASP A 177 1.98 4.59 -17.04
CA ASP A 177 0.90 5.20 -17.81
C ASP A 177 0.56 6.61 -17.37
N GLU A 178 -0.05 6.72 -16.20
CA GLU A 178 -0.60 7.97 -15.72
C GLU A 178 0.44 9.07 -15.56
N ASP A 179 -0.08 10.26 -15.25
CA ASP A 179 0.69 11.50 -15.25
C ASP A 179 1.65 11.60 -14.08
N GLU A 180 1.44 10.74 -13.07
CA GLU A 180 2.38 10.55 -11.96
C GLU A 180 2.26 11.62 -10.89
N GLY A 181 2.36 11.18 -9.64
CA GLY A 181 2.50 12.10 -8.53
C GLY A 181 1.19 12.57 -7.96
N ILE A 182 0.72 11.90 -6.92
CA ILE A 182 -0.53 12.26 -6.28
C ILE A 182 -0.48 12.00 -4.77
N PRO A 183 -0.70 13.04 -3.95
CA PRO A 183 -0.76 12.90 -2.50
C PRO A 183 -2.16 12.54 -2.02
N SER A 184 -2.25 11.80 -0.91
CA SER A 184 -3.52 11.28 -0.42
C SER A 184 -4.27 10.54 -1.52
N GLU A 185 -3.95 9.27 -1.69
CA GLU A 185 -4.48 8.49 -2.79
C GLU A 185 -5.79 7.82 -2.40
N SER A 1 -4.94 8.80 -22.58
CA SER A 1 -5.70 8.01 -21.59
C SER A 1 -6.47 6.90 -22.28
N MET A 2 -6.51 5.73 -21.67
CA MET A 2 -7.28 4.61 -22.19
C MET A 2 -8.48 4.37 -21.28
N THR A 3 -9.32 3.43 -21.66
CA THR A 3 -10.47 3.07 -20.85
C THR A 3 -10.01 2.45 -19.54
N LYS A 4 -10.22 3.18 -18.44
CA LYS A 4 -9.87 2.69 -17.12
C LYS A 4 -11.02 2.93 -16.17
N ASP A 5 -11.53 1.87 -15.56
CA ASP A 5 -12.45 2.03 -14.45
C ASP A 5 -11.74 2.87 -13.39
N ASN A 6 -12.49 3.59 -12.57
CA ASN A 6 -11.90 4.58 -11.67
C ASN A 6 -11.04 3.93 -10.59
N GLU A 7 -11.20 2.63 -10.41
CA GLU A 7 -10.31 1.88 -9.52
C GLU A 7 -9.25 1.16 -10.34
N VAL A 8 -9.35 1.30 -11.64
CA VAL A 8 -8.50 0.59 -12.60
C VAL A 8 -7.55 1.57 -13.31
N GLU A 9 -7.64 2.83 -12.92
CA GLU A 9 -6.86 3.90 -13.55
C GLU A 9 -5.37 3.81 -13.22
N GLN A 10 -4.93 2.65 -12.76
CA GLN A 10 -3.53 2.43 -12.44
C GLN A 10 -2.97 1.34 -13.34
N GLU A 11 -1.96 1.68 -14.13
CA GLU A 11 -1.41 0.78 -15.14
C GLU A 11 -0.81 -0.48 -14.55
N ASP A 12 -0.29 -0.37 -13.33
CA ASP A 12 0.45 -1.47 -12.70
C ASP A 12 -0.18 -2.84 -12.98
N LEU A 13 -1.49 -2.96 -12.84
CA LEU A 13 -2.17 -4.19 -13.18
C LEU A 13 -3.67 -3.94 -13.31
N ALA A 14 -4.06 -3.15 -14.31
CA ALA A 14 -5.46 -2.83 -14.53
C ALA A 14 -5.68 -1.95 -15.77
N GLN A 15 -6.27 -2.50 -16.81
CA GLN A 15 -6.86 -1.71 -17.87
C GLN A 15 -8.19 -2.33 -18.26
N SER A 16 -9.15 -1.49 -18.62
CA SER A 16 -10.44 -1.98 -19.06
C SER A 16 -10.40 -2.32 -20.56
N LEU A 17 -9.20 -2.64 -21.05
CA LEU A 17 -8.99 -2.99 -22.45
C LEU A 17 -7.56 -3.55 -22.65
N SER A 18 -6.90 -3.85 -21.53
CA SER A 18 -5.52 -4.34 -21.52
C SER A 18 -5.09 -4.64 -20.11
N LEU A 19 -3.80 -4.91 -19.95
CA LEU A 19 -3.12 -4.90 -18.64
C LEU A 19 -3.49 -6.11 -17.78
N VAL A 20 -4.77 -6.47 -17.80
CA VAL A 20 -5.29 -7.66 -17.15
C VAL A 20 -6.69 -7.93 -17.66
N LYS A 21 -7.59 -7.05 -17.30
CA LYS A 21 -8.99 -7.21 -17.58
C LYS A 21 -9.33 -6.53 -18.90
N ASP A 22 -8.65 -6.98 -19.95
CA ASP A 22 -8.74 -6.36 -21.25
C ASP A 22 -10.14 -6.49 -21.86
N VAL A 23 -10.40 -7.65 -22.45
CA VAL A 23 -11.68 -7.95 -23.10
C VAL A 23 -11.64 -9.35 -23.73
N ILE A 24 -10.56 -10.11 -23.50
CA ILE A 24 -10.34 -11.35 -24.23
C ILE A 24 -10.24 -12.58 -23.31
N GLY A 25 -9.04 -12.87 -22.83
CA GLY A 25 -8.81 -14.10 -22.09
C GLY A 25 -8.26 -13.84 -20.72
N ALA A 26 -7.27 -12.96 -20.66
CA ALA A 26 -6.75 -12.49 -19.40
C ALA A 26 -7.82 -11.67 -18.69
N VAL A 27 -8.84 -11.31 -19.45
CA VAL A 27 -9.98 -10.57 -18.95
C VAL A 27 -10.67 -11.33 -17.83
N ASP A 28 -10.53 -12.65 -17.88
CA ASP A 28 -11.08 -13.54 -16.85
C ASP A 28 -10.40 -13.28 -15.50
N SER A 29 -9.33 -12.50 -15.52
CA SER A 29 -8.65 -12.13 -14.28
C SER A 29 -9.34 -10.95 -13.60
N LYS A 30 -10.42 -10.46 -14.19
CA LYS A 30 -11.17 -9.38 -13.56
C LYS A 30 -11.90 -9.89 -12.33
N VAL A 31 -12.48 -11.06 -12.43
CA VAL A 31 -13.18 -11.63 -11.29
C VAL A 31 -12.19 -11.90 -10.18
N ALA A 32 -10.96 -12.16 -10.57
CA ALA A 32 -9.93 -12.37 -9.59
C ALA A 32 -9.35 -11.03 -9.15
N SER A 33 -9.60 -9.99 -9.95
CA SER A 33 -9.39 -8.63 -9.52
C SER A 33 -10.49 -8.26 -8.54
N TYR A 34 -11.65 -8.87 -8.72
CA TYR A 34 -12.71 -8.85 -7.73
C TYR A 34 -12.31 -9.70 -6.54
N GLU A 35 -11.69 -10.84 -6.78
CA GLU A 35 -11.20 -11.70 -5.71
C GLU A 35 -10.06 -11.00 -4.98
N LYS A 36 -9.38 -10.12 -5.70
CA LYS A 36 -8.33 -9.28 -5.15
C LYS A 36 -8.94 -8.10 -4.39
N LYS A 37 -10.11 -7.69 -4.84
CA LYS A 37 -10.94 -6.70 -4.16
C LYS A 37 -11.70 -7.39 -3.04
N VAL A 38 -11.65 -8.71 -3.09
CA VAL A 38 -12.31 -9.57 -2.14
C VAL A 38 -11.36 -9.89 -1.01
N ARG A 39 -10.10 -10.09 -1.37
CA ARG A 39 -9.03 -10.15 -0.41
C ARG A 39 -9.03 -8.86 0.37
N LEU A 40 -9.18 -7.80 -0.39
CA LEU A 40 -9.22 -6.48 0.17
C LEU A 40 -10.58 -6.17 0.75
N ASN A 41 -11.61 -6.92 0.35
CA ASN A 41 -12.91 -6.85 1.02
C ASN A 41 -12.78 -7.48 2.39
N GLU A 42 -11.98 -8.53 2.45
CA GLU A 42 -11.68 -9.22 3.69
C GLU A 42 -10.85 -8.33 4.56
N ILE A 43 -9.85 -7.76 3.95
CA ILE A 43 -8.95 -6.88 4.63
C ILE A 43 -9.56 -5.49 4.79
N TYR A 44 -10.61 -5.26 4.07
CA TYR A 44 -11.52 -4.16 4.34
C TYR A 44 -12.34 -4.53 5.57
N THR A 45 -12.74 -5.81 5.62
CA THR A 45 -13.73 -6.33 6.55
C THR A 45 -13.22 -6.39 8.01
N LYS A 46 -11.99 -6.86 8.24
CA LYS A 46 -11.47 -6.97 9.62
C LYS A 46 -11.00 -5.61 10.09
N THR A 47 -10.60 -4.79 9.15
CA THR A 47 -10.03 -3.51 9.45
C THR A 47 -11.05 -2.59 10.13
N ASP A 48 -10.65 -2.03 11.27
CA ASP A 48 -11.50 -1.11 12.01
C ASP A 48 -11.75 0.13 11.16
N SER A 49 -13.02 0.54 11.09
CA SER A 49 -13.47 1.59 10.20
C SER A 49 -12.85 2.96 10.52
N LYS A 50 -12.82 3.33 11.79
CA LYS A 50 -12.42 4.66 12.18
C LYS A 50 -11.04 4.74 12.84
N SER A 51 -10.43 3.60 13.09
CA SER A 51 -9.08 3.57 13.63
C SER A 51 -8.08 3.94 12.53
N ILE A 52 -8.12 5.20 12.12
CA ILE A 52 -7.40 5.67 10.97
C ILE A 52 -6.18 6.52 11.34
N MET A 53 -5.61 7.18 10.33
CA MET A 53 -4.37 7.92 10.49
C MET A 53 -4.37 9.15 9.58
N ARG A 54 -3.19 9.72 9.36
CA ARG A 54 -3.00 10.71 8.32
C ARG A 54 -1.82 10.31 7.45
N MET A 55 -2.03 10.28 6.14
CA MET A 55 -0.98 9.90 5.21
C MET A 55 -0.29 11.12 4.60
N LYS A 56 0.23 11.01 3.37
CA LYS A 56 1.12 12.03 2.79
C LYS A 56 0.62 13.46 2.96
N SER A 57 -0.67 13.67 2.74
CA SER A 57 -1.24 15.01 2.78
C SER A 57 -1.66 15.41 4.19
N GLY A 58 -2.05 14.42 4.99
CA GLY A 58 -2.51 14.70 6.34
C GLY A 58 -3.98 14.38 6.48
N GLN A 59 -4.50 13.78 5.43
CA GLN A 59 -5.90 13.44 5.34
C GLN A 59 -6.27 12.27 6.25
N MET A 60 -7.56 12.02 6.37
CA MET A 60 -8.05 10.83 7.04
C MET A 60 -8.28 9.74 6.02
N PHE A 61 -7.48 8.71 6.13
CA PHE A 61 -7.58 7.58 5.24
C PHE A 61 -8.31 6.46 5.98
N ALA A 62 -9.36 5.91 5.38
CA ALA A 62 -10.15 4.92 6.10
C ALA A 62 -10.43 3.65 5.31
N LYS A 63 -11.26 2.83 5.92
CA LYS A 63 -11.65 1.52 5.45
C LYS A 63 -12.16 1.49 4.00
N GLU A 64 -13.19 2.28 3.67
CA GLU A 64 -13.80 2.26 2.33
C GLU A 64 -12.82 2.61 1.22
N ASP A 65 -11.78 3.33 1.57
CA ASP A 65 -10.74 3.66 0.63
C ASP A 65 -10.06 2.40 0.11
N LEU A 66 -9.60 1.60 1.05
CA LEU A 66 -8.95 0.32 0.79
C LEU A 66 -9.76 -0.55 -0.15
N LYS A 67 -11.04 -0.61 0.18
CA LYS A 67 -12.05 -1.41 -0.50
C LYS A 67 -11.84 -1.60 -2.00
N ARG A 68 -11.63 -0.50 -2.70
CA ARG A 68 -11.66 -0.51 -4.16
C ARG A 68 -10.29 -0.77 -4.78
N LYS A 69 -9.30 -0.77 -3.94
CA LYS A 69 -7.91 -0.85 -4.38
C LYS A 69 -7.50 -2.25 -4.87
N LYS A 70 -6.28 -2.36 -5.38
CA LYS A 70 -5.77 -3.64 -5.87
C LYS A 70 -4.79 -4.28 -4.90
N LEU A 71 -5.17 -5.46 -4.42
CA LEU A 71 -4.28 -6.32 -3.65
C LEU A 71 -3.07 -6.72 -4.52
N VAL A 72 -1.95 -6.01 -4.42
CA VAL A 72 -0.77 -6.39 -5.19
C VAL A 72 0.26 -7.13 -4.33
N ARG A 73 0.30 -6.82 -3.04
CA ARG A 73 1.10 -7.58 -2.08
C ARG A 73 0.52 -7.46 -0.67
N ASP A 74 0.75 -8.48 0.16
CA ASP A 74 0.35 -8.45 1.55
C ASP A 74 1.33 -9.25 2.41
N GLY A 75 1.76 -8.67 3.53
CA GLY A 75 2.63 -9.36 4.45
C GLY A 75 2.87 -8.57 5.72
N SER A 76 3.10 -9.27 6.82
CA SER A 76 3.30 -8.63 8.12
C SER A 76 4.74 -8.18 8.33
N VAL A 77 4.86 -6.95 8.81
CA VAL A 77 6.14 -6.32 9.08
C VAL A 77 6.06 -5.48 10.34
N PHE A 78 7.16 -5.42 11.07
CA PHE A 78 7.20 -4.65 12.32
C PHE A 78 7.22 -3.15 12.05
N LEU A 79 6.73 -2.38 13.02
CA LEU A 79 6.65 -0.92 12.89
C LEU A 79 7.23 -0.25 14.13
N LYS A 80 8.35 0.45 13.98
CA LYS A 80 8.93 1.15 15.12
C LYS A 80 8.21 2.48 15.31
N ASN A 81 7.48 2.61 16.40
CA ASN A 81 6.79 3.86 16.71
C ASN A 81 7.79 4.86 17.27
N ALA A 82 7.30 6.01 17.75
CA ALA A 82 8.19 7.04 18.28
C ALA A 82 8.91 6.53 19.53
N ALA A 83 8.45 5.40 20.04
CA ALA A 83 8.98 4.85 21.27
C ALA A 83 9.90 3.67 20.99
N GLY A 84 9.94 3.25 19.74
CA GLY A 84 10.74 2.11 19.35
C GLY A 84 10.13 0.80 19.77
N ARG A 85 8.82 0.74 19.69
CA ARG A 85 8.08 -0.44 20.08
C ARG A 85 7.40 -1.02 18.86
N LEU A 86 7.72 -2.25 18.56
CA LEU A 86 7.32 -2.84 17.31
C LEU A 86 5.97 -3.52 17.34
N LYS A 87 5.33 -3.43 16.20
CA LYS A 87 4.07 -4.10 15.91
C LYS A 87 4.22 -4.84 14.60
N GLU A 88 4.07 -6.14 14.60
CA GLU A 88 4.07 -6.86 13.36
C GLU A 88 2.73 -6.65 12.68
N VAL A 89 2.71 -5.72 11.76
CA VAL A 89 1.47 -5.24 11.17
C VAL A 89 1.25 -5.91 9.83
N GLN A 90 0.00 -6.03 9.46
CA GLN A 90 -0.34 -6.60 8.17
C GLN A 90 -0.21 -5.51 7.12
N ALA A 91 0.91 -5.51 6.41
CA ALA A 91 1.17 -4.51 5.40
C ALA A 91 0.52 -4.93 4.09
N VAL A 92 -0.39 -4.11 3.62
CA VAL A 92 -1.10 -4.41 2.40
C VAL A 92 -0.68 -3.43 1.33
N LEU A 93 0.21 -3.88 0.48
CA LEU A 93 0.62 -3.09 -0.66
C LEU A 93 -0.47 -3.17 -1.71
N LEU A 94 -1.13 -2.04 -1.91
CA LEU A 94 -2.12 -1.91 -2.95
C LEU A 94 -1.50 -1.16 -4.11
N THR A 95 -2.24 -0.94 -5.16
CA THR A 95 -1.74 -0.15 -6.27
C THR A 95 -1.94 1.35 -6.00
N ASP A 96 -2.53 1.64 -4.86
CA ASP A 96 -2.94 2.99 -4.53
C ASP A 96 -2.37 3.42 -3.19
N ILE A 97 -2.25 2.47 -2.27
CA ILE A 97 -1.65 2.75 -0.97
C ILE A 97 -0.80 1.59 -0.47
N LEU A 98 0.07 1.91 0.48
CA LEU A 98 0.87 0.95 1.21
C LEU A 98 0.41 1.00 2.68
N VAL A 99 -0.51 0.13 3.05
CA VAL A 99 -1.18 0.29 4.34
C VAL A 99 -0.70 -0.73 5.36
N PHE A 100 -0.54 -0.27 6.60
CA PHE A 100 -0.16 -1.13 7.70
C PHE A 100 -1.36 -1.41 8.58
N LEU A 101 -1.42 -2.61 9.11
CA LEU A 101 -2.57 -3.01 9.89
C LEU A 101 -2.16 -3.71 11.16
N GLN A 102 -2.50 -3.11 12.27
CA GLN A 102 -2.18 -3.65 13.58
C GLN A 102 -3.33 -4.55 14.02
N GLU A 103 -3.04 -5.80 14.36
CA GLU A 103 -4.09 -6.73 14.75
C GLU A 103 -4.56 -6.45 16.17
N LYS A 104 -5.78 -5.94 16.24
CA LYS A 104 -6.39 -5.54 17.49
C LYS A 104 -7.83 -6.03 17.52
N ASP A 105 -8.19 -6.72 18.60
CA ASP A 105 -9.57 -7.17 18.75
C ASP A 105 -9.94 -8.06 17.57
N GLN A 106 -9.17 -9.15 17.45
CA GLN A 106 -9.36 -10.22 16.44
C GLN A 106 -9.44 -9.69 15.00
N LYS A 107 -9.08 -8.44 14.81
CA LYS A 107 -9.15 -7.82 13.50
C LYS A 107 -7.98 -6.87 13.37
N TYR A 108 -8.02 -5.96 12.42
CA TYR A 108 -6.93 -5.02 12.27
C TYR A 108 -7.41 -3.60 12.44
N ILE A 109 -6.42 -2.72 12.48
CA ILE A 109 -6.61 -1.29 12.56
C ILE A 109 -5.46 -0.69 11.76
N PHE A 110 -5.49 0.61 11.49
CA PHE A 110 -4.52 1.20 10.57
C PHE A 110 -3.13 1.34 11.16
N ALA A 111 -2.89 0.67 12.28
CA ALA A 111 -1.60 0.70 12.96
C ALA A 111 -1.13 2.13 13.18
N SER A 112 -2.10 3.03 13.24
CA SER A 112 -1.81 4.46 13.29
C SER A 112 -0.83 4.78 14.38
N LEU A 113 0.31 5.27 13.97
CA LEU A 113 1.42 5.51 14.87
C LEU A 113 1.34 6.91 15.47
N ASP A 114 0.49 7.74 14.86
CA ASP A 114 0.25 9.12 15.31
C ASP A 114 1.53 9.93 15.28
N GLN A 115 2.50 9.46 14.52
CA GLN A 115 3.78 10.13 14.36
C GLN A 115 4.10 10.20 12.88
N LYS A 116 4.34 9.02 12.33
CA LYS A 116 4.72 8.88 10.94
C LYS A 116 3.52 8.44 10.11
N SER A 117 3.79 7.94 8.92
CA SER A 117 2.73 7.50 8.01
C SER A 117 2.54 6.00 8.15
N THR A 118 1.31 5.57 8.35
CA THR A 118 1.02 4.16 8.54
C THR A 118 0.14 3.64 7.39
N VAL A 119 0.05 4.44 6.36
CA VAL A 119 -0.59 4.08 5.11
C VAL A 119 -0.04 4.99 4.03
N ILE A 120 0.78 4.42 3.18
CA ILE A 120 1.56 5.18 2.24
C ILE A 120 0.84 5.25 0.90
N SER A 121 0.17 6.35 0.61
CA SER A 121 -0.43 6.50 -0.71
C SER A 121 0.64 6.24 -1.77
N LEU A 122 0.47 5.10 -2.42
CA LEU A 122 1.49 4.47 -3.26
C LEU A 122 2.25 5.43 -4.16
N LYS A 123 1.61 5.79 -5.25
CA LYS A 123 2.28 6.42 -6.36
C LYS A 123 3.30 7.46 -5.96
N LYS A 124 4.53 7.09 -6.25
CA LYS A 124 5.68 7.93 -6.06
C LYS A 124 6.02 8.02 -4.59
N LEU A 125 6.00 6.86 -3.96
CA LEU A 125 6.50 6.69 -2.63
C LEU A 125 8.01 6.59 -2.66
N ILE A 126 8.64 6.84 -1.54
CA ILE A 126 10.08 6.74 -1.44
C ILE A 126 10.41 5.60 -0.50
N VAL A 127 11.17 4.67 -0.99
CA VAL A 127 11.47 3.46 -0.26
C VAL A 127 12.97 3.30 -0.16
N ARG A 128 13.48 3.26 1.06
CA ARG A 128 14.92 3.29 1.25
C ARG A 128 15.41 2.20 2.16
N GLU A 129 16.67 1.86 1.96
CA GLU A 129 17.31 0.78 2.65
C GLU A 129 18.06 1.30 3.86
N VAL A 130 17.44 1.16 5.01
CA VAL A 130 17.95 1.63 6.29
C VAL A 130 19.41 1.24 6.52
N ALA A 131 20.18 2.15 7.09
CA ALA A 131 21.60 1.92 7.36
C ALA A 131 21.82 1.36 8.76
N HIS A 132 20.99 1.77 9.71
CA HIS A 132 21.15 1.35 11.10
C HIS A 132 20.52 -0.01 11.33
N GLU A 133 19.93 -0.56 10.28
CA GLU A 133 19.22 -1.82 10.36
C GLU A 133 19.56 -2.68 9.15
N GLU A 134 19.37 -3.97 9.30
CA GLU A 134 19.61 -4.90 8.22
C GLU A 134 18.30 -5.24 7.54
N LYS A 135 17.20 -5.05 8.27
CA LYS A 135 15.88 -5.34 7.75
C LYS A 135 14.88 -4.30 8.22
N GLY A 136 15.33 -3.07 8.42
CA GLY A 136 14.44 -2.02 8.91
C GLY A 136 14.06 -1.03 7.85
N LEU A 137 13.53 -1.53 6.74
CA LEU A 137 13.23 -0.73 5.56
C LEU A 137 12.33 0.46 5.89
N PHE A 138 12.60 1.59 5.26
CA PHE A 138 11.75 2.76 5.40
C PHE A 138 10.74 2.82 4.27
N LEU A 139 9.46 2.82 4.60
CA LEU A 139 8.45 3.09 3.59
C LEU A 139 8.00 4.54 3.76
N ILE A 140 8.51 5.38 2.89
CA ILE A 140 8.45 6.83 3.09
C ILE A 140 7.52 7.51 2.07
N SER A 141 7.03 8.69 2.44
CA SER A 141 6.17 9.48 1.56
C SER A 141 6.79 10.84 1.23
N MET A 142 8.11 10.91 1.19
CA MET A 142 8.80 12.12 0.76
C MET A 142 8.34 12.52 -0.62
N GLY A 143 7.93 13.76 -0.78
CA GLY A 143 7.39 14.21 -2.04
C GLY A 143 6.78 15.60 -1.94
N MET A 144 6.22 15.92 -0.78
CA MET A 144 5.56 17.20 -0.57
C MET A 144 6.44 18.15 0.21
N THR A 145 7.00 17.66 1.32
CA THR A 145 7.84 18.48 2.18
C THR A 145 8.52 17.61 3.24
N ASP A 146 7.71 16.95 4.05
CA ASP A 146 8.23 16.09 5.10
C ASP A 146 7.26 14.94 5.37
N PRO A 147 7.73 13.75 5.04
CA PRO A 147 6.92 12.53 5.04
C PRO A 147 6.70 11.94 6.43
N GLU A 148 7.71 12.03 7.29
CA GLU A 148 7.73 11.27 8.53
C GLU A 148 7.62 9.78 8.19
N MET A 149 8.75 9.21 7.79
CA MET A 149 8.77 7.82 7.33
C MET A 149 8.57 6.87 8.50
N VAL A 150 7.93 5.76 8.23
CA VAL A 150 7.73 4.76 9.27
C VAL A 150 8.74 3.63 9.12
N GLU A 151 9.09 3.06 10.25
CA GLU A 151 10.14 2.08 10.32
C GLU A 151 9.59 0.67 10.13
N VAL A 152 9.74 0.17 8.91
CA VAL A 152 9.19 -1.11 8.51
C VAL A 152 10.25 -2.20 8.56
N HIS A 153 10.25 -2.98 9.63
CA HIS A 153 11.21 -4.06 9.76
C HIS A 153 10.68 -5.32 9.09
N ALA A 154 11.26 -5.65 7.95
CA ALA A 154 10.91 -6.86 7.22
C ALA A 154 11.31 -8.08 8.01
N SER A 155 10.71 -9.22 7.68
CA SER A 155 11.01 -10.48 8.37
C SER A 155 12.52 -10.70 8.50
N SER A 156 13.26 -10.33 7.47
CA SER A 156 14.70 -10.59 7.46
C SER A 156 15.41 -9.61 6.52
N LYS A 157 16.75 -9.69 6.49
CA LYS A 157 17.57 -8.76 5.74
C LYS A 157 17.12 -8.65 4.29
N GLU A 158 16.86 -9.79 3.67
CA GLU A 158 16.49 -9.82 2.26
C GLU A 158 15.12 -9.21 2.04
N GLU A 159 14.20 -9.49 2.95
CA GLU A 159 12.81 -9.09 2.79
C GLU A 159 12.65 -7.59 2.71
N ARG A 160 13.57 -6.84 3.31
CA ARG A 160 13.51 -5.38 3.20
C ARG A 160 13.60 -5.00 1.73
N ASN A 161 14.57 -5.60 1.04
CA ASN A 161 14.75 -5.40 -0.39
C ASN A 161 13.60 -6.01 -1.15
N SER A 162 13.12 -7.13 -0.61
CA SER A 162 11.98 -7.82 -1.16
C SER A 162 10.76 -6.92 -1.20
N TRP A 163 10.70 -5.97 -0.27
CA TRP A 163 9.59 -5.06 -0.19
C TRP A 163 9.90 -3.82 -1.00
N ILE A 164 11.15 -3.38 -0.89
CA ILE A 164 11.68 -2.27 -1.68
C ILE A 164 11.42 -2.48 -3.16
N GLN A 165 11.79 -3.65 -3.63
CA GLN A 165 11.68 -3.98 -5.03
C GLN A 165 10.25 -3.89 -5.51
N ILE A 166 9.31 -4.04 -4.58
CA ILE A 166 7.92 -4.12 -4.91
C ILE A 166 7.23 -2.78 -5.00
N ILE A 167 7.73 -1.77 -4.32
CA ILE A 167 7.30 -0.44 -4.66
C ILE A 167 7.96 -0.09 -5.98
N GLN A 168 9.19 -0.57 -6.15
CA GLN A 168 9.85 -0.51 -7.43
C GLN A 168 9.15 -1.45 -8.42
N ASP A 169 8.33 -2.38 -7.91
CA ASP A 169 7.56 -3.24 -8.79
C ASP A 169 6.26 -2.54 -9.21
N THR A 170 5.46 -2.17 -8.21
CA THR A 170 4.15 -1.58 -8.42
C THR A 170 4.23 -0.14 -8.94
N ILE A 171 4.88 0.76 -8.19
CA ILE A 171 4.87 2.18 -8.54
C ILE A 171 5.61 2.44 -9.85
N ASN A 172 6.62 1.64 -10.14
CA ASN A 172 7.38 1.79 -11.35
C ASN A 172 6.52 1.48 -12.57
N THR A 173 5.48 0.69 -12.36
CA THR A 173 4.49 0.44 -13.39
C THR A 173 3.32 1.42 -13.28
N LEU A 174 3.10 1.98 -12.09
CA LEU A 174 2.10 3.03 -11.91
C LEU A 174 2.45 4.26 -12.73
N ASN A 175 3.66 4.75 -12.53
CA ASN A 175 4.12 5.98 -13.18
C ASN A 175 4.30 5.78 -14.67
N ARG A 176 4.56 4.55 -15.03
CA ARG A 176 4.72 4.10 -16.36
C ARG A 176 3.73 4.76 -17.33
N ASP A 177 2.44 4.58 -17.06
CA ASP A 177 1.42 5.20 -17.90
C ASP A 177 1.02 6.55 -17.37
N GLU A 178 0.51 6.50 -16.14
CA GLU A 178 0.00 7.68 -15.44
C GLU A 178 1.05 8.76 -15.24
N ASP A 179 0.63 9.81 -14.54
CA ASP A 179 1.51 10.93 -14.18
C ASP A 179 2.49 10.50 -13.09
N GLU A 180 3.17 11.46 -12.47
CA GLU A 180 4.08 11.14 -11.39
C GLU A 180 3.91 12.06 -10.19
N GLY A 181 3.30 11.52 -9.14
CA GLY A 181 3.21 12.22 -7.88
C GLY A 181 1.81 12.60 -7.49
N ILE A 182 1.23 11.87 -6.55
CA ILE A 182 -0.14 12.11 -6.14
C ILE A 182 -0.33 11.97 -4.61
N PRO A 183 -0.67 13.08 -3.94
CA PRO A 183 -1.06 13.07 -2.52
C PRO A 183 -2.57 12.87 -2.36
N SER A 184 -3.00 12.38 -1.19
CA SER A 184 -4.41 12.09 -0.95
C SER A 184 -4.95 11.10 -1.98
N GLU A 185 -4.03 10.30 -2.50
CA GLU A 185 -4.30 9.44 -3.63
C GLU A 185 -4.75 10.29 -4.84
N SER A 1 -8.43 5.68 -25.17
CA SER A 1 -9.72 5.42 -25.85
C SER A 1 -10.71 4.77 -24.88
N MET A 2 -10.24 3.84 -24.06
CA MET A 2 -11.10 3.15 -23.12
C MET A 2 -10.48 3.11 -21.73
N THR A 3 -10.95 3.98 -20.86
CA THR A 3 -10.55 3.96 -19.46
C THR A 3 -11.23 2.78 -18.75
N LYS A 4 -10.87 2.54 -17.50
CA LYS A 4 -11.31 1.34 -16.81
C LYS A 4 -11.69 1.64 -15.37
N ASP A 5 -12.59 2.62 -15.16
CA ASP A 5 -13.03 3.00 -13.81
C ASP A 5 -11.92 3.70 -13.05
N ASN A 6 -12.24 4.78 -12.34
CA ASN A 6 -11.21 5.61 -11.68
C ASN A 6 -10.43 4.83 -10.62
N GLU A 7 -10.95 3.68 -10.23
CA GLU A 7 -10.32 2.86 -9.20
C GLU A 7 -9.53 1.71 -9.82
N VAL A 8 -9.80 1.45 -11.10
CA VAL A 8 -9.16 0.36 -11.82
C VAL A 8 -8.21 0.87 -12.92
N GLU A 9 -8.60 1.97 -13.57
CA GLU A 9 -7.98 2.49 -14.81
C GLU A 9 -6.45 2.47 -14.83
N GLN A 10 -5.83 2.68 -13.67
CA GLN A 10 -4.38 2.64 -13.53
C GLN A 10 -3.75 1.46 -14.29
N GLU A 11 -2.83 1.80 -15.21
CA GLU A 11 -2.24 0.82 -16.17
C GLU A 11 -1.72 -0.41 -15.47
N ASP A 12 -1.29 -0.24 -14.23
CA ASP A 12 -0.86 -1.34 -13.39
C ASP A 12 -1.70 -2.62 -13.61
N LEU A 13 -3.00 -2.47 -13.82
CA LEU A 13 -3.87 -3.62 -14.02
C LEU A 13 -5.19 -3.19 -14.65
N ALA A 14 -5.09 -2.47 -15.78
CA ALA A 14 -6.27 -2.02 -16.50
C ALA A 14 -5.90 -1.41 -17.82
N GLN A 15 -6.90 -1.07 -18.63
CA GLN A 15 -6.65 -0.62 -19.96
C GLN A 15 -6.16 0.83 -20.00
N SER A 16 -7.01 1.75 -20.48
CA SER A 16 -6.56 3.07 -20.90
C SER A 16 -5.40 2.91 -21.91
N LEU A 17 -5.30 1.70 -22.45
CA LEU A 17 -4.22 1.25 -23.31
C LEU A 17 -4.37 -0.26 -23.59
N SER A 18 -4.14 -1.07 -22.55
CA SER A 18 -4.15 -2.53 -22.68
C SER A 18 -4.37 -3.20 -21.33
N LEU A 19 -3.57 -4.24 -21.08
CA LEU A 19 -3.40 -4.83 -19.76
C LEU A 19 -4.51 -5.79 -19.38
N VAL A 20 -4.11 -7.06 -19.25
CA VAL A 20 -4.91 -8.14 -18.65
C VAL A 20 -6.41 -8.11 -19.00
N LYS A 21 -7.18 -7.31 -18.28
CA LYS A 21 -8.63 -7.33 -18.39
C LYS A 21 -9.13 -6.41 -19.49
N ASP A 22 -8.56 -6.60 -20.67
CA ASP A 22 -8.96 -5.84 -21.85
C ASP A 22 -9.85 -6.71 -22.75
N VAL A 23 -10.70 -7.51 -22.09
CA VAL A 23 -11.63 -8.40 -22.78
C VAL A 23 -10.87 -9.40 -23.66
N ILE A 24 -9.81 -9.95 -23.09
CA ILE A 24 -9.01 -10.95 -23.78
C ILE A 24 -9.13 -12.29 -23.05
N GLY A 25 -8.10 -13.12 -23.12
CA GLY A 25 -8.07 -14.33 -22.33
C GLY A 25 -7.68 -14.03 -20.91
N ALA A 26 -6.89 -12.99 -20.77
CA ALA A 26 -6.46 -12.52 -19.47
C ALA A 26 -7.57 -11.75 -18.78
N VAL A 27 -8.69 -11.54 -19.48
CA VAL A 27 -9.83 -10.87 -18.88
C VAL A 27 -10.39 -11.75 -17.77
N ASP A 28 -10.09 -13.04 -17.90
CA ASP A 28 -10.42 -14.03 -16.91
C ASP A 28 -9.66 -13.76 -15.60
N SER A 29 -8.66 -12.89 -15.65
CA SER A 29 -7.93 -12.50 -14.45
C SER A 29 -8.64 -11.39 -13.70
N LYS A 30 -9.72 -10.86 -14.27
CA LYS A 30 -10.49 -9.83 -13.62
C LYS A 30 -11.17 -10.38 -12.38
N VAL A 31 -11.68 -11.59 -12.46
CA VAL A 31 -12.34 -12.18 -11.32
C VAL A 31 -11.35 -12.36 -10.20
N ALA A 32 -10.10 -12.54 -10.56
CA ALA A 32 -9.06 -12.67 -9.57
C ALA A 32 -8.62 -11.28 -9.11
N SER A 33 -8.86 -10.29 -9.95
CA SER A 33 -8.79 -8.90 -9.52
C SER A 33 -9.93 -8.63 -8.55
N TYR A 34 -11.06 -9.27 -8.80
CA TYR A 34 -12.15 -9.30 -7.83
C TYR A 34 -11.72 -10.09 -6.61
N GLU A 35 -11.02 -11.21 -6.83
CA GLU A 35 -10.51 -12.01 -5.71
C GLU A 35 -9.45 -11.21 -4.95
N LYS A 36 -8.87 -10.25 -5.65
CA LYS A 36 -7.88 -9.36 -5.08
C LYS A 36 -8.58 -8.20 -4.36
N LYS A 37 -9.75 -7.85 -4.88
CA LYS A 37 -10.66 -6.91 -4.25
C LYS A 37 -11.38 -7.62 -3.11
N VAL A 38 -11.32 -8.94 -3.20
CA VAL A 38 -11.88 -9.85 -2.23
C VAL A 38 -10.93 -10.05 -1.08
N ARG A 39 -9.66 -10.20 -1.43
CA ARG A 39 -8.60 -10.24 -0.46
C ARG A 39 -8.60 -8.95 0.30
N LEU A 40 -8.79 -7.90 -0.45
CA LEU A 40 -8.85 -6.60 0.12
C LEU A 40 -10.19 -6.35 0.75
N ASN A 41 -11.22 -7.07 0.32
CA ASN A 41 -12.52 -7.04 0.99
C ASN A 41 -12.37 -7.69 2.35
N GLU A 42 -11.52 -8.71 2.41
CA GLU A 42 -11.20 -9.37 3.66
C GLU A 42 -10.46 -8.41 4.54
N ILE A 43 -9.44 -7.83 3.98
CA ILE A 43 -8.59 -6.90 4.65
C ILE A 43 -9.26 -5.54 4.81
N TYR A 44 -10.32 -5.35 4.08
CA TYR A 44 -11.25 -4.29 4.31
C TYR A 44 -12.13 -4.67 5.51
N THR A 45 -12.43 -5.96 5.59
CA THR A 45 -13.43 -6.51 6.51
C THR A 45 -12.95 -6.58 7.97
N LYS A 46 -11.69 -6.95 8.20
CA LYS A 46 -11.15 -7.02 9.57
C LYS A 46 -10.62 -5.67 9.99
N THR A 47 -10.38 -4.83 9.03
CA THR A 47 -9.80 -3.55 9.30
C THR A 47 -10.79 -2.62 9.99
N ASP A 48 -10.35 -2.02 11.09
CA ASP A 48 -11.16 -1.10 11.87
C ASP A 48 -11.57 0.09 11.01
N SER A 49 -12.85 0.41 11.05
CA SER A 49 -13.44 1.37 10.14
C SER A 49 -12.94 2.80 10.34
N LYS A 50 -12.78 3.24 11.60
CA LYS A 50 -12.49 4.64 11.87
C LYS A 50 -11.14 4.87 12.55
N SER A 51 -10.46 3.82 12.94
CA SER A 51 -9.13 3.95 13.54
C SER A 51 -8.10 4.31 12.48
N ILE A 52 -8.12 5.57 12.05
CA ILE A 52 -7.36 6.01 10.90
C ILE A 52 -6.18 6.91 11.26
N MET A 53 -5.58 7.50 10.23
CA MET A 53 -4.41 8.35 10.39
C MET A 53 -4.30 9.29 9.20
N ARG A 54 -3.69 10.44 9.43
CA ARG A 54 -3.51 11.43 8.38
C ARG A 54 -2.24 11.12 7.60
N MET A 55 -2.44 10.54 6.43
CA MET A 55 -1.37 10.09 5.57
C MET A 55 -0.70 11.24 4.82
N LYS A 56 -0.19 10.96 3.61
CA LYS A 56 0.68 11.88 2.87
C LYS A 56 0.16 13.31 2.84
N SER A 57 -1.13 13.47 2.61
CA SER A 57 -1.73 14.80 2.46
C SER A 57 -2.23 15.35 3.80
N GLY A 58 -2.63 14.48 4.69
CA GLY A 58 -3.19 14.91 5.96
C GLY A 58 -4.66 14.59 6.05
N GLN A 59 -5.10 13.77 5.11
CA GLN A 59 -6.51 13.43 4.94
C GLN A 59 -6.94 12.34 5.90
N MET A 60 -8.24 12.10 5.96
CA MET A 60 -8.76 10.93 6.65
C MET A 60 -9.05 9.83 5.65
N PHE A 61 -8.14 8.91 5.61
CA PHE A 61 -8.24 7.71 4.79
C PHE A 61 -8.68 6.56 5.67
N ALA A 62 -9.74 5.88 5.28
CA ALA A 62 -10.27 4.82 6.10
C ALA A 62 -10.51 3.53 5.34
N LYS A 63 -11.09 2.59 6.05
CA LYS A 63 -11.49 1.29 5.57
C LYS A 63 -12.15 1.35 4.18
N GLU A 64 -13.15 2.23 4.04
CA GLU A 64 -13.92 2.38 2.80
C GLU A 64 -13.04 2.50 1.56
N ASP A 65 -11.89 3.14 1.72
CA ASP A 65 -11.03 3.48 0.59
C ASP A 65 -10.24 2.28 0.06
N LEU A 66 -9.81 1.38 0.95
CA LEU A 66 -9.00 0.22 0.55
C LEU A 66 -9.77 -0.69 -0.39
N LYS A 67 -11.06 -0.62 -0.25
CA LYS A 67 -12.02 -1.49 -0.91
C LYS A 67 -11.77 -1.73 -2.39
N ARG A 68 -11.52 -0.68 -3.13
CA ARG A 68 -11.54 -0.73 -4.59
C ARG A 68 -10.13 -0.72 -5.18
N LYS A 69 -9.18 -0.85 -4.30
CA LYS A 69 -7.78 -0.85 -4.67
C LYS A 69 -7.30 -2.25 -5.06
N LYS A 70 -6.06 -2.36 -5.51
CA LYS A 70 -5.52 -3.66 -5.90
C LYS A 70 -4.60 -4.23 -4.84
N LEU A 71 -4.99 -5.39 -4.33
CA LEU A 71 -4.11 -6.22 -3.51
C LEU A 71 -2.89 -6.63 -4.35
N VAL A 72 -1.82 -5.83 -4.34
CA VAL A 72 -0.63 -6.21 -5.09
C VAL A 72 0.37 -6.92 -4.19
N ARG A 73 0.36 -6.60 -2.91
CA ARG A 73 1.13 -7.34 -1.92
C ARG A 73 0.52 -7.20 -0.53
N ASP A 74 0.67 -8.24 0.28
CA ASP A 74 0.26 -8.20 1.67
C ASP A 74 1.21 -9.06 2.50
N GLY A 75 1.72 -8.49 3.59
CA GLY A 75 2.61 -9.23 4.47
C GLY A 75 2.81 -8.51 5.78
N SER A 76 3.08 -9.25 6.83
CA SER A 76 3.25 -8.65 8.13
C SER A 76 4.69 -8.21 8.36
N VAL A 77 4.82 -6.97 8.76
CA VAL A 77 6.11 -6.37 9.02
C VAL A 77 6.08 -5.57 10.30
N PHE A 78 7.16 -5.62 11.02
CA PHE A 78 7.29 -4.90 12.30
C PHE A 78 7.40 -3.39 12.07
N LEU A 79 6.88 -2.61 13.01
CA LEU A 79 6.83 -1.15 12.88
C LEU A 79 7.43 -0.48 14.12
N LYS A 80 8.55 0.22 13.96
CA LYS A 80 9.16 0.89 15.10
C LYS A 80 8.46 2.23 15.30
N ASN A 81 7.84 2.40 16.44
CA ASN A 81 7.28 3.70 16.81
C ASN A 81 8.42 4.64 17.19
N ALA A 82 8.10 5.86 17.60
CA ALA A 82 9.11 6.81 18.01
C ALA A 82 9.94 6.27 19.16
N ALA A 83 9.37 5.29 19.86
CA ALA A 83 10.00 4.72 21.04
C ALA A 83 10.72 3.43 20.69
N GLY A 84 10.54 2.98 19.47
CA GLY A 84 11.16 1.77 19.03
C GLY A 84 10.42 0.53 19.49
N ARG A 85 9.10 0.63 19.53
CA ARG A 85 8.28 -0.47 19.98
C ARG A 85 7.56 -1.07 18.78
N LEU A 86 7.91 -2.29 18.49
CA LEU A 86 7.49 -2.92 17.24
C LEU A 86 6.13 -3.60 17.32
N LYS A 87 5.53 -3.69 16.15
CA LYS A 87 4.28 -4.37 15.92
C LYS A 87 4.38 -5.11 14.61
N GLU A 88 4.12 -6.41 14.60
CA GLU A 88 4.04 -7.10 13.35
C GLU A 88 2.70 -6.80 12.70
N VAL A 89 2.72 -5.86 11.78
CA VAL A 89 1.50 -5.35 11.19
C VAL A 89 1.29 -5.94 9.81
N GLN A 90 0.05 -6.05 9.41
CA GLN A 90 -0.26 -6.54 8.09
C GLN A 90 -0.15 -5.39 7.10
N ALA A 91 0.99 -5.30 6.43
CA ALA A 91 1.22 -4.27 5.44
C ALA A 91 0.56 -4.66 4.14
N VAL A 92 -0.32 -3.80 3.67
CA VAL A 92 -1.04 -4.10 2.44
C VAL A 92 -0.64 -3.11 1.38
N LEU A 93 0.27 -3.51 0.53
CA LEU A 93 0.62 -2.69 -0.59
C LEU A 93 -0.45 -2.83 -1.66
N LEU A 94 -1.14 -1.75 -1.89
CA LEU A 94 -2.13 -1.65 -2.94
C LEU A 94 -1.55 -0.87 -4.08
N THR A 95 -2.32 -0.68 -5.13
CA THR A 95 -1.86 0.10 -6.26
C THR A 95 -2.19 1.57 -6.08
N ASP A 96 -2.76 1.89 -4.93
CA ASP A 96 -3.19 3.25 -4.65
C ASP A 96 -2.57 3.71 -3.34
N ILE A 97 -2.36 2.76 -2.43
CA ILE A 97 -1.73 3.06 -1.16
C ILE A 97 -0.83 1.93 -0.69
N LEU A 98 0.01 2.26 0.26
CA LEU A 98 0.81 1.31 0.99
C LEU A 98 0.40 1.43 2.46
N VAL A 99 -0.50 0.56 2.91
CA VAL A 99 -1.16 0.72 4.19
C VAL A 99 -0.69 -0.32 5.20
N PHE A 100 -0.56 0.08 6.46
CA PHE A 100 -0.19 -0.83 7.52
C PHE A 100 -1.39 -1.11 8.40
N LEU A 101 -1.44 -2.30 8.94
CA LEU A 101 -2.58 -2.73 9.73
C LEU A 101 -2.14 -3.51 10.95
N GLN A 102 -2.42 -2.96 12.11
CA GLN A 102 -2.02 -3.55 13.37
C GLN A 102 -3.13 -4.50 13.82
N GLU A 103 -2.74 -5.68 14.27
CA GLU A 103 -3.71 -6.68 14.71
C GLU A 103 -4.21 -6.32 16.10
N LYS A 104 -5.45 -5.91 16.13
CA LYS A 104 -6.08 -5.39 17.33
C LYS A 104 -7.51 -5.88 17.40
N ASP A 105 -7.87 -6.52 18.51
CA ASP A 105 -9.25 -6.97 18.70
C ASP A 105 -9.64 -7.89 17.56
N GLN A 106 -8.88 -9.00 17.45
CA GLN A 106 -9.10 -10.08 16.47
C GLN A 106 -9.24 -9.59 15.03
N LYS A 107 -8.82 -8.36 14.80
CA LYS A 107 -8.92 -7.73 13.49
C LYS A 107 -7.76 -6.77 13.34
N TYR A 108 -7.84 -5.83 12.42
CA TYR A 108 -6.78 -4.86 12.27
C TYR A 108 -7.26 -3.45 12.50
N ILE A 109 -6.27 -2.58 12.54
CA ILE A 109 -6.43 -1.15 12.67
C ILE A 109 -5.32 -0.53 11.86
N PHE A 110 -5.31 0.77 11.69
CA PHE A 110 -4.42 1.38 10.71
C PHE A 110 -2.98 1.50 11.17
N ALA A 111 -2.64 0.84 12.29
CA ALA A 111 -1.27 0.83 12.82
C ALA A 111 -0.70 2.21 12.90
N SER A 112 -1.58 3.18 13.09
CA SER A 112 -1.30 4.59 12.85
C SER A 112 -0.04 5.09 13.55
N LEU A 113 0.35 4.43 14.63
CA LEU A 113 1.56 4.80 15.38
C LEU A 113 1.40 6.19 16.03
N ASP A 114 0.25 6.81 15.79
CA ASP A 114 -0.10 8.11 16.35
C ASP A 114 0.91 9.20 16.00
N GLN A 115 1.56 9.07 14.83
CA GLN A 115 2.51 10.10 14.39
C GLN A 115 2.94 9.92 12.92
N LYS A 116 3.65 8.84 12.62
CA LYS A 116 4.24 8.64 11.31
C LYS A 116 3.23 8.27 10.25
N SER A 117 3.74 8.02 9.06
CA SER A 117 2.90 7.65 7.92
C SER A 117 2.76 6.15 7.83
N THR A 118 1.65 5.70 8.36
CA THR A 118 1.34 4.28 8.46
C THR A 118 0.42 3.86 7.33
N VAL A 119 0.24 4.78 6.38
CA VAL A 119 -0.41 4.51 5.13
C VAL A 119 0.13 5.49 4.09
N ILE A 120 0.93 4.99 3.19
CA ILE A 120 1.58 5.82 2.20
C ILE A 120 0.87 5.65 0.86
N SER A 121 0.12 6.67 0.40
CA SER A 121 -0.41 6.62 -0.96
C SER A 121 0.76 6.33 -1.89
N LEU A 122 0.77 5.12 -2.42
CA LEU A 122 2.01 4.54 -2.93
C LEU A 122 2.63 5.26 -4.13
N LYS A 123 1.84 5.97 -4.90
CA LYS A 123 2.35 6.50 -6.15
C LYS A 123 3.43 7.51 -5.90
N LYS A 124 4.63 7.11 -6.28
CA LYS A 124 5.82 7.92 -6.17
C LYS A 124 6.23 8.02 -4.72
N LEU A 125 6.23 6.87 -4.08
CA LEU A 125 6.67 6.72 -2.71
C LEU A 125 8.20 6.64 -2.66
N ILE A 126 8.76 6.92 -1.51
CA ILE A 126 10.18 6.82 -1.31
C ILE A 126 10.48 5.64 -0.41
N VAL A 127 11.24 4.70 -0.92
CA VAL A 127 11.50 3.45 -0.25
C VAL A 127 12.99 3.26 -0.06
N ARG A 128 13.42 3.15 1.18
CA ARG A 128 14.85 3.08 1.50
C ARG A 128 15.14 1.97 2.48
N GLU A 129 16.36 1.47 2.42
CA GLU A 129 16.80 0.40 3.29
C GLU A 129 17.29 0.97 4.63
N VAL A 130 16.55 0.67 5.69
CA VAL A 130 16.95 1.06 7.04
C VAL A 130 18.41 0.70 7.31
N ALA A 131 19.19 1.67 7.77
CA ALA A 131 20.62 1.48 7.95
C ALA A 131 20.94 0.84 9.30
N HIS A 132 20.22 1.26 10.34
CA HIS A 132 20.50 0.77 11.69
C HIS A 132 19.85 -0.59 11.93
N GLU A 133 19.30 -1.19 10.88
CA GLU A 133 18.66 -2.49 10.95
C GLU A 133 18.99 -3.28 9.69
N GLU A 134 18.97 -4.60 9.77
CA GLU A 134 19.30 -5.42 8.59
C GLU A 134 18.02 -5.95 7.97
N LYS A 135 17.02 -6.19 8.80
CA LYS A 135 15.76 -6.74 8.32
C LYS A 135 14.65 -5.72 8.49
N GLY A 136 14.78 -4.63 7.75
CA GLY A 136 13.79 -3.59 7.79
C GLY A 136 13.95 -2.64 6.64
N LEU A 137 13.08 -1.66 6.56
CA LEU A 137 13.09 -0.72 5.48
C LEU A 137 12.18 0.46 5.81
N PHE A 138 12.48 1.61 5.26
CA PHE A 138 11.62 2.77 5.42
C PHE A 138 10.67 2.91 4.26
N LEU A 139 9.39 2.79 4.53
CA LEU A 139 8.39 3.09 3.53
C LEU A 139 7.92 4.52 3.75
N ILE A 140 8.47 5.42 2.95
CA ILE A 140 8.41 6.84 3.25
C ILE A 140 7.47 7.58 2.29
N SER A 141 6.97 8.72 2.75
CA SER A 141 6.07 9.55 1.96
C SER A 141 6.72 10.87 1.55
N MET A 142 8.06 10.90 1.52
CA MET A 142 8.79 12.11 1.19
C MET A 142 8.38 12.64 -0.18
N GLY A 143 7.94 13.88 -0.21
CA GLY A 143 7.49 14.48 -1.45
C GLY A 143 6.88 15.85 -1.25
N MET A 144 5.93 15.95 -0.32
CA MET A 144 5.24 17.21 -0.07
C MET A 144 6.10 18.17 0.73
N THR A 145 6.43 17.74 1.94
CA THR A 145 7.16 18.58 2.88
C THR A 145 7.91 17.71 3.88
N ASP A 146 7.18 16.83 4.54
CA ASP A 146 7.74 15.95 5.54
C ASP A 146 6.84 14.75 5.72
N PRO A 147 7.40 13.58 5.51
CA PRO A 147 6.67 12.32 5.50
C PRO A 147 6.49 11.70 6.87
N GLU A 148 7.48 11.92 7.76
CA GLU A 148 7.53 11.20 9.03
C GLU A 148 7.46 9.70 8.73
N MET A 149 8.53 9.19 8.13
CA MET A 149 8.53 7.82 7.63
C MET A 149 8.28 6.83 8.74
N VAL A 150 7.55 5.78 8.42
CA VAL A 150 7.34 4.73 9.38
C VAL A 150 8.48 3.73 9.27
N GLU A 151 8.83 3.15 10.39
CA GLU A 151 9.98 2.30 10.46
C GLU A 151 9.54 0.86 10.28
N VAL A 152 9.71 0.36 9.06
CA VAL A 152 9.20 -0.94 8.69
C VAL A 152 10.27 -1.98 8.85
N HIS A 153 9.87 -3.17 9.22
CA HIS A 153 10.80 -4.23 9.54
C HIS A 153 10.36 -5.54 8.92
N ALA A 154 11.04 -5.92 7.85
CA ALA A 154 10.74 -7.15 7.13
C ALA A 154 11.03 -8.36 7.98
N SER A 155 10.44 -9.48 7.61
CA SER A 155 10.66 -10.74 8.32
C SER A 155 12.16 -11.05 8.45
N SER A 156 12.93 -10.71 7.44
CA SER A 156 14.36 -11.00 7.45
C SER A 156 15.12 -10.03 6.55
N LYS A 157 16.46 -10.10 6.62
CA LYS A 157 17.35 -9.19 5.91
C LYS A 157 16.94 -9.04 4.44
N GLU A 158 16.70 -10.17 3.79
CA GLU A 158 16.41 -10.20 2.39
C GLU A 158 15.04 -9.62 2.09
N GLU A 159 14.10 -9.84 3.01
CA GLU A 159 12.72 -9.46 2.78
C GLU A 159 12.58 -7.95 2.69
N ARG A 160 13.53 -7.24 3.29
CA ARG A 160 13.48 -5.79 3.23
C ARG A 160 13.54 -5.34 1.79
N ASN A 161 14.48 -5.90 1.03
CA ASN A 161 14.60 -5.59 -0.38
C ASN A 161 13.48 -6.24 -1.15
N SER A 162 12.98 -7.33 -0.59
CA SER A 162 11.82 -8.01 -1.13
C SER A 162 10.62 -7.09 -1.10
N TRP A 163 10.61 -6.16 -0.14
CA TRP A 163 9.50 -5.23 -0.01
C TRP A 163 9.81 -3.95 -0.78
N ILE A 164 11.06 -3.53 -0.66
CA ILE A 164 11.60 -2.39 -1.41
C ILE A 164 11.33 -2.54 -2.90
N GLN A 165 11.56 -3.74 -3.39
CA GLN A 165 11.39 -4.03 -4.79
C GLN A 165 9.92 -3.90 -5.20
N ILE A 166 9.01 -4.13 -4.25
CA ILE A 166 7.60 -4.25 -4.59
C ILE A 166 7.00 -2.90 -4.92
N ILE A 167 7.51 -1.85 -4.30
CA ILE A 167 7.12 -0.52 -4.71
C ILE A 167 7.76 -0.21 -6.05
N GLN A 168 9.02 -0.61 -6.18
CA GLN A 168 9.71 -0.57 -7.46
C GLN A 168 9.01 -1.48 -8.47
N ASP A 169 8.20 -2.40 -7.97
CA ASP A 169 7.45 -3.31 -8.82
C ASP A 169 6.12 -2.67 -9.22
N THR A 170 5.41 -2.17 -8.22
CA THR A 170 4.04 -1.66 -8.40
C THR A 170 4.03 -0.24 -8.99
N ILE A 171 4.65 0.72 -8.29
CA ILE A 171 4.57 2.12 -8.68
C ILE A 171 5.16 2.37 -10.06
N ASN A 172 6.10 1.53 -10.44
CA ASN A 172 6.78 1.65 -11.71
C ASN A 172 5.81 1.32 -12.85
N THR A 173 4.81 0.50 -12.55
CA THR A 173 3.79 0.19 -13.53
C THR A 173 2.61 1.17 -13.43
N LEU A 174 2.46 1.78 -12.27
CA LEU A 174 1.48 2.85 -12.09
C LEU A 174 1.83 4.04 -12.96
N ASN A 175 3.10 4.41 -12.91
CA ASN A 175 3.63 5.59 -13.58
C ASN A 175 3.60 5.47 -15.10
N ARG A 176 3.52 4.24 -15.58
CA ARG A 176 3.48 3.94 -17.00
C ARG A 176 2.52 4.87 -17.75
N ASP A 177 1.25 4.80 -17.39
CA ASP A 177 0.23 5.62 -18.05
C ASP A 177 0.04 6.94 -17.34
N GLU A 178 -0.42 6.83 -16.11
CA GLU A 178 -0.80 7.98 -15.31
C GLU A 178 0.37 8.92 -14.99
N ASP A 179 0.03 9.94 -14.22
CA ASP A 179 0.94 11.01 -13.83
C ASP A 179 1.97 10.53 -12.80
N GLU A 180 2.67 11.49 -12.20
CA GLU A 180 3.65 11.19 -11.18
C GLU A 180 3.44 12.05 -9.94
N GLY A 181 2.98 11.42 -8.86
CA GLY A 181 2.89 12.09 -7.60
C GLY A 181 1.49 12.52 -7.26
N ILE A 182 0.87 11.80 -6.33
CA ILE A 182 -0.50 12.07 -5.98
C ILE A 182 -0.74 11.97 -4.47
N PRO A 183 -1.12 13.10 -3.82
CA PRO A 183 -1.53 13.12 -2.41
C PRO A 183 -2.91 12.49 -2.24
N SER A 184 -3.20 12.00 -1.02
CA SER A 184 -4.45 11.29 -0.74
C SER A 184 -4.57 10.04 -1.61
N GLU A 185 -5.20 10.22 -2.73
CA GLU A 185 -5.34 9.19 -3.73
C GLU A 185 -5.52 9.86 -5.09
N SER A 1 -3.94 8.46 -19.06
CA SER A 1 -5.40 8.25 -19.01
C SER A 1 -5.85 7.51 -20.26
N MET A 2 -6.38 6.31 -20.05
CA MET A 2 -6.81 5.47 -21.16
C MET A 2 -8.28 5.14 -21.04
N THR A 3 -8.99 5.95 -20.25
CA THR A 3 -10.42 5.75 -20.01
C THR A 3 -10.66 4.52 -19.14
N LYS A 4 -10.58 4.70 -17.82
CA LYS A 4 -10.76 3.60 -16.90
C LYS A 4 -11.27 4.12 -15.56
N ASP A 5 -11.90 3.24 -14.79
CA ASP A 5 -12.33 3.59 -13.43
C ASP A 5 -11.16 4.14 -12.65
N ASN A 6 -11.43 4.97 -11.67
CA ASN A 6 -10.39 5.59 -10.85
C ASN A 6 -9.65 4.52 -10.04
N GLU A 7 -10.19 3.32 -10.01
CA GLU A 7 -9.55 2.21 -9.32
C GLU A 7 -8.68 1.40 -10.28
N VAL A 8 -9.03 1.41 -11.56
CA VAL A 8 -8.32 0.63 -12.57
C VAL A 8 -7.55 1.49 -13.56
N GLU A 9 -7.29 2.73 -13.18
CA GLU A 9 -6.66 3.67 -14.09
C GLU A 9 -5.12 3.52 -14.12
N GLN A 10 -4.60 2.39 -13.66
CA GLN A 10 -3.16 2.21 -13.61
C GLN A 10 -2.66 1.03 -14.44
N GLU A 11 -1.66 1.30 -15.27
CA GLU A 11 -1.06 0.29 -16.16
C GLU A 11 -0.30 -0.76 -15.39
N ASP A 12 -0.22 -0.61 -14.09
CA ASP A 12 0.43 -1.61 -13.28
C ASP A 12 -0.29 -2.95 -13.36
N LEU A 13 -1.62 -2.92 -13.49
CA LEU A 13 -2.44 -4.14 -13.53
C LEU A 13 -3.89 -3.83 -13.92
N ALA A 14 -4.08 -2.84 -14.79
CA ALA A 14 -5.42 -2.43 -15.18
C ALA A 14 -5.38 -1.37 -16.29
N GLN A 15 -5.56 -1.79 -17.53
CA GLN A 15 -5.68 -0.84 -18.63
C GLN A 15 -6.99 -1.07 -19.36
N SER A 16 -7.25 -0.25 -20.39
CA SER A 16 -8.49 -0.35 -21.14
C SER A 16 -8.29 -1.20 -22.38
N LEU A 17 -7.07 -1.68 -22.54
CA LEU A 17 -6.73 -2.61 -23.62
C LEU A 17 -5.39 -3.29 -23.36
N SER A 18 -4.99 -3.29 -22.09
CA SER A 18 -3.76 -3.93 -21.65
C SER A 18 -3.87 -4.32 -20.18
N LEU A 19 -2.86 -5.00 -19.68
CA LEU A 19 -2.74 -5.33 -18.27
C LEU A 19 -3.94 -6.10 -17.73
N VAL A 20 -3.81 -7.43 -17.76
CA VAL A 20 -4.81 -8.38 -17.27
C VAL A 20 -6.24 -8.03 -17.71
N LYS A 21 -6.86 -7.11 -16.99
CA LYS A 21 -8.26 -6.82 -17.18
C LYS A 21 -8.45 -5.73 -18.22
N ASP A 22 -7.92 -5.98 -19.40
CA ASP A 22 -7.97 -5.06 -20.50
C ASP A 22 -9.40 -4.87 -21.00
N VAL A 23 -9.88 -5.82 -21.79
CA VAL A 23 -11.23 -5.77 -22.36
C VAL A 23 -11.52 -7.01 -23.22
N ILE A 24 -10.58 -7.94 -23.29
CA ILE A 24 -10.68 -9.03 -24.26
C ILE A 24 -10.89 -10.41 -23.61
N GLY A 25 -9.81 -11.09 -23.26
CA GLY A 25 -9.90 -12.47 -22.78
C GLY A 25 -9.34 -12.61 -21.39
N ALA A 26 -8.16 -12.05 -21.19
CA ALA A 26 -7.56 -11.97 -19.88
C ALA A 26 -8.39 -11.06 -18.99
N VAL A 27 -9.36 -10.41 -19.62
CA VAL A 27 -10.32 -9.56 -18.94
C VAL A 27 -11.17 -10.39 -17.97
N ASP A 28 -11.25 -11.68 -18.26
CA ASP A 28 -11.94 -12.64 -17.41
C ASP A 28 -11.17 -12.87 -16.12
N SER A 29 -9.99 -12.26 -16.04
CA SER A 29 -9.22 -12.26 -14.82
C SER A 29 -9.54 -11.04 -13.97
N LYS A 30 -10.45 -10.20 -14.46
CA LYS A 30 -10.92 -9.06 -13.68
C LYS A 30 -11.62 -9.52 -12.44
N VAL A 31 -12.37 -10.60 -12.58
CA VAL A 31 -13.08 -11.14 -11.45
C VAL A 31 -12.08 -11.58 -10.39
N ALA A 32 -10.89 -11.94 -10.83
CA ALA A 32 -9.85 -12.31 -9.92
C ALA A 32 -9.13 -11.07 -9.42
N SER A 33 -9.24 -9.97 -10.16
CA SER A 33 -8.90 -8.65 -9.64
C SER A 33 -9.93 -8.27 -8.59
N TYR A 34 -11.16 -8.69 -8.81
CA TYR A 34 -12.20 -8.60 -7.79
C TYR A 34 -11.84 -9.52 -6.64
N GLU A 35 -11.38 -10.73 -6.96
CA GLU A 35 -10.96 -11.68 -5.93
C GLU A 35 -9.75 -11.12 -5.17
N LYS A 36 -8.92 -10.38 -5.88
CA LYS A 36 -7.78 -9.69 -5.30
C LYS A 36 -8.28 -8.54 -4.42
N LYS A 37 -9.36 -7.93 -4.88
CA LYS A 37 -10.08 -6.90 -4.14
C LYS A 37 -10.91 -7.55 -3.05
N VAL A 38 -10.96 -8.86 -3.08
CA VAL A 38 -11.83 -9.64 -2.23
C VAL A 38 -11.12 -10.11 -0.96
N ARG A 39 -9.85 -10.50 -1.05
CA ARG A 39 -9.08 -10.68 0.17
C ARG A 39 -8.83 -9.32 0.75
N LEU A 40 -8.87 -8.33 -0.12
CA LEU A 40 -8.80 -6.95 0.30
C LEU A 40 -10.13 -6.52 0.87
N ASN A 41 -11.22 -7.07 0.37
CA ASN A 41 -12.55 -6.89 0.98
C ASN A 41 -12.57 -7.51 2.36
N GLU A 42 -11.93 -8.65 2.48
CA GLU A 42 -11.78 -9.32 3.77
C GLU A 42 -10.94 -8.46 4.68
N ILE A 43 -9.85 -8.00 4.10
CA ILE A 43 -8.93 -7.14 4.77
C ILE A 43 -9.47 -5.72 4.91
N TYR A 44 -10.50 -5.47 4.17
CA TYR A 44 -11.33 -4.31 4.31
C TYR A 44 -12.29 -4.54 5.50
N THR A 45 -12.63 -5.80 5.69
CA THR A 45 -13.72 -6.22 6.57
C THR A 45 -13.28 -6.33 8.05
N LYS A 46 -12.09 -6.85 8.30
CA LYS A 46 -11.58 -6.97 9.69
C LYS A 46 -11.08 -5.62 10.14
N THR A 47 -10.55 -4.88 9.19
CA THR A 47 -9.92 -3.61 9.46
C THR A 47 -10.90 -2.62 10.11
N ASP A 48 -10.45 -1.98 11.20
CA ASP A 48 -11.27 -1.03 11.92
C ASP A 48 -11.59 0.17 11.02
N SER A 49 -12.82 0.66 11.12
CA SER A 49 -13.31 1.66 10.19
C SER A 49 -12.84 3.07 10.54
N LYS A 50 -12.78 3.39 11.83
CA LYS A 50 -12.44 4.74 12.25
C LYS A 50 -11.09 4.85 12.94
N SER A 51 -10.44 3.74 13.23
CA SER A 51 -9.09 3.77 13.78
C SER A 51 -8.09 4.10 12.66
N ILE A 52 -8.20 5.32 12.17
CA ILE A 52 -7.48 5.77 11.00
C ILE A 52 -6.30 6.66 11.34
N MET A 53 -5.73 7.25 10.29
CA MET A 53 -4.57 8.12 10.43
C MET A 53 -4.50 9.09 9.25
N ARG A 54 -3.76 10.17 9.46
CA ARG A 54 -3.50 11.14 8.41
C ARG A 54 -2.29 10.70 7.62
N MET A 55 -2.48 10.59 6.32
CA MET A 55 -1.43 10.12 5.44
C MET A 55 -0.72 11.29 4.75
N LYS A 56 -0.27 11.09 3.51
CA LYS A 56 0.63 12.03 2.82
C LYS A 56 0.22 13.50 2.94
N SER A 57 -1.03 13.81 2.64
CA SER A 57 -1.49 15.20 2.66
C SER A 57 -1.95 15.61 4.06
N GLY A 58 -2.42 14.64 4.82
CA GLY A 58 -2.97 14.94 6.13
C GLY A 58 -4.43 14.55 6.21
N GLN A 59 -4.90 13.89 5.16
CA GLN A 59 -6.28 13.47 5.06
C GLN A 59 -6.59 12.36 6.05
N MET A 60 -7.86 12.09 6.24
CA MET A 60 -8.28 10.92 6.98
C MET A 60 -8.48 9.77 6.03
N PHE A 61 -7.59 8.83 6.10
CA PHE A 61 -7.68 7.65 5.26
C PHE A 61 -8.33 6.55 6.04
N ALA A 62 -9.38 5.94 5.49
CA ALA A 62 -10.11 4.97 6.25
C ALA A 62 -10.33 3.65 5.53
N LYS A 63 -10.94 2.75 6.26
CA LYS A 63 -11.32 1.43 5.82
C LYS A 63 -11.95 1.43 4.43
N GLU A 64 -12.99 2.26 4.26
CA GLU A 64 -13.78 2.28 3.03
C GLU A 64 -12.91 2.39 1.77
N ASP A 65 -11.76 3.01 1.92
CA ASP A 65 -10.87 3.33 0.81
C ASP A 65 -10.12 2.13 0.23
N LEU A 66 -9.64 1.23 1.09
CA LEU A 66 -8.87 0.06 0.62
C LEU A 66 -9.70 -0.79 -0.32
N LYS A 67 -11.00 -0.65 -0.15
CA LYS A 67 -12.03 -1.37 -0.89
C LYS A 67 -11.74 -1.58 -2.37
N ARG A 68 -11.54 -0.50 -3.08
CA ARG A 68 -11.48 -0.52 -4.55
C ARG A 68 -10.08 -0.76 -5.07
N LYS A 69 -9.14 -0.81 -4.16
CA LYS A 69 -7.73 -0.93 -4.48
C LYS A 69 -7.35 -2.36 -4.90
N LYS A 70 -6.11 -2.54 -5.40
CA LYS A 70 -5.63 -3.85 -5.79
C LYS A 70 -4.63 -4.42 -4.79
N LEU A 71 -4.94 -5.61 -4.32
CA LEU A 71 -4.03 -6.43 -3.54
C LEU A 71 -2.79 -6.74 -4.38
N VAL A 72 -1.75 -5.90 -4.34
CA VAL A 72 -0.56 -6.20 -5.12
C VAL A 72 0.52 -6.87 -4.26
N ARG A 73 0.52 -6.56 -2.97
CA ARG A 73 1.29 -7.33 -2.00
C ARG A 73 0.68 -7.21 -0.60
N ASP A 74 0.79 -8.29 0.16
CA ASP A 74 0.38 -8.31 1.55
C ASP A 74 1.40 -9.08 2.37
N GLY A 75 1.76 -8.55 3.52
CA GLY A 75 2.69 -9.24 4.39
C GLY A 75 2.88 -8.53 5.70
N SER A 76 3.18 -9.27 6.74
CA SER A 76 3.33 -8.70 8.06
C SER A 76 4.76 -8.22 8.30
N VAL A 77 4.85 -7.01 8.83
CA VAL A 77 6.12 -6.38 9.10
C VAL A 77 6.07 -5.58 10.39
N PHE A 78 7.16 -5.61 11.12
CA PHE A 78 7.28 -4.88 12.38
C PHE A 78 7.37 -3.37 12.16
N LEU A 79 6.80 -2.59 13.09
CA LEU A 79 6.69 -1.14 12.94
C LEU A 79 7.21 -0.43 14.19
N LYS A 80 8.26 0.37 14.05
CA LYS A 80 8.82 1.06 15.22
C LYS A 80 8.00 2.32 15.50
N ASN A 81 7.39 2.38 16.67
CA ASN A 81 6.64 3.58 17.07
C ASN A 81 7.58 4.63 17.62
N ALA A 82 7.03 5.75 18.06
CA ALA A 82 7.80 6.83 18.66
C ALA A 82 8.70 6.31 19.78
N ALA A 83 8.28 5.22 20.39
CA ALA A 83 8.96 4.69 21.57
C ALA A 83 9.89 3.54 21.19
N GLY A 84 9.83 3.17 19.93
CA GLY A 84 10.60 2.05 19.46
C GLY A 84 10.00 0.72 19.82
N ARG A 85 8.69 0.69 19.84
CA ARG A 85 7.97 -0.51 20.18
C ARG A 85 7.35 -1.06 18.92
N LEU A 86 7.65 -2.31 18.65
CA LEU A 86 7.30 -2.90 17.38
C LEU A 86 5.97 -3.61 17.38
N LYS A 87 5.31 -3.47 16.25
CA LYS A 87 4.07 -4.16 15.94
C LYS A 87 4.25 -4.91 14.65
N GLU A 88 4.10 -6.22 14.66
CA GLU A 88 4.07 -6.95 13.42
C GLU A 88 2.72 -6.69 12.76
N VAL A 89 2.73 -5.83 11.76
CA VAL A 89 1.51 -5.36 11.15
C VAL A 89 1.29 -6.05 9.81
N GLN A 90 0.04 -6.19 9.43
CA GLN A 90 -0.28 -6.73 8.13
C GLN A 90 -0.22 -5.59 7.12
N ALA A 91 0.91 -5.49 6.44
CA ALA A 91 1.10 -4.44 5.46
C ALA A 91 0.46 -4.83 4.15
N VAL A 92 -0.37 -3.95 3.63
CA VAL A 92 -1.06 -4.22 2.39
C VAL A 92 -0.67 -3.18 1.36
N LEU A 93 0.26 -3.52 0.52
CA LEU A 93 0.63 -2.66 -0.58
C LEU A 93 -0.41 -2.83 -1.68
N LEU A 94 -1.14 -1.78 -1.92
CA LEU A 94 -2.16 -1.74 -2.95
C LEU A 94 -1.64 -0.96 -4.12
N THR A 95 -2.43 -0.83 -5.16
CA THR A 95 -2.04 -0.06 -6.33
C THR A 95 -2.33 1.42 -6.14
N ASP A 96 -2.75 1.79 -4.94
CA ASP A 96 -3.01 3.19 -4.62
C ASP A 96 -2.32 3.59 -3.32
N ILE A 97 -2.25 2.67 -2.38
CA ILE A 97 -1.63 2.96 -1.10
C ILE A 97 -0.75 1.83 -0.61
N LEU A 98 0.06 2.15 0.38
CA LEU A 98 0.86 1.19 1.10
C LEU A 98 0.43 1.26 2.57
N VAL A 99 -0.47 0.38 2.98
CA VAL A 99 -1.12 0.51 4.28
C VAL A 99 -0.67 -0.56 5.26
N PHE A 100 -0.47 -0.14 6.51
CA PHE A 100 -0.12 -1.09 7.57
C PHE A 100 -1.32 -1.33 8.45
N LEU A 101 -1.42 -2.54 8.97
CA LEU A 101 -2.56 -2.91 9.75
C LEU A 101 -2.14 -3.67 11.01
N GLN A 102 -2.48 -3.10 12.15
CA GLN A 102 -2.14 -3.69 13.43
C GLN A 102 -3.23 -4.67 13.85
N GLU A 103 -2.84 -5.86 14.26
CA GLU A 103 -3.81 -6.87 14.66
C GLU A 103 -4.28 -6.56 16.08
N LYS A 104 -5.54 -6.15 16.17
CA LYS A 104 -6.13 -5.74 17.43
C LYS A 104 -7.54 -6.24 17.51
N ASP A 105 -7.87 -6.95 18.59
CA ASP A 105 -9.23 -7.39 18.82
C ASP A 105 -9.73 -8.19 17.62
N GLN A 106 -9.01 -9.30 17.39
CA GLN A 106 -9.31 -10.28 16.31
C GLN A 106 -9.48 -9.64 14.94
N LYS A 107 -9.00 -8.42 14.77
CA LYS A 107 -9.09 -7.76 13.50
C LYS A 107 -7.89 -6.84 13.34
N TYR A 108 -7.95 -5.89 12.43
CA TYR A 108 -6.85 -4.97 12.28
C TYR A 108 -7.30 -3.53 12.44
N ILE A 109 -6.32 -2.67 12.48
CA ILE A 109 -6.47 -1.24 12.60
C ILE A 109 -5.35 -0.62 11.79
N PHE A 110 -5.39 0.67 11.56
CA PHE A 110 -4.47 1.29 10.61
C PHE A 110 -3.04 1.43 11.12
N ALA A 111 -2.76 0.80 12.27
CA ALA A 111 -1.42 0.80 12.87
C ALA A 111 -0.84 2.21 12.91
N SER A 112 -1.73 3.17 13.08
CA SER A 112 -1.48 4.57 12.77
C SER A 112 -0.19 5.13 13.36
N LEU A 113 0.29 4.56 14.47
CA LEU A 113 1.50 5.00 15.14
C LEU A 113 1.35 6.41 15.70
N ASP A 114 0.22 7.04 15.40
CA ASP A 114 -0.15 8.35 15.93
C ASP A 114 0.84 9.43 15.53
N GLN A 115 1.57 9.22 14.43
CA GLN A 115 2.54 10.21 13.96
C GLN A 115 3.01 9.96 12.53
N LYS A 116 3.69 8.85 12.30
CA LYS A 116 4.31 8.59 11.01
C LYS A 116 3.30 8.20 9.93
N SER A 117 3.82 7.80 8.79
CA SER A 117 2.99 7.42 7.66
C SER A 117 2.71 5.92 7.73
N THR A 118 1.53 5.58 8.14
CA THR A 118 1.14 4.19 8.32
C THR A 118 0.20 3.75 7.19
N VAL A 119 -0.06 4.67 6.28
CA VAL A 119 -0.77 4.41 5.05
C VAL A 119 -0.20 5.30 3.97
N ILE A 120 0.62 4.72 3.11
CA ILE A 120 1.38 5.48 2.13
C ILE A 120 0.66 5.51 0.79
N SER A 121 -0.05 6.60 0.48
CA SER A 121 -0.60 6.74 -0.87
C SER A 121 0.56 6.64 -1.84
N LEU A 122 0.62 5.53 -2.55
CA LEU A 122 1.78 5.22 -3.37
C LEU A 122 1.93 6.14 -4.57
N LYS A 123 2.56 5.61 -5.61
CA LYS A 123 3.00 6.36 -6.74
C LYS A 123 3.98 7.41 -6.35
N LYS A 124 5.21 7.09 -6.66
CA LYS A 124 6.32 7.97 -6.47
C LYS A 124 6.59 8.13 -4.99
N LEU A 125 6.45 7.00 -4.31
CA LEU A 125 6.84 6.88 -2.93
C LEU A 125 8.34 6.68 -2.84
N ILE A 126 8.87 6.98 -1.70
CA ILE A 126 10.30 6.85 -1.49
C ILE A 126 10.55 5.67 -0.57
N VAL A 127 11.31 4.73 -1.07
CA VAL A 127 11.56 3.50 -0.36
C VAL A 127 13.06 3.29 -0.22
N ARG A 128 13.53 3.19 1.01
CA ARG A 128 14.97 3.15 1.25
C ARG A 128 15.37 2.02 2.18
N GLU A 129 16.61 1.62 2.02
CA GLU A 129 17.19 0.56 2.81
C GLU A 129 17.85 1.15 4.06
N VAL A 130 17.21 0.94 5.19
CA VAL A 130 17.69 1.46 6.47
C VAL A 130 19.15 1.06 6.74
N ALA A 131 19.92 2.00 7.25
CA ALA A 131 21.32 1.77 7.58
C ALA A 131 21.47 1.28 9.02
N HIS A 132 20.59 1.76 9.89
CA HIS A 132 20.70 1.45 11.31
C HIS A 132 19.96 0.15 11.66
N GLU A 133 19.59 -0.61 10.63
CA GLU A 133 18.92 -1.90 10.80
C GLU A 133 19.22 -2.80 9.62
N GLU A 134 19.32 -4.09 9.89
CA GLU A 134 19.47 -5.10 8.89
C GLU A 134 18.20 -5.17 8.05
N LYS A 135 17.08 -5.26 8.74
CA LYS A 135 15.79 -5.37 8.11
C LYS A 135 14.81 -4.38 8.73
N GLY A 136 15.00 -3.11 8.43
CA GLY A 136 14.12 -2.07 8.95
C GLY A 136 13.79 -1.05 7.88
N LEU A 137 13.38 -1.54 6.72
CA LEU A 137 13.15 -0.73 5.54
C LEU A 137 12.25 0.47 5.84
N PHE A 138 12.55 1.59 5.22
CA PHE A 138 11.73 2.77 5.35
C PHE A 138 10.75 2.86 4.19
N LEU A 139 9.46 2.81 4.48
CA LEU A 139 8.48 3.11 3.47
C LEU A 139 8.04 4.55 3.66
N ILE A 140 8.61 5.43 2.84
CA ILE A 140 8.53 6.85 3.08
C ILE A 140 7.60 7.54 2.08
N SER A 141 7.09 8.70 2.47
CA SER A 141 6.17 9.46 1.64
C SER A 141 6.79 10.81 1.22
N MET A 142 8.12 10.89 1.23
CA MET A 142 8.82 12.10 0.82
C MET A 142 8.39 12.50 -0.59
N GLY A 143 8.01 13.75 -0.76
CA GLY A 143 7.59 14.22 -2.07
C GLY A 143 6.99 15.61 -2.05
N MET A 144 6.27 15.93 -0.97
CA MET A 144 5.62 17.24 -0.88
C MET A 144 6.35 18.17 0.08
N THR A 145 6.42 17.80 1.35
CA THR A 145 7.04 18.65 2.34
C THR A 145 7.67 17.83 3.47
N ASP A 146 6.88 16.97 4.10
CA ASP A 146 7.41 16.10 5.16
C ASP A 146 6.60 14.83 5.27
N PRO A 147 7.30 13.70 5.13
CA PRO A 147 6.69 12.38 5.21
C PRO A 147 6.65 11.81 6.63
N GLU A 148 7.77 11.89 7.34
CA GLU A 148 7.93 11.17 8.60
C GLU A 148 7.76 9.69 8.36
N MET A 149 8.81 9.09 7.81
CA MET A 149 8.78 7.70 7.39
C MET A 149 8.55 6.77 8.56
N VAL A 150 8.00 5.61 8.26
CA VAL A 150 7.81 4.61 9.28
C VAL A 150 8.82 3.49 9.10
N GLU A 151 9.15 2.86 10.22
CA GLU A 151 10.14 1.82 10.25
C GLU A 151 9.50 0.47 9.97
N VAL A 152 9.70 -0.02 8.77
CA VAL A 152 9.13 -1.27 8.35
C VAL A 152 10.17 -2.38 8.48
N HIS A 153 10.12 -3.10 9.57
CA HIS A 153 11.09 -4.13 9.85
C HIS A 153 10.63 -5.46 9.27
N ALA A 154 11.20 -5.78 8.12
CA ALA A 154 10.80 -6.96 7.36
C ALA A 154 11.08 -8.24 8.11
N SER A 155 10.52 -9.34 7.62
CA SER A 155 10.70 -10.65 8.25
C SER A 155 12.19 -10.98 8.38
N SER A 156 12.99 -10.48 7.45
CA SER A 156 14.43 -10.70 7.48
C SER A 156 15.11 -9.69 6.57
N LYS A 157 16.46 -9.67 6.60
CA LYS A 157 17.23 -8.71 5.83
C LYS A 157 16.79 -8.71 4.37
N GLU A 158 16.66 -9.90 3.81
CA GLU A 158 16.27 -10.06 2.42
C GLU A 158 14.91 -9.43 2.15
N GLU A 159 13.99 -9.63 3.07
CA GLU A 159 12.62 -9.21 2.86
C GLU A 159 12.50 -7.70 2.85
N ARG A 160 13.48 -7.00 3.39
CA ARG A 160 13.46 -5.55 3.32
C ARG A 160 13.47 -5.17 1.85
N ASN A 161 14.37 -5.80 1.12
CA ASN A 161 14.51 -5.60 -0.31
C ASN A 161 13.30 -6.15 -1.02
N SER A 162 12.79 -7.24 -0.48
CA SER A 162 11.58 -7.87 -0.98
C SER A 162 10.43 -6.88 -0.96
N TRP A 163 10.44 -5.98 0.01
CA TRP A 163 9.37 -5.03 0.16
C TRP A 163 9.70 -3.76 -0.61
N ILE A 164 10.97 -3.42 -0.59
CA ILE A 164 11.50 -2.33 -1.39
C ILE A 164 11.13 -2.51 -2.86
N GLN A 165 11.44 -3.68 -3.40
CA GLN A 165 11.21 -3.96 -4.80
C GLN A 165 9.75 -3.89 -5.18
N ILE A 166 8.85 -4.00 -4.21
CA ILE A 166 7.43 -4.05 -4.50
C ILE A 166 6.89 -2.69 -4.89
N ILE A 167 7.39 -1.64 -4.25
CA ILE A 167 7.07 -0.30 -4.73
C ILE A 167 7.81 -0.07 -6.03
N GLN A 168 9.00 -0.65 -6.09
CA GLN A 168 9.79 -0.67 -7.29
C GLN A 168 9.07 -1.51 -8.35
N ASP A 169 8.15 -2.35 -7.89
CA ASP A 169 7.35 -3.19 -8.75
C ASP A 169 6.10 -2.43 -9.21
N THR A 170 5.23 -2.15 -8.25
CA THR A 170 3.93 -1.53 -8.51
C THR A 170 4.08 -0.11 -9.07
N ILE A 171 4.77 0.78 -8.34
CA ILE A 171 4.84 2.19 -8.75
C ILE A 171 5.49 2.36 -10.12
N ASN A 172 6.45 1.51 -10.43
CA ASN A 172 7.20 1.65 -11.66
C ASN A 172 6.28 1.42 -12.85
N THR A 173 5.32 0.53 -12.67
CA THR A 173 4.37 0.24 -13.71
C THR A 173 3.12 1.14 -13.59
N LEU A 174 2.92 1.70 -12.41
CA LEU A 174 1.89 2.71 -12.19
C LEU A 174 2.17 3.95 -13.05
N ASN A 175 3.43 4.37 -12.99
CA ASN A 175 3.91 5.59 -13.66
C ASN A 175 3.69 5.54 -15.16
N ARG A 176 3.69 4.33 -15.69
CA ARG A 176 3.62 4.09 -17.12
C ARG A 176 2.54 4.92 -17.83
N ASP A 177 1.28 4.75 -17.42
CA ASP A 177 0.17 5.42 -18.10
C ASP A 177 0.03 6.85 -17.63
N GLU A 178 -0.42 7.00 -16.39
CA GLU A 178 -0.66 8.31 -15.81
C GLU A 178 0.62 9.09 -15.57
N ASP A 179 0.47 10.23 -14.94
CA ASP A 179 1.60 11.09 -14.63
C ASP A 179 2.35 10.56 -13.41
N GLU A 180 2.88 11.45 -12.58
CA GLU A 180 3.69 11.01 -11.45
C GLU A 180 3.46 11.89 -10.22
N GLY A 181 3.10 11.24 -9.12
CA GLY A 181 3.00 11.93 -7.85
C GLY A 181 1.59 12.20 -7.42
N ILE A 182 1.11 11.44 -6.44
CA ILE A 182 -0.25 11.57 -5.97
C ILE A 182 -0.37 11.38 -4.45
N PRO A 183 -0.94 12.37 -3.74
CA PRO A 183 -1.30 12.26 -2.34
C PRO A 183 -2.79 11.98 -2.12
N SER A 184 -3.12 11.32 -1.00
CA SER A 184 -4.52 11.03 -0.65
C SER A 184 -5.24 10.27 -1.76
N GLU A 185 -4.48 9.49 -2.50
CA GLU A 185 -4.96 8.80 -3.69
C GLU A 185 -5.28 9.80 -4.80
N SER A 1 -3.47 5.42 -20.99
CA SER A 1 -4.32 6.08 -22.00
C SER A 1 -5.35 5.11 -22.53
N MET A 2 -6.10 4.52 -21.61
CA MET A 2 -7.08 3.49 -21.95
C MET A 2 -8.33 3.64 -21.10
N THR A 3 -9.47 3.35 -21.69
CA THR A 3 -10.76 3.48 -21.03
C THR A 3 -10.98 2.36 -20.01
N LYS A 4 -10.90 2.69 -18.73
CA LYS A 4 -11.03 1.70 -17.67
C LYS A 4 -11.59 2.34 -16.41
N ASP A 5 -12.10 1.51 -15.51
CA ASP A 5 -12.55 1.96 -14.20
C ASP A 5 -11.43 2.72 -13.52
N ASN A 6 -11.80 3.61 -12.61
CA ASN A 6 -10.81 4.41 -11.89
C ASN A 6 -9.94 3.54 -11.00
N GLU A 7 -10.36 2.30 -10.80
CA GLU A 7 -9.56 1.32 -10.05
C GLU A 7 -8.55 0.65 -10.99
N VAL A 8 -8.93 0.47 -12.24
CA VAL A 8 -8.12 -0.28 -13.21
C VAL A 8 -7.55 0.59 -14.31
N GLU A 9 -7.51 1.90 -14.10
CA GLU A 9 -6.99 2.82 -15.11
C GLU A 9 -5.46 2.94 -15.04
N GLN A 10 -4.83 1.97 -14.38
CA GLN A 10 -3.41 1.99 -14.17
C GLN A 10 -2.73 0.71 -14.70
N GLU A 11 -1.74 0.91 -15.58
CA GLU A 11 -1.05 -0.20 -16.28
C GLU A 11 -0.30 -1.11 -15.33
N ASP A 12 -0.15 -0.68 -14.10
CA ASP A 12 0.50 -1.48 -13.08
C ASP A 12 0.03 -2.95 -13.13
N LEU A 13 -1.25 -3.15 -13.41
CA LEU A 13 -1.84 -4.47 -13.49
C LEU A 13 -3.33 -4.34 -13.81
N ALA A 14 -3.65 -3.57 -14.85
CA ALA A 14 -5.02 -3.27 -15.22
C ALA A 14 -5.09 -2.34 -16.44
N GLN A 15 -5.52 -2.87 -17.59
CA GLN A 15 -5.71 -2.05 -18.78
C GLN A 15 -6.89 -2.50 -19.60
N SER A 16 -7.31 -1.62 -20.50
CA SER A 16 -8.16 -1.99 -21.62
C SER A 16 -7.30 -2.03 -22.88
N LEU A 17 -6.20 -2.77 -22.77
CA LEU A 17 -5.20 -2.86 -23.83
C LEU A 17 -4.22 -3.97 -23.48
N SER A 18 -3.93 -4.11 -22.20
CA SER A 18 -3.06 -5.15 -21.68
C SER A 18 -3.32 -5.37 -20.20
N LEU A 19 -2.38 -6.00 -19.51
CA LEU A 19 -2.38 -6.14 -18.06
C LEU A 19 -3.60 -6.87 -17.54
N VAL A 20 -3.42 -8.19 -17.35
CA VAL A 20 -4.44 -9.11 -16.80
C VAL A 20 -5.85 -8.90 -17.38
N LYS A 21 -6.57 -7.94 -16.84
CA LYS A 21 -7.98 -7.80 -17.13
C LYS A 21 -8.21 -6.86 -18.31
N ASP A 22 -7.46 -7.11 -19.37
CA ASP A 22 -7.59 -6.37 -20.61
C ASP A 22 -8.98 -6.59 -21.23
N VAL A 23 -9.21 -7.79 -21.78
CA VAL A 23 -10.47 -8.12 -22.43
C VAL A 23 -10.42 -9.52 -23.07
N ILE A 24 -9.41 -10.30 -22.70
CA ILE A 24 -9.14 -11.58 -23.36
C ILE A 24 -9.29 -12.74 -22.37
N GLY A 25 -8.52 -13.80 -22.54
CA GLY A 25 -8.60 -14.95 -21.65
C GLY A 25 -8.20 -14.58 -20.25
N ALA A 26 -7.21 -13.70 -20.15
CA ALA A 26 -6.71 -13.24 -18.88
C ALA A 26 -7.70 -12.31 -18.18
N VAL A 27 -8.73 -11.90 -18.91
CA VAL A 27 -9.73 -11.01 -18.36
C VAL A 27 -10.61 -11.77 -17.37
N ASP A 28 -10.54 -13.09 -17.48
CA ASP A 28 -11.21 -14.00 -16.55
C ASP A 28 -10.54 -13.93 -15.18
N SER A 29 -9.46 -13.16 -15.10
CA SER A 29 -8.82 -12.88 -13.84
C SER A 29 -9.33 -11.59 -13.23
N LYS A 30 -10.28 -10.93 -13.88
CA LYS A 30 -10.92 -9.77 -13.28
C LYS A 30 -11.69 -10.18 -12.06
N VAL A 31 -12.35 -11.32 -12.12
CA VAL A 31 -13.06 -11.81 -10.98
C VAL A 31 -12.08 -12.14 -9.88
N ALA A 32 -10.86 -12.47 -10.27
CA ALA A 32 -9.82 -12.73 -9.32
C ALA A 32 -9.20 -11.41 -8.87
N SER A 33 -9.40 -10.37 -9.67
CA SER A 33 -9.14 -9.00 -9.25
C SER A 33 -10.24 -8.57 -8.29
N TYR A 34 -11.43 -9.10 -8.51
CA TYR A 34 -12.50 -9.00 -7.53
C TYR A 34 -12.13 -9.82 -6.31
N GLU A 35 -11.53 -10.99 -6.53
CA GLU A 35 -11.07 -11.82 -5.43
C GLU A 35 -9.92 -11.11 -4.70
N LYS A 36 -9.21 -10.28 -5.44
CA LYS A 36 -8.14 -9.46 -4.88
C LYS A 36 -8.74 -8.26 -4.13
N LYS A 37 -9.88 -7.82 -4.62
CA LYS A 37 -10.72 -6.82 -3.97
C LYS A 37 -11.50 -7.49 -2.85
N VAL A 38 -11.45 -8.81 -2.84
CA VAL A 38 -12.22 -9.63 -1.93
C VAL A 38 -11.42 -9.96 -0.68
N ARG A 39 -10.16 -10.32 -0.85
CA ARG A 39 -9.26 -10.41 0.30
C ARG A 39 -9.06 -9.03 0.86
N LEU A 40 -9.11 -8.05 -0.03
CA LEU A 40 -9.05 -6.67 0.38
C LEU A 40 -10.39 -6.25 0.94
N ASN A 41 -11.46 -6.94 0.54
CA ASN A 41 -12.79 -6.76 1.16
C ASN A 41 -12.76 -7.32 2.56
N GLU A 42 -12.09 -8.45 2.73
CA GLU A 42 -11.90 -9.03 4.04
C GLU A 42 -11.05 -8.12 4.86
N ILE A 43 -9.98 -7.67 4.24
CA ILE A 43 -9.04 -6.79 4.84
C ILE A 43 -9.58 -5.37 4.93
N TYR A 44 -10.64 -5.16 4.21
CA TYR A 44 -11.48 -4.00 4.38
C TYR A 44 -12.41 -4.24 5.58
N THR A 45 -12.74 -5.50 5.80
CA THR A 45 -13.80 -5.90 6.72
C THR A 45 -13.32 -6.03 8.18
N LYS A 46 -12.15 -6.64 8.40
CA LYS A 46 -11.62 -6.79 9.78
C LYS A 46 -11.12 -5.45 10.27
N THR A 47 -10.68 -4.65 9.33
CA THR A 47 -10.07 -3.38 9.63
C THR A 47 -11.05 -2.44 10.32
N ASP A 48 -10.64 -1.93 11.49
CA ASP A 48 -11.48 -1.04 12.28
C ASP A 48 -11.75 0.26 11.52
N SER A 49 -12.99 0.49 11.16
CA SER A 49 -13.35 1.55 10.22
C SER A 49 -12.74 2.91 10.59
N LYS A 50 -12.98 3.33 11.83
CA LYS A 50 -12.60 4.63 12.29
C LYS A 50 -11.19 4.70 12.91
N SER A 51 -10.53 3.56 13.06
CA SER A 51 -9.19 3.54 13.64
C SER A 51 -8.18 3.95 12.58
N ILE A 52 -8.30 5.19 12.14
CA ILE A 52 -7.57 5.69 11.00
C ILE A 52 -6.36 6.53 11.40
N MET A 53 -5.77 7.16 10.41
CA MET A 53 -4.55 7.92 10.59
C MET A 53 -4.61 9.21 9.76
N ARG A 54 -3.50 9.90 9.68
CA ARG A 54 -3.36 11.00 8.74
C ARG A 54 -2.14 10.76 7.87
N MET A 55 -2.41 10.33 6.65
CA MET A 55 -1.39 9.85 5.75
C MET A 55 -0.57 10.98 5.12
N LYS A 56 -0.12 10.81 3.87
CA LYS A 56 0.91 11.68 3.26
C LYS A 56 0.65 13.17 3.51
N SER A 57 -0.56 13.62 3.23
CA SER A 57 -0.87 15.05 3.34
C SER A 57 -1.42 15.39 4.71
N GLY A 58 -1.95 14.40 5.41
CA GLY A 58 -2.52 14.64 6.72
C GLY A 58 -4.01 14.42 6.74
N GLN A 59 -4.50 13.81 5.67
CA GLN A 59 -5.92 13.51 5.51
C GLN A 59 -6.34 12.37 6.42
N MET A 60 -7.63 12.15 6.52
CA MET A 60 -8.15 10.96 7.16
C MET A 60 -8.41 9.88 6.13
N PHE A 61 -7.56 8.89 6.14
CA PHE A 61 -7.71 7.75 5.25
C PHE A 61 -8.40 6.63 6.01
N ALA A 62 -9.42 6.02 5.44
CA ALA A 62 -10.16 5.04 6.18
C ALA A 62 -10.41 3.73 5.44
N LYS A 63 -11.03 2.83 6.17
CA LYS A 63 -11.47 1.53 5.71
C LYS A 63 -12.13 1.58 4.33
N GLU A 64 -13.11 2.47 4.17
CA GLU A 64 -13.87 2.61 2.94
C GLU A 64 -12.98 2.73 1.70
N ASP A 65 -11.75 3.19 1.89
CA ASP A 65 -10.88 3.52 0.77
C ASP A 65 -10.15 2.30 0.19
N LEU A 66 -9.72 1.37 1.06
CA LEU A 66 -8.98 0.18 0.62
C LEU A 66 -9.82 -0.67 -0.32
N LYS A 67 -11.12 -0.49 -0.18
CA LYS A 67 -12.15 -1.24 -0.89
C LYS A 67 -11.85 -1.54 -2.36
N ARG A 68 -11.65 -0.49 -3.14
CA ARG A 68 -11.56 -0.60 -4.59
C ARG A 68 -10.13 -0.74 -5.08
N LYS A 69 -9.23 -0.70 -4.13
CA LYS A 69 -7.81 -0.75 -4.41
C LYS A 69 -7.36 -2.15 -4.85
N LYS A 70 -6.20 -2.20 -5.49
CA LYS A 70 -5.71 -3.45 -6.08
C LYS A 70 -4.67 -4.12 -5.18
N LEU A 71 -5.09 -5.22 -4.55
CA LEU A 71 -4.20 -6.10 -3.77
C LEU A 71 -3.02 -6.56 -4.64
N VAL A 72 -1.87 -5.91 -4.55
CA VAL A 72 -0.71 -6.38 -5.29
C VAL A 72 0.29 -7.08 -4.38
N ARG A 73 0.34 -6.68 -3.12
CA ARG A 73 1.13 -7.40 -2.13
C ARG A 73 0.54 -7.27 -0.73
N ASP A 74 0.71 -8.31 0.06
CA ASP A 74 0.35 -8.28 1.47
C ASP A 74 1.40 -9.07 2.27
N GLY A 75 1.85 -8.49 3.37
CA GLY A 75 2.79 -9.17 4.24
C GLY A 75 2.96 -8.45 5.55
N SER A 76 3.23 -9.19 6.59
CA SER A 76 3.35 -8.60 7.91
C SER A 76 4.77 -8.17 8.21
N VAL A 77 4.90 -6.93 8.62
CA VAL A 77 6.19 -6.34 8.96
C VAL A 77 6.08 -5.53 10.23
N PHE A 78 7.17 -5.49 10.97
CA PHE A 78 7.17 -4.80 12.26
C PHE A 78 7.23 -3.28 12.08
N LEU A 79 6.73 -2.55 13.08
CA LEU A 79 6.66 -1.09 13.02
C LEU A 79 7.23 -0.46 14.29
N LYS A 80 8.35 0.23 14.19
CA LYS A 80 8.92 0.92 15.35
C LYS A 80 8.19 2.25 15.56
N ASN A 81 7.45 2.35 16.65
CA ASN A 81 6.79 3.61 16.99
C ASN A 81 7.77 4.55 17.65
N ALA A 82 7.27 5.64 18.24
CA ALA A 82 8.15 6.60 18.90
C ALA A 82 8.83 5.98 20.12
N ALA A 83 8.44 4.76 20.45
CA ALA A 83 8.96 4.08 21.62
C ALA A 83 9.73 2.86 21.19
N GLY A 84 9.70 2.63 19.90
CA GLY A 84 10.37 1.49 19.30
C GLY A 84 9.82 0.17 19.79
N ARG A 85 8.52 0.09 19.88
CA ARG A 85 7.84 -1.13 20.29
C ARG A 85 7.11 -1.68 19.09
N LEU A 86 7.58 -2.81 18.62
CA LEU A 86 7.20 -3.32 17.32
C LEU A 86 5.85 -4.02 17.31
N LYS A 87 5.21 -3.84 16.18
CA LYS A 87 3.96 -4.47 15.85
C LYS A 87 4.13 -5.14 14.50
N GLU A 88 3.98 -6.45 14.43
CA GLU A 88 4.00 -7.09 13.13
C GLU A 88 2.68 -6.83 12.46
N VAL A 89 2.68 -5.85 11.58
CA VAL A 89 1.46 -5.35 10.99
C VAL A 89 1.27 -5.97 9.63
N GLN A 90 0.02 -6.13 9.23
CA GLN A 90 -0.26 -6.65 7.92
C GLN A 90 -0.17 -5.51 6.92
N ALA A 91 0.98 -5.40 6.28
CA ALA A 91 1.22 -4.37 5.30
C ALA A 91 0.59 -4.76 3.99
N VAL A 92 -0.33 -3.94 3.54
CA VAL A 92 -1.03 -4.24 2.31
C VAL A 92 -0.63 -3.22 1.26
N LEU A 93 0.29 -3.60 0.43
CA LEU A 93 0.65 -2.76 -0.69
C LEU A 93 -0.39 -2.91 -1.77
N LEU A 94 -1.20 -1.88 -1.89
CA LEU A 94 -2.17 -1.77 -2.94
C LEU A 94 -1.54 -1.00 -4.08
N THR A 95 -2.28 -0.79 -5.14
CA THR A 95 -1.79 -0.04 -6.27
C THR A 95 -2.09 1.43 -6.12
N ASP A 96 -2.63 1.77 -4.96
CA ASP A 96 -3.05 3.13 -4.69
C ASP A 96 -2.48 3.60 -3.36
N ILE A 97 -2.29 2.67 -2.44
CA ILE A 97 -1.64 2.97 -1.17
C ILE A 97 -0.75 1.85 -0.69
N LEU A 98 0.08 2.18 0.28
CA LEU A 98 0.89 1.22 1.00
C LEU A 98 0.47 1.30 2.47
N VAL A 99 -0.43 0.42 2.91
CA VAL A 99 -1.08 0.56 4.22
C VAL A 99 -0.63 -0.52 5.20
N PHE A 100 -0.52 -0.15 6.47
CA PHE A 100 -0.18 -1.10 7.51
C PHE A 100 -1.39 -1.36 8.37
N LEU A 101 -1.47 -2.55 8.91
CA LEU A 101 -2.62 -2.94 9.70
C LEU A 101 -2.20 -3.72 10.94
N GLN A 102 -2.49 -3.14 12.09
CA GLN A 102 -2.11 -3.68 13.38
C GLN A 102 -3.21 -4.63 13.84
N GLU A 103 -2.84 -5.86 14.18
CA GLU A 103 -3.84 -6.84 14.60
C GLU A 103 -4.25 -6.57 16.04
N LYS A 104 -5.45 -6.01 16.17
CA LYS A 104 -5.97 -5.60 17.45
C LYS A 104 -7.41 -6.03 17.57
N ASP A 105 -7.73 -6.74 18.63
CA ASP A 105 -9.09 -7.16 18.89
C ASP A 105 -9.59 -7.99 17.71
N GLN A 106 -8.90 -9.12 17.51
CA GLN A 106 -9.23 -10.15 16.50
C GLN A 106 -9.30 -9.60 15.08
N LYS A 107 -8.92 -8.34 14.89
CA LYS A 107 -9.00 -7.72 13.58
C LYS A 107 -7.82 -6.79 13.42
N TYR A 108 -7.88 -5.88 12.47
CA TYR A 108 -6.80 -4.93 12.29
C TYR A 108 -7.27 -3.51 12.43
N ILE A 109 -6.29 -2.63 12.44
CA ILE A 109 -6.47 -1.20 12.54
C ILE A 109 -5.33 -0.58 11.74
N PHE A 110 -5.38 0.71 11.48
CA PHE A 110 -4.45 1.32 10.53
C PHE A 110 -3.02 1.43 11.06
N ALA A 111 -2.76 0.83 12.23
CA ALA A 111 -1.44 0.86 12.86
C ALA A 111 -0.92 2.29 12.95
N SER A 112 -1.87 3.21 13.05
CA SER A 112 -1.67 4.63 12.80
C SER A 112 -0.34 5.20 13.28
N LEU A 113 0.10 4.78 14.47
CA LEU A 113 1.35 5.24 15.07
C LEU A 113 1.31 6.72 15.46
N ASP A 114 0.42 7.47 14.80
CA ASP A 114 0.11 8.87 15.15
C ASP A 114 1.28 9.80 14.91
N GLN A 115 2.11 9.47 13.93
CA GLN A 115 3.27 10.27 13.57
C GLN A 115 3.91 9.73 12.30
N LYS A 116 4.31 8.46 12.34
CA LYS A 116 4.79 7.75 11.18
C LYS A 116 3.67 7.57 10.17
N SER A 117 3.97 7.78 8.90
CA SER A 117 3.01 7.49 7.82
C SER A 117 2.74 6.00 7.75
N THR A 118 1.55 5.64 8.17
CA THR A 118 1.16 4.24 8.33
C THR A 118 0.30 3.76 7.17
N VAL A 119 0.10 4.65 6.24
CA VAL A 119 -0.57 4.36 4.99
C VAL A 119 -0.02 5.33 3.95
N ILE A 120 0.89 4.84 3.14
CA ILE A 120 1.58 5.69 2.20
C ILE A 120 0.88 5.61 0.86
N SER A 121 0.11 6.63 0.52
CA SER A 121 -0.48 6.70 -0.81
C SER A 121 0.65 6.57 -1.80
N LEU A 122 0.72 5.45 -2.47
CA LEU A 122 1.89 5.10 -3.24
C LEU A 122 2.07 5.98 -4.48
N LYS A 123 2.66 5.38 -5.51
CA LYS A 123 3.04 6.08 -6.69
C LYS A 123 4.12 7.09 -6.42
N LYS A 124 5.23 6.85 -7.11
CA LYS A 124 6.46 7.57 -6.93
C LYS A 124 6.72 7.81 -5.44
N LEU A 125 6.58 6.72 -4.69
CA LEU A 125 6.82 6.73 -3.27
C LEU A 125 8.30 6.61 -3.01
N ILE A 126 8.72 7.03 -1.85
CA ILE A 126 10.12 6.95 -1.49
C ILE A 126 10.35 5.77 -0.55
N VAL A 127 10.96 4.75 -1.09
CA VAL A 127 11.25 3.55 -0.34
C VAL A 127 12.76 3.42 -0.19
N ARG A 128 13.21 3.50 1.05
CA ARG A 128 14.64 3.60 1.32
C ARG A 128 15.10 2.52 2.26
N GLU A 129 16.39 2.35 2.27
CA GLU A 129 17.03 1.25 2.97
C GLU A 129 17.73 1.75 4.22
N VAL A 130 17.10 1.49 5.35
CA VAL A 130 17.60 1.90 6.66
C VAL A 130 19.06 1.49 6.88
N ALA A 131 19.82 2.38 7.50
CA ALA A 131 21.23 2.11 7.80
C ALA A 131 21.38 1.47 9.18
N HIS A 132 20.49 1.84 10.09
CA HIS A 132 20.55 1.35 11.46
C HIS A 132 19.82 0.01 11.62
N GLU A 133 19.69 -0.70 10.52
CA GLU A 133 18.97 -1.98 10.52
C GLU A 133 19.38 -2.81 9.32
N GLU A 134 19.26 -4.13 9.46
CA GLU A 134 19.58 -5.05 8.39
C GLU A 134 18.32 -5.43 7.64
N LYS A 135 17.23 -5.58 8.38
CA LYS A 135 15.97 -6.01 7.80
C LYS A 135 14.95 -4.90 7.84
N GLY A 136 15.33 -3.78 8.44
CA GLY A 136 14.48 -2.63 8.46
C GLY A 136 14.34 -2.01 7.08
N LEU A 137 13.29 -1.25 6.89
CA LEU A 137 13.02 -0.57 5.66
C LEU A 137 12.21 0.69 5.95
N PHE A 138 12.52 1.77 5.26
CA PHE A 138 11.73 2.98 5.35
C PHE A 138 10.70 3.02 4.23
N LEU A 139 9.45 2.87 4.56
CA LEU A 139 8.40 3.14 3.61
C LEU A 139 7.94 4.57 3.81
N ILE A 140 8.45 5.46 2.97
CA ILE A 140 8.37 6.88 3.23
C ILE A 140 7.38 7.57 2.31
N SER A 141 6.87 8.71 2.75
CA SER A 141 5.90 9.48 1.99
C SER A 141 6.49 10.82 1.52
N MET A 142 7.82 10.91 1.45
CA MET A 142 8.49 12.12 1.02
C MET A 142 8.04 12.50 -0.38
N GLY A 143 7.77 13.78 -0.60
CA GLY A 143 7.34 14.23 -1.90
C GLY A 143 6.73 15.61 -1.88
N MET A 144 6.10 15.96 -0.77
CA MET A 144 5.43 17.26 -0.66
C MET A 144 6.18 18.22 0.24
N THR A 145 6.44 17.78 1.47
CA THR A 145 7.08 18.64 2.46
C THR A 145 7.80 17.82 3.52
N ASP A 146 7.07 16.91 4.16
CA ASP A 146 7.64 16.09 5.22
C ASP A 146 6.77 14.88 5.48
N PRO A 147 7.35 13.71 5.27
CA PRO A 147 6.67 12.43 5.38
C PRO A 147 6.61 11.86 6.80
N GLU A 148 7.72 11.94 7.53
CA GLU A 148 7.86 11.21 8.79
C GLU A 148 7.66 9.72 8.55
N MET A 149 8.67 9.12 7.94
CA MET A 149 8.61 7.74 7.50
C MET A 149 8.39 6.80 8.66
N VAL A 150 7.71 5.70 8.40
CA VAL A 150 7.49 4.71 9.42
C VAL A 150 8.61 3.69 9.40
N GLU A 151 8.89 3.14 10.55
CA GLU A 151 9.97 2.21 10.71
C GLU A 151 9.50 0.80 10.48
N VAL A 152 9.76 0.30 9.29
CA VAL A 152 9.32 -1.01 8.88
C VAL A 152 10.45 -2.00 9.07
N HIS A 153 10.16 -3.16 9.63
CA HIS A 153 11.14 -4.23 9.73
C HIS A 153 10.64 -5.46 9.01
N ALA A 154 11.32 -5.84 7.94
CA ALA A 154 10.95 -7.01 7.18
C ALA A 154 11.26 -8.27 7.96
N SER A 155 10.60 -9.36 7.59
CA SER A 155 10.77 -10.63 8.27
C SER A 155 12.24 -11.05 8.28
N SER A 156 12.95 -10.72 7.21
CA SER A 156 14.33 -11.11 7.06
C SER A 156 15.14 -9.95 6.49
N LYS A 157 16.45 -9.99 6.67
CA LYS A 157 17.33 -8.94 6.16
C LYS A 157 17.10 -8.74 4.65
N GLU A 158 16.97 -9.85 3.94
CA GLU A 158 16.71 -9.81 2.50
C GLU A 158 15.35 -9.21 2.20
N GLU A 159 14.38 -9.55 3.03
CA GLU A 159 12.99 -9.19 2.79
C GLU A 159 12.80 -7.68 2.69
N ARG A 160 13.68 -6.92 3.33
CA ARG A 160 13.59 -5.47 3.25
C ARG A 160 13.68 -5.03 1.79
N ASN A 161 14.68 -5.56 1.08
CA ASN A 161 14.84 -5.27 -0.34
C ASN A 161 13.75 -5.96 -1.12
N SER A 162 13.29 -7.06 -0.58
CA SER A 162 12.17 -7.80 -1.15
C SER A 162 10.92 -6.94 -1.14
N TRP A 163 10.83 -6.02 -0.20
CA TRP A 163 9.68 -5.14 -0.09
C TRP A 163 9.94 -3.86 -0.87
N ILE A 164 11.18 -3.40 -0.78
CA ILE A 164 11.64 -2.27 -1.56
C ILE A 164 11.38 -2.49 -3.04
N GLN A 165 11.73 -3.66 -3.50
CA GLN A 165 11.55 -4.01 -4.89
C GLN A 165 10.08 -3.97 -5.28
N ILE A 166 9.19 -4.09 -4.31
CA ILE A 166 7.77 -4.23 -4.61
C ILE A 166 7.15 -2.89 -4.97
N ILE A 167 7.64 -1.82 -4.36
CA ILE A 167 7.26 -0.50 -4.82
C ILE A 167 7.95 -0.24 -6.15
N GLN A 168 9.17 -0.72 -6.26
CA GLN A 168 9.89 -0.74 -7.52
C GLN A 168 9.19 -1.69 -8.51
N ASP A 169 8.32 -2.55 -7.99
CA ASP A 169 7.54 -3.44 -8.83
C ASP A 169 6.26 -2.76 -9.28
N THR A 170 5.45 -2.36 -8.30
CA THR A 170 4.15 -1.78 -8.52
C THR A 170 4.23 -0.37 -9.12
N ILE A 171 4.90 0.55 -8.42
CA ILE A 171 4.89 1.96 -8.84
C ILE A 171 5.58 2.15 -10.17
N ASN A 172 6.58 1.34 -10.46
CA ASN A 172 7.33 1.47 -11.69
C ASN A 172 6.41 1.24 -12.88
N THR A 173 5.43 0.36 -12.71
CA THR A 173 4.47 0.06 -13.75
C THR A 173 3.25 0.98 -13.64
N LEU A 174 2.99 1.51 -12.45
CA LEU A 174 1.99 2.58 -12.29
C LEU A 174 2.41 3.78 -13.12
N ASN A 175 3.63 4.23 -12.87
CA ASN A 175 4.21 5.41 -13.53
C ASN A 175 4.33 5.22 -15.03
N ARG A 176 4.42 3.96 -15.44
CA ARG A 176 4.55 3.57 -16.78
C ARG A 176 3.52 4.23 -17.69
N ASP A 177 2.25 4.13 -17.31
CA ASP A 177 1.17 4.73 -18.09
C ASP A 177 0.86 6.13 -17.61
N GLU A 178 0.34 6.17 -16.39
CA GLU A 178 -0.21 7.36 -15.80
C GLU A 178 0.78 8.51 -15.69
N ASP A 179 0.30 9.59 -15.10
CA ASP A 179 1.16 10.69 -14.67
C ASP A 179 1.84 10.28 -13.37
N GLU A 180 2.39 11.24 -12.64
CA GLU A 180 3.06 10.92 -11.40
C GLU A 180 2.62 11.84 -10.26
N GLY A 181 1.86 11.30 -9.32
CA GLY A 181 1.57 12.02 -8.11
C GLY A 181 0.18 11.83 -7.59
N ILE A 182 0.05 11.10 -6.50
CA ILE A 182 -1.22 10.92 -5.85
C ILE A 182 -1.09 10.90 -4.32
N PRO A 183 -1.27 12.09 -3.69
CA PRO A 183 -1.28 12.23 -2.23
C PRO A 183 -2.70 12.11 -1.66
N SER A 184 -2.82 11.48 -0.48
CA SER A 184 -4.12 11.23 0.12
C SER A 184 -5.04 10.47 -0.83
N GLU A 185 -4.41 9.68 -1.68
CA GLU A 185 -5.07 8.95 -2.74
C GLU A 185 -5.64 9.94 -3.76
N SER A 1 -7.18 8.68 -16.21
CA SER A 1 -6.10 7.86 -16.77
C SER A 1 -6.65 6.90 -17.82
N MET A 2 -7.53 6.00 -17.41
CA MET A 2 -8.03 4.96 -18.29
C MET A 2 -9.51 4.70 -17.99
N THR A 3 -10.25 4.23 -18.99
CA THR A 3 -11.68 3.99 -18.83
C THR A 3 -11.93 2.73 -17.99
N LYS A 4 -11.54 2.82 -16.73
CA LYS A 4 -11.58 1.69 -15.80
C LYS A 4 -11.85 2.23 -14.40
N ASP A 5 -12.84 3.10 -14.30
CA ASP A 5 -13.13 3.82 -13.05
C ASP A 5 -11.87 4.58 -12.62
N ASN A 6 -11.85 5.12 -11.42
CA ASN A 6 -10.62 5.73 -10.90
C ASN A 6 -9.83 4.71 -10.09
N GLU A 7 -10.56 3.72 -9.58
CA GLU A 7 -10.00 2.70 -8.70
C GLU A 7 -9.19 1.67 -9.48
N VAL A 8 -9.57 1.44 -10.72
CA VAL A 8 -8.98 0.38 -11.52
C VAL A 8 -7.95 0.94 -12.51
N GLU A 9 -8.22 2.12 -13.05
CA GLU A 9 -7.56 2.66 -14.24
C GLU A 9 -6.02 2.61 -14.24
N GLN A 10 -5.40 2.65 -13.07
CA GLN A 10 -3.94 2.54 -12.95
C GLN A 10 -3.38 1.41 -13.82
N GLU A 11 -2.48 1.77 -14.75
CA GLU A 11 -1.97 0.84 -15.79
C GLU A 11 -1.38 -0.41 -15.18
N ASP A 12 -0.85 -0.29 -13.97
CA ASP A 12 -0.28 -1.44 -13.27
C ASP A 12 -1.19 -2.67 -13.38
N LEU A 13 -2.51 -2.44 -13.44
CA LEU A 13 -3.47 -3.53 -13.59
C LEU A 13 -4.80 -3.04 -14.20
N ALA A 14 -4.77 -2.50 -15.44
CA ALA A 14 -6.02 -2.08 -16.11
C ALA A 14 -5.82 -1.38 -17.45
N GLN A 15 -6.65 -1.76 -18.43
CA GLN A 15 -6.88 -0.96 -19.63
C GLN A 15 -8.13 -1.45 -20.34
N SER A 16 -8.77 -0.57 -21.10
CA SER A 16 -9.98 -0.93 -21.84
C SER A 16 -9.62 -1.50 -23.22
N LEU A 17 -8.52 -2.24 -23.27
CA LEU A 17 -8.03 -2.82 -24.52
C LEU A 17 -6.90 -3.79 -24.23
N SER A 18 -6.06 -3.44 -23.26
CA SER A 18 -4.97 -4.32 -22.83
C SER A 18 -4.86 -4.30 -21.32
N LEU A 19 -3.68 -4.64 -20.82
CA LEU A 19 -3.33 -4.44 -19.43
C LEU A 19 -4.20 -5.31 -18.51
N VAL A 20 -3.86 -6.61 -18.47
CA VAL A 20 -4.64 -7.66 -17.79
C VAL A 20 -6.15 -7.56 -18.04
N LYS A 21 -6.83 -6.73 -17.26
CA LYS A 21 -8.28 -6.69 -17.30
C LYS A 21 -8.74 -5.77 -18.42
N ASP A 22 -8.48 -6.19 -19.63
CA ASP A 22 -8.81 -5.44 -20.81
C ASP A 22 -10.28 -5.59 -21.17
N VAL A 23 -10.55 -6.40 -22.19
CA VAL A 23 -11.92 -6.70 -22.66
C VAL A 23 -11.91 -8.07 -23.34
N ILE A 24 -10.76 -8.73 -23.33
CA ILE A 24 -10.49 -9.83 -24.25
C ILE A 24 -10.37 -11.19 -23.55
N GLY A 25 -9.19 -11.51 -23.05
CA GLY A 25 -8.93 -12.84 -22.52
C GLY A 25 -8.37 -12.81 -21.13
N ALA A 26 -7.27 -12.08 -20.98
CA ALA A 26 -6.70 -11.83 -19.66
C ALA A 26 -7.67 -11.00 -18.83
N VAL A 27 -8.69 -10.48 -19.52
CA VAL A 27 -9.78 -9.77 -18.90
C VAL A 27 -10.47 -10.64 -17.86
N ASP A 28 -10.35 -11.94 -18.07
CA ASP A 28 -10.87 -12.94 -17.14
C ASP A 28 -10.14 -12.88 -15.80
N SER A 29 -9.02 -12.16 -15.76
CA SER A 29 -8.31 -11.96 -14.51
C SER A 29 -8.87 -10.77 -13.73
N LYS A 30 -9.86 -10.10 -14.32
CA LYS A 30 -10.51 -8.99 -13.64
C LYS A 30 -11.30 -9.48 -12.45
N VAL A 31 -11.99 -10.60 -12.60
CA VAL A 31 -12.77 -11.13 -11.51
C VAL A 31 -11.84 -11.56 -10.40
N ALA A 32 -10.62 -11.86 -10.76
CA ALA A 32 -9.64 -12.21 -9.78
C ALA A 32 -9.03 -10.93 -9.19
N SER A 33 -9.10 -9.86 -9.97
CA SER A 33 -8.86 -8.51 -9.44
C SER A 33 -9.99 -8.13 -8.50
N TYR A 34 -11.19 -8.58 -8.82
CA TYR A 34 -12.31 -8.49 -7.91
C TYR A 34 -12.05 -9.39 -6.72
N GLU A 35 -11.51 -10.59 -6.97
CA GLU A 35 -11.17 -11.50 -5.89
C GLU A 35 -10.00 -10.94 -5.08
N LYS A 36 -9.31 -9.97 -5.68
CA LYS A 36 -8.22 -9.27 -5.04
C LYS A 36 -8.76 -8.06 -4.28
N LYS A 37 -9.88 -7.57 -4.76
CA LYS A 37 -10.68 -6.56 -4.09
C LYS A 37 -11.53 -7.25 -3.05
N VAL A 38 -11.57 -8.56 -3.19
CA VAL A 38 -12.20 -9.47 -2.25
C VAL A 38 -11.27 -9.76 -1.12
N ARG A 39 -10.00 -9.95 -1.46
CA ARG A 39 -8.95 -10.06 -0.48
C ARG A 39 -8.91 -8.79 0.31
N LEU A 40 -9.04 -7.70 -0.42
CA LEU A 40 -9.07 -6.40 0.18
C LEU A 40 -10.44 -6.09 0.73
N ASN A 41 -11.45 -6.88 0.37
CA ASN A 41 -12.76 -6.81 1.02
C ASN A 41 -12.65 -7.49 2.37
N GLU A 42 -11.85 -8.54 2.41
CA GLU A 42 -11.54 -9.23 3.64
C GLU A 42 -10.74 -8.32 4.52
N ILE A 43 -9.70 -7.79 3.93
CA ILE A 43 -8.81 -6.89 4.59
C ILE A 43 -9.42 -5.51 4.76
N TYR A 44 -10.48 -5.27 4.05
CA TYR A 44 -11.39 -4.19 4.34
C TYR A 44 -12.22 -4.57 5.58
N THR A 45 -12.65 -5.82 5.58
CA THR A 45 -13.63 -6.36 6.51
C THR A 45 -13.12 -6.44 7.96
N LYS A 46 -11.89 -6.90 8.17
CA LYS A 46 -11.33 -7.01 9.52
C LYS A 46 -10.79 -5.66 9.96
N THR A 47 -10.52 -4.82 9.01
CA THR A 47 -9.93 -3.54 9.30
C THR A 47 -10.94 -2.63 10.00
N ASP A 48 -10.52 -2.11 11.15
CA ASP A 48 -11.34 -1.22 11.96
C ASP A 48 -11.66 0.05 11.18
N SER A 49 -12.92 0.46 11.25
CA SER A 49 -13.45 1.53 10.43
C SER A 49 -12.86 2.90 10.76
N LYS A 50 -12.83 3.26 12.05
CA LYS A 50 -12.40 4.60 12.44
C LYS A 50 -11.02 4.66 13.05
N SER A 51 -10.36 3.52 13.17
CA SER A 51 -8.96 3.50 13.61
C SER A 51 -8.04 3.96 12.51
N ILE A 52 -8.19 5.20 12.09
CA ILE A 52 -7.50 5.71 10.94
C ILE A 52 -6.29 6.57 11.32
N MET A 53 -5.75 7.28 10.34
CA MET A 53 -4.53 8.04 10.51
C MET A 53 -4.58 9.29 9.64
N ARG A 54 -3.45 9.96 9.53
CA ARG A 54 -3.29 10.99 8.53
C ARG A 54 -2.12 10.60 7.63
N MET A 55 -2.42 10.32 6.39
CA MET A 55 -1.41 9.85 5.46
C MET A 55 -0.66 11.04 4.84
N LYS A 56 -0.02 10.86 3.67
CA LYS A 56 0.95 11.84 3.17
C LYS A 56 0.49 13.29 3.23
N SER A 57 -0.75 13.56 2.84
CA SER A 57 -1.24 14.94 2.80
C SER A 57 -1.74 15.39 4.17
N GLY A 58 -2.22 14.44 4.97
CA GLY A 58 -2.73 14.77 6.28
C GLY A 58 -4.20 14.46 6.40
N GLN A 59 -4.72 13.81 5.37
CA GLN A 59 -6.12 13.47 5.29
C GLN A 59 -6.46 12.33 6.25
N MET A 60 -7.75 12.08 6.39
CA MET A 60 -8.23 10.90 7.07
C MET A 60 -8.43 9.80 6.05
N PHE A 61 -7.58 8.82 6.09
CA PHE A 61 -7.68 7.68 5.22
C PHE A 61 -8.37 6.57 5.98
N ALA A 62 -9.41 5.98 5.40
CA ALA A 62 -10.16 4.98 6.13
C ALA A 62 -10.39 3.70 5.37
N LYS A 63 -11.11 2.84 6.04
CA LYS A 63 -11.50 1.53 5.58
C LYS A 63 -12.08 1.54 4.15
N GLU A 64 -13.03 2.44 3.92
CA GLU A 64 -13.72 2.56 2.63
C GLU A 64 -12.78 2.68 1.43
N ASP A 65 -11.61 3.25 1.65
CA ASP A 65 -10.68 3.51 0.57
C ASP A 65 -9.99 2.23 0.10
N LEU A 66 -9.59 1.37 1.04
CA LEU A 66 -8.93 0.10 0.70
C LEU A 66 -9.81 -0.77 -0.19
N LYS A 67 -11.09 -0.63 0.07
CA LYS A 67 -12.14 -1.42 -0.51
C LYS A 67 -12.10 -1.54 -2.04
N ARG A 68 -11.50 -0.56 -2.69
CA ARG A 68 -11.60 -0.44 -4.13
C ARG A 68 -10.25 -0.62 -4.81
N LYS A 69 -9.25 -0.86 -4.00
CA LYS A 69 -7.87 -0.92 -4.45
C LYS A 69 -7.44 -2.34 -4.86
N LYS A 70 -6.18 -2.49 -5.28
CA LYS A 70 -5.64 -3.81 -5.67
C LYS A 70 -4.70 -4.38 -4.63
N LEU A 71 -5.05 -5.54 -4.12
CA LEU A 71 -4.16 -6.37 -3.30
C LEU A 71 -2.93 -6.80 -4.14
N VAL A 72 -1.85 -6.02 -4.15
CA VAL A 72 -0.69 -6.42 -4.95
C VAL A 72 0.39 -7.10 -4.09
N ARG A 73 0.46 -6.72 -2.81
CA ARG A 73 1.28 -7.45 -1.84
C ARG A 73 0.66 -7.38 -0.45
N ASP A 74 0.88 -8.43 0.33
CA ASP A 74 0.44 -8.48 1.71
C ASP A 74 1.47 -9.23 2.55
N GLY A 75 1.86 -8.65 3.67
CA GLY A 75 2.82 -9.31 4.54
C GLY A 75 3.03 -8.54 5.83
N SER A 76 3.37 -9.25 6.89
CA SER A 76 3.56 -8.62 8.19
C SER A 76 4.95 -8.04 8.32
N VAL A 77 4.99 -6.86 8.93
CA VAL A 77 6.23 -6.13 9.18
C VAL A 77 6.15 -5.42 10.51
N PHE A 78 7.25 -5.46 11.25
CA PHE A 78 7.30 -4.74 12.53
C PHE A 78 7.41 -3.24 12.28
N LEU A 79 6.56 -2.48 12.96
CA LEU A 79 6.59 -1.02 12.89
C LEU A 79 7.27 -0.43 14.14
N LYS A 80 8.39 0.26 13.97
CA LYS A 80 9.01 0.94 15.10
C LYS A 80 8.34 2.29 15.28
N ASN A 81 7.74 2.52 16.44
CA ASN A 81 7.15 3.82 16.73
C ASN A 81 8.23 4.80 17.15
N ALA A 82 7.85 6.01 17.53
CA ALA A 82 8.81 7.02 17.96
C ALA A 82 9.66 6.53 19.13
N ALA A 83 9.22 5.46 19.77
CA ALA A 83 9.87 4.96 20.98
C ALA A 83 10.70 3.72 20.70
N GLY A 84 10.55 3.18 19.50
CA GLY A 84 11.26 1.97 19.14
C GLY A 84 10.60 0.72 19.67
N ARG A 85 9.29 0.74 19.67
CA ARG A 85 8.50 -0.37 20.14
C ARG A 85 7.72 -0.94 18.98
N LEU A 86 7.89 -2.23 18.77
CA LEU A 86 7.47 -2.85 17.54
C LEU A 86 6.09 -3.48 17.57
N LYS A 87 5.49 -3.48 16.38
CA LYS A 87 4.21 -4.12 16.11
C LYS A 87 4.33 -4.87 14.81
N GLU A 88 4.04 -6.16 14.81
CA GLU A 88 4.04 -6.89 13.56
C GLU A 88 2.72 -6.67 12.86
N VAL A 89 2.72 -5.77 11.90
CA VAL A 89 1.49 -5.34 11.25
C VAL A 89 1.35 -6.02 9.90
N GLN A 90 0.12 -6.21 9.46
CA GLN A 90 -0.11 -6.77 8.15
C GLN A 90 -0.08 -5.63 7.13
N ALA A 91 1.06 -5.47 6.47
CA ALA A 91 1.22 -4.43 5.48
C ALA A 91 0.56 -4.85 4.18
N VAL A 92 -0.26 -3.97 3.65
CA VAL A 92 -0.97 -4.26 2.44
C VAL A 92 -0.57 -3.26 1.38
N LEU A 93 0.34 -3.66 0.52
CA LEU A 93 0.69 -2.81 -0.60
C LEU A 93 -0.36 -2.97 -1.68
N LEU A 94 -0.99 -1.87 -1.99
CA LEU A 94 -2.01 -1.80 -3.01
C LEU A 94 -1.43 -1.10 -4.22
N THR A 95 -2.23 -0.92 -5.25
CA THR A 95 -1.79 -0.16 -6.41
C THR A 95 -2.13 1.30 -6.25
N ASP A 96 -2.62 1.63 -5.06
CA ASP A 96 -3.13 2.97 -4.79
C ASP A 96 -2.57 3.48 -3.46
N ILE A 97 -2.39 2.58 -2.51
CA ILE A 97 -1.69 2.92 -1.27
C ILE A 97 -0.76 1.82 -0.81
N LEU A 98 -0.02 2.12 0.25
CA LEU A 98 0.80 1.16 0.97
C LEU A 98 0.41 1.25 2.45
N VAL A 99 -0.46 0.37 2.91
CA VAL A 99 -1.08 0.51 4.23
C VAL A 99 -0.59 -0.53 5.23
N PHE A 100 -0.53 -0.14 6.49
CA PHE A 100 -0.15 -1.04 7.57
C PHE A 100 -1.36 -1.33 8.44
N LEU A 101 -1.43 -2.54 8.95
CA LEU A 101 -2.58 -2.96 9.72
C LEU A 101 -2.17 -3.72 10.98
N GLN A 102 -2.48 -3.13 12.12
CA GLN A 102 -2.13 -3.69 13.41
C GLN A 102 -3.25 -4.61 13.87
N GLU A 103 -2.91 -5.83 14.26
CA GLU A 103 -3.93 -6.80 14.67
C GLU A 103 -4.40 -6.50 16.08
N LYS A 104 -5.64 -6.08 16.16
CA LYS A 104 -6.23 -5.67 17.41
C LYS A 104 -7.68 -6.12 17.47
N ASP A 105 -8.04 -6.75 18.57
CA ASP A 105 -9.42 -7.18 18.79
C ASP A 105 -9.87 -8.03 17.62
N GLN A 106 -9.16 -9.15 17.44
CA GLN A 106 -9.42 -10.18 16.41
C GLN A 106 -9.54 -9.62 15.00
N LYS A 107 -9.05 -8.41 14.78
CA LYS A 107 -9.11 -7.80 13.46
C LYS A 107 -7.92 -6.86 13.32
N TYR A 108 -7.96 -5.96 12.36
CA TYR A 108 -6.85 -5.02 12.20
C TYR A 108 -7.31 -3.59 12.38
N ILE A 109 -6.33 -2.73 12.42
CA ILE A 109 -6.51 -1.30 12.53
C ILE A 109 -5.36 -0.68 11.74
N PHE A 110 -5.41 0.62 11.48
CA PHE A 110 -4.48 1.23 10.53
C PHE A 110 -3.05 1.33 11.04
N ALA A 111 -2.77 0.70 12.19
CA ALA A 111 -1.45 0.76 12.81
C ALA A 111 -0.98 2.19 12.92
N SER A 112 -1.96 3.07 13.00
CA SER A 112 -1.82 4.51 12.79
C SER A 112 -0.60 5.12 13.45
N LEU A 113 -0.19 4.57 14.58
CA LEU A 113 0.98 5.02 15.31
C LEU A 113 0.75 6.41 15.94
N ASP A 114 -0.11 7.21 15.29
CA ASP A 114 -0.45 8.56 15.72
C ASP A 114 0.78 9.47 15.60
N GLN A 115 1.70 9.06 14.74
CA GLN A 115 2.96 9.77 14.59
C GLN A 115 3.33 9.92 13.12
N LYS A 116 3.77 8.83 12.52
CA LYS A 116 4.23 8.84 11.15
C LYS A 116 3.12 8.42 10.19
N SER A 117 3.50 8.09 8.96
CA SER A 117 2.55 7.65 7.94
C SER A 117 2.43 6.13 7.98
N THR A 118 1.24 5.65 8.28
CA THR A 118 0.99 4.22 8.40
C THR A 118 0.17 3.72 7.22
N VAL A 119 0.03 4.61 6.23
CA VAL A 119 -0.63 4.32 4.98
C VAL A 119 -0.07 5.28 3.93
N ILE A 120 0.81 4.77 3.11
CA ILE A 120 1.52 5.60 2.17
C ILE A 120 0.83 5.55 0.82
N SER A 121 0.07 6.60 0.48
CA SER A 121 -0.50 6.70 -0.85
C SER A 121 0.63 6.61 -1.84
N LEU A 122 0.69 5.50 -2.55
CA LEU A 122 1.84 5.18 -3.36
C LEU A 122 1.98 6.08 -4.59
N LYS A 123 2.52 5.50 -5.65
CA LYS A 123 2.95 6.23 -6.81
C LYS A 123 3.91 7.30 -6.45
N LYS A 124 5.17 6.97 -6.63
CA LYS A 124 6.26 7.87 -6.43
C LYS A 124 6.51 7.99 -4.95
N LEU A 125 6.36 6.86 -4.29
CA LEU A 125 6.70 6.72 -2.90
C LEU A 125 8.21 6.56 -2.79
N ILE A 126 8.73 6.88 -1.64
CA ILE A 126 10.16 6.77 -1.42
C ILE A 126 10.43 5.60 -0.51
N VAL A 127 11.26 4.70 -0.98
CA VAL A 127 11.50 3.46 -0.29
C VAL A 127 13.00 3.24 -0.17
N ARG A 128 13.48 3.28 1.06
CA ARG A 128 14.93 3.25 1.30
C ARG A 128 15.31 2.16 2.28
N GLU A 129 16.56 1.76 2.18
CA GLU A 129 17.09 0.70 3.01
C GLU A 129 17.75 1.28 4.25
N VAL A 130 17.10 1.07 5.39
CA VAL A 130 17.59 1.53 6.69
C VAL A 130 19.04 1.06 6.95
N ALA A 131 19.82 1.93 7.60
CA ALA A 131 21.21 1.63 7.89
C ALA A 131 21.38 0.95 9.24
N HIS A 132 20.59 1.40 10.23
CA HIS A 132 20.75 0.90 11.59
C HIS A 132 20.01 -0.42 11.81
N GLU A 133 19.38 -0.92 10.76
CA GLU A 133 18.74 -2.24 10.79
C GLU A 133 19.04 -2.98 9.50
N GLU A 134 19.09 -4.29 9.57
CA GLU A 134 19.45 -5.11 8.42
C GLU A 134 18.21 -5.56 7.67
N LYS A 135 17.14 -5.82 8.41
CA LYS A 135 15.89 -6.26 7.81
C LYS A 135 14.84 -5.17 7.84
N GLY A 136 15.26 -3.99 8.27
CA GLY A 136 14.37 -2.87 8.29
C GLY A 136 14.29 -2.18 6.95
N LEU A 137 13.30 -1.31 6.82
CA LEU A 137 13.09 -0.58 5.59
C LEU A 137 12.24 0.66 5.89
N PHE A 138 12.58 1.76 5.24
CA PHE A 138 11.74 2.95 5.34
C PHE A 138 10.76 3.02 4.20
N LEU A 139 9.49 2.84 4.48
CA LEU A 139 8.46 3.10 3.50
C LEU A 139 7.98 4.52 3.69
N ILE A 140 8.50 5.41 2.86
CA ILE A 140 8.44 6.83 3.14
C ILE A 140 7.48 7.57 2.22
N SER A 141 7.02 8.72 2.69
CA SER A 141 6.07 9.52 1.98
C SER A 141 6.67 10.84 1.47
N MET A 142 7.99 10.88 1.35
CA MET A 142 8.69 12.05 0.83
C MET A 142 8.23 12.35 -0.59
N GLY A 143 7.53 13.47 -0.76
CA GLY A 143 7.04 13.85 -2.07
C GLY A 143 6.21 15.12 -2.04
N MET A 144 6.36 15.88 -0.96
CA MET A 144 5.60 17.12 -0.78
C MET A 144 6.43 18.13 0.00
N THR A 145 6.58 17.87 1.28
CA THR A 145 7.32 18.75 2.17
C THR A 145 8.13 17.95 3.19
N ASP A 146 7.44 17.10 3.95
CA ASP A 146 8.08 16.29 4.98
C ASP A 146 7.23 15.09 5.33
N PRO A 147 7.78 13.91 5.07
CA PRO A 147 7.08 12.64 5.19
C PRO A 147 6.93 12.11 6.61
N GLU A 148 8.01 12.11 7.38
CA GLU A 148 8.06 11.38 8.65
C GLU A 148 7.78 9.91 8.37
N MET A 149 8.80 9.21 7.88
CA MET A 149 8.66 7.83 7.45
C MET A 149 8.32 6.91 8.61
N VAL A 150 7.65 5.81 8.30
CA VAL A 150 7.39 4.82 9.30
C VAL A 150 8.41 3.71 9.22
N GLU A 151 8.72 3.14 10.35
CA GLU A 151 9.80 2.21 10.47
C GLU A 151 9.33 0.78 10.24
N VAL A 152 9.62 0.29 9.05
CA VAL A 152 9.18 -1.00 8.60
C VAL A 152 10.27 -2.05 8.80
N HIS A 153 9.92 -3.20 9.34
CA HIS A 153 10.88 -4.28 9.54
C HIS A 153 10.41 -5.55 8.87
N ALA A 154 11.05 -5.90 7.77
CA ALA A 154 10.71 -7.08 6.99
C ALA A 154 11.01 -8.35 7.76
N SER A 155 10.33 -9.41 7.38
CA SER A 155 10.46 -10.71 8.01
C SER A 155 11.90 -11.21 8.03
N SER A 156 12.70 -10.76 7.07
CA SER A 156 14.10 -11.17 6.99
C SER A 156 14.95 -10.07 6.37
N LYS A 157 16.27 -10.20 6.49
CA LYS A 157 17.20 -9.20 5.97
C LYS A 157 16.94 -8.96 4.48
N GLU A 158 16.81 -10.06 3.74
CA GLU A 158 16.53 -9.98 2.31
C GLU A 158 15.16 -9.39 2.03
N GLU A 159 14.20 -9.72 2.89
CA GLU A 159 12.82 -9.32 2.66
C GLU A 159 12.67 -7.81 2.63
N ARG A 160 13.59 -7.07 3.22
CA ARG A 160 13.52 -5.62 3.16
C ARG A 160 13.57 -5.18 1.71
N ASN A 161 14.52 -5.72 0.95
CA ASN A 161 14.61 -5.44 -0.47
C ASN A 161 13.48 -6.13 -1.21
N SER A 162 12.99 -7.20 -0.62
CA SER A 162 11.82 -7.87 -1.15
C SER A 162 10.63 -6.93 -1.10
N TRP A 163 10.63 -6.01 -0.15
CA TRP A 163 9.54 -5.08 0.00
C TRP A 163 9.81 -3.83 -0.81
N ILE A 164 11.06 -3.40 -0.74
CA ILE A 164 11.56 -2.30 -1.55
C ILE A 164 11.27 -2.53 -3.02
N GLN A 165 11.56 -3.73 -3.46
CA GLN A 165 11.39 -4.09 -4.86
C GLN A 165 9.94 -3.98 -5.28
N ILE A 166 9.01 -4.08 -4.33
CA ILE A 166 7.60 -4.18 -4.67
C ILE A 166 7.03 -2.81 -5.00
N ILE A 167 7.51 -1.78 -4.36
CA ILE A 167 7.18 -0.45 -4.80
C ILE A 167 7.88 -0.19 -6.12
N GLN A 168 9.10 -0.70 -6.23
CA GLN A 168 9.80 -0.74 -7.50
C GLN A 168 9.09 -1.69 -8.48
N ASP A 169 8.20 -2.52 -7.94
CA ASP A 169 7.41 -3.42 -8.77
C ASP A 169 6.14 -2.73 -9.24
N THR A 170 5.33 -2.33 -8.28
CA THR A 170 4.03 -1.73 -8.51
C THR A 170 4.13 -0.31 -9.08
N ILE A 171 4.79 0.59 -8.36
CA ILE A 171 4.81 2.01 -8.77
C ILE A 171 5.45 2.18 -10.14
N ASN A 172 6.39 1.32 -10.48
CA ASN A 172 7.09 1.43 -11.73
C ASN A 172 6.13 1.29 -12.91
N THR A 173 5.12 0.45 -12.73
CA THR A 173 4.10 0.25 -13.75
C THR A 173 2.94 1.23 -13.56
N LEU A 174 2.82 1.77 -12.36
CA LEU A 174 1.88 2.85 -12.08
C LEU A 174 2.29 4.11 -12.83
N ASN A 175 3.57 4.41 -12.74
CA ASN A 175 4.18 5.58 -13.39
C ASN A 175 3.88 5.62 -14.88
N ARG A 176 3.77 4.43 -15.43
CA ARG A 176 3.62 4.17 -16.81
C ARG A 176 2.59 5.06 -17.51
N ASP A 177 1.35 5.04 -17.05
CA ASP A 177 0.30 5.84 -17.67
C ASP A 177 0.21 7.21 -17.04
N GLU A 178 -0.14 7.21 -15.77
CA GLU A 178 -0.35 8.42 -14.99
C GLU A 178 0.81 9.40 -15.04
N ASP A 179 0.57 10.57 -14.46
CA ASP A 179 1.51 11.68 -14.49
C ASP A 179 2.40 11.66 -13.27
N GLU A 180 2.10 10.72 -12.36
CA GLU A 180 2.94 10.43 -11.20
C GLU A 180 2.74 11.43 -10.06
N GLY A 181 2.90 10.95 -8.83
CA GLY A 181 2.84 11.82 -7.67
C GLY A 181 1.43 12.04 -7.18
N ILE A 182 1.05 11.33 -6.11
CA ILE A 182 -0.30 11.41 -5.60
C ILE A 182 -0.39 11.22 -4.08
N PRO A 183 -0.65 12.30 -3.33
CA PRO A 183 -1.05 12.25 -1.93
C PRO A 183 -2.57 12.07 -1.80
N SER A 184 -3.01 11.38 -0.73
CA SER A 184 -4.44 11.13 -0.51
C SER A 184 -5.07 10.39 -1.69
N GLU A 185 -4.25 9.60 -2.36
CA GLU A 185 -4.63 8.86 -3.56
C GLU A 185 -4.99 9.82 -4.70
N SER A 1 -11.17 4.95 -26.40
CA SER A 1 -10.26 4.65 -25.27
C SER A 1 -10.99 3.86 -24.19
N MET A 2 -10.24 3.11 -23.39
CA MET A 2 -10.81 2.35 -22.31
C MET A 2 -9.97 2.52 -21.05
N THR A 3 -10.24 3.61 -20.32
CA THR A 3 -9.46 3.96 -19.15
C THR A 3 -9.76 3.04 -17.96
N LYS A 4 -10.81 2.23 -18.09
CA LYS A 4 -11.10 1.18 -17.11
C LYS A 4 -11.77 1.71 -15.85
N ASP A 5 -12.12 0.80 -14.96
CA ASP A 5 -12.68 1.15 -13.66
C ASP A 5 -11.86 2.26 -13.01
N ASN A 6 -12.50 3.25 -12.44
CA ASN A 6 -11.79 4.41 -11.92
C ASN A 6 -11.09 4.07 -10.61
N GLU A 7 -11.24 2.83 -10.16
CA GLU A 7 -10.46 2.31 -9.05
C GLU A 7 -9.37 1.37 -9.57
N VAL A 8 -9.50 0.93 -10.82
CA VAL A 8 -8.59 -0.06 -11.40
C VAL A 8 -7.67 0.55 -12.43
N GLU A 9 -8.04 1.74 -12.89
CA GLU A 9 -7.53 2.35 -14.11
C GLU A 9 -6.00 2.41 -14.26
N GLN A 10 -5.26 2.30 -13.16
CA GLN A 10 -3.79 2.36 -13.23
C GLN A 10 -3.24 1.22 -14.08
N GLU A 11 -2.22 1.55 -14.88
CA GLU A 11 -1.67 0.63 -15.87
C GLU A 11 -0.95 -0.53 -15.21
N ASP A 12 -0.63 -0.39 -13.94
CA ASP A 12 -0.03 -1.48 -13.21
C ASP A 12 -0.97 -2.69 -13.12
N LEU A 13 -2.26 -2.49 -13.41
CA LEU A 13 -3.23 -3.56 -13.26
C LEU A 13 -4.50 -3.27 -14.08
N ALA A 14 -4.35 -2.50 -15.15
CA ALA A 14 -5.48 -2.19 -16.02
C ALA A 14 -5.01 -1.63 -17.34
N GLN A 15 -5.93 -1.36 -18.23
CA GLN A 15 -5.58 -1.05 -19.59
C GLN A 15 -5.25 0.42 -19.81
N SER A 16 -6.21 1.18 -20.33
CA SER A 16 -5.92 2.51 -20.91
C SER A 16 -4.73 2.42 -21.88
N LEU A 17 -4.43 1.18 -22.29
CA LEU A 17 -3.30 0.86 -23.16
C LEU A 17 -3.18 -0.68 -23.29
N SER A 18 -3.00 -1.38 -22.17
CA SER A 18 -2.80 -2.85 -22.19
C SER A 18 -3.13 -3.49 -20.85
N LEU A 19 -2.40 -4.55 -20.52
CA LEU A 19 -2.43 -5.16 -19.19
C LEU A 19 -3.66 -6.01 -18.98
N VAL A 20 -3.42 -7.33 -18.99
CA VAL A 20 -4.42 -8.37 -18.69
C VAL A 20 -5.83 -8.09 -19.22
N LYS A 21 -6.60 -7.26 -18.52
CA LYS A 21 -8.01 -7.10 -18.82
C LYS A 21 -8.25 -6.11 -19.95
N ASP A 22 -7.90 -6.56 -21.14
CA ASP A 22 -8.12 -5.79 -22.34
C ASP A 22 -9.58 -5.90 -22.81
N VAL A 23 -9.92 -7.06 -23.36
CA VAL A 23 -11.27 -7.33 -23.82
C VAL A 23 -11.31 -8.76 -24.36
N ILE A 24 -10.40 -9.57 -23.84
CA ILE A 24 -10.16 -10.92 -24.35
C ILE A 24 -10.54 -11.95 -23.28
N GLY A 25 -9.90 -13.10 -23.30
CA GLY A 25 -10.11 -14.09 -22.26
C GLY A 25 -9.57 -13.59 -20.95
N ALA A 26 -8.51 -12.82 -21.05
CA ALA A 26 -7.85 -12.22 -19.90
C ALA A 26 -8.67 -11.06 -19.32
N VAL A 27 -9.73 -10.67 -20.02
CA VAL A 27 -10.57 -9.59 -19.55
C VAL A 27 -11.43 -10.09 -18.40
N ASP A 28 -11.60 -11.39 -18.37
CA ASP A 28 -12.32 -12.08 -17.31
C ASP A 28 -11.49 -12.09 -16.03
N SER A 29 -10.25 -11.63 -16.13
CA SER A 29 -9.39 -11.53 -14.97
C SER A 29 -9.66 -10.25 -14.18
N LYS A 30 -10.62 -9.45 -14.64
CA LYS A 30 -11.02 -8.27 -13.90
C LYS A 30 -11.79 -8.64 -12.67
N VAL A 31 -12.67 -9.63 -12.79
CA VAL A 31 -13.45 -10.04 -11.65
C VAL A 31 -12.54 -10.61 -10.59
N ALA A 32 -11.39 -11.09 -11.01
CA ALA A 32 -10.42 -11.58 -10.07
C ALA A 32 -9.61 -10.42 -9.51
N SER A 33 -9.61 -9.30 -10.23
CA SER A 33 -9.16 -8.03 -9.67
C SER A 33 -10.20 -7.54 -8.67
N TYR A 34 -11.46 -7.85 -8.94
CA TYR A 34 -12.51 -7.70 -7.95
C TYR A 34 -12.29 -8.68 -6.81
N GLU A 35 -11.87 -9.90 -7.14
CA GLU A 35 -11.57 -10.89 -6.13
C GLU A 35 -10.36 -10.45 -5.29
N LYS A 36 -9.46 -9.73 -5.94
CA LYS A 36 -8.31 -9.14 -5.26
C LYS A 36 -8.76 -7.97 -4.40
N LYS A 37 -9.84 -7.36 -4.82
CA LYS A 37 -10.55 -6.33 -4.09
C LYS A 37 -11.43 -7.00 -3.04
N VAL A 38 -11.50 -8.31 -3.15
CA VAL A 38 -12.36 -9.12 -2.32
C VAL A 38 -11.63 -9.71 -1.12
N ARG A 39 -10.37 -10.15 -1.28
CA ARG A 39 -9.57 -10.40 -0.08
C ARG A 39 -9.21 -9.07 0.53
N LEU A 40 -9.27 -8.04 -0.29
CA LEU A 40 -9.14 -6.70 0.21
C LEU A 40 -10.46 -6.23 0.81
N ASN A 41 -11.56 -6.81 0.35
CA ASN A 41 -12.86 -6.63 1.02
C ASN A 41 -12.82 -7.24 2.40
N GLU A 42 -12.19 -8.40 2.47
CA GLU A 42 -12.00 -9.10 3.72
C GLU A 42 -11.11 -8.28 4.62
N ILE A 43 -10.06 -7.79 4.01
CA ILE A 43 -9.09 -6.96 4.69
C ILE A 43 -9.61 -5.53 4.85
N TYR A 44 -10.65 -5.24 4.12
CA TYR A 44 -11.47 -4.07 4.36
C TYR A 44 -12.38 -4.34 5.56
N THR A 45 -12.73 -5.61 5.73
CA THR A 45 -13.78 -6.04 6.64
C THR A 45 -13.31 -6.19 8.10
N LYS A 46 -12.11 -6.75 8.31
CA LYS A 46 -11.57 -6.88 9.68
C LYS A 46 -11.05 -5.55 10.15
N THR A 47 -10.57 -4.79 9.19
CA THR A 47 -9.93 -3.53 9.46
C THR A 47 -10.88 -2.56 10.14
N ASP A 48 -10.43 -2.00 11.27
CA ASP A 48 -11.22 -1.05 12.04
C ASP A 48 -11.52 0.19 11.19
N SER A 49 -12.76 0.65 11.23
CA SER A 49 -13.20 1.72 10.36
C SER A 49 -12.61 3.08 10.74
N LYS A 50 -12.75 3.47 12.01
CA LYS A 50 -12.36 4.76 12.46
C LYS A 50 -10.93 4.86 12.99
N SER A 51 -10.26 3.74 13.20
CA SER A 51 -8.89 3.76 13.69
C SER A 51 -7.93 4.10 12.55
N ILE A 52 -7.96 5.37 12.15
CA ILE A 52 -7.27 5.82 10.96
C ILE A 52 -6.03 6.67 11.28
N MET A 53 -5.48 7.27 10.25
CA MET A 53 -4.21 7.98 10.34
C MET A 53 -4.24 9.21 9.41
N ARG A 54 -3.09 9.82 9.19
CA ARG A 54 -2.94 10.85 8.17
C ARG A 54 -1.78 10.50 7.26
N MET A 55 -2.08 10.27 5.99
CA MET A 55 -1.05 9.93 5.03
C MET A 55 -0.43 11.19 4.39
N LYS A 56 0.15 11.05 3.19
CA LYS A 56 0.96 12.10 2.57
C LYS A 56 0.32 13.49 2.60
N SER A 57 -0.98 13.54 2.36
CA SER A 57 -1.69 14.81 2.27
C SER A 57 -2.05 15.35 3.66
N GLY A 58 -2.20 14.45 4.61
CA GLY A 58 -2.65 14.83 5.93
C GLY A 58 -4.10 14.50 6.11
N GLN A 59 -4.62 13.81 5.11
CA GLN A 59 -6.02 13.45 5.04
C GLN A 59 -6.35 12.34 6.03
N MET A 60 -7.63 12.09 6.21
CA MET A 60 -8.09 10.94 6.95
C MET A 60 -8.35 9.81 5.99
N PHE A 61 -7.46 8.84 6.04
CA PHE A 61 -7.58 7.67 5.20
C PHE A 61 -8.25 6.58 6.00
N ALA A 62 -9.34 6.03 5.48
CA ALA A 62 -10.07 5.05 6.25
C ALA A 62 -10.34 3.76 5.50
N LYS A 63 -11.01 2.89 6.21
CA LYS A 63 -11.42 1.57 5.75
C LYS A 63 -12.05 1.61 4.33
N GLU A 64 -13.02 2.50 4.14
CA GLU A 64 -13.73 2.65 2.86
C GLU A 64 -12.80 2.88 1.67
N ASP A 65 -11.60 3.34 1.94
CA ASP A 65 -10.65 3.64 0.90
C ASP A 65 -9.95 2.38 0.36
N LEU A 66 -9.65 1.43 1.24
CA LEU A 66 -9.02 0.16 0.83
C LEU A 66 -9.96 -0.65 -0.04
N LYS A 67 -11.22 -0.36 0.16
CA LYS A 67 -12.34 -1.04 -0.43
C LYS A 67 -12.16 -1.40 -1.90
N ARG A 68 -11.75 -0.42 -2.69
CA ARG A 68 -11.75 -0.54 -4.15
C ARG A 68 -10.34 -0.67 -4.72
N LYS A 69 -9.41 -0.80 -3.82
CA LYS A 69 -7.99 -0.83 -4.17
C LYS A 69 -7.50 -2.20 -4.65
N LYS A 70 -6.25 -2.27 -5.12
CA LYS A 70 -5.71 -3.49 -5.71
C LYS A 70 -4.75 -4.23 -4.78
N LEU A 71 -5.16 -5.39 -4.31
CA LEU A 71 -4.28 -6.32 -3.59
C LEU A 71 -3.08 -6.71 -4.48
N VAL A 72 -1.91 -6.06 -4.33
CA VAL A 72 -0.76 -6.48 -5.13
C VAL A 72 0.30 -7.20 -4.28
N ARG A 73 0.46 -6.79 -3.02
CA ARG A 73 1.26 -7.55 -2.06
C ARG A 73 0.64 -7.46 -0.67
N ASP A 74 0.87 -8.50 0.12
CA ASP A 74 0.45 -8.52 1.52
C ASP A 74 1.49 -9.27 2.34
N GLY A 75 1.84 -8.72 3.50
CA GLY A 75 2.79 -9.39 4.37
C GLY A 75 3.01 -8.64 5.65
N SER A 76 3.37 -9.34 6.70
CA SER A 76 3.56 -8.74 8.01
C SER A 76 4.93 -8.10 8.15
N VAL A 77 4.94 -6.93 8.78
CA VAL A 77 6.18 -6.21 9.04
C VAL A 77 6.09 -5.44 10.35
N PHE A 78 7.16 -5.49 11.12
CA PHE A 78 7.25 -4.77 12.39
C PHE A 78 7.43 -3.26 12.17
N LEU A 79 6.65 -2.45 12.90
CA LEU A 79 6.78 -0.98 12.82
C LEU A 79 7.37 -0.43 14.11
N LYS A 80 8.44 0.33 14.01
CA LYS A 80 9.00 1.00 15.19
C LYS A 80 8.26 2.31 15.42
N ASN A 81 7.58 2.43 16.56
CA ASN A 81 6.96 3.69 16.95
C ASN A 81 8.02 4.70 17.36
N ALA A 82 7.61 5.91 17.65
CA ALA A 82 8.50 6.95 18.15
C ALA A 82 9.33 6.45 19.32
N ALA A 83 8.79 5.47 20.04
CA ALA A 83 9.39 4.98 21.26
C ALA A 83 10.28 3.79 20.98
N GLY A 84 10.16 3.26 19.77
CA GLY A 84 10.87 2.07 19.42
C GLY A 84 10.17 0.83 19.87
N ARG A 85 8.85 0.85 19.77
CA ARG A 85 8.04 -0.29 20.16
C ARG A 85 7.40 -0.87 18.91
N LEU A 86 7.57 -2.16 18.74
CA LEU A 86 7.28 -2.79 17.49
C LEU A 86 5.90 -3.44 17.42
N LYS A 87 5.36 -3.40 16.21
CA LYS A 87 4.13 -4.07 15.86
C LYS A 87 4.32 -4.85 14.58
N GLU A 88 4.13 -6.16 14.64
CA GLU A 88 4.14 -6.94 13.42
C GLU A 88 2.79 -6.76 12.73
N VAL A 89 2.77 -5.90 11.75
CA VAL A 89 1.51 -5.50 11.13
C VAL A 89 1.32 -6.24 9.82
N GLN A 90 0.08 -6.45 9.44
CA GLN A 90 -0.18 -7.02 8.13
C GLN A 90 -0.22 -5.89 7.11
N ALA A 91 0.89 -5.69 6.43
CA ALA A 91 1.00 -4.62 5.45
C ALA A 91 0.38 -5.04 4.14
N VAL A 92 -0.49 -4.20 3.61
CA VAL A 92 -1.17 -4.49 2.37
C VAL A 92 -0.73 -3.49 1.33
N LEU A 93 0.20 -3.89 0.49
CA LEU A 93 0.59 -3.06 -0.61
C LEU A 93 -0.45 -3.17 -1.70
N LEU A 94 -1.16 -2.07 -1.90
CA LEU A 94 -2.12 -1.95 -2.97
C LEU A 94 -1.49 -1.17 -4.10
N THR A 95 -2.12 -1.11 -5.25
CA THR A 95 -1.62 -0.27 -6.34
C THR A 95 -1.89 1.19 -6.05
N ASP A 96 -2.66 1.40 -5.00
CA ASP A 96 -3.19 2.71 -4.68
C ASP A 96 -2.56 3.22 -3.38
N ILE A 97 -2.32 2.32 -2.44
CA ILE A 97 -1.65 2.67 -1.18
C ILE A 97 -0.76 1.56 -0.67
N LEU A 98 0.05 1.89 0.30
CA LEU A 98 0.86 0.94 1.04
C LEU A 98 0.44 1.02 2.51
N VAL A 99 -0.45 0.15 2.94
CA VAL A 99 -1.10 0.31 4.24
C VAL A 99 -0.64 -0.73 5.25
N PHE A 100 -0.42 -0.29 6.48
CA PHE A 100 -0.06 -1.18 7.57
C PHE A 100 -1.27 -1.44 8.43
N LEU A 101 -1.39 -2.66 8.91
CA LEU A 101 -2.54 -3.05 9.70
C LEU A 101 -2.13 -3.80 10.95
N GLN A 102 -2.40 -3.18 12.08
CA GLN A 102 -2.04 -3.74 13.38
C GLN A 102 -3.18 -4.62 13.86
N GLU A 103 -2.86 -5.85 14.26
CA GLU A 103 -3.89 -6.79 14.67
C GLU A 103 -4.36 -6.50 16.08
N LYS A 104 -5.56 -5.94 16.17
CA LYS A 104 -6.17 -5.55 17.44
C LYS A 104 -7.60 -6.01 17.48
N ASP A 105 -8.00 -6.65 18.58
CA ASP A 105 -9.36 -7.09 18.75
C ASP A 105 -9.75 -7.99 17.59
N GLN A 106 -9.00 -9.10 17.48
CA GLN A 106 -9.18 -10.14 16.47
C GLN A 106 -9.28 -9.61 15.03
N LYS A 107 -8.91 -8.36 14.83
CA LYS A 107 -9.00 -7.74 13.51
C LYS A 107 -7.81 -6.82 13.34
N TYR A 108 -7.86 -5.91 12.40
CA TYR A 108 -6.77 -4.98 12.24
C TYR A 108 -7.21 -3.55 12.40
N ILE A 109 -6.23 -2.69 12.42
CA ILE A 109 -6.38 -1.25 12.53
C ILE A 109 -5.26 -0.64 11.71
N PHE A 110 -5.30 0.66 11.46
CA PHE A 110 -4.36 1.27 10.53
C PHE A 110 -2.95 1.38 11.06
N ALA A 111 -2.68 0.74 12.19
CA ALA A 111 -1.34 0.73 12.79
C ALA A 111 -0.78 2.14 12.93
N SER A 112 -1.70 3.09 13.08
CA SER A 112 -1.47 4.51 12.85
C SER A 112 -0.18 5.07 13.44
N LEU A 113 0.34 4.43 14.50
CA LEU A 113 1.60 4.83 15.11
C LEU A 113 1.49 6.20 15.80
N ASP A 114 0.39 6.92 15.54
CA ASP A 114 0.06 8.17 16.20
C ASP A 114 1.01 9.29 15.82
N GLN A 115 1.68 9.15 14.67
CA GLN A 115 2.61 10.15 14.19
C GLN A 115 2.97 9.94 12.73
N LYS A 116 3.63 8.83 12.43
CA LYS A 116 4.12 8.55 11.09
C LYS A 116 2.99 8.21 10.11
N SER A 117 3.39 7.87 8.90
CA SER A 117 2.43 7.54 7.85
C SER A 117 2.33 6.04 7.66
N THR A 118 1.30 5.49 8.24
CA THR A 118 1.10 4.06 8.31
C THR A 118 0.28 3.55 7.12
N VAL A 119 0.10 4.43 6.16
CA VAL A 119 -0.55 4.10 4.91
C VAL A 119 0.01 5.03 3.85
N ILE A 120 0.93 4.51 3.08
CA ILE A 120 1.67 5.33 2.14
C ILE A 120 1.01 5.25 0.78
N SER A 121 0.26 6.30 0.44
CA SER A 121 -0.36 6.37 -0.88
C SER A 121 0.68 6.07 -1.94
N LEU A 122 0.35 5.10 -2.78
CA LEU A 122 1.26 4.63 -3.81
C LEU A 122 1.61 5.70 -4.82
N LYS A 123 2.28 5.23 -5.85
CA LYS A 123 2.79 6.05 -6.91
C LYS A 123 3.76 7.10 -6.43
N LYS A 124 5.01 6.82 -6.73
CA LYS A 124 6.08 7.73 -6.50
C LYS A 124 6.30 7.91 -5.02
N LEU A 125 6.17 6.78 -4.33
CA LEU A 125 6.52 6.68 -2.94
C LEU A 125 8.02 6.56 -2.80
N ILE A 126 8.52 6.88 -1.64
CA ILE A 126 9.94 6.80 -1.40
C ILE A 126 10.23 5.65 -0.46
N VAL A 127 11.07 4.76 -0.89
CA VAL A 127 11.35 3.54 -0.16
C VAL A 127 12.86 3.35 -0.02
N ARG A 128 13.33 3.42 1.21
CA ARG A 128 14.76 3.44 1.45
C ARG A 128 15.17 2.38 2.45
N GLU A 129 16.40 1.93 2.31
CA GLU A 129 16.95 0.90 3.15
C GLU A 129 17.52 1.50 4.42
N VAL A 130 16.87 1.26 5.53
CA VAL A 130 17.33 1.70 6.84
C VAL A 130 18.81 1.35 7.04
N ALA A 131 19.58 2.29 7.56
CA ALA A 131 21.00 2.07 7.81
C ALA A 131 21.22 1.45 9.18
N HIS A 132 20.39 1.83 10.14
CA HIS A 132 20.57 1.38 11.51
C HIS A 132 19.93 0.01 11.75
N GLU A 133 19.53 -0.65 10.67
CA GLU A 133 18.99 -2.01 10.72
C GLU A 133 19.32 -2.75 9.43
N GLU A 134 19.52 -4.06 9.53
CA GLU A 134 19.83 -4.88 8.36
C GLU A 134 18.55 -5.47 7.79
N LYS A 135 17.59 -5.71 8.65
CA LYS A 135 16.32 -6.29 8.25
C LYS A 135 15.20 -5.28 8.47
N GLY A 136 15.45 -4.07 8.03
CA GLY A 136 14.47 -3.02 8.12
C GLY A 136 14.39 -2.21 6.86
N LEU A 137 13.40 -1.35 6.77
CA LEU A 137 13.17 -0.56 5.59
C LEU A 137 12.26 0.61 5.94
N PHE A 138 12.50 1.76 5.34
CA PHE A 138 11.60 2.89 5.48
C PHE A 138 10.62 2.94 4.32
N LEU A 139 9.36 2.77 4.61
CA LEU A 139 8.34 3.02 3.61
C LEU A 139 7.84 4.44 3.81
N ILE A 140 8.29 5.32 2.93
CA ILE A 140 8.16 6.75 3.16
C ILE A 140 7.20 7.39 2.16
N SER A 141 6.63 8.52 2.55
CA SER A 141 5.69 9.25 1.71
C SER A 141 6.25 10.62 1.28
N MET A 142 7.58 10.76 1.30
CA MET A 142 8.23 12.00 0.92
C MET A 142 7.80 12.43 -0.49
N GLY A 143 7.41 13.69 -0.61
CA GLY A 143 6.97 14.20 -1.89
C GLY A 143 6.22 15.50 -1.77
N MET A 144 5.33 15.58 -0.79
CA MET A 144 4.47 16.75 -0.61
C MET A 144 5.13 17.78 0.29
N THR A 145 5.55 17.37 1.47
CA THR A 145 6.14 18.28 2.43
C THR A 145 6.93 17.53 3.50
N ASP A 146 6.28 16.58 4.17
CA ASP A 146 6.92 15.83 5.24
C ASP A 146 6.15 14.55 5.53
N PRO A 147 6.78 13.44 5.20
CA PRO A 147 6.16 12.12 5.25
C PRO A 147 6.08 11.52 6.64
N GLU A 148 7.13 11.68 7.45
CA GLU A 148 7.25 10.96 8.71
C GLU A 148 7.17 9.46 8.44
N MET A 149 8.27 8.92 7.93
CA MET A 149 8.32 7.54 7.46
C MET A 149 8.12 6.55 8.59
N VAL A 150 7.54 5.41 8.27
CA VAL A 150 7.45 4.33 9.24
C VAL A 150 8.70 3.49 9.19
N GLU A 151 9.06 2.99 10.35
CA GLU A 151 10.14 2.05 10.45
C GLU A 151 9.62 0.64 10.21
N VAL A 152 9.78 0.19 8.99
CA VAL A 152 9.24 -1.09 8.54
C VAL A 152 10.29 -2.17 8.61
N HIS A 153 10.26 -2.96 9.66
CA HIS A 153 11.21 -4.02 9.85
C HIS A 153 10.73 -5.29 9.15
N ALA A 154 11.35 -5.57 8.01
CA ALA A 154 10.99 -6.74 7.21
C ALA A 154 11.23 -8.03 7.97
N SER A 155 10.65 -9.11 7.48
CA SER A 155 10.82 -10.41 8.11
C SER A 155 12.30 -10.74 8.28
N SER A 156 13.14 -10.29 7.34
CA SER A 156 14.56 -10.56 7.42
C SER A 156 15.35 -9.57 6.57
N LYS A 157 16.68 -9.68 6.62
CA LYS A 157 17.58 -8.77 5.90
C LYS A 157 17.19 -8.69 4.43
N GLU A 158 16.97 -9.85 3.84
CA GLU A 158 16.64 -9.96 2.45
C GLU A 158 15.27 -9.38 2.15
N GLU A 159 14.36 -9.47 3.12
CA GLU A 159 12.99 -9.09 2.87
C GLU A 159 12.84 -7.58 2.82
N ARG A 160 13.82 -6.86 3.36
CA ARG A 160 13.75 -5.42 3.29
C ARG A 160 13.78 -5.03 1.81
N ASN A 161 14.71 -5.61 1.07
CA ASN A 161 14.83 -5.36 -0.35
C ASN A 161 13.70 -6.04 -1.09
N SER A 162 13.19 -7.10 -0.48
CA SER A 162 12.04 -7.80 -1.00
C SER A 162 10.84 -6.87 -1.00
N TRP A 163 10.79 -5.96 -0.04
CA TRP A 163 9.67 -5.05 0.08
C TRP A 163 9.94 -3.79 -0.71
N ILE A 164 11.19 -3.35 -0.64
CA ILE A 164 11.68 -2.24 -1.44
C ILE A 164 11.41 -2.47 -2.91
N GLN A 165 11.73 -3.66 -3.36
CA GLN A 165 11.58 -4.00 -4.76
C GLN A 165 10.13 -3.94 -5.20
N ILE A 166 9.20 -4.08 -4.26
CA ILE A 166 7.79 -4.21 -4.62
C ILE A 166 7.19 -2.86 -4.96
N ILE A 167 7.61 -1.81 -4.27
CA ILE A 167 7.24 -0.49 -4.70
C ILE A 167 7.95 -0.18 -6.00
N GLN A 168 9.19 -0.64 -6.09
CA GLN A 168 9.92 -0.61 -7.34
C GLN A 168 9.27 -1.56 -8.36
N ASP A 169 8.43 -2.46 -7.87
CA ASP A 169 7.70 -3.37 -8.72
C ASP A 169 6.41 -2.72 -9.23
N THR A 170 5.57 -2.36 -8.26
CA THR A 170 4.26 -1.79 -8.52
C THR A 170 4.34 -0.37 -9.10
N ILE A 171 4.95 0.56 -8.37
CA ILE A 171 4.94 1.97 -8.77
C ILE A 171 5.60 2.17 -10.14
N ASN A 172 6.54 1.32 -10.46
CA ASN A 172 7.31 1.46 -11.69
C ASN A 172 6.44 1.13 -12.89
N THR A 173 5.40 0.33 -12.68
CA THR A 173 4.39 0.09 -13.71
C THR A 173 3.19 1.05 -13.55
N LEU A 174 3.09 1.68 -12.39
CA LEU A 174 2.05 2.67 -12.14
C LEU A 174 2.29 3.96 -12.93
N ASN A 175 3.53 4.42 -12.91
CA ASN A 175 3.90 5.70 -13.53
C ASN A 175 3.61 5.70 -15.02
N ARG A 176 3.61 4.51 -15.56
CA ARG A 176 3.34 4.24 -16.97
C ARG A 176 2.18 5.06 -17.54
N ASP A 177 1.05 5.10 -16.83
CA ASP A 177 -0.14 5.74 -17.35
C ASP A 177 -0.12 7.25 -17.19
N GLU A 178 -0.34 7.69 -15.97
CA GLU A 178 -0.50 9.09 -15.66
C GLU A 178 0.79 9.78 -15.27
N ASP A 179 0.64 10.97 -14.73
CA ASP A 179 1.74 11.79 -14.20
C ASP A 179 2.45 11.08 -13.04
N GLU A 180 3.28 11.81 -12.30
CA GLU A 180 4.12 11.24 -11.28
C GLU A 180 3.33 10.86 -10.02
N GLY A 181 3.27 11.78 -9.06
CA GLY A 181 2.75 11.44 -7.76
C GLY A 181 1.31 11.81 -7.58
N ILE A 182 0.77 11.38 -6.45
CA ILE A 182 -0.64 11.56 -6.13
C ILE A 182 -0.87 11.59 -4.61
N PRO A 183 -1.13 12.77 -4.04
CA PRO A 183 -1.50 12.92 -2.63
C PRO A 183 -2.88 12.31 -2.37
N SER A 184 -3.09 11.73 -1.17
CA SER A 184 -4.30 10.97 -0.87
C SER A 184 -4.41 9.74 -1.77
N GLU A 185 -4.99 9.94 -2.93
CA GLU A 185 -5.04 8.93 -3.98
C GLU A 185 -5.37 9.61 -5.30
N SER A 1 -4.91 6.39 -25.03
CA SER A 1 -6.22 7.04 -24.84
C SER A 1 -7.26 5.98 -24.47
N MET A 2 -7.37 5.70 -23.19
CA MET A 2 -8.33 4.72 -22.69
C MET A 2 -8.78 5.06 -21.28
N THR A 3 -10.07 4.94 -21.05
CA THR A 3 -10.63 5.12 -19.73
C THR A 3 -10.42 3.84 -18.92
N LYS A 4 -10.16 3.98 -17.63
CA LYS A 4 -9.95 2.82 -16.79
C LYS A 4 -11.06 2.69 -15.76
N ASP A 5 -10.97 3.59 -14.79
CA ASP A 5 -11.82 3.65 -13.61
C ASP A 5 -11.01 4.40 -12.58
N ASN A 6 -11.62 4.85 -11.51
CA ASN A 6 -10.89 5.62 -10.50
C ASN A 6 -10.16 4.67 -9.56
N GLU A 7 -10.42 3.38 -9.72
CA GLU A 7 -9.72 2.34 -8.99
C GLU A 7 -8.81 1.54 -9.93
N VAL A 8 -9.06 1.67 -11.23
CA VAL A 8 -8.36 0.88 -12.24
C VAL A 8 -7.45 1.75 -13.10
N GLU A 9 -7.29 3.00 -12.70
CA GLU A 9 -6.59 3.99 -13.51
C GLU A 9 -5.06 3.79 -13.56
N GLN A 10 -4.62 2.58 -13.23
CA GLN A 10 -3.21 2.25 -13.30
C GLN A 10 -2.89 1.45 -14.57
N GLU A 11 -1.64 1.01 -14.68
CA GLU A 11 -1.20 0.12 -15.74
C GLU A 11 -0.39 -1.01 -15.13
N ASP A 12 -0.06 -0.85 -13.86
CA ASP A 12 0.70 -1.85 -13.15
C ASP A 12 0.07 -3.24 -13.29
N LEU A 13 -1.25 -3.32 -13.39
CA LEU A 13 -1.93 -4.59 -13.60
C LEU A 13 -3.45 -4.41 -13.63
N ALA A 14 -3.94 -3.46 -14.45
CA ALA A 14 -5.37 -3.26 -14.62
C ALA A 14 -5.68 -2.02 -15.46
N GLN A 15 -6.39 -2.22 -16.56
CA GLN A 15 -7.00 -1.15 -17.32
C GLN A 15 -8.41 -1.54 -17.75
N SER A 16 -8.96 -0.80 -18.69
CA SER A 16 -10.19 -1.20 -19.34
C SER A 16 -9.91 -1.38 -20.83
N LEU A 17 -8.63 -1.54 -21.15
CA LEU A 17 -8.18 -1.76 -22.52
C LEU A 17 -6.93 -2.62 -22.55
N SER A 18 -6.21 -2.64 -21.43
CA SER A 18 -4.98 -3.42 -21.32
C SER A 18 -4.77 -3.91 -19.89
N LEU A 19 -3.70 -4.68 -19.69
CA LEU A 19 -3.27 -5.12 -18.38
C LEU A 19 -4.32 -5.99 -17.69
N VAL A 20 -4.07 -7.30 -17.74
CA VAL A 20 -4.99 -8.36 -17.28
C VAL A 20 -6.39 -8.19 -17.87
N LYS A 21 -7.10 -7.23 -17.36
CA LYS A 21 -8.46 -6.99 -17.74
C LYS A 21 -8.53 -6.09 -18.97
N ASP A 22 -7.81 -6.51 -20.00
CA ASP A 22 -7.74 -5.79 -21.24
C ASP A 22 -9.12 -5.55 -21.83
N VAL A 23 -9.71 -6.62 -22.36
CA VAL A 23 -11.01 -6.57 -23.04
C VAL A 23 -11.31 -7.92 -23.72
N ILE A 24 -10.62 -8.95 -23.26
CA ILE A 24 -10.65 -10.25 -23.94
C ILE A 24 -10.95 -11.36 -22.94
N GLY A 25 -10.44 -12.56 -23.21
CA GLY A 25 -10.61 -13.67 -22.29
C GLY A 25 -9.99 -13.38 -20.94
N ALA A 26 -8.89 -12.64 -20.98
CA ALA A 26 -8.19 -12.24 -19.79
C ALA A 26 -8.98 -11.24 -18.97
N VAL A 27 -10.04 -10.71 -19.55
CA VAL A 27 -10.85 -9.70 -18.89
C VAL A 27 -11.73 -10.37 -17.83
N ASP A 28 -11.88 -11.68 -17.98
CA ASP A 28 -12.55 -12.51 -16.98
C ASP A 28 -11.75 -12.55 -15.69
N SER A 29 -10.50 -12.13 -15.76
CA SER A 29 -9.66 -12.05 -14.58
C SER A 29 -9.99 -10.81 -13.76
N LYS A 30 -10.94 -10.03 -14.23
CA LYS A 30 -11.39 -8.86 -13.50
C LYS A 30 -12.16 -9.26 -12.26
N VAL A 31 -12.99 -10.28 -12.37
CA VAL A 31 -13.73 -10.73 -11.22
C VAL A 31 -12.76 -11.28 -10.19
N ALA A 32 -11.62 -11.70 -10.66
CA ALA A 32 -10.60 -12.16 -9.77
C ALA A 32 -9.81 -10.97 -9.24
N SER A 33 -9.85 -9.86 -9.98
CA SER A 33 -9.40 -8.58 -9.48
C SER A 33 -10.39 -8.07 -8.45
N TYR A 34 -11.66 -8.42 -8.64
CA TYR A 34 -12.67 -8.24 -7.62
C TYR A 34 -12.39 -9.18 -6.47
N GLU A 35 -12.01 -10.43 -6.78
CA GLU A 35 -11.66 -11.39 -5.75
C GLU A 35 -10.38 -10.94 -5.02
N LYS A 36 -9.58 -10.15 -5.74
CA LYS A 36 -8.37 -9.54 -5.19
C LYS A 36 -8.76 -8.35 -4.31
N LYS A 37 -9.90 -7.80 -4.65
CA LYS A 37 -10.54 -6.75 -3.88
C LYS A 37 -11.35 -7.41 -2.77
N VAL A 38 -11.39 -8.73 -2.86
CA VAL A 38 -12.14 -9.57 -1.94
C VAL A 38 -11.31 -9.99 -0.73
N ARG A 39 -10.04 -10.35 -0.92
CA ARG A 39 -9.17 -10.49 0.24
C ARG A 39 -8.91 -9.11 0.80
N LEU A 40 -9.03 -8.12 -0.07
CA LEU A 40 -8.95 -6.75 0.36
C LEU A 40 -10.29 -6.32 0.93
N ASN A 41 -11.37 -7.01 0.56
CA ASN A 41 -12.68 -6.81 1.17
C ASN A 41 -12.67 -7.38 2.56
N GLU A 42 -11.97 -8.50 2.70
CA GLU A 42 -11.78 -9.13 3.99
C GLU A 42 -10.90 -8.25 4.83
N ILE A 43 -9.83 -7.81 4.21
CA ILE A 43 -8.87 -6.94 4.82
C ILE A 43 -9.39 -5.51 4.93
N TYR A 44 -10.43 -5.25 4.20
CA TYR A 44 -11.29 -4.12 4.44
C TYR A 44 -12.15 -4.40 5.68
N THR A 45 -12.64 -5.62 5.74
CA THR A 45 -13.66 -6.04 6.69
C THR A 45 -13.14 -6.14 8.15
N LYS A 46 -11.98 -6.76 8.37
CA LYS A 46 -11.44 -6.89 9.73
C LYS A 46 -10.89 -5.56 10.20
N THR A 47 -10.53 -4.75 9.25
CA THR A 47 -9.93 -3.48 9.55
C THR A 47 -10.95 -2.54 10.18
N ASP A 48 -10.58 -1.96 11.33
CA ASP A 48 -11.45 -1.03 12.03
C ASP A 48 -11.65 0.22 11.18
N SER A 49 -12.89 0.67 11.10
CA SER A 49 -13.30 1.70 10.16
C SER A 49 -12.72 3.08 10.52
N LYS A 50 -12.72 3.45 11.79
CA LYS A 50 -12.32 4.78 12.18
C LYS A 50 -10.93 4.86 12.82
N SER A 51 -10.30 3.71 13.03
CA SER A 51 -8.93 3.67 13.54
C SER A 51 -7.93 4.08 12.46
N ILE A 52 -8.04 5.32 12.01
CA ILE A 52 -7.32 5.77 10.84
C ILE A 52 -6.10 6.62 11.19
N MET A 53 -5.56 7.27 10.16
CA MET A 53 -4.36 8.08 10.30
C MET A 53 -4.27 9.05 9.13
N ARG A 54 -3.46 10.08 9.30
CA ARG A 54 -3.18 11.02 8.23
C ARG A 54 -2.03 10.47 7.40
N MET A 55 -2.21 10.46 6.10
CA MET A 55 -1.20 9.99 5.19
C MET A 55 -0.51 11.18 4.51
N LYS A 56 0.08 10.99 3.32
CA LYS A 56 0.95 12.01 2.71
C LYS A 56 0.38 13.43 2.75
N SER A 57 -0.90 13.57 2.44
CA SER A 57 -1.51 14.89 2.33
C SER A 57 -1.95 15.44 3.69
N GLY A 58 -2.17 14.54 4.65
CA GLY A 58 -2.63 14.95 5.95
C GLY A 58 -4.10 14.65 6.12
N GLN A 59 -4.60 13.85 5.20
CA GLN A 59 -6.00 13.52 5.12
C GLN A 59 -6.34 12.38 6.06
N MET A 60 -7.64 12.12 6.22
CA MET A 60 -8.08 10.95 6.95
C MET A 60 -8.31 9.82 5.97
N PHE A 61 -7.44 8.85 6.03
CA PHE A 61 -7.54 7.68 5.17
C PHE A 61 -8.22 6.58 5.94
N ALA A 62 -9.29 6.04 5.39
CA ALA A 62 -10.05 5.05 6.13
C ALA A 62 -10.30 3.77 5.36
N LYS A 63 -11.03 2.91 6.03
CA LYS A 63 -11.41 1.60 5.56
C LYS A 63 -11.94 1.57 4.11
N GLU A 64 -12.95 2.38 3.81
CA GLU A 64 -13.62 2.33 2.51
C GLU A 64 -12.71 2.66 1.34
N ASP A 65 -11.60 3.30 1.60
CA ASP A 65 -10.65 3.59 0.53
C ASP A 65 -9.98 2.31 0.04
N LEU A 66 -9.55 1.44 0.97
CA LEU A 66 -8.91 0.17 0.62
C LEU A 66 -9.82 -0.68 -0.23
N LYS A 67 -11.09 -0.59 0.11
CA LYS A 67 -12.17 -1.34 -0.48
C LYS A 67 -12.21 -1.30 -2.01
N ARG A 68 -11.50 -0.37 -2.60
CA ARG A 68 -11.62 -0.11 -4.03
C ARG A 68 -10.38 -0.46 -4.83
N LYS A 69 -9.20 -0.43 -4.21
CA LYS A 69 -7.98 -0.62 -4.99
C LYS A 69 -7.51 -2.09 -5.02
N LYS A 70 -6.31 -2.34 -5.52
CA LYS A 70 -5.83 -3.72 -5.74
C LYS A 70 -5.02 -4.27 -4.58
N LEU A 71 -4.98 -5.59 -4.52
CA LEU A 71 -4.15 -6.33 -3.57
C LEU A 71 -2.88 -6.77 -4.31
N VAL A 72 -1.82 -5.96 -4.31
CA VAL A 72 -0.62 -6.34 -5.06
C VAL A 72 0.42 -7.03 -4.17
N ARG A 73 0.45 -6.71 -2.89
CA ARG A 73 1.27 -7.47 -1.94
C ARG A 73 0.69 -7.41 -0.52
N ASP A 74 0.93 -8.46 0.24
CA ASP A 74 0.56 -8.52 1.65
C ASP A 74 1.66 -9.22 2.44
N GLY A 75 2.01 -8.66 3.59
CA GLY A 75 3.00 -9.28 4.44
C GLY A 75 3.15 -8.58 5.77
N SER A 76 3.50 -9.32 6.80
CA SER A 76 3.62 -8.76 8.14
C SER A 76 5.01 -8.22 8.38
N VAL A 77 5.05 -7.00 8.88
CA VAL A 77 6.29 -6.32 9.17
C VAL A 77 6.19 -5.56 10.48
N PHE A 78 7.26 -5.62 11.27
CA PHE A 78 7.29 -4.87 12.53
C PHE A 78 7.32 -3.36 12.25
N LEU A 79 6.77 -2.59 13.15
CA LEU A 79 6.66 -1.15 12.97
C LEU A 79 7.21 -0.41 14.19
N LYS A 80 8.32 0.28 14.02
CA LYS A 80 8.92 1.02 15.13
C LYS A 80 8.20 2.36 15.31
N ASN A 81 7.64 2.57 16.47
CA ASN A 81 7.08 3.88 16.80
C ASN A 81 8.17 4.79 17.33
N ALA A 82 7.81 6.00 17.74
CA ALA A 82 8.80 6.96 18.24
C ALA A 82 9.56 6.40 19.43
N ALA A 83 8.98 5.38 20.05
CA ALA A 83 9.55 4.81 21.27
C ALA A 83 10.36 3.56 20.94
N GLY A 84 10.15 3.03 19.75
CA GLY A 84 10.85 1.84 19.29
C GLY A 84 10.18 0.57 19.69
N ARG A 85 8.86 0.62 19.79
CA ARG A 85 8.08 -0.51 20.22
C ARG A 85 7.34 -1.09 19.03
N LEU A 86 7.63 -2.34 18.75
CA LEU A 86 7.24 -2.95 17.49
C LEU A 86 5.89 -3.63 17.51
N LYS A 87 5.29 -3.65 16.33
CA LYS A 87 4.06 -4.34 16.03
C LYS A 87 4.26 -5.11 14.74
N GLU A 88 4.04 -6.41 14.73
CA GLU A 88 4.07 -7.12 13.48
C GLU A 88 2.75 -6.90 12.77
N VAL A 89 2.75 -5.97 11.84
CA VAL A 89 1.53 -5.53 11.21
C VAL A 89 1.36 -6.22 9.88
N GLN A 90 0.14 -6.41 9.49
CA GLN A 90 -0.15 -6.96 8.19
C GLN A 90 -0.12 -5.82 7.18
N ALA A 91 1.02 -5.65 6.52
CA ALA A 91 1.18 -4.60 5.54
C ALA A 91 0.55 -5.01 4.24
N VAL A 92 -0.20 -4.09 3.66
CA VAL A 92 -0.84 -4.35 2.41
C VAL A 92 -0.40 -3.29 1.41
N LEU A 93 0.40 -3.68 0.45
CA LEU A 93 0.67 -2.82 -0.68
C LEU A 93 -0.43 -3.00 -1.72
N LEU A 94 -1.08 -1.90 -2.01
CA LEU A 94 -2.18 -1.86 -2.96
C LEU A 94 -1.73 -0.98 -4.11
N THR A 95 -2.37 -1.06 -5.26
CA THR A 95 -1.94 -0.27 -6.43
C THR A 95 -2.26 1.20 -6.27
N ASP A 96 -2.76 1.58 -5.12
CA ASP A 96 -3.18 2.94 -4.87
C ASP A 96 -2.65 3.42 -3.52
N ILE A 97 -2.40 2.49 -2.61
CA ILE A 97 -1.81 2.82 -1.30
C ILE A 97 -0.89 1.71 -0.79
N LEU A 98 -0.15 2.04 0.25
CA LEU A 98 0.70 1.09 0.97
C LEU A 98 0.31 1.15 2.43
N VAL A 99 -0.55 0.26 2.87
CA VAL A 99 -1.19 0.40 4.16
C VAL A 99 -0.73 -0.65 5.16
N PHE A 100 -0.57 -0.25 6.40
CA PHE A 100 -0.20 -1.18 7.46
C PHE A 100 -1.38 -1.42 8.36
N LEU A 101 -1.48 -2.61 8.89
CA LEU A 101 -2.61 -2.98 9.69
C LEU A 101 -2.19 -3.73 10.95
N GLN A 102 -2.50 -3.13 12.08
CA GLN A 102 -2.13 -3.66 13.38
C GLN A 102 -3.24 -4.59 13.87
N GLU A 103 -2.87 -5.78 14.31
CA GLU A 103 -3.85 -6.77 14.73
C GLU A 103 -4.36 -6.46 16.14
N LYS A 104 -5.58 -5.95 16.18
CA LYS A 104 -6.20 -5.48 17.41
C LYS A 104 -7.61 -6.05 17.52
N ASP A 105 -7.90 -6.71 18.64
CA ASP A 105 -9.24 -7.26 18.87
C ASP A 105 -9.68 -8.10 17.69
N GLN A 106 -8.92 -9.19 17.46
CA GLN A 106 -9.21 -10.21 16.44
C GLN A 106 -9.35 -9.64 15.02
N LYS A 107 -8.97 -8.39 14.85
CA LYS A 107 -9.08 -7.73 13.57
C LYS A 107 -7.90 -6.81 13.39
N TYR A 108 -7.98 -5.86 12.48
CA TYR A 108 -6.88 -4.93 12.29
C TYR A 108 -7.32 -3.49 12.45
N ILE A 109 -6.32 -2.64 12.47
CA ILE A 109 -6.48 -1.21 12.55
C ILE A 109 -5.34 -0.63 11.74
N PHE A 110 -5.37 0.67 11.47
CA PHE A 110 -4.44 1.26 10.50
C PHE A 110 -3.01 1.38 11.01
N ALA A 111 -2.74 0.80 12.17
CA ALA A 111 -1.40 0.81 12.76
C ALA A 111 -0.84 2.22 12.83
N SER A 112 -1.76 3.18 12.93
CA SER A 112 -1.49 4.60 12.67
C SER A 112 -0.17 5.13 13.22
N LEU A 113 0.21 4.64 14.40
CA LEU A 113 1.47 4.99 15.03
C LEU A 113 1.49 6.43 15.53
N ASP A 114 0.45 7.18 15.18
CA ASP A 114 0.23 8.55 15.66
C ASP A 114 1.26 9.53 15.13
N GLN A 115 1.91 9.15 14.03
CA GLN A 115 2.95 9.99 13.42
C GLN A 115 3.41 9.40 12.09
N LYS A 116 4.11 8.27 12.18
CA LYS A 116 4.58 7.53 11.02
C LYS A 116 3.46 7.33 10.00
N SER A 117 3.78 7.58 8.74
CA SER A 117 2.85 7.30 7.65
C SER A 117 2.58 5.79 7.59
N THR A 118 1.42 5.41 8.06
CA THR A 118 1.07 4.00 8.17
C THR A 118 0.12 3.59 7.04
N VAL A 119 -0.10 4.53 6.14
CA VAL A 119 -0.81 4.30 4.90
C VAL A 119 -0.19 5.20 3.84
N ILE A 120 0.62 4.59 3.00
CA ILE A 120 1.38 5.34 2.03
C ILE A 120 0.66 5.36 0.71
N SER A 121 -0.04 6.44 0.40
CA SER A 121 -0.62 6.58 -0.92
C SER A 121 0.51 6.45 -1.91
N LEU A 122 0.52 5.34 -2.64
CA LEU A 122 1.67 5.03 -3.46
C LEU A 122 1.83 5.97 -4.65
N LYS A 123 2.48 5.45 -5.69
CA LYS A 123 2.95 6.25 -6.78
C LYS A 123 3.86 7.33 -6.31
N LYS A 124 5.12 7.04 -6.50
CA LYS A 124 6.17 7.97 -6.22
C LYS A 124 6.36 8.08 -4.72
N LEU A 125 6.23 6.92 -4.09
CA LEU A 125 6.58 6.76 -2.70
C LEU A 125 8.09 6.63 -2.60
N ILE A 126 8.63 6.91 -1.44
CA ILE A 126 10.06 6.84 -1.27
C ILE A 126 10.38 5.70 -0.32
N VAL A 127 10.96 4.67 -0.87
CA VAL A 127 11.28 3.47 -0.13
C VAL A 127 12.79 3.35 -0.03
N ARG A 128 13.30 3.41 1.21
CA ARG A 128 14.74 3.45 1.42
C ARG A 128 15.20 2.36 2.37
N GLU A 129 16.46 2.00 2.21
CA GLU A 129 17.06 0.94 2.99
C GLU A 129 17.72 1.48 4.23
N VAL A 130 17.08 1.22 5.37
CA VAL A 130 17.64 1.57 6.68
C VAL A 130 19.08 1.07 6.82
N ALA A 131 19.93 1.90 7.39
CA ALA A 131 21.34 1.57 7.53
C ALA A 131 21.64 0.92 8.87
N HIS A 132 20.95 1.39 9.90
CA HIS A 132 21.20 0.92 11.26
C HIS A 132 20.34 -0.31 11.58
N GLU A 133 19.91 -1.00 10.55
CA GLU A 133 18.99 -2.11 10.69
C GLU A 133 19.18 -3.08 9.52
N GLU A 134 19.17 -4.37 9.80
CA GLU A 134 19.19 -5.38 8.75
C GLU A 134 17.98 -5.21 7.87
N LYS A 135 16.85 -5.22 8.53
CA LYS A 135 15.57 -5.30 7.88
C LYS A 135 14.59 -4.34 8.55
N GLY A 136 14.92 -3.06 8.48
CA GLY A 136 14.06 -2.02 9.03
C GLY A 136 13.74 -0.97 7.99
N LEU A 137 13.45 -1.46 6.80
CA LEU A 137 13.24 -0.64 5.62
C LEU A 137 12.22 0.48 5.88
N PHE A 138 12.47 1.64 5.31
CA PHE A 138 11.56 2.77 5.45
C PHE A 138 10.59 2.84 4.28
N LEU A 139 9.30 2.89 4.57
CA LEU A 139 8.31 3.21 3.54
C LEU A 139 7.85 4.64 3.77
N ILE A 140 8.40 5.53 2.96
CA ILE A 140 8.29 6.96 3.23
C ILE A 140 7.39 7.66 2.20
N SER A 141 6.85 8.81 2.59
CA SER A 141 6.09 9.66 1.67
C SER A 141 6.76 11.03 1.50
N MET A 142 8.09 11.03 1.54
CA MET A 142 8.85 12.25 1.28
C MET A 142 8.55 12.77 -0.12
N GLY A 143 7.83 13.87 -0.19
CA GLY A 143 7.40 14.39 -1.46
C GLY A 143 7.03 15.85 -1.42
N MET A 144 5.98 16.18 -0.66
CA MET A 144 5.44 17.52 -0.63
C MET A 144 6.04 18.36 0.49
N THR A 145 6.05 17.81 1.69
CA THR A 145 6.57 18.54 2.84
C THR A 145 7.19 17.61 3.88
N ASP A 146 6.35 16.87 4.60
CA ASP A 146 6.84 16.05 5.70
C ASP A 146 6.09 14.74 5.77
N PRO A 147 6.83 13.65 5.60
CA PRO A 147 6.29 12.30 5.59
C PRO A 147 6.24 11.64 6.97
N GLU A 148 7.31 11.79 7.76
CA GLU A 148 7.47 11.04 9.01
C GLU A 148 7.41 9.56 8.68
N MET A 149 8.49 9.08 8.08
CA MET A 149 8.55 7.72 7.53
C MET A 149 8.29 6.68 8.58
N VAL A 150 7.54 5.65 8.22
CA VAL A 150 7.31 4.57 9.14
C VAL A 150 8.41 3.54 9.02
N GLU A 151 8.72 2.93 10.14
CA GLU A 151 9.82 2.04 10.25
C GLU A 151 9.37 0.59 10.02
N VAL A 152 9.58 0.12 8.80
CA VAL A 152 9.03 -1.14 8.33
C VAL A 152 10.07 -2.26 8.42
N HIS A 153 9.97 -3.06 9.46
CA HIS A 153 10.92 -4.14 9.65
C HIS A 153 10.50 -5.39 8.89
N ALA A 154 11.09 -5.58 7.72
CA ALA A 154 10.89 -6.78 6.91
C ALA A 154 11.21 -8.02 7.72
N SER A 155 10.51 -9.12 7.42
CA SER A 155 10.58 -10.33 8.23
C SER A 155 11.97 -10.97 8.21
N SER A 156 12.86 -10.46 7.38
CA SER A 156 14.21 -10.97 7.30
C SER A 156 15.11 -9.96 6.62
N LYS A 157 16.43 -10.13 6.76
CA LYS A 157 17.39 -9.18 6.20
C LYS A 157 17.11 -8.98 4.71
N GLU A 158 16.91 -10.08 3.99
CA GLU A 158 16.65 -10.03 2.55
C GLU A 158 15.32 -9.38 2.24
N GLU A 159 14.32 -9.65 3.08
CA GLU A 159 12.95 -9.19 2.84
C GLU A 159 12.87 -7.67 2.73
N ARG A 160 13.87 -6.98 3.29
CA ARG A 160 13.90 -5.54 3.16
C ARG A 160 13.86 -5.18 1.68
N ASN A 161 14.74 -5.81 0.91
CA ASN A 161 14.85 -5.55 -0.52
C ASN A 161 13.63 -6.08 -1.22
N SER A 162 13.16 -7.17 -0.69
CA SER A 162 11.98 -7.84 -1.15
C SER A 162 10.77 -6.92 -1.11
N TRP A 163 10.74 -6.01 -0.15
CA TRP A 163 9.62 -5.09 -0.04
C TRP A 163 9.91 -3.83 -0.82
N ILE A 164 11.15 -3.39 -0.72
CA ILE A 164 11.65 -2.27 -1.50
C ILE A 164 11.37 -2.44 -2.97
N GLN A 165 11.65 -3.63 -3.47
CA GLN A 165 11.47 -3.93 -4.86
C GLN A 165 10.03 -3.85 -5.28
N ILE A 166 9.11 -4.00 -4.32
CA ILE A 166 7.70 -4.13 -4.65
C ILE A 166 7.10 -2.78 -4.97
N ILE A 167 7.55 -1.72 -4.30
CA ILE A 167 7.16 -0.39 -4.71
C ILE A 167 7.85 -0.06 -6.02
N GLN A 168 9.10 -0.51 -6.14
CA GLN A 168 9.80 -0.46 -7.41
C GLN A 168 9.15 -1.39 -8.43
N ASP A 169 8.32 -2.31 -7.95
CA ASP A 169 7.58 -3.19 -8.83
C ASP A 169 6.30 -2.51 -9.28
N THR A 170 5.44 -2.22 -8.31
CA THR A 170 4.13 -1.63 -8.56
C THR A 170 4.22 -0.20 -9.08
N ILE A 171 4.88 0.69 -8.33
CA ILE A 171 4.91 2.11 -8.72
C ILE A 171 5.57 2.33 -10.06
N ASN A 172 6.56 1.54 -10.39
CA ASN A 172 7.31 1.74 -11.61
C ASN A 172 6.44 1.46 -12.82
N THR A 173 5.48 0.57 -12.65
CA THR A 173 4.53 0.27 -13.70
C THR A 173 3.28 1.16 -13.58
N LEU A 174 3.06 1.71 -12.40
CA LEU A 174 2.06 2.75 -12.22
C LEU A 174 2.44 4.00 -13.00
N ASN A 175 3.67 4.45 -12.74
CA ASN A 175 4.25 5.64 -13.38
C ASN A 175 4.19 5.53 -14.89
N ARG A 176 4.37 4.31 -15.34
CA ARG A 176 4.45 3.93 -16.70
C ARG A 176 3.36 4.57 -17.59
N ASP A 177 2.12 4.60 -17.10
CA ASP A 177 1.00 5.10 -17.93
C ASP A 177 0.77 6.58 -17.75
N GLU A 178 0.22 6.93 -16.59
CA GLU A 178 -0.23 8.27 -16.34
C GLU A 178 0.80 9.11 -15.61
N ASP A 179 0.41 10.36 -15.35
CA ASP A 179 1.26 11.29 -14.63
C ASP A 179 1.51 10.79 -13.21
N GLU A 180 2.76 10.83 -12.78
CA GLU A 180 3.14 10.25 -11.52
C GLU A 180 3.35 11.32 -10.44
N GLY A 181 3.01 10.97 -9.21
CA GLY A 181 3.14 11.90 -8.10
C GLY A 181 1.79 12.35 -7.61
N ILE A 182 1.28 11.70 -6.57
CA ILE A 182 -0.08 11.92 -6.14
C ILE A 182 -0.25 11.88 -4.61
N PRO A 183 -0.84 12.94 -4.04
CA PRO A 183 -1.27 12.98 -2.63
C PRO A 183 -2.68 12.41 -2.46
N SER A 184 -3.01 11.92 -1.25
CA SER A 184 -4.30 11.27 -1.00
C SER A 184 -4.42 9.98 -1.80
N GLU A 185 -4.71 10.16 -3.07
CA GLU A 185 -4.82 9.10 -4.05
C GLU A 185 -5.13 9.73 -5.40
N SER A 1 -2.71 5.59 -23.98
CA SER A 1 -3.85 6.37 -23.47
C SER A 1 -5.12 5.54 -23.49
N MET A 2 -5.48 4.97 -22.35
CA MET A 2 -6.69 4.16 -22.26
C MET A 2 -7.46 4.48 -20.97
N THR A 3 -8.76 4.67 -21.11
CA THR A 3 -9.63 4.98 -19.98
C THR A 3 -9.80 3.76 -19.09
N LYS A 4 -9.83 3.98 -17.78
CA LYS A 4 -9.86 2.90 -16.81
C LYS A 4 -11.18 2.91 -16.04
N ASP A 5 -11.28 3.92 -15.18
CA ASP A 5 -12.32 4.07 -14.16
C ASP A 5 -11.63 4.70 -12.97
N ASN A 6 -12.33 5.50 -12.18
CA ASN A 6 -11.69 6.26 -11.11
C ASN A 6 -11.27 5.39 -9.94
N GLU A 7 -11.59 4.10 -10.00
CA GLU A 7 -11.09 3.14 -9.01
C GLU A 7 -9.99 2.28 -9.64
N VAL A 8 -9.98 2.23 -10.96
CA VAL A 8 -9.10 1.35 -11.71
C VAL A 8 -8.05 2.14 -12.53
N GLU A 9 -7.86 3.40 -12.16
CA GLU A 9 -7.08 4.35 -12.97
C GLU A 9 -5.67 3.85 -13.34
N GLN A 10 -4.96 3.27 -12.40
CA GLN A 10 -3.58 2.82 -12.61
C GLN A 10 -3.41 1.73 -13.70
N GLU A 11 -2.36 1.88 -14.53
CA GLU A 11 -2.03 0.91 -15.59
C GLU A 11 -1.56 -0.41 -15.02
N ASP A 12 -1.02 -0.38 -13.80
CA ASP A 12 -0.54 -1.59 -13.13
C ASP A 12 -1.42 -2.81 -13.41
N LEU A 13 -2.74 -2.59 -13.53
CA LEU A 13 -3.64 -3.62 -14.03
C LEU A 13 -4.98 -2.98 -14.43
N ALA A 14 -5.03 -2.38 -15.61
CA ALA A 14 -6.23 -1.69 -16.05
C ALA A 14 -6.15 -1.21 -17.49
N GLN A 15 -7.26 -1.30 -18.20
CA GLN A 15 -7.27 -1.01 -19.62
C GLN A 15 -8.54 -0.31 -20.10
N SER A 16 -8.39 0.28 -21.29
CA SER A 16 -9.47 0.39 -22.25
C SER A 16 -9.00 -0.38 -23.48
N LEU A 17 -7.82 -0.96 -23.31
CA LEU A 17 -7.15 -1.80 -24.29
C LEU A 17 -5.99 -2.52 -23.59
N SER A 18 -5.89 -3.84 -23.78
CA SER A 18 -4.83 -4.68 -23.19
C SER A 18 -4.95 -4.80 -21.68
N LEU A 19 -3.81 -4.95 -21.04
CA LEU A 19 -3.68 -4.82 -19.61
C LEU A 19 -4.42 -5.95 -18.86
N VAL A 20 -4.17 -7.18 -19.34
CA VAL A 20 -4.81 -8.43 -18.87
C VAL A 20 -6.32 -8.43 -19.12
N LYS A 21 -7.03 -7.52 -18.48
CA LYS A 21 -8.48 -7.57 -18.42
C LYS A 21 -9.13 -6.95 -19.64
N ASP A 22 -8.44 -7.03 -20.77
CA ASP A 22 -8.88 -6.42 -22.02
C ASP A 22 -10.15 -7.09 -22.56
N VAL A 23 -10.02 -8.34 -23.00
CA VAL A 23 -11.14 -9.10 -23.56
C VAL A 23 -10.63 -10.47 -24.07
N ILE A 24 -9.50 -10.90 -23.54
CA ILE A 24 -8.83 -12.09 -24.04
C ILE A 24 -8.92 -13.23 -23.01
N GLY A 25 -7.92 -14.10 -22.96
CA GLY A 25 -7.91 -15.14 -21.95
C GLY A 25 -7.49 -14.57 -20.62
N ALA A 26 -6.64 -13.58 -20.69
CA ALA A 26 -6.18 -12.87 -19.52
C ALA A 26 -7.29 -11.97 -18.98
N VAL A 27 -8.39 -11.86 -19.72
CA VAL A 27 -9.50 -11.03 -19.28
C VAL A 27 -10.10 -11.60 -18.01
N ASP A 28 -9.88 -12.90 -17.87
CA ASP A 28 -10.33 -13.65 -16.71
C ASP A 28 -9.61 -13.19 -15.44
N SER A 29 -8.56 -12.39 -15.59
CA SER A 29 -7.83 -11.87 -14.44
C SER A 29 -8.55 -10.70 -13.79
N LYS A 30 -9.70 -10.31 -14.33
CA LYS A 30 -10.49 -9.26 -13.70
C LYS A 30 -11.20 -9.78 -12.47
N VAL A 31 -11.80 -10.97 -12.57
CA VAL A 31 -12.49 -11.53 -11.44
C VAL A 31 -11.50 -11.81 -10.34
N ALA A 32 -10.27 -12.10 -10.73
CA ALA A 32 -9.23 -12.32 -9.77
C ALA A 32 -8.69 -10.98 -9.29
N SER A 33 -8.99 -9.93 -10.04
CA SER A 33 -8.80 -8.57 -9.57
C SER A 33 -9.90 -8.23 -8.57
N TYR A 34 -11.07 -8.84 -8.79
CA TYR A 34 -12.13 -8.82 -7.79
C TYR A 34 -11.72 -9.67 -6.61
N GLU A 35 -11.10 -10.83 -6.87
CA GLU A 35 -10.62 -11.69 -5.82
C GLU A 35 -9.50 -10.98 -5.05
N LYS A 36 -8.71 -10.23 -5.80
CA LYS A 36 -7.66 -9.40 -5.24
C LYS A 36 -8.28 -8.26 -4.42
N LYS A 37 -9.43 -7.80 -4.89
CA LYS A 37 -10.25 -6.82 -4.19
C LYS A 37 -11.01 -7.52 -3.07
N VAL A 38 -10.95 -8.83 -3.08
CA VAL A 38 -11.75 -9.65 -2.20
C VAL A 38 -11.02 -10.02 -0.92
N ARG A 39 -9.72 -10.37 -1.01
CA ARG A 39 -8.93 -10.49 0.20
C ARG A 39 -8.71 -9.10 0.76
N LEU A 40 -8.79 -8.13 -0.13
CA LEU A 40 -8.73 -6.75 0.29
C LEU A 40 -10.07 -6.34 0.86
N ASN A 41 -11.15 -6.93 0.36
CA ASN A 41 -12.48 -6.80 0.97
C ASN A 41 -12.48 -7.39 2.37
N GLU A 42 -11.82 -8.51 2.51
CA GLU A 42 -11.65 -9.15 3.80
C GLU A 42 -10.83 -8.26 4.69
N ILE A 43 -9.75 -7.79 4.13
CA ILE A 43 -8.83 -6.92 4.80
C ILE A 43 -9.41 -5.50 4.91
N TYR A 44 -10.44 -5.28 4.16
CA TYR A 44 -11.29 -4.12 4.33
C TYR A 44 -12.25 -4.39 5.50
N THR A 45 -12.56 -5.66 5.70
CA THR A 45 -13.64 -6.09 6.57
C THR A 45 -13.23 -6.24 8.04
N LYS A 46 -12.01 -6.72 8.29
CA LYS A 46 -11.53 -6.86 9.68
C LYS A 46 -11.06 -5.53 10.20
N THR A 47 -10.57 -4.73 9.29
CA THR A 47 -9.96 -3.46 9.62
C THR A 47 -10.95 -2.52 10.32
N ASP A 48 -10.55 -2.03 11.49
CA ASP A 48 -11.37 -1.12 12.27
C ASP A 48 -11.64 0.15 11.47
N SER A 49 -12.92 0.47 11.30
CA SER A 49 -13.37 1.48 10.36
C SER A 49 -12.79 2.87 10.64
N LYS A 50 -12.71 3.25 11.91
CA LYS A 50 -12.29 4.59 12.29
C LYS A 50 -10.90 4.65 12.88
N SER A 51 -10.23 3.52 12.99
CA SER A 51 -8.85 3.47 13.51
C SER A 51 -7.86 4.05 12.50
N ILE A 52 -8.11 5.26 12.07
CA ILE A 52 -7.43 5.80 10.92
C ILE A 52 -6.22 6.64 11.29
N MET A 53 -5.65 7.26 10.28
CA MET A 53 -4.43 8.02 10.40
C MET A 53 -4.52 9.28 9.55
N ARG A 54 -3.42 9.99 9.42
CA ARG A 54 -3.34 11.07 8.44
C ARG A 54 -2.11 10.86 7.58
N MET A 55 -2.36 10.41 6.36
CA MET A 55 -1.29 10.05 5.45
C MET A 55 -0.65 11.27 4.78
N LYS A 56 -0.23 11.11 3.53
CA LYS A 56 0.64 12.06 2.84
C LYS A 56 0.16 13.52 2.97
N SER A 57 -1.10 13.75 2.69
CA SER A 57 -1.65 15.11 2.68
C SER A 57 -2.03 15.57 4.09
N GLY A 58 -2.20 14.60 4.98
CA GLY A 58 -2.68 14.91 6.32
C GLY A 58 -4.16 14.63 6.41
N GLN A 59 -4.62 13.81 5.47
CA GLN A 59 -6.01 13.50 5.31
C GLN A 59 -6.41 12.33 6.18
N MET A 60 -7.70 12.13 6.35
CA MET A 60 -8.21 10.97 7.06
C MET A 60 -8.50 9.86 6.09
N PHE A 61 -7.62 8.88 6.10
CA PHE A 61 -7.76 7.73 5.23
C PHE A 61 -8.40 6.60 6.01
N ALA A 62 -9.45 6.00 5.49
CA ALA A 62 -10.18 5.00 6.26
C ALA A 62 -10.43 3.71 5.50
N LYS A 63 -11.08 2.81 6.21
CA LYS A 63 -11.48 1.51 5.73
C LYS A 63 -12.12 1.55 4.35
N GLU A 64 -13.12 2.41 4.19
CA GLU A 64 -13.90 2.52 2.97
C GLU A 64 -13.01 2.69 1.73
N ASP A 65 -11.79 3.16 1.94
CA ASP A 65 -10.90 3.53 0.84
C ASP A 65 -10.15 2.33 0.25
N LEU A 66 -9.75 1.37 1.10
CA LEU A 66 -8.98 0.21 0.63
C LEU A 66 -9.83 -0.66 -0.30
N LYS A 67 -11.12 -0.50 -0.15
CA LYS A 67 -12.14 -1.31 -0.78
C LYS A 67 -11.87 -1.68 -2.24
N ARG A 68 -11.64 -0.67 -3.06
CA ARG A 68 -11.64 -0.85 -4.51
C ARG A 68 -10.23 -0.88 -5.09
N LYS A 69 -9.29 -0.89 -4.21
CA LYS A 69 -7.87 -0.91 -4.59
C LYS A 69 -7.40 -2.29 -5.02
N LYS A 70 -6.15 -2.38 -5.50
CA LYS A 70 -5.59 -3.65 -5.94
C LYS A 70 -4.60 -4.22 -4.94
N LEU A 71 -4.96 -5.37 -4.40
CA LEU A 71 -4.06 -6.21 -3.60
C LEU A 71 -2.85 -6.62 -4.46
N VAL A 72 -1.77 -5.84 -4.44
CA VAL A 72 -0.60 -6.22 -5.22
C VAL A 72 0.45 -6.92 -4.37
N ARG A 73 0.48 -6.60 -3.07
CA ARG A 73 1.23 -7.39 -2.10
C ARG A 73 0.61 -7.28 -0.71
N ASP A 74 0.77 -8.34 0.06
CA ASP A 74 0.35 -8.37 1.45
C ASP A 74 1.43 -9.09 2.25
N GLY A 75 1.72 -8.58 3.44
CA GLY A 75 2.70 -9.23 4.29
C GLY A 75 2.88 -8.50 5.60
N SER A 76 3.22 -9.23 6.64
CA SER A 76 3.39 -8.64 7.95
C SER A 76 4.80 -8.13 8.16
N VAL A 77 4.88 -6.95 8.74
CA VAL A 77 6.14 -6.30 9.01
C VAL A 77 6.09 -5.56 10.33
N PHE A 78 7.16 -5.63 11.07
CA PHE A 78 7.28 -4.94 12.35
C PHE A 78 7.36 -3.42 12.15
N LEU A 79 6.81 -2.67 13.08
CA LEU A 79 6.70 -1.21 12.96
C LEU A 79 7.23 -0.52 14.20
N LYS A 80 8.31 0.26 14.06
CA LYS A 80 8.87 0.94 15.21
C LYS A 80 8.10 2.23 15.47
N ASN A 81 7.49 2.33 16.65
CA ASN A 81 6.82 3.56 17.03
C ASN A 81 7.81 4.59 17.55
N ALA A 82 7.31 5.68 18.12
CA ALA A 82 8.18 6.72 18.65
C ALA A 82 9.03 6.19 19.80
N ALA A 83 8.62 5.05 20.34
CA ALA A 83 9.25 4.52 21.54
C ALA A 83 10.18 3.36 21.19
N GLY A 84 10.14 2.96 19.93
CA GLY A 84 10.96 1.85 19.49
C GLY A 84 10.36 0.52 19.85
N ARG A 85 9.05 0.45 19.86
CA ARG A 85 8.35 -0.75 20.22
C ARG A 85 7.60 -1.25 19.00
N LEU A 86 7.81 -2.50 18.68
CA LEU A 86 7.40 -3.04 17.41
C LEU A 86 6.04 -3.71 17.42
N LYS A 87 5.40 -3.61 16.27
CA LYS A 87 4.15 -4.28 15.96
C LYS A 87 4.30 -5.01 14.63
N GLU A 88 4.12 -6.32 14.63
CA GLU A 88 4.07 -7.03 13.37
C GLU A 88 2.72 -6.75 12.71
N VAL A 89 2.73 -5.87 11.74
CA VAL A 89 1.51 -5.41 11.12
C VAL A 89 1.30 -6.06 9.78
N GLN A 90 0.06 -6.25 9.40
CA GLN A 90 -0.25 -6.79 8.10
C GLN A 90 -0.25 -5.65 7.09
N ALA A 91 0.87 -5.51 6.39
CA ALA A 91 1.01 -4.45 5.41
C ALA A 91 0.36 -4.85 4.12
N VAL A 92 -0.43 -3.94 3.56
CA VAL A 92 -1.12 -4.22 2.33
C VAL A 92 -0.72 -3.20 1.29
N LEU A 93 0.20 -3.58 0.43
CA LEU A 93 0.58 -2.73 -0.66
C LEU A 93 -0.44 -2.86 -1.77
N LEU A 94 -1.13 -1.77 -2.01
CA LEU A 94 -2.14 -1.68 -3.05
C LEU A 94 -1.57 -0.93 -4.22
N THR A 95 -2.36 -0.74 -5.26
CA THR A 95 -1.93 0.04 -6.41
C THR A 95 -2.24 1.51 -6.23
N ASP A 96 -2.71 1.86 -5.03
CA ASP A 96 -3.10 3.22 -4.73
C ASP A 96 -2.49 3.67 -3.40
N ILE A 97 -2.34 2.73 -2.49
CA ILE A 97 -1.67 3.01 -1.22
C ILE A 97 -0.77 1.88 -0.79
N LEU A 98 -0.01 2.16 0.25
CA LEU A 98 0.79 1.18 0.96
C LEU A 98 0.38 1.26 2.43
N VAL A 99 -0.53 0.39 2.86
CA VAL A 99 -1.17 0.54 4.16
C VAL A 99 -0.70 -0.51 5.17
N PHE A 100 -0.58 -0.09 6.42
CA PHE A 100 -0.20 -1.00 7.50
C PHE A 100 -1.40 -1.27 8.39
N LEU A 101 -1.46 -2.48 8.90
CA LEU A 101 -2.59 -2.88 9.71
C LEU A 101 -2.16 -3.66 10.93
N GLN A 102 -2.44 -3.10 12.09
CA GLN A 102 -2.04 -3.67 13.36
C GLN A 102 -3.13 -4.63 13.83
N GLU A 103 -2.75 -5.83 14.25
CA GLU A 103 -3.71 -6.84 14.64
C GLU A 103 -4.25 -6.55 16.05
N LYS A 104 -5.47 -6.04 16.08
CA LYS A 104 -6.10 -5.61 17.32
C LYS A 104 -7.51 -6.17 17.41
N ASP A 105 -7.81 -6.87 18.50
CA ASP A 105 -9.16 -7.38 18.72
C ASP A 105 -9.60 -8.23 17.53
N GLN A 106 -8.86 -9.32 17.32
CA GLN A 106 -9.13 -10.32 16.27
C GLN A 106 -9.32 -9.71 14.88
N LYS A 107 -8.85 -8.48 14.71
CA LYS A 107 -8.95 -7.80 13.44
C LYS A 107 -7.78 -6.84 13.31
N TYR A 108 -7.86 -5.87 12.43
CA TYR A 108 -6.78 -4.92 12.30
C TYR A 108 -7.24 -3.49 12.49
N ILE A 109 -6.25 -2.62 12.50
CA ILE A 109 -6.41 -1.19 12.63
C ILE A 109 -5.27 -0.56 11.83
N PHE A 110 -5.34 0.73 11.53
CA PHE A 110 -4.40 1.33 10.57
C PHE A 110 -2.98 1.48 11.09
N ALA A 111 -2.68 0.85 12.24
CA ALA A 111 -1.34 0.88 12.84
C ALA A 111 -0.80 2.29 12.90
N SER A 112 -1.71 3.23 13.09
CA SER A 112 -1.48 4.65 12.81
C SER A 112 -0.19 5.22 13.37
N LEU A 113 0.30 4.66 14.47
CA LEU A 113 1.55 5.10 15.09
C LEU A 113 1.45 6.53 15.66
N ASP A 114 0.35 7.21 15.31
CA ASP A 114 -0.02 8.49 15.89
C ASP A 114 0.97 9.60 15.55
N GLN A 115 1.73 9.43 14.46
CA GLN A 115 2.70 10.44 14.05
C GLN A 115 3.26 10.17 12.66
N LYS A 116 3.86 9.00 12.46
CA LYS A 116 4.39 8.65 11.16
C LYS A 116 3.26 8.33 10.19
N SER A 117 3.65 7.93 9.00
CA SER A 117 2.67 7.56 7.97
C SER A 117 2.55 6.06 7.91
N THR A 118 1.36 5.59 8.19
CA THR A 118 1.10 4.16 8.30
C THR A 118 0.21 3.70 7.15
N VAL A 119 0.06 4.57 6.18
CA VAL A 119 -0.62 4.27 4.93
C VAL A 119 -0.10 5.24 3.88
N ILE A 120 0.80 4.75 3.05
CA ILE A 120 1.49 5.59 2.11
C ILE A 120 0.79 5.54 0.76
N SER A 121 0.00 6.56 0.44
CA SER A 121 -0.53 6.70 -0.91
C SER A 121 0.63 6.61 -1.87
N LEU A 122 0.69 5.52 -2.60
CA LEU A 122 1.86 5.20 -3.40
C LEU A 122 2.03 6.11 -4.63
N LYS A 123 2.58 5.52 -5.68
CA LYS A 123 3.06 6.25 -6.83
C LYS A 123 4.03 7.33 -6.46
N LYS A 124 5.28 7.00 -6.71
CA LYS A 124 6.39 7.88 -6.47
C LYS A 124 6.57 8.04 -4.98
N LEU A 125 6.42 6.92 -4.30
CA LEU A 125 6.75 6.80 -2.90
C LEU A 125 8.26 6.63 -2.76
N ILE A 126 8.76 6.97 -1.61
CA ILE A 126 10.18 6.90 -1.37
C ILE A 126 10.48 5.72 -0.46
N VAL A 127 11.14 4.74 -1.01
CA VAL A 127 11.41 3.51 -0.30
C VAL A 127 12.91 3.34 -0.14
N ARG A 128 13.36 3.41 1.10
CA ARG A 128 14.80 3.43 1.37
C ARG A 128 15.23 2.28 2.25
N GLU A 129 16.49 1.95 2.12
CA GLU A 129 17.07 0.83 2.80
C GLU A 129 17.80 1.31 4.05
N VAL A 130 17.15 1.11 5.19
CA VAL A 130 17.64 1.56 6.48
C VAL A 130 19.10 1.19 6.73
N ALA A 131 19.84 2.10 7.37
CA ALA A 131 21.23 1.87 7.71
C ALA A 131 21.36 1.33 9.12
N HIS A 132 20.51 1.82 10.03
CA HIS A 132 20.58 1.43 11.43
C HIS A 132 19.97 0.05 11.67
N GLU A 133 19.52 -0.59 10.61
CA GLU A 133 18.98 -1.94 10.65
C GLU A 133 19.27 -2.65 9.34
N GLU A 134 19.34 -3.97 9.38
CA GLU A 134 19.44 -4.75 8.17
C GLU A 134 18.04 -5.09 7.67
N LYS A 135 17.10 -5.18 8.60
CA LYS A 135 15.70 -5.40 8.27
C LYS A 135 14.82 -4.35 8.93
N GLY A 136 14.88 -3.14 8.40
CA GLY A 136 14.09 -2.05 8.94
C GLY A 136 13.77 -1.01 7.88
N LEU A 137 13.37 -1.49 6.72
CA LEU A 137 13.14 -0.67 5.54
C LEU A 137 12.21 0.51 5.86
N PHE A 138 12.49 1.65 5.27
CA PHE A 138 11.62 2.80 5.42
C PHE A 138 10.66 2.89 4.26
N LEU A 139 9.39 2.77 4.53
CA LEU A 139 8.39 3.03 3.51
C LEU A 139 7.91 4.45 3.69
N ILE A 140 8.45 5.34 2.87
CA ILE A 140 8.32 6.77 3.14
C ILE A 140 7.40 7.46 2.12
N SER A 141 6.86 8.60 2.53
CA SER A 141 5.93 9.35 1.71
C SER A 141 6.50 10.71 1.29
N MET A 142 7.82 10.86 1.36
CA MET A 142 8.48 12.11 0.99
C MET A 142 8.06 12.57 -0.40
N GLY A 143 7.68 13.83 -0.52
CA GLY A 143 7.24 14.36 -1.79
C GLY A 143 6.45 15.64 -1.63
N MET A 144 5.56 15.67 -0.64
CA MET A 144 4.73 16.83 -0.39
C MET A 144 5.51 17.91 0.35
N THR A 145 5.96 17.57 1.55
CA THR A 145 6.71 18.50 2.38
C THR A 145 7.41 17.76 3.52
N ASP A 146 6.69 16.86 4.19
CA ASP A 146 7.30 16.00 5.19
C ASP A 146 6.49 14.74 5.40
N PRO A 147 7.15 13.62 5.20
CA PRO A 147 6.54 12.30 5.30
C PRO A 147 6.48 11.75 6.71
N GLU A 148 7.55 11.93 7.50
CA GLU A 148 7.70 11.24 8.77
C GLU A 148 7.56 9.74 8.54
N MET A 149 8.64 9.14 8.07
CA MET A 149 8.61 7.77 7.59
C MET A 149 8.38 6.78 8.70
N VAL A 150 7.81 5.65 8.36
CA VAL A 150 7.61 4.59 9.32
C VAL A 150 8.68 3.53 9.15
N GLU A 151 9.00 2.89 10.26
CA GLU A 151 10.05 1.91 10.30
C GLU A 151 9.50 0.51 10.06
N VAL A 152 9.70 0.03 8.85
CA VAL A 152 9.14 -1.22 8.40
C VAL A 152 10.18 -2.33 8.53
N HIS A 153 10.09 -3.08 9.61
CA HIS A 153 11.06 -4.13 9.91
C HIS A 153 10.60 -5.45 9.32
N ALA A 154 11.17 -5.78 8.16
CA ALA A 154 10.85 -7.03 7.48
C ALA A 154 11.34 -8.24 8.26
N SER A 155 10.86 -9.41 7.87
CA SER A 155 11.26 -10.66 8.51
C SER A 155 12.78 -10.75 8.67
N SER A 156 13.49 -10.24 7.66
CA SER A 156 14.94 -10.26 7.65
C SER A 156 15.44 -9.26 6.60
N LYS A 157 16.76 -9.07 6.51
CA LYS A 157 17.31 -8.07 5.59
C LYS A 157 16.86 -8.32 4.16
N GLU A 158 16.74 -9.58 3.76
CA GLU A 158 16.36 -9.91 2.43
C GLU A 158 14.93 -9.44 2.16
N GLU A 159 14.06 -9.54 3.17
CA GLU A 159 12.66 -9.21 2.99
C GLU A 159 12.46 -7.71 2.87
N ARG A 160 13.38 -6.93 3.44
CA ARG A 160 13.28 -5.48 3.31
C ARG A 160 13.38 -5.13 1.85
N ASN A 161 14.31 -5.77 1.16
CA ASN A 161 14.50 -5.59 -0.26
C ASN A 161 13.31 -6.17 -1.00
N SER A 162 12.84 -7.26 -0.45
CA SER A 162 11.65 -7.93 -0.95
C SER A 162 10.46 -6.99 -0.92
N TRP A 163 10.47 -6.02 -0.01
CA TRP A 163 9.37 -5.09 0.12
C TRP A 163 9.67 -3.85 -0.71
N ILE A 164 10.93 -3.45 -0.67
CA ILE A 164 11.45 -2.37 -1.51
C ILE A 164 11.16 -2.62 -2.97
N GLN A 165 11.41 -3.83 -3.41
CA GLN A 165 11.21 -4.21 -4.79
C GLN A 165 9.76 -4.09 -5.18
N ILE A 166 8.86 -4.18 -4.21
CA ILE A 166 7.43 -4.22 -4.49
C ILE A 166 6.90 -2.84 -4.86
N ILE A 167 7.45 -1.81 -4.26
CA ILE A 167 7.11 -0.47 -4.70
C ILE A 167 7.80 -0.22 -6.03
N GLN A 168 9.02 -0.72 -6.13
CA GLN A 168 9.72 -0.75 -7.40
C GLN A 168 9.03 -1.69 -8.40
N ASP A 169 8.14 -2.54 -7.88
CA ASP A 169 7.33 -3.41 -8.71
C ASP A 169 6.07 -2.66 -9.16
N THR A 170 5.23 -2.35 -8.18
CA THR A 170 3.94 -1.73 -8.41
C THR A 170 4.08 -0.32 -8.99
N ILE A 171 4.79 0.57 -8.29
CA ILE A 171 4.88 1.97 -8.72
C ILE A 171 5.55 2.09 -10.08
N ASN A 172 6.45 1.18 -10.38
CA ASN A 172 7.19 1.25 -11.63
C ASN A 172 6.26 1.01 -12.81
N THR A 173 5.22 0.23 -12.59
CA THR A 173 4.21 0.01 -13.60
C THR A 173 3.06 1.01 -13.47
N LEU A 174 2.94 1.62 -12.31
CA LEU A 174 2.02 2.72 -12.10
C LEU A 174 2.46 3.93 -12.90
N ASN A 175 3.77 4.20 -12.81
CA ASN A 175 4.41 5.33 -13.48
C ASN A 175 4.13 5.35 -14.98
N ARG A 176 3.93 4.15 -15.53
CA ARG A 176 3.71 3.95 -16.95
C ARG A 176 2.74 4.96 -17.54
N ASP A 177 1.49 4.90 -17.11
CA ASP A 177 0.46 5.75 -17.70
C ASP A 177 0.28 7.06 -16.96
N GLU A 178 -0.18 6.97 -15.74
CA GLU A 178 -0.62 8.11 -14.98
C GLU A 178 0.49 9.14 -14.74
N ASP A 179 0.10 10.26 -14.14
CA ASP A 179 1.02 11.34 -13.85
C ASP A 179 1.83 11.04 -12.59
N GLU A 180 3.06 11.47 -12.56
CA GLU A 180 3.99 11.09 -11.51
C GLU A 180 3.85 11.97 -10.27
N GLY A 181 3.58 11.33 -9.14
CA GLY A 181 3.59 12.01 -7.86
C GLY A 181 2.21 12.37 -7.39
N ILE A 182 1.73 11.65 -6.40
CA ILE A 182 0.37 11.86 -5.92
C ILE A 182 0.25 11.80 -4.39
N PRO A 183 -0.34 12.86 -3.80
CA PRO A 183 -0.78 12.87 -2.41
C PRO A 183 -2.25 12.45 -2.28
N SER A 184 -2.66 12.01 -1.08
CA SER A 184 -4.03 11.50 -0.86
C SER A 184 -4.26 10.22 -1.67
N GLU A 185 -4.50 10.41 -2.95
CA GLU A 185 -4.74 9.34 -3.89
C GLU A 185 -4.94 9.95 -5.28
N SER A 1 -14.30 -1.08 -24.87
CA SER A 1 -14.15 -2.19 -23.90
C SER A 1 -12.98 -1.90 -22.95
N MET A 2 -13.30 -1.36 -21.78
CA MET A 2 -12.31 -0.95 -20.78
C MET A 2 -11.36 0.11 -21.31
N THR A 3 -11.58 1.34 -20.87
CA THR A 3 -10.58 2.37 -21.04
C THR A 3 -9.80 2.45 -19.73
N LYS A 4 -10.40 3.08 -18.72
CA LYS A 4 -9.97 2.96 -17.34
C LYS A 4 -11.13 3.32 -16.42
N ASP A 5 -11.70 2.31 -15.78
CA ASP A 5 -12.66 2.54 -14.71
C ASP A 5 -11.99 3.43 -13.66
N ASN A 6 -12.76 4.21 -12.94
CA ASN A 6 -12.21 5.21 -12.02
C ASN A 6 -11.56 4.57 -10.80
N GLU A 7 -11.54 3.24 -10.78
CA GLU A 7 -10.82 2.50 -9.74
C GLU A 7 -9.50 1.96 -10.30
N VAL A 8 -9.44 1.83 -11.63
CA VAL A 8 -8.26 1.31 -12.30
C VAL A 8 -7.56 2.38 -13.12
N GLU A 9 -7.83 3.64 -12.81
CA GLU A 9 -7.35 4.75 -13.61
C GLU A 9 -5.81 4.85 -13.70
N GLN A 10 -5.09 4.03 -12.93
CA GLN A 10 -3.64 3.94 -13.04
C GLN A 10 -3.22 2.73 -13.89
N GLU A 11 -1.94 2.66 -14.27
CA GLU A 11 -1.49 1.63 -15.22
C GLU A 11 -1.07 0.34 -14.55
N ASP A 12 -1.30 0.23 -13.25
CA ASP A 12 -1.11 -1.06 -12.60
C ASP A 12 -2.47 -1.72 -12.39
N LEU A 13 -3.50 -1.11 -12.98
CA LEU A 13 -4.87 -1.57 -12.81
C LEU A 13 -5.64 -1.46 -14.12
N ALA A 14 -5.97 -2.61 -14.73
CA ALA A 14 -6.78 -2.65 -15.97
C ALA A 14 -6.15 -1.86 -17.12
N GLN A 15 -6.79 -1.88 -18.28
CA GLN A 15 -6.21 -1.23 -19.45
C GLN A 15 -7.15 -1.07 -20.61
N SER A 16 -6.81 -0.12 -21.46
CA SER A 16 -7.42 0.02 -22.76
C SER A 16 -6.54 -0.69 -23.80
N LEU A 17 -5.87 -1.77 -23.35
CA LEU A 17 -4.87 -2.46 -24.18
C LEU A 17 -4.28 -3.69 -23.46
N SER A 18 -3.74 -3.47 -22.26
CA SER A 18 -3.01 -4.52 -21.53
C SER A 18 -3.57 -4.74 -20.13
N LEU A 19 -2.65 -4.83 -19.17
CA LEU A 19 -2.95 -4.91 -17.74
C LEU A 19 -4.03 -5.93 -17.42
N VAL A 20 -3.69 -7.21 -17.60
CA VAL A 20 -4.56 -8.37 -17.28
C VAL A 20 -6.00 -8.22 -17.77
N LYS A 21 -6.80 -7.47 -17.04
CA LYS A 21 -8.24 -7.41 -17.24
C LYS A 21 -8.62 -6.42 -18.34
N ASP A 22 -8.02 -6.58 -19.50
CA ASP A 22 -8.33 -5.74 -20.65
C ASP A 22 -9.66 -6.15 -21.27
N VAL A 23 -9.67 -7.31 -21.91
CA VAL A 23 -10.86 -7.86 -22.55
C VAL A 23 -10.50 -9.18 -23.26
N ILE A 24 -9.42 -9.78 -22.78
CA ILE A 24 -8.81 -10.94 -23.45
C ILE A 24 -9.05 -12.20 -22.63
N GLY A 25 -8.18 -13.19 -22.77
CA GLY A 25 -8.28 -14.39 -21.95
C GLY A 25 -7.96 -14.08 -20.52
N ALA A 26 -7.09 -13.10 -20.34
CA ALA A 26 -6.68 -12.64 -19.04
C ALA A 26 -7.75 -11.78 -18.39
N VAL A 27 -8.80 -11.47 -19.14
CA VAL A 27 -9.90 -10.68 -18.60
C VAL A 27 -10.69 -11.52 -17.62
N ASP A 28 -10.54 -12.83 -17.77
CA ASP A 28 -11.10 -13.80 -16.84
C ASP A 28 -10.42 -13.66 -15.47
N SER A 29 -9.27 -13.01 -15.45
CA SER A 29 -8.56 -12.77 -14.22
C SER A 29 -9.09 -11.52 -13.52
N LYS A 30 -10.08 -10.88 -14.13
CA LYS A 30 -10.71 -9.72 -13.51
C LYS A 30 -11.53 -10.13 -12.31
N VAL A 31 -12.23 -11.24 -12.41
CA VAL A 31 -13.01 -11.70 -11.29
C VAL A 31 -12.09 -12.06 -10.16
N ALA A 32 -10.87 -12.42 -10.50
CA ALA A 32 -9.88 -12.71 -9.49
C ALA A 32 -9.22 -11.43 -9.03
N SER A 33 -9.31 -10.39 -9.86
CA SER A 33 -9.02 -9.04 -9.43
C SER A 33 -10.12 -8.57 -8.48
N TYR A 34 -11.32 -9.06 -8.73
CA TYR A 34 -12.42 -8.92 -7.80
C TYR A 34 -12.15 -9.76 -6.56
N GLU A 35 -11.65 -10.99 -6.76
CA GLU A 35 -11.29 -11.86 -5.65
C GLU A 35 -10.14 -11.21 -4.86
N LYS A 36 -9.30 -10.49 -5.58
CA LYS A 36 -8.20 -9.76 -4.99
C LYS A 36 -8.73 -8.54 -4.24
N LYS A 37 -9.84 -8.03 -4.73
CA LYS A 37 -10.61 -6.99 -4.10
C LYS A 37 -11.45 -7.60 -2.99
N VAL A 38 -11.45 -8.91 -2.98
CA VAL A 38 -12.25 -9.70 -2.08
C VAL A 38 -11.46 -10.11 -0.84
N ARG A 39 -10.18 -10.49 -0.97
CA ARG A 39 -9.36 -10.61 0.22
C ARG A 39 -9.07 -9.21 0.74
N LEU A 40 -9.12 -8.26 -0.17
CA LEU A 40 -9.02 -6.87 0.22
C LEU A 40 -10.36 -6.41 0.77
N ASN A 41 -11.44 -7.07 0.39
CA ASN A 41 -12.76 -6.85 0.99
C ASN A 41 -12.75 -7.40 2.40
N GLU A 42 -12.10 -8.54 2.57
CA GLU A 42 -11.94 -9.13 3.89
C GLU A 42 -11.05 -8.24 4.72
N ILE A 43 -9.98 -7.81 4.10
CA ILE A 43 -9.03 -6.94 4.70
C ILE A 43 -9.54 -5.50 4.77
N TYR A 44 -10.58 -5.25 4.04
CA TYR A 44 -11.42 -4.08 4.21
C TYR A 44 -12.32 -4.30 5.43
N THR A 45 -12.71 -5.56 5.62
CA THR A 45 -13.75 -5.94 6.56
C THR A 45 -13.26 -6.08 8.02
N LYS A 46 -12.11 -6.69 8.25
CA LYS A 46 -11.58 -6.82 9.63
C LYS A 46 -10.99 -5.51 10.06
N THR A 47 -10.67 -4.69 9.10
CA THR A 47 -10.05 -3.43 9.36
C THR A 47 -11.02 -2.47 10.05
N ASP A 48 -10.57 -1.90 11.16
CA ASP A 48 -11.37 -0.96 11.94
C ASP A 48 -11.72 0.25 11.09
N SER A 49 -12.98 0.65 11.14
CA SER A 49 -13.51 1.70 10.29
C SER A 49 -12.95 3.08 10.66
N LYS A 50 -12.84 3.37 11.96
CA LYS A 50 -12.45 4.70 12.41
C LYS A 50 -11.05 4.78 13.01
N SER A 51 -10.42 3.65 13.26
CA SER A 51 -9.05 3.64 13.76
C SER A 51 -8.08 4.00 12.63
N ILE A 52 -8.24 5.20 12.12
CA ILE A 52 -7.53 5.66 10.95
C ILE A 52 -6.32 6.51 11.32
N MET A 53 -5.79 7.23 10.34
CA MET A 53 -4.58 8.02 10.52
C MET A 53 -4.67 9.27 9.65
N ARG A 54 -3.59 10.02 9.59
CA ARG A 54 -3.45 11.10 8.62
C ARG A 54 -2.21 10.85 7.80
N MET A 55 -2.43 10.45 6.56
CA MET A 55 -1.37 9.98 5.69
C MET A 55 -0.60 11.15 5.03
N LYS A 56 -0.13 10.95 3.77
CA LYS A 56 0.80 11.88 3.12
C LYS A 56 0.37 13.34 3.26
N SER A 57 -0.91 13.62 3.02
CA SER A 57 -1.42 14.97 3.01
C SER A 57 -1.86 15.42 4.41
N GLY A 58 -2.31 14.47 5.21
CA GLY A 58 -2.83 14.80 6.52
C GLY A 58 -4.32 14.55 6.57
N GLN A 59 -4.80 13.82 5.58
CA GLN A 59 -6.21 13.51 5.43
C GLN A 59 -6.58 12.33 6.31
N MET A 60 -7.87 12.07 6.42
CA MET A 60 -8.35 10.87 7.08
C MET A 60 -8.54 9.77 6.05
N PHE A 61 -7.64 8.83 6.08
CA PHE A 61 -7.69 7.70 5.19
C PHE A 61 -8.34 6.54 5.92
N ALA A 62 -9.35 5.91 5.32
CA ALA A 62 -10.10 4.94 6.06
C ALA A 62 -10.33 3.64 5.32
N LYS A 63 -11.10 2.80 5.99
CA LYS A 63 -11.56 1.52 5.50
C LYS A 63 -12.13 1.60 4.09
N GLU A 64 -13.05 2.55 3.88
CA GLU A 64 -13.72 2.75 2.59
C GLU A 64 -12.72 2.85 1.43
N ASP A 65 -11.57 3.43 1.70
CA ASP A 65 -10.57 3.70 0.71
C ASP A 65 -9.95 2.42 0.13
N LEU A 66 -9.66 1.43 0.98
CA LEU A 66 -8.98 0.21 0.54
C LEU A 66 -9.87 -0.61 -0.38
N LYS A 67 -11.16 -0.42 -0.21
CA LYS A 67 -12.21 -1.21 -0.85
C LYS A 67 -11.94 -1.60 -2.31
N ARG A 68 -11.73 -0.61 -3.15
CA ARG A 68 -11.68 -0.82 -4.60
C ARG A 68 -10.27 -0.84 -5.15
N LYS A 69 -9.34 -0.80 -4.24
CA LYS A 69 -7.92 -0.84 -4.59
C LYS A 69 -7.47 -2.24 -5.00
N LYS A 70 -6.27 -2.34 -5.56
CA LYS A 70 -5.78 -3.61 -6.08
C LYS A 70 -4.78 -4.26 -5.11
N LEU A 71 -5.21 -5.36 -4.50
CA LEU A 71 -4.35 -6.22 -3.67
C LEU A 71 -3.14 -6.70 -4.47
N VAL A 72 -2.03 -5.95 -4.47
CA VAL A 72 -0.86 -6.41 -5.22
C VAL A 72 0.17 -7.06 -4.30
N ARG A 73 0.18 -6.65 -3.05
CA ARG A 73 1.04 -7.25 -2.05
C ARG A 73 0.34 -7.28 -0.69
N ASP A 74 0.72 -8.26 0.12
CA ASP A 74 0.27 -8.35 1.50
C ASP A 74 1.32 -9.11 2.31
N GLY A 75 1.63 -8.61 3.49
CA GLY A 75 2.59 -9.28 4.34
C GLY A 75 2.84 -8.51 5.61
N SER A 76 3.25 -9.21 6.65
CA SER A 76 3.44 -8.58 7.94
C SER A 76 4.87 -8.09 8.11
N VAL A 77 4.98 -6.89 8.65
CA VAL A 77 6.25 -6.25 8.89
C VAL A 77 6.23 -5.50 10.20
N PHE A 78 7.34 -5.53 10.91
CA PHE A 78 7.46 -4.86 12.20
C PHE A 78 7.52 -3.33 12.04
N LEU A 79 6.95 -2.62 13.02
CA LEU A 79 6.83 -1.16 12.96
C LEU A 79 7.36 -0.53 14.23
N LYS A 80 8.43 0.27 14.13
CA LYS A 80 8.99 0.91 15.31
C LYS A 80 8.18 2.16 15.63
N ASN A 81 7.51 2.16 16.77
CA ASN A 81 6.73 3.31 17.20
C ASN A 81 7.63 4.40 17.76
N ALA A 82 7.05 5.44 18.35
CA ALA A 82 7.83 6.54 18.89
C ALA A 82 8.78 6.08 19.98
N ALA A 83 8.55 4.86 20.48
CA ALA A 83 9.32 4.34 21.59
C ALA A 83 10.31 3.28 21.11
N GLY A 84 10.15 2.84 19.89
CA GLY A 84 10.98 1.78 19.37
C GLY A 84 10.44 0.42 19.71
N ARG A 85 9.13 0.33 19.81
CA ARG A 85 8.46 -0.91 20.16
C ARG A 85 7.73 -1.42 18.95
N LEU A 86 8.00 -2.65 18.59
CA LEU A 86 7.58 -3.18 17.30
C LEU A 86 6.24 -3.89 17.32
N LYS A 87 5.61 -3.82 16.17
CA LYS A 87 4.38 -4.53 15.87
C LYS A 87 4.53 -5.20 14.52
N GLU A 88 4.35 -6.51 14.45
CA GLU A 88 4.31 -7.15 13.15
C GLU A 88 2.94 -6.89 12.53
N VAL A 89 2.89 -5.91 11.66
CA VAL A 89 1.63 -5.45 11.12
C VAL A 89 1.40 -6.07 9.76
N GLN A 90 0.16 -6.32 9.41
CA GLN A 90 -0.15 -6.85 8.10
C GLN A 90 -0.21 -5.69 7.13
N ALA A 91 0.88 -5.49 6.43
CA ALA A 91 1.00 -4.40 5.48
C ALA A 91 0.36 -4.81 4.17
N VAL A 92 -0.52 -3.97 3.67
CA VAL A 92 -1.15 -4.25 2.41
C VAL A 92 -0.65 -3.22 1.42
N LEU A 93 0.36 -3.60 0.68
CA LEU A 93 0.83 -2.74 -0.37
C LEU A 93 -0.14 -2.85 -1.53
N LEU A 94 -0.98 -1.85 -1.57
CA LEU A 94 -2.03 -1.70 -2.53
C LEU A 94 -1.52 -0.83 -3.64
N THR A 95 -2.20 -0.84 -4.77
CA THR A 95 -1.71 -0.13 -5.96
C THR A 95 -1.89 1.37 -5.82
N ASP A 96 -2.68 1.76 -4.85
CA ASP A 96 -3.02 3.16 -4.68
C ASP A 96 -2.55 3.65 -3.31
N ILE A 97 -2.29 2.71 -2.41
CA ILE A 97 -1.72 3.03 -1.10
C ILE A 97 -0.86 1.91 -0.56
N LEU A 98 0.04 2.25 0.33
CA LEU A 98 0.82 1.28 1.07
C LEU A 98 0.37 1.33 2.53
N VAL A 99 -0.54 0.45 2.90
CA VAL A 99 -1.24 0.57 4.18
C VAL A 99 -0.79 -0.48 5.19
N PHE A 100 -0.58 -0.06 6.42
CA PHE A 100 -0.22 -0.97 7.50
C PHE A 100 -1.42 -1.26 8.36
N LEU A 101 -1.50 -2.49 8.83
CA LEU A 101 -2.63 -2.91 9.62
C LEU A 101 -2.18 -3.68 10.85
N GLN A 102 -2.51 -3.12 12.00
CA GLN A 102 -2.16 -3.70 13.28
C GLN A 102 -3.25 -4.67 13.71
N GLU A 103 -2.87 -5.85 14.16
CA GLU A 103 -3.86 -6.84 14.58
C GLU A 103 -4.36 -6.50 15.98
N LYS A 104 -5.55 -5.94 16.02
CA LYS A 104 -6.12 -5.39 17.24
C LYS A 104 -7.54 -5.88 17.41
N ASP A 105 -7.81 -6.59 18.50
CA ASP A 105 -9.16 -7.07 18.80
C ASP A 105 -9.67 -7.93 17.65
N GLN A 106 -8.98 -9.06 17.42
CA GLN A 106 -9.34 -10.08 16.41
C GLN A 106 -9.58 -9.49 15.03
N LYS A 107 -9.05 -8.31 14.78
CA LYS A 107 -9.18 -7.68 13.49
C LYS A 107 -7.98 -6.76 13.28
N TYR A 108 -8.06 -5.83 12.34
CA TYR A 108 -6.95 -4.91 12.14
C TYR A 108 -7.38 -3.48 12.30
N ILE A 109 -6.38 -2.63 12.33
CA ILE A 109 -6.52 -1.19 12.42
C ILE A 109 -5.40 -0.60 11.60
N PHE A 110 -5.42 0.70 11.38
CA PHE A 110 -4.47 1.32 10.45
C PHE A 110 -3.05 1.42 11.02
N ALA A 111 -2.81 0.73 12.14
CA ALA A 111 -1.50 0.71 12.78
C ALA A 111 -0.93 2.10 12.91
N SER A 112 -1.83 3.05 13.12
CA SER A 112 -1.57 4.47 12.94
C SER A 112 -0.30 4.96 13.63
N LEU A 113 0.09 4.29 14.71
CA LEU A 113 1.32 4.60 15.44
C LEU A 113 1.23 5.95 16.17
N ASP A 114 0.31 6.80 15.72
CA ASP A 114 0.09 8.15 16.27
C ASP A 114 1.32 9.03 16.04
N GLN A 115 2.16 8.65 15.08
CA GLN A 115 3.39 9.35 14.83
C GLN A 115 3.59 9.62 13.34
N LYS A 116 4.03 8.59 12.64
CA LYS A 116 4.44 8.73 11.26
C LYS A 116 3.35 8.27 10.30
N SER A 117 3.72 8.05 9.05
CA SER A 117 2.78 7.53 8.06
C SER A 117 2.62 6.04 8.25
N THR A 118 1.39 5.59 8.32
CA THR A 118 1.10 4.18 8.48
C THR A 118 0.23 3.70 7.31
N VAL A 119 0.15 4.57 6.32
CA VAL A 119 -0.52 4.31 5.06
C VAL A 119 0.07 5.29 4.03
N ILE A 120 0.96 4.78 3.21
CA ILE A 120 1.68 5.63 2.28
C ILE A 120 1.00 5.60 0.93
N SER A 121 0.30 6.68 0.59
CA SER A 121 -0.39 6.75 -0.68
C SER A 121 0.60 6.42 -1.80
N LEU A 122 0.26 5.43 -2.61
CA LEU A 122 1.16 4.93 -3.64
C LEU A 122 1.51 5.97 -4.67
N LYS A 123 2.17 5.47 -5.71
CA LYS A 123 2.73 6.28 -6.76
C LYS A 123 3.76 7.25 -6.26
N LYS A 124 4.99 6.93 -6.61
CA LYS A 124 6.10 7.82 -6.42
C LYS A 124 6.39 7.98 -4.95
N LEU A 125 6.27 6.85 -4.27
CA LEU A 125 6.68 6.75 -2.89
C LEU A 125 8.19 6.60 -2.82
N ILE A 126 8.73 6.91 -1.67
CA ILE A 126 10.16 6.85 -1.47
C ILE A 126 10.48 5.69 -0.54
N VAL A 127 11.19 4.73 -1.07
CA VAL A 127 11.49 3.50 -0.35
C VAL A 127 12.99 3.34 -0.23
N ARG A 128 13.47 3.36 1.00
CA ARG A 128 14.91 3.36 1.23
C ARG A 128 15.33 2.27 2.18
N GLU A 129 16.58 1.90 2.07
CA GLU A 129 17.16 0.86 2.89
C GLU A 129 17.78 1.49 4.13
N VAL A 130 17.14 1.24 5.26
CA VAL A 130 17.60 1.75 6.55
C VAL A 130 19.08 1.40 6.81
N ALA A 131 19.83 2.36 7.33
CA ALA A 131 21.24 2.17 7.63
C ALA A 131 21.43 1.66 9.04
N HIS A 132 20.52 2.02 9.93
CA HIS A 132 20.65 1.66 11.34
C HIS A 132 19.94 0.35 11.66
N GLU A 133 19.61 -0.40 10.61
CA GLU A 133 18.98 -1.72 10.74
C GLU A 133 19.32 -2.55 9.50
N GLU A 134 19.47 -3.86 9.67
CA GLU A 134 19.79 -4.73 8.54
C GLU A 134 18.51 -5.27 7.92
N LYS A 135 17.53 -5.55 8.78
CA LYS A 135 16.26 -6.09 8.33
C LYS A 135 15.17 -5.07 8.55
N GLY A 136 15.50 -3.83 8.22
CA GLY A 136 14.56 -2.76 8.29
C GLY A 136 14.43 -2.08 6.95
N LEU A 137 13.42 -1.26 6.81
CA LEU A 137 13.17 -0.54 5.58
C LEU A 137 12.30 0.67 5.86
N PHE A 138 12.58 1.76 5.22
CA PHE A 138 11.73 2.93 5.32
C PHE A 138 10.76 2.97 4.16
N LEU A 139 9.48 2.83 4.46
CA LEU A 139 8.47 3.08 3.46
C LEU A 139 7.99 4.51 3.65
N ILE A 140 8.53 5.40 2.84
CA ILE A 140 8.43 6.82 3.11
C ILE A 140 7.46 7.52 2.16
N SER A 141 6.95 8.65 2.62
CA SER A 141 5.99 9.44 1.86
C SER A 141 6.58 10.75 1.34
N MET A 142 7.92 10.85 1.34
CA MET A 142 8.59 12.05 0.88
C MET A 142 8.18 12.38 -0.55
N GLY A 143 8.14 13.67 -0.85
CA GLY A 143 7.61 14.13 -2.11
C GLY A 143 6.87 15.43 -1.91
N MET A 144 6.12 15.46 -0.82
CA MET A 144 5.49 16.68 -0.36
C MET A 144 5.90 16.92 1.08
N THR A 145 6.35 18.13 1.39
CA THR A 145 6.76 18.50 2.74
C THR A 145 7.59 17.40 3.41
N ASP A 146 7.48 17.24 4.72
CA ASP A 146 8.13 16.13 5.40
C ASP A 146 7.15 14.99 5.58
N PRO A 147 7.63 13.79 5.28
CA PRO A 147 6.83 12.57 5.23
C PRO A 147 6.57 11.94 6.59
N GLU A 148 7.54 12.01 7.51
CA GLU A 148 7.48 11.21 8.74
C GLU A 148 7.45 9.74 8.37
N MET A 149 8.60 9.20 7.98
CA MET A 149 8.67 7.83 7.48
C MET A 149 8.52 6.83 8.62
N VAL A 150 7.93 5.69 8.32
CA VAL A 150 7.76 4.67 9.32
C VAL A 150 8.77 3.54 9.15
N GLU A 151 9.11 2.94 10.27
CA GLU A 151 10.10 1.90 10.31
C GLU A 151 9.50 0.55 10.00
N VAL A 152 9.72 0.09 8.79
CA VAL A 152 9.20 -1.17 8.32
C VAL A 152 10.26 -2.26 8.42
N HIS A 153 10.19 -3.03 9.48
CA HIS A 153 11.19 -4.06 9.74
C HIS A 153 10.74 -5.40 9.20
N ALA A 154 11.34 -5.80 8.10
CA ALA A 154 11.00 -7.02 7.41
C ALA A 154 11.46 -8.24 8.18
N SER A 155 10.97 -9.41 7.79
CA SER A 155 11.35 -10.68 8.39
C SER A 155 12.87 -10.78 8.55
N SER A 156 13.60 -10.30 7.56
CA SER A 156 15.05 -10.44 7.57
C SER A 156 15.72 -9.44 6.63
N LYS A 157 17.06 -9.43 6.62
CA LYS A 157 17.85 -8.51 5.81
C LYS A 157 17.36 -8.49 4.37
N GLU A 158 17.11 -9.69 3.84
CA GLU A 158 16.66 -9.86 2.47
C GLU A 158 15.27 -9.29 2.26
N GLU A 159 14.34 -9.56 3.18
CA GLU A 159 12.95 -9.20 2.99
C GLU A 159 12.78 -7.70 2.91
N ARG A 160 13.70 -6.94 3.50
CA ARG A 160 13.63 -5.50 3.39
C ARG A 160 13.69 -5.10 1.92
N ASN A 161 14.65 -5.68 1.21
CA ASN A 161 14.81 -5.45 -0.22
C ASN A 161 13.68 -6.12 -0.96
N SER A 162 13.18 -7.20 -0.39
CA SER A 162 12.03 -7.90 -0.93
C SER A 162 10.82 -6.98 -0.91
N TRP A 163 10.80 -6.05 0.02
CA TRP A 163 9.68 -5.15 0.15
C TRP A 163 9.94 -3.87 -0.63
N ILE A 164 11.18 -3.43 -0.57
CA ILE A 164 11.67 -2.33 -1.38
C ILE A 164 11.35 -2.53 -2.85
N GLN A 165 11.60 -3.74 -3.32
CA GLN A 165 11.37 -4.07 -4.71
C GLN A 165 9.90 -4.00 -5.07
N ILE A 166 9.02 -4.14 -4.08
CA ILE A 166 7.60 -4.30 -4.36
C ILE A 166 6.95 -2.97 -4.71
N ILE A 167 7.45 -1.89 -4.13
CA ILE A 167 7.06 -0.58 -4.60
C ILE A 167 7.69 -0.33 -5.95
N GLN A 168 8.95 -0.74 -6.07
CA GLN A 168 9.63 -0.75 -7.35
C GLN A 168 8.94 -1.70 -8.33
N ASP A 169 8.11 -2.59 -7.79
CA ASP A 169 7.34 -3.51 -8.60
C ASP A 169 6.04 -2.86 -9.06
N THR A 170 5.34 -2.28 -8.10
CA THR A 170 4.02 -1.70 -8.33
C THR A 170 4.11 -0.30 -8.96
N ILE A 171 4.75 0.62 -8.26
CA ILE A 171 4.80 2.02 -8.69
C ILE A 171 5.47 2.15 -10.05
N ASN A 172 6.38 1.24 -10.34
CA ASN A 172 7.11 1.25 -11.60
C ASN A 172 6.13 1.12 -12.75
N THR A 173 5.08 0.35 -12.53
CA THR A 173 4.07 0.13 -13.54
C THR A 173 2.94 1.16 -13.44
N LEU A 174 2.77 1.73 -12.26
CA LEU A 174 1.80 2.80 -12.05
C LEU A 174 2.12 4.01 -12.93
N ASN A 175 3.40 4.35 -12.93
CA ASN A 175 3.92 5.54 -13.62
C ASN A 175 3.78 5.45 -15.14
N ARG A 176 3.81 4.23 -15.63
CA ARG A 176 3.83 3.93 -17.07
C ARG A 176 2.93 4.84 -17.89
N ASP A 177 1.66 4.92 -17.52
CA ASP A 177 0.68 5.68 -18.31
C ASP A 177 0.68 7.14 -17.93
N GLU A 178 0.17 7.39 -16.74
CA GLU A 178 -0.07 8.74 -16.24
C GLU A 178 1.21 9.51 -15.96
N ASP A 179 1.01 10.66 -15.34
CA ASP A 179 2.11 11.46 -14.79
C ASP A 179 2.69 10.76 -13.55
N GLU A 180 3.16 11.51 -12.58
CA GLU A 180 3.78 10.92 -11.41
C GLU A 180 3.57 11.74 -10.14
N GLY A 181 2.86 11.15 -9.17
CA GLY A 181 2.74 11.76 -7.86
C GLY A 181 1.32 12.07 -7.49
N ILE A 182 0.78 11.34 -6.53
CA ILE A 182 -0.61 11.52 -6.13
C ILE A 182 -0.82 11.41 -4.61
N PRO A 183 -1.24 12.51 -3.97
CA PRO A 183 -1.55 12.54 -2.53
C PRO A 183 -3.03 12.26 -2.24
N SER A 184 -3.33 11.86 -0.99
CA SER A 184 -4.68 11.62 -0.52
C SER A 184 -5.38 10.47 -1.24
N GLU A 185 -4.63 9.83 -2.12
CA GLU A 185 -5.13 8.76 -2.98
C GLU A 185 -6.57 9.00 -3.42
N SER A 1 -4.73 7.45 -16.53
CA SER A 1 -6.01 7.46 -17.26
C SER A 1 -6.01 6.36 -18.32
N MET A 2 -7.00 5.49 -18.27
CA MET A 2 -7.02 4.32 -19.14
C MET A 2 -8.45 3.87 -19.42
N THR A 3 -9.41 4.77 -19.17
CA THR A 3 -10.83 4.48 -19.35
C THR A 3 -11.20 3.21 -18.57
N LYS A 4 -10.76 3.16 -17.32
CA LYS A 4 -10.89 1.98 -16.49
C LYS A 4 -11.43 2.32 -15.11
N ASP A 5 -11.86 3.57 -14.94
CA ASP A 5 -12.23 4.11 -13.62
C ASP A 5 -11.00 4.32 -12.76
N ASN A 6 -10.92 5.46 -12.07
CA ASN A 6 -9.69 5.90 -11.40
C ASN A 6 -9.03 4.78 -10.61
N GLU A 7 -9.87 3.93 -10.03
CA GLU A 7 -9.46 2.80 -9.22
C GLU A 7 -8.62 1.79 -10.02
N VAL A 8 -8.94 1.67 -11.30
CA VAL A 8 -8.43 0.61 -12.14
C VAL A 8 -7.47 1.13 -13.24
N GLU A 9 -7.43 2.44 -13.42
CA GLU A 9 -6.80 3.04 -14.62
C GLU A 9 -5.27 3.00 -14.63
N GLN A 10 -4.64 2.13 -13.86
CA GLN A 10 -3.19 2.09 -13.83
C GLN A 10 -2.64 0.92 -14.65
N GLU A 11 -1.51 1.16 -15.32
CA GLU A 11 -0.89 0.17 -16.20
C GLU A 11 -0.14 -0.89 -15.41
N ASP A 12 -0.06 -0.73 -14.11
CA ASP A 12 0.53 -1.76 -13.28
C ASP A 12 -0.40 -2.97 -13.22
N LEU A 13 -1.69 -2.72 -13.39
CA LEU A 13 -2.71 -3.76 -13.38
C LEU A 13 -4.03 -3.18 -13.86
N ALA A 14 -4.65 -3.86 -14.84
CA ALA A 14 -5.91 -3.43 -15.45
C ALA A 14 -5.73 -2.29 -16.45
N GLN A 15 -5.71 -2.63 -17.74
CA GLN A 15 -5.61 -1.65 -18.79
C GLN A 15 -6.65 -1.92 -19.87
N SER A 16 -6.90 -0.95 -20.74
CA SER A 16 -7.84 -1.15 -21.84
C SER A 16 -7.10 -1.52 -23.12
N LEU A 17 -5.82 -1.81 -22.96
CA LEU A 17 -4.98 -2.27 -24.07
C LEU A 17 -4.09 -3.43 -23.63
N SER A 18 -4.07 -3.70 -22.33
CA SER A 18 -3.22 -4.72 -21.73
C SER A 18 -3.64 -4.94 -20.28
N LEU A 19 -2.75 -5.56 -19.51
CA LEU A 19 -2.90 -5.67 -18.06
C LEU A 19 -4.17 -6.38 -17.64
N VAL A 20 -4.04 -7.69 -17.41
CA VAL A 20 -5.13 -8.57 -16.93
C VAL A 20 -6.46 -8.35 -17.65
N LYS A 21 -7.21 -7.34 -17.24
CA LYS A 21 -8.55 -7.15 -17.74
C LYS A 21 -8.56 -6.21 -18.95
N ASP A 22 -7.70 -6.53 -19.90
CA ASP A 22 -7.61 -5.79 -21.16
C ASP A 22 -8.95 -5.84 -21.90
N VAL A 23 -9.31 -7.04 -22.37
CA VAL A 23 -10.51 -7.26 -23.18
C VAL A 23 -10.47 -8.66 -23.81
N ILE A 24 -9.65 -9.55 -23.24
CA ILE A 24 -9.37 -10.85 -23.86
C ILE A 24 -9.92 -11.99 -23.00
N GLY A 25 -9.14 -13.06 -22.87
CA GLY A 25 -9.52 -14.16 -22.01
C GLY A 25 -9.18 -13.87 -20.58
N ALA A 26 -8.10 -13.13 -20.40
CA ALA A 26 -7.64 -12.72 -19.08
C ALA A 26 -8.57 -11.66 -18.51
N VAL A 27 -9.51 -11.19 -19.33
CA VAL A 27 -10.48 -10.20 -18.89
C VAL A 27 -11.44 -10.83 -17.89
N ASP A 28 -11.53 -12.16 -17.96
CA ASP A 28 -12.32 -12.95 -17.02
C ASP A 28 -11.58 -13.05 -15.68
N SER A 29 -10.47 -12.32 -15.57
CA SER A 29 -9.77 -12.18 -14.30
C SER A 29 -10.22 -10.91 -13.61
N LYS A 30 -11.16 -10.19 -14.22
CA LYS A 30 -11.77 -9.05 -13.55
C LYS A 30 -12.45 -9.52 -12.29
N VAL A 31 -13.11 -10.66 -12.37
CA VAL A 31 -13.76 -11.22 -11.22
C VAL A 31 -12.73 -11.58 -10.18
N ALA A 32 -11.53 -11.88 -10.63
CA ALA A 32 -10.45 -12.16 -9.72
C ALA A 32 -9.83 -10.86 -9.22
N SER A 33 -10.01 -9.79 -9.99
CA SER A 33 -9.77 -8.44 -9.50
C SER A 33 -10.85 -8.07 -8.49
N TYR A 34 -12.03 -8.66 -8.68
CA TYR A 34 -13.07 -8.60 -7.68
C TYR A 34 -12.68 -9.48 -6.49
N GLU A 35 -12.12 -10.65 -6.78
CA GLU A 35 -11.64 -11.55 -5.73
C GLU A 35 -10.48 -10.87 -4.98
N LYS A 36 -9.81 -9.98 -5.69
CA LYS A 36 -8.71 -9.20 -5.15
C LYS A 36 -9.26 -8.00 -4.38
N LYS A 37 -10.42 -7.54 -4.81
CA LYS A 37 -11.21 -6.54 -4.12
C LYS A 37 -11.97 -7.22 -2.99
N VAL A 38 -11.96 -8.53 -3.07
CA VAL A 38 -12.61 -9.40 -2.12
C VAL A 38 -11.64 -9.73 -1.00
N ARG A 39 -10.40 -9.96 -1.39
CA ARG A 39 -9.31 -10.08 -0.44
C ARG A 39 -9.21 -8.80 0.33
N LEU A 40 -9.31 -7.73 -0.42
CA LEU A 40 -9.26 -6.42 0.15
C LEU A 40 -10.58 -6.03 0.74
N ASN A 41 -11.65 -6.75 0.40
CA ASN A 41 -12.94 -6.61 1.08
C ASN A 41 -12.86 -7.31 2.42
N GLU A 42 -12.10 -8.39 2.46
CA GLU A 42 -11.81 -9.09 3.69
C GLU A 42 -10.97 -8.20 4.57
N ILE A 43 -9.91 -7.72 3.97
CA ILE A 43 -8.98 -6.86 4.63
C ILE A 43 -9.55 -5.45 4.79
N TYR A 44 -10.60 -5.20 4.09
CA TYR A 44 -11.47 -4.09 4.36
C TYR A 44 -12.29 -4.41 5.60
N THR A 45 -12.81 -5.63 5.61
CA THR A 45 -13.81 -6.09 6.55
C THR A 45 -13.30 -6.17 8.01
N LYS A 46 -12.10 -6.72 8.22
CA LYS A 46 -11.57 -6.85 9.60
C LYS A 46 -11.12 -5.49 10.10
N THR A 47 -10.58 -4.72 9.19
CA THR A 47 -9.96 -3.46 9.53
C THR A 47 -10.94 -2.50 10.22
N ASP A 48 -10.52 -1.95 11.36
CA ASP A 48 -11.32 -1.01 12.12
C ASP A 48 -11.52 0.27 11.31
N SER A 49 -12.79 0.60 11.09
CA SER A 49 -13.19 1.66 10.16
C SER A 49 -12.58 3.01 10.51
N LYS A 50 -12.52 3.34 11.80
CA LYS A 50 -12.08 4.65 12.23
C LYS A 50 -10.70 4.68 12.87
N SER A 51 -10.04 3.53 12.93
CA SER A 51 -8.69 3.45 13.47
C SER A 51 -7.67 4.03 12.48
N ILE A 52 -7.92 5.24 12.06
CA ILE A 52 -7.22 5.80 10.92
C ILE A 52 -5.99 6.61 11.31
N MET A 53 -5.43 7.28 10.32
CA MET A 53 -4.16 7.97 10.46
C MET A 53 -4.13 9.22 9.57
N ARG A 54 -2.96 9.81 9.42
CA ARG A 54 -2.73 10.79 8.37
C ARG A 54 -1.66 10.24 7.42
N MET A 55 -1.90 10.36 6.14
CA MET A 55 -0.99 9.82 5.15
C MET A 55 -0.28 10.95 4.40
N LYS A 56 0.17 10.68 3.18
CA LYS A 56 1.03 11.61 2.42
C LYS A 56 0.50 13.06 2.43
N SER A 57 -0.81 13.20 2.30
CA SER A 57 -1.43 14.52 2.25
C SER A 57 -1.70 15.08 3.65
N GLY A 58 -1.86 14.19 4.60
CA GLY A 58 -2.21 14.60 5.95
C GLY A 58 -3.68 14.37 6.20
N GLN A 59 -4.29 13.72 5.22
CA GLN A 59 -5.70 13.43 5.21
C GLN A 59 -6.06 12.35 6.23
N MET A 60 -7.35 12.15 6.41
CA MET A 60 -7.85 10.99 7.11
C MET A 60 -8.16 9.90 6.12
N PHE A 61 -7.32 8.89 6.11
CA PHE A 61 -7.51 7.74 5.25
C PHE A 61 -8.19 6.65 6.04
N ALA A 62 -9.24 6.06 5.51
CA ALA A 62 -9.97 5.06 6.28
C ALA A 62 -10.23 3.77 5.54
N LYS A 63 -10.87 2.88 6.27
CA LYS A 63 -11.26 1.56 5.80
C LYS A 63 -11.97 1.60 4.45
N GLU A 64 -12.99 2.44 4.34
CA GLU A 64 -13.82 2.52 3.14
C GLU A 64 -12.99 2.63 1.86
N ASP A 65 -11.81 3.22 2.00
CA ASP A 65 -10.94 3.54 0.87
C ASP A 65 -10.23 2.32 0.26
N LEU A 66 -9.72 1.42 1.11
CA LEU A 66 -8.97 0.25 0.63
C LEU A 66 -9.81 -0.58 -0.33
N LYS A 67 -11.10 -0.44 -0.16
CA LYS A 67 -12.15 -1.14 -0.88
C LYS A 67 -11.86 -1.38 -2.36
N ARG A 68 -11.48 -0.32 -3.06
CA ARG A 68 -11.45 -0.33 -4.52
C ARG A 68 -10.05 -0.43 -5.06
N LYS A 69 -9.14 -0.67 -4.16
CA LYS A 69 -7.73 -0.78 -4.49
C LYS A 69 -7.34 -2.21 -4.88
N LYS A 70 -6.15 -2.39 -5.44
CA LYS A 70 -5.70 -3.72 -5.86
C LYS A 70 -4.78 -4.37 -4.83
N LEU A 71 -5.21 -5.53 -4.33
CA LEU A 71 -4.39 -6.42 -3.52
C LEU A 71 -3.15 -6.85 -4.34
N VAL A 72 -2.05 -6.11 -4.30
CA VAL A 72 -0.88 -6.52 -5.07
C VAL A 72 0.17 -7.23 -4.21
N ARG A 73 0.23 -6.89 -2.93
CA ARG A 73 1.07 -7.63 -1.97
C ARG A 73 0.52 -7.51 -0.56
N ASP A 74 0.77 -8.53 0.24
CA ASP A 74 0.41 -8.52 1.65
C ASP A 74 1.49 -9.24 2.46
N GLY A 75 1.84 -8.68 3.60
CA GLY A 75 2.81 -9.33 4.47
C GLY A 75 2.99 -8.59 5.78
N SER A 76 3.29 -9.34 6.82
CA SER A 76 3.46 -8.75 8.14
C SER A 76 4.86 -8.22 8.34
N VAL A 77 4.92 -6.99 8.86
CA VAL A 77 6.19 -6.33 9.10
C VAL A 77 6.16 -5.55 10.40
N PHE A 78 7.29 -5.57 11.10
CA PHE A 78 7.44 -4.86 12.38
C PHE A 78 7.52 -3.34 12.19
N LEU A 79 6.77 -2.62 13.01
CA LEU A 79 6.69 -1.16 12.93
C LEU A 79 7.22 -0.48 14.20
N LYS A 80 8.21 0.38 14.06
CA LYS A 80 8.73 1.14 15.20
C LYS A 80 7.82 2.34 15.50
N ASN A 81 7.34 2.42 16.73
CA ASN A 81 6.51 3.54 17.15
C ASN A 81 7.39 4.62 17.78
N ALA A 82 6.80 5.55 18.49
CA ALA A 82 7.55 6.67 19.07
C ALA A 82 8.37 6.18 20.26
N ALA A 83 8.18 4.93 20.60
CA ALA A 83 8.87 4.31 21.73
C ALA A 83 9.68 3.13 21.23
N GLY A 84 9.58 2.91 19.93
CA GLY A 84 10.26 1.83 19.29
C GLY A 84 9.78 0.48 19.73
N ARG A 85 8.48 0.37 19.91
CA ARG A 85 7.86 -0.88 20.29
C ARG A 85 7.20 -1.48 19.07
N LEU A 86 7.71 -2.61 18.67
CA LEU A 86 7.44 -3.18 17.39
C LEU A 86 6.15 -3.97 17.32
N LYS A 87 5.39 -3.65 16.29
CA LYS A 87 4.16 -4.35 15.94
C LYS A 87 4.36 -5.06 14.61
N GLU A 88 4.20 -6.37 14.57
CA GLU A 88 4.17 -7.05 13.30
C GLU A 88 2.81 -6.84 12.66
N VAL A 89 2.76 -5.90 11.75
CA VAL A 89 1.50 -5.48 11.14
C VAL A 89 1.32 -6.15 9.80
N GLN A 90 0.09 -6.34 9.39
CA GLN A 90 -0.17 -6.88 8.07
C GLN A 90 -0.13 -5.75 7.07
N ALA A 91 0.99 -5.58 6.40
CA ALA A 91 1.15 -4.54 5.41
C ALA A 91 0.48 -4.95 4.12
N VAL A 92 -0.39 -4.10 3.61
CA VAL A 92 -1.11 -4.39 2.41
C VAL A 92 -0.71 -3.41 1.33
N LEU A 93 0.19 -3.85 0.47
CA LEU A 93 0.58 -3.07 -0.66
C LEU A 93 -0.52 -3.15 -1.71
N LEU A 94 -1.16 -2.03 -1.94
CA LEU A 94 -2.15 -1.90 -2.99
C LEU A 94 -1.52 -1.17 -4.16
N THR A 95 -2.27 -0.95 -5.22
CA THR A 95 -1.76 -0.20 -6.35
C THR A 95 -2.00 1.30 -6.15
N ASP A 96 -2.61 1.64 -5.03
CA ASP A 96 -2.92 3.03 -4.74
C ASP A 96 -2.33 3.44 -3.39
N ILE A 97 -2.20 2.50 -2.46
CA ILE A 97 -1.59 2.79 -1.16
C ILE A 97 -0.79 1.62 -0.63
N LEU A 98 0.09 1.93 0.31
CA LEU A 98 0.86 0.96 1.05
C LEU A 98 0.42 1.04 2.51
N VAL A 99 -0.51 0.20 2.91
CA VAL A 99 -1.17 0.36 4.20
C VAL A 99 -0.74 -0.70 5.20
N PHE A 100 -0.54 -0.29 6.44
CA PHE A 100 -0.18 -1.20 7.50
C PHE A 100 -1.38 -1.46 8.39
N LEU A 101 -1.48 -2.68 8.88
CA LEU A 101 -2.62 -3.06 9.68
C LEU A 101 -2.20 -3.85 10.90
N GLN A 102 -2.46 -3.25 12.05
CA GLN A 102 -2.09 -3.82 13.34
C GLN A 102 -3.22 -4.72 13.83
N GLU A 103 -2.91 -5.94 14.20
CA GLU A 103 -3.94 -6.89 14.63
C GLU A 103 -4.38 -6.58 16.05
N LYS A 104 -5.60 -6.08 16.14
CA LYS A 104 -6.17 -5.65 17.40
C LYS A 104 -7.61 -6.12 17.49
N ASP A 105 -7.96 -6.81 18.56
CA ASP A 105 -9.34 -7.26 18.77
C ASP A 105 -9.80 -8.06 17.56
N GLN A 106 -9.11 -9.18 17.34
CA GLN A 106 -9.43 -10.17 16.29
C GLN A 106 -9.56 -9.57 14.89
N LYS A 107 -9.10 -8.34 14.73
CA LYS A 107 -9.16 -7.68 13.44
C LYS A 107 -7.94 -6.77 13.31
N TYR A 108 -7.96 -5.84 12.38
CA TYR A 108 -6.84 -4.93 12.25
C TYR A 108 -7.26 -3.50 12.46
N ILE A 109 -6.24 -2.65 12.47
CA ILE A 109 -6.37 -1.22 12.60
C ILE A 109 -5.22 -0.62 11.81
N PHE A 110 -5.24 0.67 11.52
CA PHE A 110 -4.30 1.25 10.55
C PHE A 110 -2.88 1.36 11.07
N ALA A 111 -2.59 0.73 12.21
CA ALA A 111 -1.25 0.74 12.81
C ALA A 111 -0.71 2.16 12.87
N SER A 112 -1.63 3.11 13.05
CA SER A 112 -1.40 4.53 12.77
C SER A 112 -0.09 5.09 13.30
N LEU A 113 0.39 4.55 14.42
CA LEU A 113 1.64 4.98 15.02
C LEU A 113 1.60 6.43 15.52
N ASP A 114 0.50 7.13 15.20
CA ASP A 114 0.22 8.47 15.70
C ASP A 114 1.20 9.51 15.13
N GLN A 115 1.86 9.17 14.02
CA GLN A 115 2.84 10.07 13.40
C GLN A 115 3.35 9.50 12.08
N LYS A 116 4.05 8.37 12.16
CA LYS A 116 4.56 7.67 10.99
C LYS A 116 3.45 7.45 9.96
N SER A 117 3.78 7.67 8.69
CA SER A 117 2.86 7.35 7.61
C SER A 117 2.63 5.85 7.58
N THR A 118 1.47 5.44 8.03
CA THR A 118 1.16 4.02 8.16
C THR A 118 0.25 3.57 7.02
N VAL A 119 0.14 4.42 6.02
CA VAL A 119 -0.57 4.15 4.79
C VAL A 119 0.01 5.06 3.71
N ILE A 120 0.82 4.47 2.85
CA ILE A 120 1.59 5.24 1.89
C ILE A 120 0.89 5.26 0.54
N SER A 121 0.26 6.37 0.18
CA SER A 121 -0.32 6.48 -1.15
C SER A 121 0.74 6.17 -2.20
N LEU A 122 0.55 5.03 -2.84
CA LEU A 122 1.54 4.39 -3.68
C LEU A 122 2.34 5.30 -4.58
N LYS A 123 1.73 5.74 -5.67
CA LYS A 123 2.47 6.32 -6.77
C LYS A 123 3.47 7.36 -6.33
N LYS A 124 4.72 7.00 -6.60
CA LYS A 124 5.87 7.82 -6.31
C LYS A 124 6.08 7.92 -4.81
N LEU A 125 6.01 6.78 -4.17
CA LEU A 125 6.38 6.65 -2.78
C LEU A 125 7.90 6.58 -2.68
N ILE A 126 8.42 6.92 -1.53
CA ILE A 126 9.84 6.88 -1.33
C ILE A 126 10.19 5.73 -0.42
N VAL A 127 10.96 4.80 -0.96
CA VAL A 127 11.31 3.60 -0.26
C VAL A 127 12.83 3.50 -0.17
N ARG A 128 13.33 3.53 1.06
CA ARG A 128 14.75 3.60 1.28
C ARG A 128 15.22 2.47 2.16
N GLU A 129 16.50 2.17 2.05
CA GLU A 129 17.10 1.07 2.77
C GLU A 129 17.81 1.60 4.00
N VAL A 130 17.18 1.39 5.16
CA VAL A 130 17.66 1.90 6.44
C VAL A 130 19.12 1.55 6.71
N ALA A 131 19.84 2.49 7.31
CA ALA A 131 21.22 2.27 7.72
C ALA A 131 21.30 1.82 9.17
N HIS A 132 20.44 2.37 10.01
CA HIS A 132 20.48 2.06 11.44
C HIS A 132 19.82 0.72 11.74
N GLU A 133 19.45 0.01 10.68
CA GLU A 133 18.85 -1.32 10.77
C GLU A 133 19.22 -2.10 9.53
N GLU A 134 19.07 -3.42 9.58
CA GLU A 134 19.42 -4.24 8.44
C GLU A 134 18.18 -4.74 7.72
N LYS A 135 17.03 -4.68 8.41
CA LYS A 135 15.77 -5.00 7.78
C LYS A 135 14.70 -3.97 8.13
N GLY A 136 15.13 -2.81 8.61
CA GLY A 136 14.19 -1.77 9.02
C GLY A 136 13.85 -0.81 7.91
N LEU A 137 13.40 -1.34 6.79
CA LEU A 137 13.11 -0.57 5.59
C LEU A 137 12.18 0.60 5.89
N PHE A 138 12.45 1.74 5.26
CA PHE A 138 11.58 2.89 5.40
C PHE A 138 10.58 2.95 4.25
N LEU A 139 9.31 2.87 4.56
CA LEU A 139 8.29 3.13 3.56
C LEU A 139 7.78 4.55 3.78
N ILE A 140 8.27 5.47 2.97
CA ILE A 140 8.15 6.89 3.27
C ILE A 140 7.20 7.61 2.31
N SER A 141 6.69 8.74 2.76
CA SER A 141 5.81 9.58 1.97
C SER A 141 6.46 10.93 1.64
N MET A 142 7.80 10.98 1.65
CA MET A 142 8.54 12.18 1.32
C MET A 142 8.18 12.64 -0.09
N GLY A 143 7.87 13.92 -0.23
CA GLY A 143 7.53 14.44 -1.54
C GLY A 143 6.78 15.76 -1.46
N MET A 144 5.75 15.81 -0.63
CA MET A 144 4.93 17.00 -0.50
C MET A 144 5.59 18.03 0.41
N THR A 145 5.72 17.68 1.68
CA THR A 145 6.25 18.62 2.65
C THR A 145 7.01 17.90 3.77
N ASP A 146 6.36 16.94 4.42
CA ASP A 146 6.97 16.23 5.53
C ASP A 146 6.20 14.95 5.84
N PRO A 147 6.88 13.81 5.67
CA PRO A 147 6.28 12.49 5.75
C PRO A 147 6.25 11.89 7.16
N GLU A 148 7.36 11.98 7.89
CA GLU A 148 7.55 11.16 9.08
C GLU A 148 7.42 9.69 8.70
N MET A 149 8.49 9.18 8.11
CA MET A 149 8.50 7.83 7.55
C MET A 149 8.27 6.79 8.63
N VAL A 150 7.64 5.69 8.27
CA VAL A 150 7.47 4.61 9.20
C VAL A 150 8.60 3.62 9.05
N GLU A 151 8.97 3.01 10.17
CA GLU A 151 10.08 2.10 10.22
C GLU A 151 9.60 0.67 10.08
N VAL A 152 9.73 0.16 8.87
CA VAL A 152 9.19 -1.13 8.50
C VAL A 152 10.26 -2.21 8.56
N HIS A 153 10.27 -2.93 9.65
CA HIS A 153 11.25 -3.99 9.86
C HIS A 153 10.73 -5.29 9.27
N ALA A 154 11.25 -5.65 8.11
CA ALA A 154 10.84 -6.84 7.37
C ALA A 154 11.08 -8.10 8.18
N SER A 155 10.51 -9.21 7.74
CA SER A 155 10.69 -10.49 8.41
C SER A 155 12.18 -10.79 8.58
N SER A 156 12.99 -10.38 7.61
CA SER A 156 14.41 -10.64 7.64
C SER A 156 15.18 -9.57 6.90
N LYS A 157 16.51 -9.64 6.98
CA LYS A 157 17.38 -8.64 6.35
C LYS A 157 17.08 -8.52 4.87
N GLU A 158 16.93 -9.66 4.20
CA GLU A 158 16.69 -9.68 2.77
C GLU A 158 15.31 -9.13 2.41
N GLU A 159 14.33 -9.45 3.24
CA GLU A 159 12.93 -9.09 2.95
C GLU A 159 12.75 -7.59 2.82
N ARG A 160 13.59 -6.80 3.48
CA ARG A 160 13.49 -5.36 3.35
C ARG A 160 13.61 -4.96 1.88
N ASN A 161 14.58 -5.57 1.21
CA ASN A 161 14.81 -5.35 -0.21
C ASN A 161 13.67 -5.95 -0.99
N SER A 162 13.20 -7.05 -0.47
CA SER A 162 12.08 -7.77 -1.04
C SER A 162 10.83 -6.91 -1.06
N TRP A 163 10.75 -5.94 -0.14
CA TRP A 163 9.60 -5.06 -0.08
C TRP A 163 9.89 -3.82 -0.91
N ILE A 164 11.12 -3.35 -0.81
CA ILE A 164 11.61 -2.24 -1.62
C ILE A 164 11.38 -2.50 -3.10
N GLN A 165 11.80 -3.66 -3.54
CA GLN A 165 11.71 -4.03 -4.94
C GLN A 165 10.28 -3.96 -5.42
N ILE A 166 9.34 -4.08 -4.51
CA ILE A 166 7.94 -4.20 -4.85
C ILE A 166 7.24 -2.86 -5.01
N ILE A 167 7.73 -1.82 -4.35
CA ILE A 167 7.31 -0.50 -4.74
C ILE A 167 7.97 -0.17 -6.05
N GLN A 168 9.20 -0.66 -6.18
CA GLN A 168 9.90 -0.65 -7.45
C GLN A 168 9.23 -1.62 -8.43
N ASP A 169 8.40 -2.54 -7.91
CA ASP A 169 7.64 -3.44 -8.78
C ASP A 169 6.35 -2.77 -9.24
N THR A 170 5.53 -2.39 -8.27
CA THR A 170 4.21 -1.81 -8.53
C THR A 170 4.30 -0.37 -9.08
N ILE A 171 4.91 0.54 -8.31
CA ILE A 171 4.91 1.96 -8.69
C ILE A 171 5.62 2.19 -10.02
N ASN A 172 6.61 1.37 -10.31
CA ASN A 172 7.38 1.53 -11.52
C ASN A 172 6.51 1.27 -12.72
N THR A 173 5.54 0.40 -12.56
CA THR A 173 4.61 0.10 -13.63
C THR A 173 3.38 1.00 -13.55
N LEU A 174 3.11 1.54 -12.36
CA LEU A 174 2.09 2.56 -12.19
C LEU A 174 2.45 3.79 -13.03
N ASN A 175 3.69 4.23 -12.84
CA ASN A 175 4.24 5.42 -13.50
C ASN A 175 4.22 5.32 -15.02
N ARG A 176 4.18 4.10 -15.53
CA ARG A 176 4.11 3.87 -16.96
C ARG A 176 3.00 4.69 -17.60
N ASP A 177 1.81 4.65 -17.02
CA ASP A 177 0.67 5.38 -17.56
C ASP A 177 0.55 6.76 -16.95
N GLU A 178 0.17 6.78 -15.68
CA GLU A 178 -0.18 8.00 -15.00
C GLU A 178 1.01 8.93 -14.80
N ASP A 179 0.74 10.06 -14.16
CA ASP A 179 1.74 11.09 -13.94
C ASP A 179 2.63 10.74 -12.74
N GLU A 180 3.10 11.78 -12.06
CA GLU A 180 4.07 11.63 -10.99
C GLU A 180 3.39 11.36 -9.64
N GLY A 181 3.81 12.11 -8.61
CA GLY A 181 3.34 11.84 -7.27
C GLY A 181 1.88 12.18 -7.07
N ILE A 182 1.35 11.67 -5.99
CA ILE A 182 -0.06 11.80 -5.67
C ILE A 182 -0.30 11.84 -4.16
N PRO A 183 -1.08 12.81 -3.69
CA PRO A 183 -1.57 12.85 -2.31
C PRO A 183 -2.90 12.09 -2.17
N SER A 184 -3.09 11.47 -1.00
CA SER A 184 -4.30 10.67 -0.72
C SER A 184 -4.36 9.43 -1.62
N GLU A 185 -4.90 9.59 -2.81
CA GLU A 185 -4.94 8.50 -3.80
C GLU A 185 -4.69 9.08 -5.19
N SER A 1 -17.02 -1.52 -25.19
CA SER A 1 -15.81 -0.69 -24.97
C SER A 1 -15.30 -0.86 -23.54
N MET A 2 -14.01 -0.68 -23.34
CA MET A 2 -13.41 -0.79 -22.02
C MET A 2 -12.12 0.01 -21.95
N THR A 3 -11.95 0.76 -20.87
CA THR A 3 -10.71 1.47 -20.64
C THR A 3 -9.93 0.82 -19.50
N LYS A 4 -10.26 1.15 -18.26
CA LYS A 4 -9.53 0.60 -17.13
C LYS A 4 -10.46 0.17 -16.00
N ASP A 5 -11.55 0.93 -15.84
CA ASP A 5 -12.34 0.99 -14.61
C ASP A 5 -11.67 2.00 -13.67
N ASN A 6 -12.45 2.86 -13.03
CA ASN A 6 -11.90 4.04 -12.37
C ASN A 6 -11.14 3.71 -11.07
N GLU A 7 -11.26 2.50 -10.60
CA GLU A 7 -10.44 2.06 -9.48
C GLU A 7 -9.25 1.25 -10.02
N VAL A 8 -9.31 0.97 -11.31
CA VAL A 8 -8.30 0.18 -11.99
C VAL A 8 -7.53 1.06 -12.99
N GLU A 9 -7.63 2.36 -12.83
CA GLU A 9 -7.06 3.33 -13.77
C GLU A 9 -5.58 3.08 -14.12
N GLN A 10 -4.85 2.44 -13.21
CA GLN A 10 -3.39 2.30 -13.34
C GLN A 10 -2.99 1.11 -14.20
N GLU A 11 -2.02 1.34 -15.10
CA GLU A 11 -1.49 0.31 -16.01
C GLU A 11 -0.85 -0.84 -15.27
N ASP A 12 -0.45 -0.62 -14.01
CA ASP A 12 0.13 -1.69 -13.20
C ASP A 12 -0.67 -2.99 -13.34
N LEU A 13 -1.98 -2.86 -13.52
CA LEU A 13 -2.82 -3.97 -13.91
C LEU A 13 -4.13 -3.43 -14.48
N ALA A 14 -4.09 -3.01 -15.74
CA ALA A 14 -5.27 -2.46 -16.39
C ALA A 14 -5.09 -2.27 -17.88
N GLN A 15 -6.21 -2.23 -18.59
CA GLN A 15 -6.24 -2.39 -20.02
C GLN A 15 -6.10 -1.11 -20.83
N SER A 16 -7.18 -0.73 -21.51
CA SER A 16 -7.14 0.26 -22.58
C SER A 16 -6.08 -0.13 -23.61
N LEU A 17 -5.65 -1.39 -23.54
CA LEU A 17 -4.61 -1.95 -24.38
C LEU A 17 -4.24 -3.36 -23.93
N SER A 18 -3.92 -3.54 -22.64
CA SER A 18 -3.46 -4.83 -22.14
C SER A 18 -3.63 -4.98 -20.63
N LEU A 19 -2.72 -5.72 -20.03
CA LEU A 19 -2.68 -5.94 -18.58
C LEU A 19 -3.90 -6.72 -18.10
N VAL A 20 -4.14 -7.87 -18.74
CA VAL A 20 -5.27 -8.73 -18.44
C VAL A 20 -6.61 -8.00 -18.59
N LYS A 21 -7.69 -8.69 -18.25
CA LYS A 21 -9.06 -8.15 -18.19
C LYS A 21 -9.45 -7.38 -19.45
N ASP A 22 -8.76 -7.67 -20.55
CA ASP A 22 -8.95 -6.96 -21.82
C ASP A 22 -9.98 -7.66 -22.72
N VAL A 23 -9.62 -8.84 -23.22
CA VAL A 23 -10.52 -9.63 -24.05
C VAL A 23 -9.87 -10.99 -24.37
N ILE A 24 -8.86 -11.33 -23.60
CA ILE A 24 -8.03 -12.50 -23.90
C ILE A 24 -8.27 -13.60 -22.88
N GLY A 25 -7.33 -14.51 -22.72
CA GLY A 25 -7.41 -15.48 -21.65
C GLY A 25 -7.18 -14.83 -20.33
N ALA A 26 -6.33 -13.81 -20.36
CA ALA A 26 -6.02 -13.01 -19.19
C ALA A 26 -7.19 -12.10 -18.82
N VAL A 27 -8.22 -12.08 -19.66
CA VAL A 27 -9.40 -11.27 -19.36
C VAL A 27 -10.08 -11.82 -18.12
N ASP A 28 -9.89 -13.11 -17.93
CA ASP A 28 -10.45 -13.85 -16.81
C ASP A 28 -9.74 -13.49 -15.50
N SER A 29 -8.70 -12.68 -15.59
CA SER A 29 -7.95 -12.29 -14.41
C SER A 29 -8.59 -11.09 -13.70
N LYS A 30 -9.66 -10.55 -14.29
CA LYS A 30 -10.37 -9.45 -13.64
C LYS A 30 -11.12 -9.94 -12.42
N VAL A 31 -11.73 -11.10 -12.52
CA VAL A 31 -12.46 -11.63 -11.40
C VAL A 31 -11.51 -11.94 -10.28
N ALA A 32 -10.27 -12.20 -10.63
CA ALA A 32 -9.25 -12.43 -9.64
C ALA A 32 -8.74 -11.10 -9.12
N SER A 33 -8.88 -10.06 -9.93
CA SER A 33 -8.71 -8.68 -9.47
C SER A 33 -9.84 -8.36 -8.50
N TYR A 34 -11.02 -8.89 -8.79
CA TYR A 34 -12.12 -8.85 -7.85
C TYR A 34 -11.80 -9.69 -6.63
N GLU A 35 -11.21 -10.87 -6.84
CA GLU A 35 -10.81 -11.73 -5.73
C GLU A 35 -9.70 -11.07 -4.92
N LYS A 36 -8.92 -10.23 -5.60
CA LYS A 36 -7.85 -9.47 -4.98
C LYS A 36 -8.45 -8.28 -4.22
N LYS A 37 -9.60 -7.87 -4.68
CA LYS A 37 -10.44 -6.87 -4.03
C LYS A 37 -11.29 -7.56 -2.96
N VAL A 38 -11.28 -8.87 -3.03
CA VAL A 38 -12.07 -9.73 -2.15
C VAL A 38 -11.31 -10.00 -0.86
N ARG A 39 -10.05 -10.38 -0.96
CA ARG A 39 -9.21 -10.48 0.21
C ARG A 39 -9.00 -9.10 0.79
N LEU A 40 -9.07 -8.12 -0.08
CA LEU A 40 -8.98 -6.75 0.34
C LEU A 40 -10.32 -6.29 0.88
N ASN A 41 -11.40 -6.96 0.47
CA ASN A 41 -12.72 -6.78 1.08
C ASN A 41 -12.72 -7.36 2.47
N GLU A 42 -12.06 -8.50 2.61
CA GLU A 42 -11.89 -9.14 3.90
C GLU A 42 -11.00 -8.28 4.77
N ILE A 43 -9.95 -7.83 4.17
CA ILE A 43 -8.99 -6.97 4.80
C ILE A 43 -9.53 -5.55 4.91
N TYR A 44 -10.58 -5.29 4.18
CA TYR A 44 -11.43 -4.14 4.36
C TYR A 44 -12.36 -4.38 5.56
N THR A 45 -12.67 -5.65 5.78
CA THR A 45 -13.73 -6.06 6.69
C THR A 45 -13.26 -6.17 8.15
N LYS A 46 -12.09 -6.76 8.38
CA LYS A 46 -11.56 -6.88 9.77
C LYS A 46 -11.03 -5.53 10.22
N THR A 47 -10.62 -4.75 9.25
CA THR A 47 -9.99 -3.49 9.54
C THR A 47 -10.95 -2.52 10.21
N ASP A 48 -10.53 -2.03 11.39
CA ASP A 48 -11.31 -1.07 12.16
C ASP A 48 -11.59 0.16 11.31
N SER A 49 -12.86 0.52 11.21
CA SER A 49 -13.32 1.52 10.27
C SER A 49 -12.79 2.91 10.60
N LYS A 50 -12.73 3.25 11.88
CA LYS A 50 -12.37 4.59 12.30
C LYS A 50 -10.98 4.71 12.93
N SER A 51 -10.31 3.59 13.12
CA SER A 51 -8.95 3.61 13.64
C SER A 51 -7.98 4.04 12.53
N ILE A 52 -8.14 5.28 12.08
CA ILE A 52 -7.45 5.77 10.92
C ILE A 52 -6.27 6.66 11.26
N MET A 53 -5.71 7.27 10.23
CA MET A 53 -4.54 8.12 10.35
C MET A 53 -4.47 9.08 9.17
N ARG A 54 -3.72 10.16 9.35
CA ARG A 54 -3.50 11.12 8.28
C ARG A 54 -2.28 10.71 7.47
N MET A 55 -2.45 10.71 6.17
CA MET A 55 -1.41 10.26 5.27
C MET A 55 -0.80 11.48 4.52
N LYS A 56 -0.44 11.30 3.23
CA LYS A 56 0.43 12.25 2.50
C LYS A 56 0.07 13.72 2.75
N SER A 57 -1.20 14.06 2.58
CA SER A 57 -1.62 15.46 2.67
C SER A 57 -2.18 15.81 4.04
N GLY A 58 -2.54 14.78 4.80
CA GLY A 58 -3.09 15.00 6.12
C GLY A 58 -4.54 14.61 6.20
N GLN A 59 -5.00 13.94 5.16
CA GLN A 59 -6.39 13.51 5.04
C GLN A 59 -6.68 12.39 6.03
N MET A 60 -7.96 12.09 6.18
CA MET A 60 -8.38 10.92 6.92
C MET A 60 -8.55 9.77 5.96
N PHE A 61 -7.65 8.83 6.04
CA PHE A 61 -7.72 7.66 5.20
C PHE A 61 -8.38 6.54 5.97
N ALA A 62 -9.44 5.97 5.42
CA ALA A 62 -10.19 4.97 6.16
C ALA A 62 -10.45 3.69 5.39
N LYS A 63 -11.12 2.79 6.09
CA LYS A 63 -11.55 1.50 5.58
C LYS A 63 -12.13 1.56 4.17
N GLU A 64 -13.12 2.44 3.98
CA GLU A 64 -13.82 2.60 2.70
C GLU A 64 -12.87 2.68 1.50
N ASP A 65 -11.69 3.21 1.74
CA ASP A 65 -10.73 3.49 0.68
C ASP A 65 -10.00 2.24 0.16
N LEU A 66 -9.62 1.33 1.06
CA LEU A 66 -8.86 0.13 0.65
C LEU A 66 -9.66 -0.74 -0.30
N LYS A 67 -10.97 -0.64 -0.14
CA LYS A 67 -11.96 -1.44 -0.82
C LYS A 67 -11.67 -1.72 -2.30
N ARG A 68 -11.50 -0.66 -3.06
CA ARG A 68 -11.50 -0.75 -4.52
C ARG A 68 -10.10 -0.94 -5.10
N LYS A 69 -9.13 -0.90 -4.22
CA LYS A 69 -7.73 -0.96 -4.61
C LYS A 69 -7.27 -2.36 -5.02
N LYS A 70 -6.01 -2.47 -5.43
CA LYS A 70 -5.43 -3.76 -5.81
C LYS A 70 -4.52 -4.33 -4.74
N LEU A 71 -4.87 -5.50 -4.24
CA LEU A 71 -3.97 -6.31 -3.42
C LEU A 71 -2.75 -6.68 -4.27
N VAL A 72 -1.69 -5.87 -4.28
CA VAL A 72 -0.50 -6.21 -5.04
C VAL A 72 0.54 -6.90 -4.16
N ARG A 73 0.53 -6.59 -2.86
CA ARG A 73 1.30 -7.35 -1.89
C ARG A 73 0.67 -7.23 -0.50
N ASP A 74 0.81 -8.28 0.29
CA ASP A 74 0.40 -8.26 1.69
C ASP A 74 1.38 -9.08 2.51
N GLY A 75 1.74 -8.58 3.69
CA GLY A 75 2.59 -9.33 4.58
C GLY A 75 2.83 -8.59 5.88
N SER A 76 3.12 -9.33 6.94
CA SER A 76 3.31 -8.71 8.24
C SER A 76 4.74 -8.25 8.44
N VAL A 77 4.86 -7.06 8.98
CA VAL A 77 6.14 -6.43 9.25
C VAL A 77 6.09 -5.66 10.54
N PHE A 78 7.16 -5.72 11.31
CA PHE A 78 7.25 -4.96 12.55
C PHE A 78 7.35 -3.47 12.27
N LEU A 79 6.81 -2.66 13.17
CA LEU A 79 6.76 -1.21 12.97
C LEU A 79 7.38 -0.50 14.16
N LYS A 80 8.54 0.13 13.95
CA LYS A 80 9.18 0.85 15.04
C LYS A 80 8.53 2.22 15.19
N ASN A 81 7.85 2.43 16.31
CA ASN A 81 7.29 3.75 16.58
C ASN A 81 8.37 4.66 17.12
N ALA A 82 7.99 5.86 17.53
CA ALA A 82 8.94 6.83 18.05
C ALA A 82 9.64 6.30 19.31
N ALA A 83 9.11 5.21 19.85
CA ALA A 83 9.63 4.64 21.09
C ALA A 83 10.42 3.36 20.83
N GLY A 84 10.34 2.87 19.61
CA GLY A 84 11.05 1.66 19.25
C GLY A 84 10.33 0.40 19.69
N ARG A 85 9.02 0.47 19.70
CA ARG A 85 8.21 -0.64 20.15
C ARG A 85 7.46 -1.22 18.97
N LEU A 86 7.72 -2.48 18.70
CA LEU A 86 7.32 -3.10 17.44
C LEU A 86 5.97 -3.77 17.48
N LYS A 87 5.29 -3.60 16.37
CA LYS A 87 4.03 -4.27 16.06
C LYS A 87 4.21 -5.05 14.78
N GLU A 88 3.88 -6.33 14.78
CA GLU A 88 3.88 -7.05 13.53
C GLU A 88 2.57 -6.76 12.83
N VAL A 89 2.63 -5.85 11.89
CA VAL A 89 1.44 -5.34 11.23
C VAL A 89 1.28 -5.98 9.88
N GLN A 90 0.05 -6.13 9.44
CA GLN A 90 -0.20 -6.67 8.11
C GLN A 90 -0.11 -5.53 7.11
N ALA A 91 1.04 -5.42 6.45
CA ALA A 91 1.25 -4.39 5.46
C ALA A 91 0.61 -4.78 4.16
N VAL A 92 -0.28 -3.93 3.67
CA VAL A 92 -0.98 -4.23 2.45
C VAL A 92 -0.62 -3.21 1.39
N LEU A 93 0.29 -3.58 0.53
CA LEU A 93 0.63 -2.74 -0.59
C LEU A 93 -0.45 -2.87 -1.63
N LEU A 94 -1.16 -1.78 -1.83
CA LEU A 94 -2.16 -1.65 -2.88
C LEU A 94 -1.58 -0.77 -3.96
N THR A 95 -2.15 -0.82 -5.13
CA THR A 95 -1.66 -0.01 -6.25
C THR A 95 -1.91 1.47 -6.03
N ASP A 96 -2.60 1.79 -4.96
CA ASP A 96 -3.00 3.16 -4.67
C ASP A 96 -2.46 3.61 -3.31
N ILE A 97 -2.22 2.66 -2.41
CA ILE A 97 -1.66 2.97 -1.10
C ILE A 97 -0.79 1.83 -0.56
N LEU A 98 0.05 2.18 0.39
CA LEU A 98 0.84 1.24 1.13
C LEU A 98 0.40 1.28 2.60
N VAL A 99 -0.51 0.40 2.98
CA VAL A 99 -1.17 0.53 4.29
C VAL A 99 -0.70 -0.53 5.27
N PHE A 100 -0.57 -0.13 6.51
CA PHE A 100 -0.21 -1.05 7.58
C PHE A 100 -1.41 -1.32 8.44
N LEU A 101 -1.51 -2.54 8.92
CA LEU A 101 -2.65 -2.93 9.70
C LEU A 101 -2.22 -3.70 10.94
N GLN A 102 -2.50 -3.11 12.08
CA GLN A 102 -2.11 -3.67 13.35
C GLN A 102 -3.21 -4.62 13.83
N GLU A 103 -2.83 -5.82 14.24
CA GLU A 103 -3.81 -6.79 14.69
C GLU A 103 -4.25 -6.46 16.10
N LYS A 104 -5.47 -5.97 16.18
CA LYS A 104 -6.02 -5.49 17.42
C LYS A 104 -7.44 -5.98 17.59
N ASP A 105 -7.71 -6.64 18.71
CA ASP A 105 -9.05 -7.11 19.01
C ASP A 105 -9.58 -7.93 17.84
N GLN A 106 -8.88 -9.04 17.58
CA GLN A 106 -9.25 -10.06 16.59
C GLN A 106 -9.45 -9.52 15.19
N LYS A 107 -9.00 -8.30 14.95
CA LYS A 107 -9.09 -7.69 13.64
C LYS A 107 -7.90 -6.78 13.45
N TYR A 108 -7.97 -5.87 12.51
CA TYR A 108 -6.87 -4.93 12.32
C TYR A 108 -7.32 -3.51 12.51
N ILE A 109 -6.33 -2.65 12.51
CA ILE A 109 -6.48 -1.21 12.61
C ILE A 109 -5.37 -0.62 11.77
N PHE A 110 -5.42 0.68 11.51
CA PHE A 110 -4.51 1.27 10.53
C PHE A 110 -3.08 1.40 11.04
N ALA A 111 -2.77 0.76 12.16
CA ALA A 111 -1.43 0.78 12.75
C ALA A 111 -0.89 2.19 12.82
N SER A 112 -1.80 3.12 13.02
CA SER A 112 -1.58 4.54 12.81
C SER A 112 -0.30 5.07 13.47
N LEU A 113 0.14 4.40 14.54
CA LEU A 113 1.35 4.76 15.25
C LEU A 113 1.23 6.11 15.97
N ASP A 114 0.18 6.86 15.62
CA ASP A 114 -0.13 8.15 16.24
C ASP A 114 0.94 9.18 15.95
N GLN A 115 1.59 9.06 14.80
CA GLN A 115 2.69 9.98 14.47
C GLN A 115 3.09 9.88 12.99
N LYS A 116 3.70 8.77 12.59
CA LYS A 116 4.21 8.63 11.24
C LYS A 116 3.13 8.29 10.22
N SER A 117 3.55 7.98 9.01
CA SER A 117 2.66 7.56 7.94
C SER A 117 2.51 6.06 7.98
N THR A 118 1.31 5.62 8.22
CA THR A 118 1.02 4.20 8.34
C THR A 118 0.09 3.75 7.21
N VAL A 119 -0.11 4.67 6.27
CA VAL A 119 -0.80 4.42 5.03
C VAL A 119 -0.18 5.31 3.96
N ILE A 120 0.66 4.72 3.13
CA ILE A 120 1.46 5.47 2.18
C ILE A 120 0.79 5.51 0.82
N SER A 121 0.11 6.59 0.47
CA SER A 121 -0.48 6.69 -0.85
C SER A 121 0.59 6.43 -1.90
N LEU A 122 0.34 5.41 -2.71
CA LEU A 122 1.27 4.98 -3.74
C LEU A 122 1.62 6.06 -4.75
N LYS A 123 2.27 5.59 -5.81
CA LYS A 123 2.81 6.42 -6.85
C LYS A 123 3.81 7.44 -6.36
N LYS A 124 5.05 7.14 -6.71
CA LYS A 124 6.16 8.03 -6.51
C LYS A 124 6.48 8.14 -5.04
N LEU A 125 6.34 7.01 -4.36
CA LEU A 125 6.73 6.90 -2.98
C LEU A 125 8.23 6.73 -2.87
N ILE A 126 8.77 7.03 -1.72
CA ILE A 126 10.20 6.91 -1.50
C ILE A 126 10.46 5.75 -0.55
N VAL A 127 11.17 4.77 -1.04
CA VAL A 127 11.45 3.57 -0.29
C VAL A 127 12.94 3.38 -0.15
N ARG A 128 13.42 3.43 1.08
CA ARG A 128 14.86 3.42 1.32
C ARG A 128 15.25 2.29 2.24
N GLU A 129 16.49 1.89 2.11
CA GLU A 129 17.03 0.76 2.83
C GLU A 129 17.75 1.25 4.07
N VAL A 130 17.10 1.05 5.21
CA VAL A 130 17.63 1.43 6.52
C VAL A 130 19.07 0.92 6.73
N ALA A 131 19.90 1.77 7.31
CA ALA A 131 21.30 1.43 7.56
C ALA A 131 21.50 0.80 8.93
N HIS A 132 20.63 1.15 9.87
CA HIS A 132 20.78 0.66 11.25
C HIS A 132 20.00 -0.64 11.47
N GLU A 133 19.81 -1.37 10.39
CA GLU A 133 19.05 -2.61 10.39
C GLU A 133 19.52 -3.50 9.23
N GLU A 134 19.49 -4.82 9.40
CA GLU A 134 19.75 -5.73 8.29
C GLU A 134 18.44 -6.03 7.61
N LYS A 135 17.38 -6.02 8.40
CA LYS A 135 16.06 -5.99 7.89
C LYS A 135 15.65 -4.54 7.89
N GLY A 136 14.49 -4.24 8.43
CA GLY A 136 14.02 -2.87 8.44
C GLY A 136 13.85 -2.29 7.05
N LEU A 137 13.10 -1.21 6.95
CA LEU A 137 12.88 -0.55 5.69
C LEU A 137 12.04 0.70 5.93
N PHE A 138 12.40 1.77 5.28
CA PHE A 138 11.60 2.98 5.37
C PHE A 138 10.64 3.07 4.20
N LEU A 139 9.36 3.02 4.49
CA LEU A 139 8.36 3.30 3.48
C LEU A 139 7.92 4.74 3.66
N ILE A 140 8.48 5.61 2.82
CA ILE A 140 8.44 7.04 3.06
C ILE A 140 7.55 7.75 2.04
N SER A 141 7.05 8.92 2.43
CA SER A 141 6.26 9.76 1.55
C SER A 141 6.95 11.11 1.28
N MET A 142 8.27 11.10 1.18
CA MET A 142 9.05 12.29 0.87
C MET A 142 8.80 12.76 -0.57
N GLY A 143 7.58 13.19 -0.85
CA GLY A 143 7.26 13.65 -2.19
C GLY A 143 6.51 14.97 -2.21
N MET A 144 6.41 15.60 -1.05
CA MET A 144 5.66 16.86 -0.94
C MET A 144 6.44 17.86 -0.10
N THR A 145 6.35 17.73 1.21
CA THR A 145 7.02 18.63 2.12
C THR A 145 7.70 17.86 3.25
N ASP A 146 6.93 17.01 3.92
CA ASP A 146 7.44 16.23 5.03
C ASP A 146 6.61 14.98 5.23
N PRO A 147 7.27 13.83 5.14
CA PRO A 147 6.62 12.53 5.13
C PRO A 147 6.37 11.92 6.51
N GLU A 148 7.36 12.00 7.41
CA GLU A 148 7.32 11.24 8.66
C GLU A 148 7.29 9.75 8.33
N MET A 149 8.45 9.20 7.99
CA MET A 149 8.54 7.83 7.49
C MET A 149 8.34 6.83 8.62
N VAL A 150 7.83 5.66 8.26
CA VAL A 150 7.62 4.61 9.23
C VAL A 150 8.66 3.51 9.07
N GLU A 151 8.96 2.86 10.18
CA GLU A 151 10.02 1.88 10.25
C GLU A 151 9.48 0.47 10.06
N VAL A 152 9.65 -0.03 8.85
CA VAL A 152 9.06 -1.30 8.43
C VAL A 152 10.07 -2.43 8.46
N HIS A 153 10.03 -3.23 9.52
CA HIS A 153 10.97 -4.33 9.68
C HIS A 153 10.49 -5.57 8.97
N ALA A 154 11.03 -5.81 7.78
CA ALA A 154 10.77 -7.02 7.02
C ALA A 154 11.17 -8.24 7.84
N SER A 155 10.47 -9.34 7.58
CA SER A 155 10.61 -10.57 8.31
C SER A 155 12.05 -11.10 8.31
N SER A 156 12.82 -10.72 7.29
CA SER A 156 14.21 -11.13 7.20
C SER A 156 15.02 -10.17 6.35
N LYS A 157 16.35 -10.29 6.44
CA LYS A 157 17.29 -9.40 5.76
C LYS A 157 16.88 -9.18 4.29
N GLU A 158 16.59 -10.27 3.60
CA GLU A 158 16.26 -10.20 2.18
C GLU A 158 14.91 -9.54 1.94
N GLU A 159 13.95 -9.85 2.80
CA GLU A 159 12.57 -9.39 2.64
C GLU A 159 12.48 -7.88 2.57
N ARG A 160 13.43 -7.17 3.18
CA ARG A 160 13.37 -5.72 3.13
C ARG A 160 13.54 -5.26 1.69
N ASN A 161 14.53 -5.81 1.01
CA ASN A 161 14.75 -5.52 -0.40
C ASN A 161 13.63 -6.12 -1.22
N SER A 162 13.04 -7.18 -0.69
CA SER A 162 11.87 -7.78 -1.28
C SER A 162 10.72 -6.79 -1.26
N TRP A 163 10.66 -5.96 -0.23
CA TRP A 163 9.55 -5.05 -0.06
C TRP A 163 9.84 -3.77 -0.82
N ILE A 164 11.10 -3.36 -0.74
CA ILE A 164 11.61 -2.26 -1.52
C ILE A 164 11.31 -2.46 -3.00
N GLN A 165 11.60 -3.66 -3.47
CA GLN A 165 11.41 -3.99 -4.86
C GLN A 165 9.95 -3.85 -5.26
N ILE A 166 9.04 -3.98 -4.31
CA ILE A 166 7.62 -4.07 -4.64
C ILE A 166 7.05 -2.71 -4.96
N ILE A 167 7.53 -1.67 -4.31
CA ILE A 167 7.20 -0.33 -4.74
C ILE A 167 7.90 -0.05 -6.06
N GLN A 168 9.13 -0.55 -6.16
CA GLN A 168 9.85 -0.53 -7.42
C GLN A 168 9.15 -1.42 -8.45
N ASP A 169 8.29 -2.31 -7.97
CA ASP A 169 7.52 -3.19 -8.84
C ASP A 169 6.23 -2.51 -9.27
N THR A 170 5.44 -2.11 -8.28
CA THR A 170 4.13 -1.51 -8.49
C THR A 170 4.25 -0.09 -9.08
N ILE A 171 4.90 0.82 -8.36
CA ILE A 171 4.94 2.23 -8.77
C ILE A 171 5.59 2.41 -10.13
N ASN A 172 6.58 1.58 -10.44
CA ASN A 172 7.32 1.73 -11.66
C ASN A 172 6.44 1.37 -12.86
N THR A 173 5.45 0.52 -12.62
CA THR A 173 4.47 0.20 -13.64
C THR A 173 3.25 1.12 -13.54
N LEU A 174 3.06 1.72 -12.38
CA LEU A 174 2.02 2.73 -12.17
C LEU A 174 2.31 3.96 -13.03
N ASN A 175 3.57 4.35 -13.03
CA ASN A 175 4.04 5.55 -13.72
C ASN A 175 3.82 5.47 -15.22
N ARG A 176 3.81 4.25 -15.73
CA ARG A 176 3.71 3.98 -17.16
C ARG A 176 2.67 4.84 -17.85
N ASP A 177 1.41 4.68 -17.46
CA ASP A 177 0.32 5.38 -18.13
C ASP A 177 -0.03 6.71 -17.48
N GLU A 178 -0.63 6.63 -16.31
CA GLU A 178 -1.24 7.76 -15.64
C GLU A 178 -0.24 8.82 -15.20
N ASP A 179 -0.78 9.88 -14.62
CA ASP A 179 0.00 11.01 -14.13
C ASP A 179 0.66 10.65 -12.81
N GLU A 180 1.87 11.14 -12.59
CA GLU A 180 2.64 10.74 -11.43
C GLU A 180 2.46 11.69 -10.26
N GLY A 181 2.60 11.13 -9.06
CA GLY A 181 2.61 11.94 -7.87
C GLY A 181 1.22 12.24 -7.36
N ILE A 182 0.81 11.50 -6.35
CA ILE A 182 -0.55 11.63 -5.84
C ILE A 182 -0.60 11.56 -4.31
N PRO A 183 -1.02 12.66 -3.66
CA PRO A 183 -1.25 12.70 -2.23
C PRO A 183 -2.70 12.38 -1.86
N SER A 184 -2.91 11.66 -0.75
CA SER A 184 -4.26 11.25 -0.34
C SER A 184 -4.93 10.44 -1.44
N GLU A 185 -4.10 9.75 -2.20
CA GLU A 185 -4.50 9.01 -3.39
C GLU A 185 -5.03 9.98 -4.45
N SER A 1 -15.03 -0.86 -25.75
CA SER A 1 -14.08 -0.15 -24.88
C SER A 1 -14.14 -0.69 -23.45
N MET A 2 -12.97 -0.98 -22.89
CA MET A 2 -12.88 -1.44 -21.51
C MET A 2 -12.68 -0.25 -20.59
N THR A 3 -11.92 0.74 -21.09
CA THR A 3 -11.55 1.95 -20.35
C THR A 3 -11.02 1.64 -18.94
N LYS A 4 -10.65 2.68 -18.22
CA LYS A 4 -10.14 2.51 -16.88
C LYS A 4 -11.24 2.73 -15.88
N ASP A 5 -11.71 1.67 -15.26
CA ASP A 5 -12.45 1.81 -14.03
C ASP A 5 -11.57 2.62 -13.09
N ASN A 6 -12.15 3.35 -12.16
CA ASN A 6 -11.35 4.27 -11.36
C ASN A 6 -10.53 3.51 -10.31
N GLU A 7 -10.63 2.18 -10.33
CA GLU A 7 -9.72 1.32 -9.59
C GLU A 7 -8.71 0.70 -10.56
N VAL A 8 -8.95 0.91 -11.84
CA VAL A 8 -8.22 0.26 -12.93
C VAL A 8 -7.33 1.25 -13.69
N GLU A 9 -7.41 2.52 -13.32
CA GLU A 9 -6.65 3.59 -13.96
C GLU A 9 -5.15 3.25 -14.00
N GLN A 10 -4.73 2.45 -13.03
CA GLN A 10 -3.33 2.04 -12.89
C GLN A 10 -2.96 0.95 -13.89
N GLU A 11 -1.87 1.18 -14.64
CA GLU A 11 -1.35 0.19 -15.60
C GLU A 11 -0.81 -1.04 -14.89
N ASP A 12 -0.31 -0.83 -13.67
CA ASP A 12 0.35 -1.89 -12.91
C ASP A 12 -0.34 -3.25 -13.01
N LEU A 13 -1.67 -3.26 -13.04
CA LEU A 13 -2.42 -4.49 -13.18
C LEU A 13 -3.81 -4.23 -13.73
N ALA A 14 -3.89 -3.38 -14.75
CA ALA A 14 -5.15 -3.06 -15.41
C ALA A 14 -4.96 -2.03 -16.51
N GLN A 15 -5.96 -1.89 -17.39
CA GLN A 15 -5.86 -0.96 -18.50
C GLN A 15 -7.19 -0.52 -19.07
N SER A 16 -7.07 0.44 -19.99
CA SER A 16 -8.11 0.75 -20.95
C SER A 16 -7.63 0.27 -22.32
N LEU A 17 -6.78 -0.75 -22.25
CA LEU A 17 -6.02 -1.27 -23.39
C LEU A 17 -4.80 -2.06 -22.87
N SER A 18 -4.99 -3.37 -22.59
CA SER A 18 -3.91 -4.33 -22.24
C SER A 18 -3.71 -4.60 -20.74
N LEU A 19 -2.55 -5.20 -20.46
CA LEU A 19 -2.04 -5.48 -19.10
C LEU A 19 -2.67 -6.72 -18.48
N VAL A 20 -3.98 -6.79 -18.50
CA VAL A 20 -4.68 -7.93 -17.92
C VAL A 20 -6.13 -7.92 -18.35
N LYS A 21 -6.87 -6.97 -17.83
CA LYS A 21 -8.28 -6.91 -18.09
C LYS A 21 -8.53 -6.06 -19.34
N ASP A 22 -7.93 -6.47 -20.43
CA ASP A 22 -8.06 -5.79 -21.68
C ASP A 22 -9.38 -6.16 -22.36
N VAL A 23 -9.43 -7.38 -22.90
CA VAL A 23 -10.61 -7.86 -23.62
C VAL A 23 -10.35 -9.27 -24.17
N ILE A 24 -9.34 -9.94 -23.62
CA ILE A 24 -8.88 -11.21 -24.16
C ILE A 24 -9.20 -12.34 -23.17
N GLY A 25 -8.31 -13.32 -23.05
CA GLY A 25 -8.49 -14.38 -22.09
C GLY A 25 -8.10 -13.91 -20.70
N ALA A 26 -7.08 -13.08 -20.67
CA ALA A 26 -6.60 -12.50 -19.42
C ALA A 26 -7.62 -11.54 -18.83
N VAL A 27 -8.65 -11.23 -19.61
CA VAL A 27 -9.69 -10.33 -19.15
C VAL A 27 -10.50 -11.00 -18.04
N ASP A 28 -10.41 -12.32 -18.03
CA ASP A 28 -11.02 -13.15 -17.00
C ASP A 28 -10.37 -12.91 -15.64
N SER A 29 -9.22 -12.24 -15.65
CA SER A 29 -8.52 -11.91 -14.41
C SER A 29 -9.13 -10.70 -13.72
N LYS A 30 -10.18 -10.13 -14.31
CA LYS A 30 -10.88 -9.01 -13.69
C LYS A 30 -11.67 -9.49 -12.48
N VAL A 31 -12.35 -10.61 -12.61
CA VAL A 31 -13.12 -11.13 -11.50
C VAL A 31 -12.19 -11.52 -10.38
N ALA A 32 -10.99 -11.88 -10.74
CA ALA A 32 -9.99 -12.18 -9.73
C ALA A 32 -9.36 -10.89 -9.24
N SER A 33 -9.51 -9.82 -10.01
CA SER A 33 -9.24 -8.48 -9.52
C SER A 33 -10.35 -8.08 -8.55
N TYR A 34 -11.54 -8.60 -8.81
CA TYR A 34 -12.63 -8.53 -7.85
C TYR A 34 -12.32 -9.42 -6.66
N GLU A 35 -11.76 -10.61 -6.93
CA GLU A 35 -11.37 -11.52 -5.86
C GLU A 35 -10.21 -10.91 -5.07
N LYS A 36 -9.52 -10.00 -5.70
CA LYS A 36 -8.43 -9.26 -5.08
C LYS A 36 -8.98 -8.05 -4.34
N LYS A 37 -10.09 -7.54 -4.83
CA LYS A 37 -10.88 -6.52 -4.18
C LYS A 37 -11.73 -7.19 -3.11
N VAL A 38 -11.77 -8.49 -3.20
CA VAL A 38 -12.45 -9.37 -2.27
C VAL A 38 -11.50 -9.71 -1.14
N ARG A 39 -10.26 -9.93 -1.51
CA ARG A 39 -9.18 -10.07 -0.55
C ARG A 39 -9.10 -8.81 0.25
N LEU A 40 -9.23 -7.73 -0.47
CA LEU A 40 -9.23 -6.43 0.13
C LEU A 40 -10.57 -6.09 0.71
N ASN A 41 -11.62 -6.81 0.31
CA ASN A 41 -12.91 -6.71 0.98
C ASN A 41 -12.81 -7.38 2.33
N GLU A 42 -12.01 -8.43 2.36
CA GLU A 42 -11.70 -9.14 3.60
C GLU A 42 -10.91 -8.22 4.49
N ILE A 43 -9.86 -7.69 3.91
CA ILE A 43 -8.98 -6.79 4.59
C ILE A 43 -9.59 -5.41 4.76
N TYR A 44 -10.65 -5.18 4.04
CA TYR A 44 -11.54 -4.08 4.31
C TYR A 44 -12.42 -4.43 5.51
N THR A 45 -12.76 -5.71 5.59
CA THR A 45 -13.77 -6.24 6.50
C THR A 45 -13.28 -6.39 7.95
N LYS A 46 -12.03 -6.80 8.14
CA LYS A 46 -11.49 -6.95 9.51
C LYS A 46 -10.94 -5.61 9.99
N THR A 47 -10.64 -4.77 9.04
CA THR A 47 -10.02 -3.50 9.35
C THR A 47 -10.99 -2.57 10.08
N ASP A 48 -10.59 -2.14 11.27
CA ASP A 48 -11.39 -1.23 12.07
C ASP A 48 -11.67 0.04 11.30
N SER A 49 -12.95 0.28 11.05
CA SER A 49 -13.40 1.27 10.10
C SER A 49 -12.85 2.68 10.38
N LYS A 50 -12.79 3.08 11.63
CA LYS A 50 -12.43 4.44 11.97
C LYS A 50 -11.10 4.57 12.71
N SER A 51 -10.39 3.48 12.85
CA SER A 51 -9.05 3.51 13.46
C SER A 51 -8.03 4.12 12.52
N ILE A 52 -8.36 5.27 11.99
CA ILE A 52 -7.62 5.83 10.88
C ILE A 52 -6.47 6.73 11.34
N MET A 53 -5.87 7.39 10.37
CA MET A 53 -4.69 8.21 10.57
C MET A 53 -4.74 9.41 9.64
N ARG A 54 -3.64 10.14 9.56
CA ARG A 54 -3.49 11.16 8.55
C ARG A 54 -2.23 10.87 7.75
N MET A 55 -2.44 10.40 6.53
CA MET A 55 -1.37 9.88 5.70
C MET A 55 -0.50 10.98 5.08
N LYS A 56 0.02 10.75 3.86
CA LYS A 56 1.06 11.60 3.27
C LYS A 56 0.75 13.10 3.39
N SER A 57 -0.47 13.50 3.04
CA SER A 57 -0.82 14.92 3.02
C SER A 57 -1.46 15.35 4.35
N GLY A 58 -2.05 14.41 5.06
CA GLY A 58 -2.67 14.73 6.34
C GLY A 58 -4.16 14.50 6.33
N GLN A 59 -4.62 13.80 5.30
CA GLN A 59 -6.02 13.48 5.15
C GLN A 59 -6.42 12.34 6.08
N MET A 60 -7.71 12.08 6.16
CA MET A 60 -8.21 10.90 6.85
C MET A 60 -8.37 9.78 5.86
N PHE A 61 -7.51 8.80 5.99
CA PHE A 61 -7.55 7.63 5.14
C PHE A 61 -8.25 6.52 5.89
N ALA A 62 -9.22 5.86 5.28
CA ALA A 62 -10.04 4.92 6.03
C ALA A 62 -10.22 3.58 5.35
N LYS A 63 -10.98 2.76 6.04
CA LYS A 63 -11.44 1.47 5.57
C LYS A 63 -12.03 1.57 4.17
N GLU A 64 -12.88 2.58 3.97
CA GLU A 64 -13.56 2.83 2.70
C GLU A 64 -12.59 2.82 1.51
N ASP A 65 -11.40 3.36 1.71
CA ASP A 65 -10.43 3.51 0.66
C ASP A 65 -9.87 2.16 0.19
N LEU A 66 -9.49 1.30 1.14
CA LEU A 66 -8.87 0.01 0.79
C LEU A 66 -9.77 -0.83 -0.12
N LYS A 67 -11.06 -0.57 0.01
CA LYS A 67 -12.12 -1.31 -0.65
C LYS A 67 -11.86 -1.64 -2.13
N ARG A 68 -11.68 -0.60 -2.93
CA ARG A 68 -11.67 -0.74 -4.39
C ARG A 68 -10.28 -1.00 -4.94
N LYS A 69 -9.30 -0.86 -4.07
CA LYS A 69 -7.89 -0.93 -4.47
C LYS A 69 -7.47 -2.33 -4.93
N LYS A 70 -6.23 -2.45 -5.36
CA LYS A 70 -5.72 -3.74 -5.80
C LYS A 70 -4.77 -4.35 -4.78
N LEU A 71 -5.19 -5.48 -4.23
CA LEU A 71 -4.33 -6.35 -3.44
C LEU A 71 -3.12 -6.75 -4.29
N VAL A 72 -2.03 -5.98 -4.27
CA VAL A 72 -0.87 -6.35 -5.06
C VAL A 72 0.19 -7.02 -4.19
N ARG A 73 0.20 -6.67 -2.91
CA ARG A 73 1.06 -7.32 -1.93
C ARG A 73 0.39 -7.34 -0.56
N ASP A 74 0.72 -8.36 0.22
CA ASP A 74 0.25 -8.47 1.60
C ASP A 74 1.27 -9.25 2.42
N GLY A 75 1.78 -8.61 3.47
CA GLY A 75 2.76 -9.25 4.34
C GLY A 75 2.97 -8.48 5.61
N SER A 76 3.38 -9.15 6.67
CA SER A 76 3.53 -8.52 7.97
C SER A 76 4.93 -7.98 8.17
N VAL A 77 4.99 -6.77 8.69
CA VAL A 77 6.24 -6.09 8.96
C VAL A 77 6.18 -5.38 10.30
N PHE A 78 7.28 -5.43 11.01
CA PHE A 78 7.39 -4.79 12.32
C PHE A 78 7.54 -3.27 12.19
N LEU A 79 6.66 -2.55 12.86
CA LEU A 79 6.67 -1.10 12.85
C LEU A 79 7.30 -0.56 14.13
N LYS A 80 8.36 0.21 14.02
CA LYS A 80 8.93 0.87 15.19
C LYS A 80 8.20 2.19 15.40
N ASN A 81 7.58 2.36 16.56
CA ASN A 81 6.98 3.64 16.89
C ASN A 81 8.06 4.59 17.37
N ALA A 82 7.68 5.79 17.80
CA ALA A 82 8.66 6.77 18.22
C ALA A 82 9.46 6.27 19.42
N ALA A 83 8.94 5.23 20.06
CA ALA A 83 9.52 4.71 21.29
C ALA A 83 10.37 3.48 21.01
N GLY A 84 10.30 3.02 19.76
CA GLY A 84 11.05 1.85 19.36
C GLY A 84 10.40 0.56 19.79
N ARG A 85 9.08 0.59 19.84
CA ARG A 85 8.31 -0.56 20.25
C ARG A 85 7.60 -1.11 19.05
N LEU A 86 7.81 -2.38 18.81
CA LEU A 86 7.47 -2.99 17.55
C LEU A 86 6.09 -3.63 17.53
N LYS A 87 5.50 -3.52 16.35
CA LYS A 87 4.24 -4.17 16.01
C LYS A 87 4.42 -4.90 14.70
N GLU A 88 4.24 -6.20 14.68
CA GLU A 88 4.24 -6.89 13.41
C GLU A 88 2.88 -6.68 12.77
N VAL A 89 2.85 -5.79 11.80
CA VAL A 89 1.59 -5.35 11.23
C VAL A 89 1.38 -6.02 9.88
N GLN A 90 0.13 -6.27 9.53
CA GLN A 90 -0.18 -6.84 8.25
C GLN A 90 -0.21 -5.72 7.22
N ALA A 91 0.89 -5.55 6.52
CA ALA A 91 1.02 -4.49 5.54
C ALA A 91 0.35 -4.88 4.25
N VAL A 92 -0.47 -4.01 3.73
CA VAL A 92 -1.16 -4.29 2.51
C VAL A 92 -0.76 -3.24 1.48
N LEU A 93 0.18 -3.60 0.64
CA LEU A 93 0.57 -2.73 -0.42
C LEU A 93 -0.39 -2.91 -1.58
N LEU A 94 -1.10 -1.84 -1.87
CA LEU A 94 -2.10 -1.79 -2.91
C LEU A 94 -1.57 -1.01 -4.07
N THR A 95 -2.35 -0.84 -5.12
CA THR A 95 -1.94 -0.04 -6.27
C THR A 95 -2.27 1.44 -6.05
N ASP A 96 -2.73 1.75 -4.85
CA ASP A 96 -3.15 3.11 -4.54
C ASP A 96 -2.49 3.56 -3.25
N ILE A 97 -2.44 2.67 -2.28
CA ILE A 97 -1.74 2.93 -1.04
C ILE A 97 -0.86 1.78 -0.58
N LEU A 98 -0.04 2.08 0.39
CA LEU A 98 0.77 1.11 1.09
C LEU A 98 0.39 1.21 2.59
N VAL A 99 -0.51 0.35 3.03
CA VAL A 99 -1.13 0.51 4.35
C VAL A 99 -0.64 -0.55 5.34
N PHE A 100 -0.51 -0.15 6.60
CA PHE A 100 -0.14 -1.05 7.66
C PHE A 100 -1.35 -1.32 8.55
N LEU A 101 -1.48 -2.56 8.97
CA LEU A 101 -2.63 -2.95 9.75
C LEU A 101 -2.22 -3.75 10.98
N GLN A 102 -2.54 -3.18 12.14
CA GLN A 102 -2.19 -3.78 13.41
C GLN A 102 -3.32 -4.70 13.85
N GLU A 103 -2.98 -5.90 14.27
CA GLU A 103 -3.98 -6.88 14.66
C GLU A 103 -4.51 -6.56 16.05
N LYS A 104 -5.76 -6.11 16.07
CA LYS A 104 -6.41 -5.64 17.28
C LYS A 104 -7.82 -6.16 17.34
N ASP A 105 -8.18 -6.88 18.40
CA ASP A 105 -9.54 -7.37 18.55
C ASP A 105 -9.92 -8.24 17.37
N GLN A 106 -9.16 -9.34 17.23
CA GLN A 106 -9.37 -10.38 16.21
C GLN A 106 -9.46 -9.82 14.79
N LYS A 107 -9.07 -8.57 14.62
CA LYS A 107 -9.16 -7.90 13.34
C LYS A 107 -7.98 -6.95 13.23
N TYR A 108 -8.04 -5.98 12.34
CA TYR A 108 -6.96 -5.02 12.23
C TYR A 108 -7.40 -3.61 12.47
N ILE A 109 -6.43 -2.74 12.51
CA ILE A 109 -6.59 -1.31 12.64
C ILE A 109 -5.46 -0.67 11.84
N PHE A 110 -5.53 0.61 11.58
CA PHE A 110 -4.58 1.25 10.65
C PHE A 110 -3.17 1.36 11.20
N ALA A 111 -2.91 0.72 12.34
CA ALA A 111 -1.59 0.71 12.95
C ALA A 111 -1.07 2.12 13.17
N SER A 112 -2.01 3.06 13.23
CA SER A 112 -1.68 4.47 13.26
C SER A 112 -0.64 4.77 14.33
N LEU A 113 0.48 5.30 13.90
CA LEU A 113 1.61 5.53 14.78
C LEU A 113 1.61 6.98 15.28
N ASP A 114 0.59 7.73 14.85
CA ASP A 114 0.30 9.08 15.36
C ASP A 114 1.40 10.08 15.05
N GLN A 115 2.14 9.85 13.99
CA GLN A 115 3.24 10.74 13.61
C GLN A 115 3.82 10.36 12.27
N LYS A 116 4.23 9.09 12.14
CA LYS A 116 4.74 8.62 10.86
C LYS A 116 3.58 8.25 9.94
N SER A 117 3.91 7.76 8.77
CA SER A 117 2.90 7.42 7.77
C SER A 117 2.63 5.92 7.80
N THR A 118 1.51 5.57 8.38
CA THR A 118 1.14 4.16 8.53
C THR A 118 0.28 3.71 7.35
N VAL A 119 0.13 4.61 6.40
CA VAL A 119 -0.56 4.34 5.15
C VAL A 119 0.01 5.29 4.09
N ILE A 120 0.90 4.79 3.27
CA ILE A 120 1.58 5.60 2.30
C ILE A 120 0.89 5.47 0.95
N SER A 121 0.21 6.51 0.47
CA SER A 121 -0.36 6.45 -0.87
C SER A 121 0.78 6.16 -1.83
N LEU A 122 0.80 4.94 -2.34
CA LEU A 122 2.02 4.37 -2.89
C LEU A 122 2.61 5.12 -4.09
N LYS A 123 1.80 5.80 -4.86
CA LYS A 123 2.30 6.36 -6.09
C LYS A 123 3.32 7.42 -5.83
N LYS A 124 4.53 7.07 -6.23
CA LYS A 124 5.67 7.92 -6.09
C LYS A 124 6.07 8.02 -4.62
N LEU A 125 6.09 6.85 -4.00
CA LEU A 125 6.59 6.68 -2.67
C LEU A 125 8.12 6.63 -2.69
N ILE A 126 8.71 6.93 -1.57
CA ILE A 126 10.16 6.90 -1.47
C ILE A 126 10.55 5.76 -0.55
N VAL A 127 11.17 4.75 -1.13
CA VAL A 127 11.53 3.56 -0.42
C VAL A 127 13.04 3.44 -0.31
N ARG A 128 13.52 3.44 0.92
CA ARG A 128 14.96 3.48 1.15
C ARG A 128 15.40 2.38 2.11
N GLU A 129 16.67 2.08 2.04
CA GLU A 129 17.22 0.96 2.78
C GLU A 129 17.96 1.45 4.02
N VAL A 130 17.29 1.28 5.15
CA VAL A 130 17.81 1.65 6.47
C VAL A 130 19.24 1.14 6.69
N ALA A 131 20.03 1.91 7.45
CA ALA A 131 21.41 1.54 7.74
C ALA A 131 21.54 0.87 9.11
N HIS A 132 20.75 1.33 10.08
CA HIS A 132 20.87 0.84 11.46
C HIS A 132 19.97 -0.37 11.71
N GLU A 133 19.56 -1.02 10.64
CA GLU A 133 18.70 -2.21 10.71
C GLU A 133 19.12 -3.19 9.62
N GLU A 134 19.26 -4.46 9.97
CA GLU A 134 19.60 -5.47 8.98
C GLU A 134 18.33 -5.95 8.31
N LYS A 135 17.23 -5.84 9.03
CA LYS A 135 15.93 -6.24 8.52
C LYS A 135 14.94 -5.11 8.70
N GLY A 136 15.32 -3.94 8.21
CA GLY A 136 14.46 -2.78 8.25
C GLY A 136 14.38 -2.09 6.91
N LEU A 137 13.45 -1.18 6.78
CA LEU A 137 13.25 -0.46 5.53
C LEU A 137 12.37 0.74 5.78
N PHE A 138 12.67 1.84 5.11
CA PHE A 138 11.83 3.02 5.21
C PHE A 138 10.84 3.07 4.06
N LEU A 139 9.57 2.91 4.37
CA LEU A 139 8.53 3.16 3.39
C LEU A 139 8.05 4.58 3.58
N ILE A 140 8.56 5.47 2.75
CA ILE A 140 8.48 6.89 3.04
C ILE A 140 7.50 7.61 2.13
N SER A 141 7.01 8.75 2.61
CA SER A 141 6.00 9.52 1.91
C SER A 141 6.53 10.85 1.39
N MET A 142 7.85 10.98 1.29
CA MET A 142 8.49 12.20 0.80
C MET A 142 7.95 12.56 -0.58
N GLY A 143 7.49 13.80 -0.72
CA GLY A 143 6.93 14.24 -1.98
C GLY A 143 6.23 15.59 -1.89
N MET A 144 5.58 15.84 -0.76
CA MET A 144 4.85 17.09 -0.58
C MET A 144 5.71 18.13 0.13
N THR A 145 6.21 17.76 1.30
CA THR A 145 7.03 18.66 2.10
C THR A 145 7.86 17.89 3.12
N ASP A 146 7.20 17.02 3.86
CA ASP A 146 7.86 16.22 4.88
C ASP A 146 7.03 15.01 5.22
N PRO A 147 7.65 13.85 5.06
CA PRO A 147 6.99 12.55 5.19
C PRO A 147 6.92 12.03 6.62
N GLU A 148 8.03 12.09 7.35
CA GLU A 148 8.16 11.40 8.63
C GLU A 148 7.92 9.91 8.41
N MET A 149 8.92 9.25 7.84
CA MET A 149 8.79 7.87 7.42
C MET A 149 8.51 6.95 8.60
N VAL A 150 7.85 5.84 8.32
CA VAL A 150 7.64 4.84 9.33
C VAL A 150 8.66 3.73 9.18
N GLU A 151 8.97 3.10 10.29
CA GLU A 151 10.05 2.15 10.37
C GLU A 151 9.53 0.75 10.08
N VAL A 152 9.76 0.31 8.85
CA VAL A 152 9.23 -0.95 8.38
C VAL A 152 10.27 -2.05 8.48
N HIS A 153 10.16 -2.81 9.54
CA HIS A 153 11.05 -3.92 9.80
C HIS A 153 10.63 -5.16 9.02
N ALA A 154 11.29 -5.40 7.90
CA ALA A 154 11.00 -6.57 7.08
C ALA A 154 11.26 -7.84 7.86
N SER A 155 10.65 -8.94 7.44
CA SER A 155 10.78 -10.20 8.17
C SER A 155 12.25 -10.53 8.43
N SER A 156 13.12 -10.17 7.49
CA SER A 156 14.53 -10.42 7.65
C SER A 156 15.37 -9.56 6.72
N LYS A 157 16.68 -9.75 6.78
CA LYS A 157 17.65 -8.93 6.06
C LYS A 157 17.31 -8.83 4.57
N GLU A 158 16.94 -9.96 3.98
CA GLU A 158 16.64 -10.01 2.57
C GLU A 158 15.29 -9.38 2.27
N GLU A 159 14.35 -9.50 3.20
CA GLU A 159 12.98 -9.12 2.92
C GLU A 159 12.86 -7.62 2.76
N ARG A 160 13.86 -6.89 3.23
CA ARG A 160 13.89 -5.46 3.04
C ARG A 160 13.83 -5.17 1.56
N ASN A 161 14.80 -5.72 0.82
CA ASN A 161 14.85 -5.54 -0.62
C ASN A 161 13.68 -6.23 -1.27
N SER A 162 13.18 -7.26 -0.60
CA SER A 162 11.99 -7.94 -1.03
C SER A 162 10.83 -6.96 -1.07
N TRP A 163 10.81 -6.03 -0.13
CA TRP A 163 9.69 -5.11 -0.02
C TRP A 163 9.96 -3.87 -0.83
N ILE A 164 11.21 -3.47 -0.82
CA ILE A 164 11.70 -2.38 -1.65
C ILE A 164 11.37 -2.64 -3.10
N GLN A 165 11.63 -3.85 -3.53
CA GLN A 165 11.40 -4.22 -4.92
C GLN A 165 9.92 -4.17 -5.26
N ILE A 166 9.07 -4.24 -4.25
CA ILE A 166 7.63 -4.35 -4.48
C ILE A 166 7.03 -3.00 -4.80
N ILE A 167 7.58 -1.95 -4.21
CA ILE A 167 7.21 -0.62 -4.64
C ILE A 167 7.86 -0.34 -5.99
N GLN A 168 9.11 -0.78 -6.12
CA GLN A 168 9.78 -0.77 -7.40
C GLN A 168 9.07 -1.72 -8.37
N ASP A 169 8.21 -2.59 -7.85
CA ASP A 169 7.39 -3.45 -8.68
C ASP A 169 6.12 -2.71 -9.10
N THR A 170 5.31 -2.33 -8.11
CA THR A 170 4.01 -1.71 -8.35
C THR A 170 4.12 -0.28 -8.89
N ILE A 171 4.78 0.62 -8.16
CA ILE A 171 4.80 2.04 -8.53
C ILE A 171 5.52 2.26 -9.86
N ASN A 172 6.49 1.41 -10.15
CA ASN A 172 7.24 1.53 -11.39
C ASN A 172 6.32 1.29 -12.57
N THR A 173 5.34 0.42 -12.36
CA THR A 173 4.37 0.13 -13.41
C THR A 173 3.17 1.07 -13.32
N LEU A 174 2.96 1.65 -12.15
CA LEU A 174 1.95 2.68 -11.96
C LEU A 174 2.25 3.89 -12.83
N ASN A 175 3.52 4.26 -12.84
CA ASN A 175 4.01 5.46 -13.52
C ASN A 175 4.01 5.32 -15.03
N ARG A 176 4.01 4.09 -15.50
CA ARG A 176 3.97 3.78 -16.92
C ARG A 176 2.91 4.59 -17.67
N ASP A 177 1.66 4.37 -17.31
CA ASP A 177 0.53 4.98 -18.03
C ASP A 177 0.15 6.31 -17.42
N GLU A 178 -0.29 6.26 -16.18
CA GLU A 178 -0.76 7.44 -15.47
C GLU A 178 0.34 8.47 -15.26
N ASP A 179 -0.01 9.56 -14.61
CA ASP A 179 0.92 10.63 -14.33
C ASP A 179 1.78 10.28 -13.10
N GLU A 180 2.36 11.27 -12.44
CA GLU A 180 3.25 11.00 -11.32
C GLU A 180 2.96 11.90 -10.13
N GLY A 181 2.42 11.30 -9.08
CA GLY A 181 2.29 12.02 -7.82
C GLY A 181 0.86 12.21 -7.39
N ILE A 182 0.45 11.49 -6.35
CA ILE A 182 -0.89 11.64 -5.83
C ILE A 182 -0.91 11.61 -4.30
N PRO A 183 -1.06 12.78 -3.66
CA PRO A 183 -1.23 12.90 -2.22
C PRO A 183 -2.68 12.65 -1.82
N SER A 184 -2.87 11.94 -0.69
CA SER A 184 -4.21 11.60 -0.21
C SER A 184 -4.97 10.76 -1.23
N GLU A 185 -4.20 10.07 -2.06
CA GLU A 185 -4.72 9.19 -3.10
C GLU A 185 -5.52 9.98 -4.14
N SER A 1 -6.24 5.10 -25.95
CA SER A 1 -7.58 5.71 -26.07
C SER A 1 -8.58 5.03 -25.12
N MET A 2 -8.14 4.74 -23.90
CA MET A 2 -8.99 4.09 -22.92
C MET A 2 -8.43 4.27 -21.52
N THR A 3 -9.29 4.09 -20.54
CA THR A 3 -8.89 3.99 -19.16
C THR A 3 -9.84 3.03 -18.45
N LYS A 4 -9.92 3.08 -17.13
CA LYS A 4 -10.59 2.04 -16.39
C LYS A 4 -11.19 2.55 -15.10
N ASP A 5 -12.32 3.24 -15.20
CA ASP A 5 -13.00 3.77 -14.02
C ASP A 5 -12.05 4.73 -13.30
N ASN A 6 -12.30 5.04 -12.05
CA ASN A 6 -11.34 5.82 -11.28
C ASN A 6 -10.45 4.93 -10.42
N GLU A 7 -11.01 3.82 -9.96
CA GLU A 7 -10.33 2.93 -9.01
C GLU A 7 -9.46 1.91 -9.74
N VAL A 8 -9.70 1.75 -11.04
CA VAL A 8 -9.04 0.72 -11.84
C VAL A 8 -8.08 1.35 -12.87
N GLU A 9 -8.13 2.66 -13.00
CA GLU A 9 -7.62 3.35 -14.19
C GLU A 9 -6.10 3.53 -14.24
N GLN A 10 -5.34 2.79 -13.46
CA GLN A 10 -3.90 2.94 -13.49
C GLN A 10 -3.24 1.77 -14.22
N GLU A 11 -2.04 1.99 -14.74
CA GLU A 11 -1.38 1.04 -15.64
C GLU A 11 -0.71 -0.12 -14.89
N ASP A 12 -0.91 -0.20 -13.58
CA ASP A 12 -0.53 -1.41 -12.85
C ASP A 12 -1.80 -2.14 -12.41
N LEU A 13 -2.92 -1.67 -12.94
CA LEU A 13 -4.23 -2.14 -12.50
C LEU A 13 -5.03 -2.70 -13.66
N ALA A 14 -5.07 -1.97 -14.77
CA ALA A 14 -5.94 -2.29 -15.87
C ALA A 14 -5.54 -1.58 -17.14
N GLN A 15 -6.39 -1.64 -18.16
CA GLN A 15 -6.06 -1.09 -19.45
C GLN A 15 -6.31 0.40 -19.54
N SER A 16 -5.27 1.17 -19.34
CA SER A 16 -5.25 2.52 -19.84
C SER A 16 -4.37 2.55 -21.08
N LEU A 17 -3.92 1.35 -21.42
CA LEU A 17 -3.19 1.05 -22.64
C LEU A 17 -2.89 -0.44 -22.72
N SER A 18 -2.67 -1.06 -21.56
CA SER A 18 -2.37 -2.49 -21.49
C SER A 18 -2.82 -3.07 -20.16
N LEU A 19 -2.21 -4.19 -19.77
CA LEU A 19 -2.31 -4.73 -18.42
C LEU A 19 -3.53 -5.63 -18.21
N VAL A 20 -3.24 -6.92 -18.05
CA VAL A 20 -4.19 -7.96 -17.64
C VAL A 20 -5.59 -7.85 -18.27
N LYS A 21 -6.43 -7.03 -17.68
CA LYS A 21 -7.85 -7.02 -18.02
C LYS A 21 -8.13 -6.11 -19.20
N ASP A 22 -7.47 -6.43 -20.29
CA ASP A 22 -7.59 -5.67 -21.53
C ASP A 22 -8.81 -6.12 -22.33
N VAL A 23 -8.81 -7.40 -22.75
CA VAL A 23 -9.90 -7.97 -23.54
C VAL A 23 -9.56 -9.42 -23.95
N ILE A 24 -8.63 -10.02 -23.22
CA ILE A 24 -8.09 -11.33 -23.60
C ILE A 24 -8.52 -12.40 -22.58
N GLY A 25 -7.68 -13.40 -22.38
CA GLY A 25 -7.96 -14.41 -21.37
C GLY A 25 -7.78 -13.83 -19.99
N ALA A 26 -6.82 -12.93 -19.89
CA ALA A 26 -6.53 -12.23 -18.66
C ALA A 26 -7.61 -11.19 -18.34
N VAL A 27 -8.58 -11.07 -19.22
CA VAL A 27 -9.69 -10.16 -18.98
C VAL A 27 -10.63 -10.78 -17.94
N ASP A 28 -10.56 -12.10 -17.85
CA ASP A 28 -11.28 -12.85 -16.83
C ASP A 28 -10.59 -12.68 -15.48
N SER A 29 -9.39 -12.12 -15.50
CA SER A 29 -8.65 -11.84 -14.28
C SER A 29 -9.23 -10.62 -13.56
N LYS A 30 -10.28 -10.04 -14.14
CA LYS A 30 -10.95 -8.91 -13.51
C LYS A 30 -11.73 -9.36 -12.31
N VAL A 31 -12.47 -10.46 -12.43
CA VAL A 31 -13.22 -10.95 -11.30
C VAL A 31 -12.27 -11.39 -10.22
N ALA A 32 -11.09 -11.81 -10.63
CA ALA A 32 -10.07 -12.16 -9.68
C ALA A 32 -9.37 -10.90 -9.18
N SER A 33 -9.52 -9.82 -9.92
CA SER A 33 -9.16 -8.49 -9.45
C SER A 33 -10.21 -8.03 -8.45
N TYR A 34 -11.44 -8.46 -8.68
CA TYR A 34 -12.50 -8.32 -7.70
C TYR A 34 -12.19 -9.24 -6.52
N GLU A 35 -11.71 -10.46 -6.81
CA GLU A 35 -11.31 -11.38 -5.76
C GLU A 35 -10.13 -10.80 -4.98
N LYS A 36 -9.28 -10.07 -5.69
CA LYS A 36 -8.15 -9.38 -5.10
C LYS A 36 -8.64 -8.20 -4.27
N LYS A 37 -9.76 -7.65 -4.71
CA LYS A 37 -10.49 -6.63 -3.99
C LYS A 37 -11.32 -7.30 -2.89
N VAL A 38 -11.35 -8.61 -2.96
CA VAL A 38 -12.19 -9.42 -2.09
C VAL A 38 -11.41 -9.93 -0.87
N ARG A 39 -10.14 -10.31 -1.03
CA ARG A 39 -9.32 -10.51 0.15
C ARG A 39 -9.01 -9.17 0.76
N LEU A 40 -9.03 -8.15 -0.10
CA LEU A 40 -8.93 -6.79 0.36
C LEU A 40 -10.25 -6.34 0.94
N ASN A 41 -11.34 -6.92 0.48
CA ASN A 41 -12.66 -6.70 1.08
C ASN A 41 -12.69 -7.28 2.48
N GLU A 42 -12.04 -8.42 2.64
CA GLU A 42 -11.91 -9.05 3.93
C GLU A 42 -11.03 -8.21 4.82
N ILE A 43 -9.95 -7.78 4.24
CA ILE A 43 -8.98 -6.98 4.92
C ILE A 43 -9.47 -5.53 5.06
N TYR A 44 -10.46 -5.22 4.27
CA TYR A 44 -11.30 -4.06 4.46
C TYR A 44 -12.24 -4.31 5.65
N THR A 45 -12.74 -5.53 5.73
CA THR A 45 -13.81 -5.92 6.63
C THR A 45 -13.35 -6.04 8.09
N LYS A 46 -12.24 -6.71 8.36
CA LYS A 46 -11.73 -6.84 9.74
C LYS A 46 -11.27 -5.48 10.21
N THR A 47 -10.82 -4.71 9.26
CA THR A 47 -10.14 -3.48 9.54
C THR A 47 -11.06 -2.46 10.18
N ASP A 48 -10.63 -1.93 11.32
CA ASP A 48 -11.40 -0.96 12.06
C ASP A 48 -11.68 0.26 11.18
N SER A 49 -12.94 0.63 11.10
CA SER A 49 -13.38 1.63 10.14
C SER A 49 -12.86 3.03 10.44
N LYS A 50 -12.80 3.40 11.71
CA LYS A 50 -12.38 4.74 12.10
C LYS A 50 -10.99 4.82 12.71
N SER A 51 -10.36 3.69 12.98
CA SER A 51 -9.00 3.69 13.51
C SER A 51 -8.01 4.03 12.40
N ILE A 52 -8.02 5.28 11.99
CA ILE A 52 -7.30 5.73 10.81
C ILE A 52 -6.07 6.56 11.16
N MET A 53 -5.49 7.18 10.14
CA MET A 53 -4.22 7.87 10.27
C MET A 53 -4.21 9.14 9.41
N ARG A 54 -3.03 9.71 9.21
CA ARG A 54 -2.84 10.74 8.21
C ARG A 54 -1.70 10.35 7.28
N MET A 55 -1.99 10.26 5.99
CA MET A 55 -0.98 9.94 5.01
C MET A 55 -0.37 11.20 4.41
N LYS A 56 0.19 11.10 3.20
CA LYS A 56 1.05 12.16 2.63
C LYS A 56 0.43 13.57 2.73
N SER A 57 -0.87 13.69 2.50
CA SER A 57 -1.51 15.00 2.47
C SER A 57 -1.96 15.47 3.86
N GLY A 58 -1.89 14.58 4.83
CA GLY A 58 -2.35 14.91 6.18
C GLY A 58 -3.83 14.65 6.28
N GLN A 59 -4.27 13.72 5.45
CA GLN A 59 -5.66 13.45 5.24
C GLN A 59 -6.11 12.24 6.07
N MET A 60 -7.40 12.04 6.16
CA MET A 60 -7.93 10.86 6.83
C MET A 60 -8.19 9.78 5.82
N PHE A 61 -7.34 8.79 5.86
CA PHE A 61 -7.47 7.64 5.00
C PHE A 61 -8.19 6.55 5.78
N ALA A 62 -9.23 5.97 5.24
CA ALA A 62 -9.99 5.00 5.99
C ALA A 62 -10.27 3.71 5.26
N LYS A 63 -10.94 2.85 6.00
CA LYS A 63 -11.41 1.55 5.56
C LYS A 63 -12.03 1.58 4.15
N GLU A 64 -12.96 2.52 3.94
CA GLU A 64 -13.70 2.64 2.67
C GLU A 64 -12.79 2.67 1.45
N ASP A 65 -11.58 3.17 1.64
CA ASP A 65 -10.66 3.36 0.53
C ASP A 65 -10.02 2.04 0.08
N LEU A 66 -9.61 1.20 1.04
CA LEU A 66 -8.98 -0.08 0.71
C LEU A 66 -9.90 -0.95 -0.10
N LYS A 67 -11.17 -0.74 0.13
CA LYS A 67 -12.26 -1.41 -0.54
C LYS A 67 -12.19 -1.34 -2.07
N ARG A 68 -11.32 -0.50 -2.59
CA ARG A 68 -11.36 -0.15 -4.00
C ARG A 68 -10.02 -0.38 -4.72
N LYS A 69 -8.90 -0.36 -3.99
CA LYS A 69 -7.59 -0.52 -4.63
C LYS A 69 -7.20 -1.99 -4.77
N LYS A 70 -6.07 -2.26 -5.41
CA LYS A 70 -5.68 -3.63 -5.73
C LYS A 70 -4.74 -4.25 -4.72
N LEU A 71 -5.07 -5.49 -4.33
CA LEU A 71 -4.19 -6.35 -3.54
C LEU A 71 -2.96 -6.74 -4.37
N VAL A 72 -1.84 -6.04 -4.22
CA VAL A 72 -0.65 -6.39 -5.00
C VAL A 72 0.42 -7.10 -4.14
N ARG A 73 0.45 -6.80 -2.85
CA ARG A 73 1.25 -7.59 -1.89
C ARG A 73 0.66 -7.49 -0.49
N ASP A 74 0.84 -8.54 0.29
CA ASP A 74 0.41 -8.54 1.69
C ASP A 74 1.41 -9.34 2.54
N GLY A 75 1.92 -8.70 3.58
CA GLY A 75 2.84 -9.37 4.48
C GLY A 75 3.02 -8.60 5.77
N SER A 76 3.33 -9.31 6.84
CA SER A 76 3.42 -8.69 8.15
C SER A 76 4.84 -8.23 8.45
N VAL A 77 4.95 -6.95 8.80
CA VAL A 77 6.22 -6.34 9.09
C VAL A 77 6.17 -5.54 10.38
N PHE A 78 7.27 -5.56 11.09
CA PHE A 78 7.40 -4.87 12.37
C PHE A 78 7.45 -3.35 12.18
N LEU A 79 6.85 -2.62 13.13
CA LEU A 79 6.71 -1.17 13.06
C LEU A 79 7.21 -0.51 14.34
N LYS A 80 8.24 0.33 14.26
CA LYS A 80 8.74 1.02 15.44
C LYS A 80 7.86 2.24 15.73
N ASN A 81 7.09 2.16 16.80
CA ASN A 81 6.22 3.27 17.17
C ASN A 81 7.00 4.36 17.89
N ALA A 82 6.29 5.32 18.47
CA ALA A 82 6.94 6.44 19.15
C ALA A 82 7.65 5.99 20.44
N ALA A 83 7.63 4.69 20.69
CA ALA A 83 8.31 4.13 21.86
C ALA A 83 9.36 3.12 21.44
N GLY A 84 9.32 2.73 20.18
CA GLY A 84 10.23 1.71 19.68
C GLY A 84 9.76 0.32 19.98
N ARG A 85 8.46 0.16 20.05
CA ARG A 85 7.86 -1.11 20.35
C ARG A 85 7.23 -1.65 19.09
N LEU A 86 7.69 -2.79 18.67
CA LEU A 86 7.38 -3.30 17.35
C LEU A 86 6.08 -4.08 17.30
N LYS A 87 5.32 -3.74 16.28
CA LYS A 87 4.12 -4.43 15.90
C LYS A 87 4.34 -5.12 14.58
N GLU A 88 4.20 -6.43 14.54
CA GLU A 88 4.19 -7.10 13.26
C GLU A 88 2.84 -6.85 12.61
N VAL A 89 2.80 -5.89 11.72
CA VAL A 89 1.57 -5.42 11.14
C VAL A 89 1.36 -6.07 9.79
N GLN A 90 0.12 -6.24 9.41
CA GLN A 90 -0.18 -6.78 8.12
C GLN A 90 -0.10 -5.66 7.10
N ALA A 91 1.04 -5.54 6.45
CA ALA A 91 1.26 -4.50 5.47
C ALA A 91 0.66 -4.90 4.16
N VAL A 92 -0.23 -4.09 3.65
CA VAL A 92 -0.90 -4.41 2.42
C VAL A 92 -0.44 -3.43 1.35
N LEU A 93 0.52 -3.87 0.55
CA LEU A 93 0.94 -3.08 -0.58
C LEU A 93 -0.20 -3.11 -1.58
N LEU A 94 -0.77 -1.96 -1.78
CA LEU A 94 -1.91 -1.79 -2.63
C LEU A 94 -1.50 -0.88 -3.75
N THR A 95 -2.26 -0.89 -4.82
CA THR A 95 -1.86 -0.18 -6.03
C THR A 95 -2.01 1.32 -5.86
N ASP A 96 -2.81 1.72 -4.91
CA ASP A 96 -3.10 3.13 -4.71
C ASP A 96 -2.53 3.57 -3.37
N ILE A 97 -2.23 2.62 -2.50
CA ILE A 97 -1.67 2.90 -1.19
C ILE A 97 -0.75 1.80 -0.68
N LEU A 98 0.08 2.14 0.28
CA LEU A 98 0.90 1.17 0.99
C LEU A 98 0.47 1.21 2.46
N VAL A 99 -0.43 0.32 2.85
CA VAL A 99 -1.10 0.43 4.14
C VAL A 99 -0.61 -0.61 5.14
N PHE A 100 -0.53 -0.21 6.41
CA PHE A 100 -0.18 -1.12 7.48
C PHE A 100 -1.39 -1.40 8.34
N LEU A 101 -1.46 -2.61 8.86
CA LEU A 101 -2.60 -3.01 9.63
C LEU A 101 -2.18 -3.76 10.88
N GLN A 102 -2.45 -3.15 12.03
CA GLN A 102 -2.07 -3.70 13.31
C GLN A 102 -3.18 -4.62 13.80
N GLU A 103 -2.82 -5.82 14.23
CA GLU A 103 -3.83 -6.79 14.65
C GLU A 103 -4.33 -6.48 16.05
N LYS A 104 -5.52 -5.94 16.12
CA LYS A 104 -6.12 -5.53 17.38
C LYS A 104 -7.48 -6.15 17.53
N ASP A 105 -7.64 -7.02 18.52
CA ASP A 105 -8.94 -7.63 18.81
C ASP A 105 -9.44 -8.38 17.58
N GLN A 106 -8.70 -9.43 17.23
CA GLN A 106 -9.02 -10.36 16.14
C GLN A 106 -9.26 -9.68 14.80
N LYS A 107 -8.85 -8.42 14.68
CA LYS A 107 -8.98 -7.72 13.42
C LYS A 107 -7.77 -6.82 13.25
N TYR A 108 -7.83 -5.88 12.33
CA TYR A 108 -6.72 -4.97 12.15
C TYR A 108 -7.19 -3.53 12.23
N ILE A 109 -6.21 -2.67 12.31
CA ILE A 109 -6.40 -1.23 12.38
C ILE A 109 -5.25 -0.63 11.57
N PHE A 110 -5.28 0.66 11.31
CA PHE A 110 -4.32 1.25 10.39
C PHE A 110 -2.91 1.36 10.95
N ALA A 111 -2.67 0.70 12.10
CA ALA A 111 -1.36 0.73 12.76
C ALA A 111 -0.87 2.16 12.88
N SER A 112 -1.83 3.05 13.04
CA SER A 112 -1.66 4.48 12.80
C SER A 112 -0.38 5.08 13.34
N LEU A 113 0.06 4.61 14.50
CA LEU A 113 1.29 5.08 15.14
C LEU A 113 1.17 6.53 15.64
N ASP A 114 0.31 7.31 14.97
CA ASP A 114 0.00 8.70 15.31
C ASP A 114 1.20 9.60 15.06
N GLN A 115 2.14 9.11 14.26
CA GLN A 115 3.32 9.88 13.88
C GLN A 115 3.66 9.56 12.44
N LYS A 116 4.17 8.36 12.26
CA LYS A 116 4.64 7.84 11.01
C LYS A 116 3.50 7.67 10.01
N SER A 117 3.84 7.78 8.73
CA SER A 117 2.89 7.47 7.66
C SER A 117 2.62 5.98 7.67
N THR A 118 1.45 5.61 8.11
CA THR A 118 1.09 4.22 8.30
C THR A 118 0.21 3.72 7.16
N VAL A 119 0.14 4.55 6.12
CA VAL A 119 -0.48 4.20 4.86
C VAL A 119 0.07 5.15 3.82
N ILE A 120 0.98 4.65 3.02
CA ILE A 120 1.70 5.51 2.09
C ILE A 120 1.02 5.45 0.74
N SER A 121 0.21 6.45 0.43
CA SER A 121 -0.42 6.55 -0.87
C SER A 121 0.60 6.29 -1.96
N LEU A 122 0.33 5.26 -2.75
CA LEU A 122 1.26 4.79 -3.77
C LEU A 122 1.60 5.84 -4.81
N LYS A 123 2.31 5.36 -5.81
CA LYS A 123 2.84 6.17 -6.87
C LYS A 123 3.80 7.21 -6.38
N LYS A 124 5.05 6.93 -6.67
CA LYS A 124 6.13 7.86 -6.46
C LYS A 124 6.36 8.03 -4.98
N LEU A 125 6.24 6.91 -4.31
CA LEU A 125 6.60 6.81 -2.91
C LEU A 125 8.12 6.71 -2.79
N ILE A 126 8.61 7.02 -1.63
CA ILE A 126 10.03 7.08 -1.41
C ILE A 126 10.41 5.96 -0.45
N VAL A 127 10.92 4.89 -1.02
CA VAL A 127 11.23 3.69 -0.28
C VAL A 127 12.74 3.57 -0.12
N ARG A 128 13.18 3.54 1.12
CA ARG A 128 14.60 3.61 1.43
C ARG A 128 15.02 2.45 2.31
N GLU A 129 16.31 2.26 2.33
CA GLU A 129 16.91 1.10 2.97
C GLU A 129 17.66 1.54 4.22
N VAL A 130 17.06 1.25 5.37
CA VAL A 130 17.62 1.63 6.66
C VAL A 130 19.06 1.13 6.81
N ALA A 131 19.91 1.97 7.40
CA ALA A 131 21.32 1.67 7.56
C ALA A 131 21.61 0.96 8.87
N HIS A 132 20.95 1.40 9.94
CA HIS A 132 21.21 0.86 11.27
C HIS A 132 20.48 -0.47 11.50
N GLU A 133 19.75 -0.91 10.49
CA GLU A 133 19.07 -2.20 10.53
C GLU A 133 19.27 -2.91 9.20
N GLU A 134 19.28 -4.24 9.23
CA GLU A 134 19.41 -5.02 8.00
C GLU A 134 18.05 -5.57 7.61
N LYS A 135 17.25 -5.91 8.60
CA LYS A 135 15.91 -6.40 8.38
C LYS A 135 14.93 -5.25 8.52
N GLY A 136 15.32 -4.09 7.99
CA GLY A 136 14.51 -2.92 8.13
C GLY A 136 14.37 -2.17 6.82
N LEU A 137 13.36 -1.35 6.73
CA LEU A 137 13.08 -0.59 5.54
C LEU A 137 12.24 0.63 5.90
N PHE A 138 12.54 1.75 5.28
CA PHE A 138 11.70 2.92 5.42
C PHE A 138 10.69 2.99 4.29
N LEU A 139 9.42 2.91 4.63
CA LEU A 139 8.38 3.13 3.65
C LEU A 139 7.87 4.55 3.83
N ILE A 140 8.36 5.44 2.97
CA ILE A 140 8.23 6.87 3.21
C ILE A 140 7.30 7.54 2.20
N SER A 141 6.76 8.68 2.58
CA SER A 141 5.84 9.44 1.76
C SER A 141 6.43 10.80 1.36
N MET A 142 7.76 10.92 1.40
CA MET A 142 8.46 12.14 1.02
C MET A 142 8.00 12.62 -0.35
N GLY A 143 7.64 13.89 -0.43
CA GLY A 143 7.12 14.44 -1.66
C GLY A 143 6.45 15.78 -1.44
N MET A 144 5.80 15.93 -0.29
CA MET A 144 5.15 17.17 0.07
C MET A 144 5.96 17.88 1.15
N THR A 145 5.27 18.48 2.10
CA THR A 145 5.90 19.17 3.21
C THR A 145 6.86 18.26 3.98
N ASP A 146 6.34 17.13 4.48
CA ASP A 146 7.13 16.20 5.28
C ASP A 146 6.33 14.93 5.52
N PRO A 147 6.99 13.78 5.35
CA PRO A 147 6.35 12.47 5.44
C PRO A 147 6.29 11.91 6.87
N GLU A 148 7.39 12.00 7.61
CA GLU A 148 7.52 11.27 8.87
C GLU A 148 7.40 9.78 8.58
N MET A 149 8.49 9.22 8.05
CA MET A 149 8.51 7.86 7.57
C MET A 149 8.28 6.86 8.68
N VAL A 150 7.59 5.78 8.37
CA VAL A 150 7.37 4.75 9.36
C VAL A 150 8.50 3.75 9.32
N GLU A 151 8.78 3.19 10.48
CA GLU A 151 9.93 2.38 10.67
C GLU A 151 9.54 0.91 10.49
N VAL A 152 9.80 0.42 9.29
CA VAL A 152 9.36 -0.90 8.88
C VAL A 152 10.49 -1.91 9.04
N HIS A 153 10.20 -3.04 9.65
CA HIS A 153 11.19 -4.09 9.80
C HIS A 153 10.68 -5.38 9.18
N ALA A 154 11.31 -5.76 8.07
CA ALA A 154 10.95 -6.97 7.37
C ALA A 154 11.39 -8.20 8.15
N SER A 155 10.81 -9.34 7.84
CA SER A 155 11.11 -10.58 8.53
C SER A 155 12.61 -10.91 8.47
N SER A 156 13.27 -10.48 7.41
CA SER A 156 14.69 -10.76 7.24
C SER A 156 15.34 -9.69 6.37
N LYS A 157 16.67 -9.72 6.27
CA LYS A 157 17.39 -8.75 5.45
C LYS A 157 16.90 -8.81 4.01
N GLU A 158 16.66 -10.03 3.51
CA GLU A 158 16.16 -10.22 2.16
C GLU A 158 14.79 -9.56 1.99
N GLU A 159 13.95 -9.72 2.99
CA GLU A 159 12.57 -9.30 2.87
C GLU A 159 12.44 -7.78 2.77
N ARG A 160 13.43 -7.05 3.28
CA ARG A 160 13.39 -5.60 3.14
C ARG A 160 13.49 -5.25 1.67
N ASN A 161 14.44 -5.89 0.97
CA ASN A 161 14.63 -5.68 -0.46
C ASN A 161 13.39 -6.14 -1.18
N SER A 162 12.83 -7.17 -0.60
CA SER A 162 11.64 -7.80 -1.10
C SER A 162 10.44 -6.85 -1.05
N TRP A 163 10.44 -5.92 -0.11
CA TRP A 163 9.34 -5.00 0.03
C TRP A 163 9.64 -3.74 -0.76
N ILE A 164 10.90 -3.34 -0.71
CA ILE A 164 11.41 -2.24 -1.52
C ILE A 164 11.14 -2.46 -2.98
N GLN A 165 11.49 -3.66 -3.44
CA GLN A 165 11.36 -4.01 -4.83
C GLN A 165 9.93 -3.90 -5.30
N ILE A 166 8.99 -4.02 -4.39
CA ILE A 166 7.60 -4.07 -4.72
C ILE A 166 6.96 -2.70 -4.89
N ILE A 167 7.50 -1.68 -4.28
CA ILE A 167 7.14 -0.35 -4.70
C ILE A 167 7.82 -0.08 -6.03
N GLN A 168 9.03 -0.61 -6.14
CA GLN A 168 9.71 -0.67 -7.42
C GLN A 168 8.95 -1.58 -8.39
N ASP A 169 8.10 -2.46 -7.86
CA ASP A 169 7.28 -3.32 -8.71
C ASP A 169 6.02 -2.59 -9.14
N THR A 170 5.19 -2.26 -8.15
CA THR A 170 3.89 -1.65 -8.39
C THR A 170 4.01 -0.25 -9.01
N ILE A 171 4.72 0.66 -8.36
CA ILE A 171 4.75 2.05 -8.82
C ILE A 171 5.37 2.18 -10.20
N ASN A 172 6.34 1.35 -10.50
CA ASN A 172 7.06 1.45 -11.74
C ASN A 172 6.16 1.08 -12.91
N THR A 173 5.15 0.27 -12.64
CA THR A 173 4.17 -0.04 -13.65
C THR A 173 2.99 0.94 -13.59
N LEU A 174 2.78 1.52 -12.43
CA LEU A 174 1.80 2.59 -12.26
C LEU A 174 2.16 3.79 -13.14
N ASN A 175 3.45 4.10 -13.11
CA ASN A 175 4.01 5.27 -13.82
C ASN A 175 3.95 5.12 -15.34
N ARG A 176 3.89 3.88 -15.81
CA ARG A 176 3.90 3.57 -17.24
C ARG A 176 3.05 4.52 -18.07
N ASP A 177 1.77 4.66 -17.72
CA ASP A 177 0.85 5.48 -18.49
C ASP A 177 0.81 6.92 -18.00
N GLU A 178 0.27 7.08 -16.80
CA GLU A 178 -0.03 8.37 -16.21
C GLU A 178 1.20 9.28 -16.04
N ASP A 179 0.94 10.39 -15.37
CA ASP A 179 2.00 11.26 -14.88
C ASP A 179 2.67 10.59 -13.68
N GLU A 180 3.41 11.34 -12.89
CA GLU A 180 4.16 10.75 -11.80
C GLU A 180 4.26 11.66 -10.59
N GLY A 181 3.58 11.28 -9.52
CA GLY A 181 3.69 12.00 -8.27
C GLY A 181 2.37 12.51 -7.79
N ILE A 182 1.80 11.87 -6.79
CA ILE A 182 0.46 12.18 -6.36
C ILE A 182 0.28 12.14 -4.84
N PRO A 183 -0.31 13.21 -4.27
CA PRO A 183 -0.75 13.24 -2.87
C PRO A 183 -2.18 12.72 -2.74
N SER A 184 -2.61 12.41 -1.51
CA SER A 184 -3.92 11.81 -1.27
C SER A 184 -4.02 10.43 -1.93
N GLU A 185 -4.35 10.47 -3.18
CA GLU A 185 -4.42 9.28 -4.02
C GLU A 185 -4.78 9.71 -5.44
N SER A 1 -3.73 7.78 -23.14
CA SER A 1 -5.16 7.84 -22.77
C SER A 1 -5.83 6.52 -23.14
N MET A 2 -6.08 5.68 -22.13
CA MET A 2 -6.69 4.38 -22.34
C MET A 2 -7.60 4.02 -21.19
N THR A 3 -8.75 3.44 -21.49
CA THR A 3 -9.66 2.95 -20.48
C THR A 3 -9.01 1.82 -19.69
N LYS A 4 -8.77 2.07 -18.41
CA LYS A 4 -8.18 1.09 -17.52
C LYS A 4 -9.23 0.61 -16.51
N ASP A 5 -10.49 0.83 -16.85
CA ASP A 5 -11.62 0.53 -15.95
C ASP A 5 -11.60 1.46 -14.74
N ASN A 6 -12.75 2.05 -14.43
CA ASN A 6 -12.82 3.09 -13.39
C ASN A 6 -12.55 2.55 -11.98
N GLU A 7 -12.31 1.25 -11.88
CA GLU A 7 -11.94 0.64 -10.62
C GLU A 7 -10.48 0.18 -10.65
N VAL A 8 -9.90 0.14 -11.84
CA VAL A 8 -8.56 -0.41 -12.05
C VAL A 8 -7.53 0.66 -12.44
N GLU A 9 -8.04 1.87 -12.70
CA GLU A 9 -7.49 2.93 -13.61
C GLU A 9 -5.94 3.14 -13.71
N GLN A 10 -5.13 2.17 -13.36
CA GLN A 10 -3.68 2.24 -13.56
C GLN A 10 -3.19 1.04 -14.38
N GLU A 11 -2.26 1.30 -15.29
CA GLU A 11 -1.71 0.27 -16.18
C GLU A 11 -1.03 -0.86 -15.41
N ASP A 12 -0.58 -0.58 -14.20
CA ASP A 12 0.10 -1.59 -13.39
C ASP A 12 -0.72 -2.88 -13.27
N LEU A 13 -2.04 -2.78 -13.38
CA LEU A 13 -2.90 -3.94 -13.22
C LEU A 13 -3.56 -4.39 -14.52
N ALA A 14 -4.48 -3.58 -15.02
CA ALA A 14 -5.43 -4.03 -16.02
C ALA A 14 -5.81 -2.93 -17.01
N GLN A 15 -6.08 -3.32 -18.26
CA GLN A 15 -6.53 -2.40 -19.28
C GLN A 15 -7.83 -2.93 -19.87
N SER A 16 -8.63 -2.07 -20.48
CA SER A 16 -9.85 -2.51 -21.14
C SER A 16 -9.53 -3.02 -22.56
N LEU A 17 -8.24 -3.19 -22.82
CA LEU A 17 -7.75 -3.67 -24.12
C LEU A 17 -6.38 -4.34 -23.96
N SER A 18 -5.91 -4.46 -22.73
CA SER A 18 -4.54 -4.96 -22.43
C SER A 18 -4.39 -5.22 -20.94
N LEU A 19 -3.14 -5.38 -20.51
CA LEU A 19 -2.81 -5.52 -19.09
C LEU A 19 -3.60 -6.64 -18.43
N VAL A 20 -3.09 -7.87 -18.58
CA VAL A 20 -3.78 -9.12 -18.20
C VAL A 20 -5.07 -9.31 -18.99
N LYS A 21 -5.96 -8.34 -18.90
CA LYS A 21 -7.26 -8.45 -19.46
C LYS A 21 -7.29 -7.76 -20.81
N ASP A 22 -6.46 -8.27 -21.70
CA ASP A 22 -6.26 -7.67 -23.02
C ASP A 22 -7.45 -8.01 -23.95
N VAL A 23 -8.58 -8.38 -23.32
CA VAL A 23 -9.78 -8.86 -24.03
C VAL A 23 -9.53 -10.27 -24.55
N ILE A 24 -8.98 -11.09 -23.67
CA ILE A 24 -8.70 -12.50 -23.98
C ILE A 24 -9.20 -13.38 -22.84
N GLY A 25 -8.60 -14.55 -22.67
CA GLY A 25 -8.98 -15.42 -21.58
C GLY A 25 -8.62 -14.83 -20.24
N ALA A 26 -7.52 -14.10 -20.24
CA ALA A 26 -7.04 -13.45 -19.04
C ALA A 26 -7.80 -12.16 -18.76
N VAL A 27 -8.80 -11.87 -19.58
CA VAL A 27 -9.69 -10.75 -19.33
C VAL A 27 -10.56 -11.08 -18.13
N ASP A 28 -10.70 -12.37 -17.92
CA ASP A 28 -11.44 -12.90 -16.78
C ASP A 28 -10.65 -12.73 -15.48
N SER A 29 -9.52 -12.04 -15.56
CA SER A 29 -8.71 -11.76 -14.38
C SER A 29 -9.22 -10.53 -13.64
N LYS A 30 -10.18 -9.82 -14.22
CA LYS A 30 -10.72 -8.64 -13.56
C LYS A 30 -11.56 -9.04 -12.37
N VAL A 31 -12.37 -10.08 -12.52
CA VAL A 31 -13.18 -10.54 -11.42
C VAL A 31 -12.29 -11.03 -10.31
N ALA A 32 -11.10 -11.44 -10.67
CA ALA A 32 -10.14 -11.85 -9.68
C ALA A 32 -9.43 -10.62 -9.11
N SER A 33 -9.54 -9.50 -9.82
CA SER A 33 -9.19 -8.21 -9.26
C SER A 33 -10.31 -7.78 -8.32
N TYR A 34 -11.52 -8.21 -8.63
CA TYR A 34 -12.61 -8.12 -7.69
C TYR A 34 -12.36 -9.06 -6.53
N GLU A 35 -11.87 -10.27 -6.83
CA GLU A 35 -11.51 -11.23 -5.79
C GLU A 35 -10.34 -10.68 -4.98
N LYS A 36 -9.53 -9.87 -5.64
CA LYS A 36 -8.38 -9.24 -5.01
C LYS A 36 -8.83 -8.02 -4.21
N LYS A 37 -9.95 -7.47 -4.64
CA LYS A 37 -10.69 -6.46 -3.92
C LYS A 37 -11.58 -7.12 -2.88
N VAL A 38 -11.65 -8.43 -2.97
CA VAL A 38 -12.51 -9.25 -2.14
C VAL A 38 -11.78 -9.74 -0.90
N ARG A 39 -10.54 -10.16 -1.05
CA ARG A 39 -9.69 -10.40 0.10
C ARG A 39 -9.38 -9.07 0.73
N LEU A 40 -9.39 -8.04 -0.11
CA LEU A 40 -9.24 -6.69 0.35
C LEU A 40 -10.56 -6.19 0.91
N ASN A 41 -11.66 -6.82 0.50
CA ASN A 41 -12.96 -6.60 1.13
C ASN A 41 -12.96 -7.22 2.51
N GLU A 42 -12.28 -8.35 2.62
CA GLU A 42 -12.09 -9.02 3.89
C GLU A 42 -11.19 -8.17 4.75
N ILE A 43 -10.13 -7.71 4.13
CA ILE A 43 -9.15 -6.88 4.78
C ILE A 43 -9.63 -5.44 4.91
N TYR A 44 -10.68 -5.14 4.19
CA TYR A 44 -11.50 -3.99 4.43
C TYR A 44 -12.37 -4.25 5.65
N THR A 45 -12.82 -5.49 5.76
CA THR A 45 -13.86 -5.92 6.69
C THR A 45 -13.37 -6.07 8.14
N LYS A 46 -12.20 -6.67 8.36
CA LYS A 46 -11.68 -6.82 9.73
C LYS A 46 -11.15 -5.49 10.21
N THR A 47 -10.69 -4.71 9.28
CA THR A 47 -10.06 -3.46 9.58
C THR A 47 -11.03 -2.50 10.28
N ASP A 48 -10.59 -1.96 11.41
CA ASP A 48 -11.40 -1.03 12.19
C ASP A 48 -11.65 0.24 11.39
N SER A 49 -12.92 0.54 11.19
CA SER A 49 -13.35 1.55 10.23
C SER A 49 -12.80 2.94 10.55
N LYS A 50 -12.71 3.28 11.84
CA LYS A 50 -12.28 4.60 12.25
C LYS A 50 -10.87 4.64 12.83
N SER A 51 -10.19 3.51 12.87
CA SER A 51 -8.83 3.43 13.39
C SER A 51 -7.83 4.03 12.40
N ILE A 52 -8.08 5.24 11.97
CA ILE A 52 -7.39 5.80 10.83
C ILE A 52 -6.19 6.65 11.24
N MET A 53 -5.61 7.33 10.25
CA MET A 53 -4.37 8.04 10.43
C MET A 53 -4.35 9.29 9.54
N ARG A 54 -3.18 9.87 9.34
CA ARG A 54 -2.99 10.89 8.33
C ARG A 54 -1.84 10.47 7.42
N MET A 55 -2.15 10.30 6.15
CA MET A 55 -1.15 9.86 5.18
C MET A 55 -0.48 11.07 4.53
N LYS A 56 0.03 10.92 3.30
CA LYS A 56 0.92 11.92 2.68
C LYS A 56 0.41 13.36 2.82
N SER A 57 -0.86 13.59 2.47
CA SER A 57 -1.43 14.94 2.48
C SER A 57 -1.87 15.36 3.87
N GLY A 58 -2.08 14.38 4.75
CA GLY A 58 -2.54 14.69 6.09
C GLY A 58 -4.02 14.39 6.23
N GLN A 59 -4.54 13.71 5.23
CA GLN A 59 -5.94 13.38 5.16
C GLN A 59 -6.28 12.28 6.15
N MET A 60 -7.57 12.04 6.31
CA MET A 60 -8.04 10.86 7.01
C MET A 60 -8.29 9.76 6.01
N PHE A 61 -7.41 8.79 6.02
CA PHE A 61 -7.55 7.65 5.14
C PHE A 61 -8.24 6.54 5.91
N ALA A 62 -9.29 5.98 5.36
CA ALA A 62 -10.05 5.00 6.11
C ALA A 62 -10.32 3.72 5.34
N LYS A 63 -10.99 2.85 6.06
CA LYS A 63 -11.47 1.57 5.57
C LYS A 63 -12.08 1.65 4.18
N GLU A 64 -12.98 2.62 3.98
CA GLU A 64 -13.68 2.82 2.70
C GLU A 64 -12.75 2.80 1.49
N ASP A 65 -11.54 3.30 1.65
CA ASP A 65 -10.67 3.52 0.52
C ASP A 65 -10.01 2.23 0.03
N LEU A 66 -9.65 1.35 0.96
CA LEU A 66 -9.04 0.06 0.62
C LEU A 66 -10.00 -0.78 -0.20
N LYS A 67 -11.27 -0.53 0.05
CA LYS A 67 -12.39 -1.26 -0.51
C LYS A 67 -12.36 -1.43 -2.03
N ARG A 68 -11.80 -0.46 -2.72
CA ARG A 68 -11.84 -0.46 -4.18
C ARG A 68 -10.46 -0.68 -4.78
N LYS A 69 -9.50 -0.79 -3.89
CA LYS A 69 -8.10 -0.89 -4.25
C LYS A 69 -7.67 -2.30 -4.64
N LYS A 70 -6.38 -2.48 -4.97
CA LYS A 70 -5.86 -3.78 -5.39
C LYS A 70 -4.91 -4.39 -4.39
N LEU A 71 -5.30 -5.53 -3.82
CA LEU A 71 -4.39 -6.41 -3.10
C LEU A 71 -3.21 -6.77 -4.00
N VAL A 72 -2.15 -5.97 -4.00
CA VAL A 72 -1.05 -6.24 -4.90
C VAL A 72 0.12 -6.91 -4.16
N ARG A 73 0.21 -6.64 -2.87
CA ARG A 73 1.16 -7.31 -1.99
C ARG A 73 0.64 -7.31 -0.56
N ASP A 74 1.00 -8.32 0.20
CA ASP A 74 0.58 -8.41 1.60
C ASP A 74 1.60 -9.19 2.41
N GLY A 75 1.99 -8.64 3.55
CA GLY A 75 2.92 -9.33 4.43
C GLY A 75 3.03 -8.63 5.76
N SER A 76 3.34 -9.39 6.80
CA SER A 76 3.48 -8.82 8.13
C SER A 76 4.89 -8.31 8.37
N VAL A 77 4.97 -7.06 8.76
CA VAL A 77 6.23 -6.41 9.01
C VAL A 77 6.16 -5.56 10.28
N PHE A 78 7.28 -5.47 10.97
CA PHE A 78 7.35 -4.73 12.23
C PHE A 78 7.32 -3.22 12.00
N LEU A 79 6.57 -2.52 12.85
CA LEU A 79 6.51 -1.06 12.85
C LEU A 79 7.05 -0.50 14.15
N LYS A 80 8.05 0.37 14.08
CA LYS A 80 8.57 1.01 15.28
C LYS A 80 7.69 2.21 15.62
N ASN A 81 7.01 2.16 16.76
CA ASN A 81 6.22 3.30 17.19
C ASN A 81 7.10 4.35 17.84
N ALA A 82 6.51 5.41 18.39
CA ALA A 82 7.28 6.47 19.01
C ALA A 82 8.09 5.95 20.19
N ALA A 83 7.75 4.77 20.65
CA ALA A 83 8.38 4.19 21.83
C ALA A 83 9.41 3.13 21.45
N GLY A 84 9.42 2.78 20.17
CA GLY A 84 10.31 1.75 19.68
C GLY A 84 9.85 0.37 20.03
N ARG A 85 8.55 0.17 19.98
CA ARG A 85 7.96 -1.12 20.28
C ARG A 85 7.31 -1.66 19.02
N LEU A 86 7.73 -2.85 18.66
CA LEU A 86 7.43 -3.38 17.36
C LEU A 86 6.14 -4.18 17.29
N LYS A 87 5.37 -3.83 16.27
CA LYS A 87 4.15 -4.53 15.91
C LYS A 87 4.37 -5.24 14.60
N GLU A 88 4.13 -6.53 14.53
CA GLU A 88 4.15 -7.19 13.25
C GLU A 88 2.80 -7.00 12.59
N VAL A 89 2.74 -6.03 11.71
CA VAL A 89 1.48 -5.60 11.12
C VAL A 89 1.28 -6.25 9.78
N GLN A 90 0.04 -6.44 9.41
CA GLN A 90 -0.27 -6.97 8.12
C GLN A 90 -0.26 -5.84 7.13
N ALA A 91 0.86 -5.67 6.45
CA ALA A 91 1.04 -4.58 5.52
C ALA A 91 0.42 -4.95 4.18
N VAL A 92 -0.42 -4.08 3.67
CA VAL A 92 -1.09 -4.36 2.43
C VAL A 92 -0.67 -3.33 1.40
N LEU A 93 0.29 -3.67 0.57
CA LEU A 93 0.58 -2.80 -0.55
C LEU A 93 -0.46 -2.99 -1.63
N LEU A 94 -1.21 -1.95 -1.85
CA LEU A 94 -2.19 -1.91 -2.91
C LEU A 94 -1.54 -1.22 -4.11
N THR A 95 -2.26 -1.07 -5.20
CA THR A 95 -1.74 -0.32 -6.33
C THR A 95 -2.00 1.16 -6.13
N ASP A 96 -2.62 1.46 -5.01
CA ASP A 96 -3.15 2.78 -4.74
C ASP A 96 -2.52 3.34 -3.47
N ILE A 97 -2.34 2.48 -2.48
CA ILE A 97 -1.65 2.86 -1.25
C ILE A 97 -0.77 1.72 -0.73
N LEU A 98 0.01 2.05 0.29
CA LEU A 98 0.82 1.09 1.01
C LEU A 98 0.42 1.17 2.49
N VAL A 99 -0.47 0.30 2.92
CA VAL A 99 -1.11 0.43 4.23
C VAL A 99 -0.64 -0.63 5.22
N PHE A 100 -0.52 -0.25 6.48
CA PHE A 100 -0.17 -1.18 7.53
C PHE A 100 -1.38 -1.42 8.41
N LEU A 101 -1.48 -2.63 8.91
CA LEU A 101 -2.63 -3.00 9.71
C LEU A 101 -2.20 -3.75 10.96
N GLN A 102 -2.51 -3.15 12.09
CA GLN A 102 -2.13 -3.67 13.39
C GLN A 102 -3.23 -4.62 13.88
N GLU A 103 -2.86 -5.84 14.25
CA GLU A 103 -3.84 -6.82 14.66
C GLU A 103 -4.27 -6.58 16.10
N LYS A 104 -5.49 -6.10 16.22
CA LYS A 104 -6.03 -5.67 17.50
C LYS A 104 -7.50 -6.02 17.57
N ASP A 105 -7.89 -6.65 18.67
CA ASP A 105 -9.28 -7.06 18.86
C ASP A 105 -9.71 -7.94 17.69
N GLN A 106 -8.99 -9.06 17.54
CA GLN A 106 -9.27 -10.12 16.55
C GLN A 106 -9.40 -9.59 15.11
N LYS A 107 -9.00 -8.34 14.90
CA LYS A 107 -9.08 -7.74 13.58
C LYS A 107 -7.92 -6.78 13.42
N TYR A 108 -7.98 -5.86 12.49
CA TYR A 108 -6.88 -4.93 12.30
C TYR A 108 -7.30 -3.50 12.47
N ILE A 109 -6.31 -2.65 12.49
CA ILE A 109 -6.45 -1.21 12.59
C ILE A 109 -5.31 -0.61 11.78
N PHE A 110 -5.33 0.68 11.51
CA PHE A 110 -4.39 1.27 10.55
C PHE A 110 -2.96 1.38 11.07
N ALA A 111 -2.69 0.77 12.22
CA ALA A 111 -1.35 0.77 12.82
C ALA A 111 -0.78 2.18 12.89
N SER A 112 -1.68 3.14 13.02
CA SER A 112 -1.42 4.56 12.73
C SER A 112 -0.14 5.12 13.35
N LEU A 113 0.28 4.54 14.46
CA LEU A 113 1.54 4.91 15.10
C LEU A 113 1.53 6.36 15.62
N ASP A 114 0.38 7.02 15.48
CA ASP A 114 0.15 8.37 16.01
C ASP A 114 1.10 9.41 15.40
N GLN A 115 1.69 9.09 14.24
CA GLN A 115 2.58 10.03 13.56
C GLN A 115 3.09 9.47 12.23
N LYS A 116 3.76 8.31 12.30
CA LYS A 116 4.30 7.64 11.13
C LYS A 116 3.22 7.46 10.07
N SER A 117 3.59 7.69 8.81
CA SER A 117 2.72 7.39 7.69
C SER A 117 2.54 5.89 7.57
N THR A 118 1.49 5.41 8.17
CA THR A 118 1.20 3.99 8.26
C THR A 118 0.32 3.56 7.09
N VAL A 119 0.17 4.47 6.13
CA VAL A 119 -0.50 4.23 4.88
C VAL A 119 0.10 5.19 3.85
N ILE A 120 0.99 4.69 3.04
CA ILE A 120 1.72 5.52 2.12
C ILE A 120 1.01 5.50 0.79
N SER A 121 0.50 6.66 0.38
CA SER A 121 -0.24 6.73 -0.86
C SER A 121 0.71 6.41 -2.01
N LEU A 122 0.32 5.45 -2.83
CA LEU A 122 1.18 4.94 -3.89
C LEU A 122 1.54 5.97 -4.94
N LYS A 123 2.20 5.46 -5.96
CA LYS A 123 2.79 6.23 -7.02
C LYS A 123 3.71 7.30 -6.53
N LYS A 124 4.98 7.00 -6.74
CA LYS A 124 6.07 7.91 -6.48
C LYS A 124 6.30 8.03 -5.00
N LEU A 125 6.20 6.89 -4.34
CA LEU A 125 6.58 6.76 -2.95
C LEU A 125 8.10 6.63 -2.84
N ILE A 126 8.62 6.92 -1.68
CA ILE A 126 10.04 6.82 -1.45
C ILE A 126 10.32 5.67 -0.51
N VAL A 127 11.20 4.80 -0.94
CA VAL A 127 11.46 3.55 -0.23
C VAL A 127 12.96 3.36 -0.10
N ARG A 128 13.45 3.36 1.13
CA ARG A 128 14.89 3.40 1.35
C ARG A 128 15.39 2.29 2.26
N GLU A 129 16.67 2.03 2.15
CA GLU A 129 17.32 0.97 2.89
C GLU A 129 18.03 1.54 4.11
N VAL A 130 17.40 1.35 5.25
CA VAL A 130 17.89 1.86 6.54
C VAL A 130 19.35 1.45 6.80
N ALA A 131 20.10 2.36 7.39
CA ALA A 131 21.49 2.11 7.72
C ALA A 131 21.66 1.55 9.13
N HIS A 132 20.80 2.00 10.05
CA HIS A 132 20.94 1.61 11.45
C HIS A 132 20.20 0.30 11.74
N GLU A 133 19.64 -0.30 10.70
CA GLU A 133 18.98 -1.60 10.80
C GLU A 133 19.27 -2.40 9.54
N GLU A 134 19.26 -3.71 9.64
CA GLU A 134 19.51 -4.55 8.48
C GLU A 134 18.22 -4.80 7.72
N LYS A 135 17.10 -4.84 8.44
CA LYS A 135 15.82 -5.11 7.79
C LYS A 135 14.81 -3.99 8.04
N GLY A 136 15.27 -2.89 8.61
CA GLY A 136 14.36 -1.82 9.01
C GLY A 136 14.00 -0.86 7.90
N LEU A 137 13.51 -1.38 6.79
CA LEU A 137 13.21 -0.59 5.61
C LEU A 137 12.29 0.59 5.94
N PHE A 138 12.55 1.73 5.33
CA PHE A 138 11.68 2.88 5.46
C PHE A 138 10.70 2.94 4.31
N LEU A 139 9.43 2.88 4.61
CA LEU A 139 8.42 3.14 3.60
C LEU A 139 7.94 4.57 3.77
N ILE A 140 8.46 5.45 2.92
CA ILE A 140 8.40 6.89 3.16
C ILE A 140 7.46 7.58 2.18
N SER A 141 6.97 8.75 2.58
CA SER A 141 6.11 9.57 1.74
C SER A 141 6.77 10.92 1.43
N MET A 142 8.11 10.95 1.39
CA MET A 142 8.86 12.18 1.16
C MET A 142 8.41 12.87 -0.12
N GLY A 143 7.72 13.99 0.09
CA GLY A 143 7.17 14.77 -1.00
C GLY A 143 6.24 15.82 -0.46
N MET A 144 5.99 16.86 -1.24
CA MET A 144 5.12 17.97 -0.84
C MET A 144 5.75 18.80 0.28
N THR A 145 5.71 18.26 1.50
CA THR A 145 6.24 18.98 2.65
C THR A 145 7.06 18.06 3.55
N ASP A 146 6.45 17.00 4.07
CA ASP A 146 7.11 16.13 5.02
C ASP A 146 6.35 14.84 5.21
N PRO A 147 7.07 13.72 5.18
CA PRO A 147 6.49 12.38 5.25
C PRO A 147 6.31 11.83 6.66
N GLU A 148 7.36 11.92 7.48
CA GLU A 148 7.41 11.18 8.74
C GLU A 148 7.32 9.69 8.42
N MET A 149 8.44 9.15 7.92
CA MET A 149 8.49 7.78 7.45
C MET A 149 8.24 6.81 8.57
N VAL A 150 7.70 5.65 8.23
CA VAL A 150 7.51 4.62 9.22
C VAL A 150 8.59 3.56 9.08
N GLU A 151 8.94 3.00 10.22
CA GLU A 151 10.03 2.07 10.32
C GLU A 151 9.52 0.64 10.14
N VAL A 152 9.69 0.14 8.92
CA VAL A 152 9.21 -1.16 8.52
C VAL A 152 10.32 -2.20 8.56
N HIS A 153 10.37 -2.99 9.64
CA HIS A 153 11.38 -4.03 9.74
C HIS A 153 10.85 -5.33 9.16
N ALA A 154 11.41 -5.73 8.03
CA ALA A 154 10.99 -6.94 7.34
C ALA A 154 11.39 -8.19 8.11
N SER A 155 10.81 -9.32 7.75
CA SER A 155 11.09 -10.58 8.43
C SER A 155 12.58 -10.89 8.39
N SER A 156 13.24 -10.48 7.33
CA SER A 156 14.64 -10.75 7.15
C SER A 156 15.33 -9.57 6.50
N LYS A 157 16.66 -9.52 6.59
CA LYS A 157 17.43 -8.46 5.96
C LYS A 157 17.16 -8.44 4.46
N GLU A 158 17.04 -9.61 3.86
CA GLU A 158 16.74 -9.70 2.44
C GLU A 158 15.33 -9.18 2.16
N GLU A 159 14.40 -9.47 3.07
CA GLU A 159 13.00 -9.12 2.88
C GLU A 159 12.81 -7.61 2.82
N ARG A 160 13.74 -6.85 3.40
CA ARG A 160 13.63 -5.42 3.29
C ARG A 160 13.75 -5.02 1.82
N ASN A 161 14.76 -5.55 1.14
CA ASN A 161 14.90 -5.35 -0.31
C ASN A 161 13.73 -5.97 -1.04
N SER A 162 13.21 -7.03 -0.45
CA SER A 162 12.03 -7.69 -0.99
C SER A 162 10.84 -6.75 -0.96
N TRP A 163 10.81 -5.88 0.06
CA TRP A 163 9.69 -4.99 0.25
C TRP A 163 9.97 -3.67 -0.46
N ILE A 164 11.25 -3.36 -0.60
CA ILE A 164 11.70 -2.23 -1.37
C ILE A 164 11.39 -2.41 -2.85
N GLN A 165 11.75 -3.57 -3.37
CA GLN A 165 11.61 -3.83 -4.79
C GLN A 165 10.16 -3.75 -5.24
N ILE A 166 9.23 -4.02 -4.33
CA ILE A 166 7.83 -4.14 -4.70
C ILE A 166 7.23 -2.79 -5.05
N ILE A 167 7.64 -1.74 -4.36
CA ILE A 167 7.21 -0.42 -4.76
C ILE A 167 7.89 -0.06 -6.08
N GLN A 168 9.13 -0.51 -6.21
CA GLN A 168 9.82 -0.46 -7.49
C GLN A 168 9.19 -1.41 -8.49
N ASP A 169 8.38 -2.34 -8.01
CA ASP A 169 7.66 -3.25 -8.89
C ASP A 169 6.35 -2.60 -9.34
N THR A 170 5.50 -2.29 -8.36
CA THR A 170 4.19 -1.73 -8.59
C THR A 170 4.25 -0.30 -9.15
N ILE A 171 4.88 0.62 -8.41
CA ILE A 171 4.86 2.03 -8.81
C ILE A 171 5.50 2.26 -10.18
N ASN A 172 6.49 1.45 -10.51
CA ASN A 172 7.23 1.64 -11.73
C ASN A 172 6.35 1.32 -12.94
N THR A 173 5.37 0.43 -12.75
CA THR A 173 4.41 0.13 -13.79
C THR A 173 3.19 1.05 -13.67
N LEU A 174 2.98 1.59 -12.49
CA LEU A 174 1.95 2.60 -12.26
C LEU A 174 2.27 3.87 -13.06
N ASN A 175 3.56 4.16 -13.10
CA ASN A 175 4.09 5.33 -13.80
C ASN A 175 3.84 5.29 -15.29
N ARG A 176 3.77 4.09 -15.84
CA ARG A 176 3.67 3.87 -17.28
C ARG A 176 2.66 4.79 -17.96
N ASP A 177 1.40 4.69 -17.57
CA ASP A 177 0.34 5.41 -18.28
C ASP A 177 0.04 6.79 -17.71
N GLU A 178 -0.61 6.81 -16.56
CA GLU A 178 -1.16 8.03 -16.00
C GLU A 178 -0.10 8.93 -15.39
N ASP A 179 -0.57 10.10 -14.93
CA ASP A 179 0.30 11.10 -14.33
C ASP A 179 0.86 10.57 -13.02
N GLU A 180 2.03 11.03 -12.65
CA GLU A 180 2.74 10.50 -11.50
C GLU A 180 2.58 11.39 -10.28
N GLY A 181 2.55 10.77 -9.11
CA GLY A 181 2.43 11.51 -7.87
C GLY A 181 1.00 11.71 -7.46
N ILE A 182 0.51 10.84 -6.57
CA ILE A 182 -0.89 10.90 -6.20
C ILE A 182 -1.08 10.75 -4.69
N PRO A 183 -1.15 11.88 -3.97
CA PRO A 183 -1.39 11.89 -2.53
C PRO A 183 -2.89 11.83 -2.22
N SER A 184 -3.23 11.17 -1.11
CA SER A 184 -4.63 10.91 -0.74
C SER A 184 -5.33 10.05 -1.80
N GLU A 185 -4.49 9.37 -2.57
CA GLU A 185 -4.92 8.44 -3.63
C GLU A 185 -6.04 9.05 -4.48
#